data_6OFC
#
_entry.id   6OFC
#
_cell.length_a   179.270
_cell.length_b   179.270
_cell.length_c   208.180
_cell.angle_alpha   90.000
_cell.angle_beta   90.000
_cell.angle_gamma   90.000
#
_symmetry.space_group_name_H-M   'P 41 21 2'
#
loop_
_entity.id
_entity.type
_entity.pdbx_description
1 polymer 'Glutamine-dependent NAD(+) synthetase'
2 non-polymer "5'-O-[(pyridine-3-carbonyl)sulfamoyl]adenosine"
3 non-polymer 'CHLORIDE ION'
4 non-polymer 'PYROPHOSPHATE 2-'
5 non-polymer GLUTAMINE
6 non-polymer GLYCEROL
7 water water
#
_entity_poly.entity_id   1
_entity_poly.type   'polypeptide(L)'
_entity_poly.pdbx_seq_one_letter_code
;MNFYSAYQHGFVRVAACTHHTTIGDPAANAASVLDMARACHDDGAALAVFPELTLSGYSIEDVLLQDSLLDAVEDALLDL
VTESADLLPVLVVGAPLRHRHRIYNTAVVIHRGAVLGVVPKSYLPTYREFYERRQMAPGDGERGTIRIGGADVAFGTDLL
FAASDLPGFVLHVEIAEDMFVPMPPSAEAALAGATVLANLSGSPITIGRAEDRRLLARSASARCLAAYVYAAAGEGESTT
DLAWDGQTMIWENGALLAESERFPKGVRRSVADVDTELLRSERLRMGTFDDNRRHHRELTESFRRIDFALDPPAGDIGLL
REVERFPFVPADPQRLQQDCYEAYNIQVSGLEQRLRALDYPKVVIGVSGGLDSTHALIVATHAMDREGRPRSDILAFALP
GFATGEHTKNNAIKLARALGVTFSEIDIGDTARLMLHTIGHPYSVGEKVYDVTFENVQAGLRTDYLFRIANQRGGIVLGT
GDLSELALGWSTYGVGDQMSHYNVNAGVPKTLIQHLIRWVISAGEFGEKVGEVLQSVLDTEITPELIPTGEEELQSSEAK
VGPFALQDFSLFQVLRYGFRPSKIAFLAWHAWNDAERGNWPPGFPKSERPSYSLAEIRHWLQIFVQRFYSFSQFKRSALP
NGPKVSHGGALSPRGDWRAPSDMSARIWLDQIDREVPKG
;
_entity_poly.pdbx_strand_id   A,B,C,D
#
loop_
_chem_comp.id
_chem_comp.type
_chem_comp.name
_chem_comp.formula
CL non-polymer 'CHLORIDE ION' 'Cl -1'
GOL non-polymer GLYCEROL 'C3 H8 O3'
POP non-polymer 'PYROPHOSPHATE 2-' 'H2 O7 P2 -2'
SFH non-polymer 5'-O-[(pyridine-3-carbonyl)sulfamoyl]adenosine 'C16 H17 N7 O7 S'
#
# COMPACT_ATOMS: atom_id res chain seq x y z
N MET A 1 44.11 -18.71 -18.69
CA MET A 1 43.29 -19.51 -19.59
C MET A 1 44.04 -19.85 -20.89
N ASN A 2 43.73 -21.01 -21.48
CA ASN A 2 44.27 -21.34 -22.80
C ASN A 2 43.58 -20.46 -23.83
N PHE A 3 44.35 -19.54 -24.43
CA PHE A 3 43.74 -18.56 -25.33
C PHE A 3 43.20 -19.22 -26.59
N TYR A 4 43.79 -20.33 -27.02
CA TYR A 4 43.47 -20.93 -28.31
C TYR A 4 42.44 -22.03 -28.21
N SER A 5 41.83 -22.23 -27.04
CA SER A 5 40.80 -23.26 -26.83
C SER A 5 39.42 -22.66 -27.11
N ALA A 6 38.81 -23.05 -28.23
CA ALA A 6 37.51 -22.51 -28.61
C ALA A 6 36.46 -22.73 -27.51
N TYR A 7 36.51 -23.87 -26.81
CA TYR A 7 35.56 -24.09 -25.74
C TYR A 7 35.68 -23.02 -24.67
N GLN A 8 36.92 -22.63 -24.34
CA GLN A 8 37.13 -21.61 -23.34
C GLN A 8 36.79 -20.20 -23.82
N HIS A 9 36.25 -20.03 -25.03
CA HIS A 9 35.76 -18.73 -25.47
C HIS A 9 34.26 -18.73 -25.71
N GLY A 10 33.53 -19.67 -25.11
CA GLY A 10 32.09 -19.71 -25.22
C GLY A 10 31.57 -20.47 -26.41
N PHE A 11 32.42 -21.18 -27.14
CA PHE A 11 31.98 -21.96 -28.28
C PHE A 11 31.63 -23.39 -27.85
N VAL A 12 30.78 -24.03 -28.65
CA VAL A 12 30.43 -25.44 -28.45
C VAL A 12 30.31 -26.11 -29.83
N ARG A 13 31.02 -27.22 -30.00
CA ARG A 13 31.12 -27.89 -31.29
C ARG A 13 29.98 -28.90 -31.47
N VAL A 14 29.23 -28.73 -32.56
CA VAL A 14 28.05 -29.54 -32.80
C VAL A 14 28.14 -30.13 -34.21
N ALA A 15 27.59 -31.35 -34.35
CA ALA A 15 27.61 -32.14 -35.59
C ALA A 15 26.22 -32.69 -35.89
N ALA A 16 25.79 -32.52 -37.14
CA ALA A 16 24.53 -33.08 -37.63
C ALA A 16 24.91 -34.12 -38.68
N CYS A 17 24.61 -35.37 -38.38
CA CYS A 17 25.11 -36.51 -39.12
C CYS A 17 23.98 -37.18 -39.89
N THR A 18 24.29 -37.60 -41.12
CA THR A 18 23.45 -38.51 -41.89
C THR A 18 24.25 -39.79 -42.09
N HIS A 19 23.61 -40.92 -41.76
CA HIS A 19 24.23 -42.24 -41.66
C HIS A 19 23.72 -43.17 -42.75
N HIS A 20 24.25 -44.40 -42.73
CA HIS A 20 23.86 -45.42 -43.71
C HIS A 20 22.74 -46.25 -43.12
N THR A 21 21.51 -45.89 -43.50
CA THR A 21 20.33 -46.64 -43.12
C THR A 21 20.36 -48.05 -43.69
N THR A 22 19.93 -49.02 -42.87
CA THR A 22 19.86 -50.43 -43.27
C THR A 22 18.47 -50.94 -42.84
N ILE A 23 17.44 -50.62 -43.63
CA ILE A 23 16.05 -50.75 -43.17
C ILE A 23 15.76 -52.14 -42.62
N GLY A 24 15.32 -52.20 -41.36
CA GLY A 24 15.03 -53.43 -40.68
C GLY A 24 16.20 -54.07 -39.94
N ASP A 25 17.39 -53.45 -39.97
CA ASP A 25 18.58 -53.99 -39.33
C ASP A 25 19.11 -53.01 -38.29
N PRO A 26 18.55 -53.03 -37.06
CA PRO A 26 19.01 -52.08 -36.04
C PRO A 26 20.48 -52.19 -35.69
N ALA A 27 21.04 -53.41 -35.71
CA ALA A 27 22.47 -53.57 -35.40
C ALA A 27 23.31 -52.90 -36.46
N ALA A 28 22.88 -52.99 -37.72
CA ALA A 28 23.63 -52.41 -38.82
C ALA A 28 23.58 -50.89 -38.78
N ASN A 29 22.49 -50.32 -38.27
CA ASN A 29 22.42 -48.88 -38.08
C ASN A 29 23.21 -48.44 -36.86
N ALA A 30 23.18 -49.24 -35.79
CA ALA A 30 23.98 -48.92 -34.62
C ALA A 30 25.46 -48.92 -34.92
N ALA A 31 25.92 -49.81 -35.80
CA ALA A 31 27.34 -49.79 -36.16
C ALA A 31 27.71 -48.48 -36.85
N SER A 32 26.93 -48.09 -37.86
CA SER A 32 27.17 -46.84 -38.57
C SER A 32 27.11 -45.66 -37.61
N VAL A 33 26.14 -45.69 -36.70
CA VAL A 33 25.99 -44.60 -35.75
C VAL A 33 27.21 -44.54 -34.85
N LEU A 34 27.68 -45.69 -34.40
CA LEU A 34 28.86 -45.73 -33.55
C LEU A 34 30.08 -45.17 -34.26
N ASP A 35 30.22 -45.48 -35.55
CA ASP A 35 31.35 -44.97 -36.32
C ASP A 35 31.31 -43.45 -36.43
N MET A 36 30.16 -42.91 -36.84
CA MET A 36 30.07 -41.45 -36.94
C MET A 36 30.22 -40.79 -35.59
N ALA A 37 29.74 -41.44 -34.53
CA ALA A 37 29.90 -40.89 -33.19
C ALA A 37 31.35 -40.84 -32.78
N ARG A 38 32.10 -41.90 -33.07
CA ARG A 38 33.53 -41.88 -32.77
C ARG A 38 34.24 -40.79 -33.56
N ALA A 39 33.77 -40.53 -34.79
CA ALA A 39 34.31 -39.41 -35.55
C ALA A 39 34.07 -38.09 -34.84
N CYS A 40 32.81 -37.80 -34.51
CA CYS A 40 32.46 -36.57 -33.82
C CYS A 40 33.23 -36.44 -32.51
N HIS A 41 33.47 -37.56 -31.84
CA HIS A 41 34.31 -37.55 -30.65
C HIS A 41 35.70 -37.04 -30.95
N ASP A 42 36.34 -37.61 -31.98
CA ASP A 42 37.69 -37.16 -32.33
C ASP A 42 37.71 -35.69 -32.76
N ASP A 43 36.60 -35.20 -33.34
CA ASP A 43 36.52 -33.81 -33.71
C ASP A 43 36.36 -32.87 -32.52
N GLY A 44 36.14 -33.39 -31.32
CA GLY A 44 35.90 -32.50 -30.20
C GLY A 44 34.50 -31.93 -30.13
N ALA A 45 33.53 -32.59 -30.76
CA ALA A 45 32.15 -32.15 -30.72
C ALA A 45 31.48 -32.53 -29.39
N ALA A 46 30.53 -31.70 -28.96
CA ALA A 46 29.77 -31.95 -27.74
C ALA A 46 28.38 -32.50 -27.99
N LEU A 47 27.88 -32.41 -29.23
CA LEU A 47 26.54 -32.83 -29.59
C LEU A 47 26.58 -33.47 -30.98
N ALA A 48 25.82 -34.55 -31.16
CA ALA A 48 25.76 -35.25 -32.46
C ALA A 48 24.34 -35.71 -32.70
N VAL A 49 23.71 -35.22 -33.77
CA VAL A 49 22.29 -35.50 -34.05
C VAL A 49 22.18 -36.40 -35.27
N PHE A 50 21.38 -37.45 -35.15
CA PHE A 50 21.13 -38.40 -36.22
C PHE A 50 19.69 -38.32 -36.69
N PRO A 51 19.36 -38.91 -37.84
CA PRO A 51 18.04 -38.67 -38.41
C PRO A 51 16.92 -39.40 -37.66
N GLU A 52 15.71 -39.01 -38.04
CA GLU A 52 14.50 -39.59 -37.49
C GLU A 52 14.50 -41.11 -37.61
N LEU A 53 14.18 -41.78 -36.49
CA LEU A 53 14.04 -43.25 -36.44
C LEU A 53 15.32 -43.93 -36.89
N THR A 54 16.46 -43.37 -36.48
CA THR A 54 17.77 -43.85 -36.88
C THR A 54 17.91 -45.37 -36.80
N LEU A 55 17.62 -45.94 -35.63
CA LEU A 55 17.93 -47.34 -35.37
C LEU A 55 17.05 -48.30 -36.16
N SER A 56 15.89 -47.87 -36.66
CA SER A 56 14.99 -48.80 -37.34
C SER A 56 14.80 -48.49 -38.82
N GLY A 57 15.03 -47.24 -39.24
CA GLY A 57 14.68 -46.79 -40.58
C GLY A 57 13.31 -46.14 -40.59
N TYR A 58 13.23 -44.89 -41.07
CA TYR A 58 11.97 -44.18 -41.03
C TYR A 58 10.95 -44.76 -42.00
N SER A 59 11.39 -45.49 -43.02
CA SER A 59 10.56 -45.84 -44.16
C SER A 59 9.98 -47.25 -44.11
N ILE A 60 10.07 -47.95 -42.98
CA ILE A 60 9.76 -49.38 -42.97
C ILE A 60 8.30 -49.66 -42.68
N GLU A 61 7.49 -48.59 -42.61
CA GLU A 61 6.04 -48.71 -42.41
C GLU A 61 5.62 -49.74 -41.36
N ASP A 62 4.71 -50.65 -41.72
CA ASP A 62 4.11 -51.55 -40.73
C ASP A 62 5.12 -52.49 -40.09
N VAL A 63 6.34 -52.59 -40.62
CA VAL A 63 7.35 -53.41 -39.97
C VAL A 63 7.78 -52.84 -38.62
N LEU A 64 7.40 -51.58 -38.34
CA LEU A 64 7.60 -51.03 -37.00
C LEU A 64 6.79 -51.78 -35.95
N LEU A 65 5.68 -52.41 -36.35
CA LEU A 65 4.81 -53.10 -35.40
C LEU A 65 5.20 -54.56 -35.15
N GLN A 66 6.31 -55.03 -35.73
CA GLN A 66 6.79 -56.39 -35.53
C GLN A 66 7.65 -56.47 -34.28
N ASP A 67 7.31 -57.40 -33.39
CA ASP A 67 7.96 -57.48 -32.09
C ASP A 67 9.46 -57.75 -32.23
N SER A 68 9.84 -58.58 -33.20
CA SER A 68 11.26 -58.88 -33.40
C SER A 68 12.06 -57.62 -33.76
N LEU A 69 11.49 -56.74 -34.58
CA LEU A 69 12.19 -55.51 -34.95
C LEU A 69 12.38 -54.62 -33.74
N LEU A 70 11.30 -54.38 -33.00
CA LEU A 70 11.36 -53.53 -31.81
C LEU A 70 12.36 -54.09 -30.80
N ASP A 71 12.37 -55.40 -30.61
CA ASP A 71 13.31 -55.99 -29.64
C ASP A 71 14.75 -55.82 -30.10
N ALA A 72 15.01 -56.00 -31.40
CA ALA A 72 16.35 -55.76 -31.93
C ALA A 72 16.76 -54.29 -31.79
N VAL A 73 15.79 -53.38 -31.93
CA VAL A 73 16.03 -51.97 -31.69
C VAL A 73 16.46 -51.72 -30.24
N GLU A 74 15.73 -52.32 -29.29
CA GLU A 74 16.12 -52.16 -27.89
C GLU A 74 17.51 -52.70 -27.63
N ASP A 75 17.85 -53.84 -28.22
CA ASP A 75 19.16 -54.44 -27.97
C ASP A 75 20.26 -53.54 -28.48
N ALA A 76 20.09 -53.01 -29.71
CA ALA A 76 21.10 -52.13 -30.29
C ALA A 76 21.20 -50.81 -29.53
N LEU A 77 20.06 -50.28 -29.06
CA LEU A 77 20.11 -49.03 -28.32
C LEU A 77 20.90 -49.21 -27.03
N LEU A 78 20.71 -50.32 -26.33
CA LEU A 78 21.53 -50.52 -25.13
C LEU A 78 23.01 -50.67 -25.47
N ASP A 79 23.32 -51.36 -26.58
CA ASP A 79 24.72 -51.42 -27.02
C ASP A 79 25.30 -50.03 -27.25
N LEU A 80 24.57 -49.19 -28.00
CA LEU A 80 25.01 -47.81 -28.25
C LEU A 80 25.26 -47.06 -26.95
N VAL A 81 24.31 -47.14 -26.01
CA VAL A 81 24.47 -46.52 -24.70
C VAL A 81 25.78 -46.96 -24.08
N THR A 82 26.00 -48.28 -24.01
CA THR A 82 27.20 -48.81 -23.39
C THR A 82 28.45 -48.23 -24.04
N GLU A 83 28.47 -48.18 -25.37
CA GLU A 83 29.62 -47.64 -26.08
C GLU A 83 29.84 -46.17 -25.76
N SER A 84 28.76 -45.41 -25.55
CA SER A 84 28.89 -43.97 -25.32
C SER A 84 29.68 -43.64 -24.05
N ALA A 85 30.06 -44.64 -23.26
CA ALA A 85 30.78 -44.36 -22.03
C ALA A 85 32.12 -43.71 -22.30
N ASP A 86 32.73 -44.01 -23.44
CA ASP A 86 34.02 -43.43 -23.81
C ASP A 86 33.88 -42.39 -24.91
N LEU A 87 32.67 -41.83 -25.09
CA LEU A 87 32.42 -40.82 -26.11
C LEU A 87 32.11 -39.48 -25.46
N LEU A 88 32.87 -38.46 -25.86
CA LEU A 88 32.64 -37.08 -25.39
C LEU A 88 31.25 -36.54 -25.70
N PRO A 89 30.72 -36.63 -26.92
CA PRO A 89 29.52 -35.86 -27.27
C PRO A 89 28.24 -36.47 -26.73
N VAL A 90 27.21 -35.65 -26.75
CA VAL A 90 25.86 -36.10 -26.46
C VAL A 90 25.24 -36.55 -27.76
N LEU A 91 24.88 -37.82 -27.84
CA LEU A 91 24.28 -38.39 -29.04
C LEU A 91 22.76 -38.24 -28.97
N VAL A 92 22.16 -37.89 -30.10
CA VAL A 92 20.70 -37.84 -30.22
C VAL A 92 20.34 -38.82 -31.33
N VAL A 93 19.80 -39.99 -30.95
CA VAL A 93 19.55 -41.07 -31.90
C VAL A 93 18.05 -41.36 -31.94
N GLY A 94 17.49 -41.39 -33.15
CA GLY A 94 16.08 -41.77 -33.28
C GLY A 94 15.88 -43.28 -33.20
N ALA A 95 14.69 -43.67 -32.73
CA ALA A 95 14.31 -45.06 -32.53
C ALA A 95 12.81 -45.17 -32.22
N PRO A 96 12.16 -46.23 -32.61
CA PRO A 96 10.77 -46.41 -32.18
C PRO A 96 10.74 -47.17 -30.85
N LEU A 97 10.25 -46.52 -29.78
CA LEU A 97 10.32 -47.10 -28.45
C LEU A 97 8.93 -47.50 -27.96
N ARG A 98 8.92 -48.47 -27.05
CA ARG A 98 7.68 -48.99 -26.48
C ARG A 98 7.33 -48.21 -25.22
N HIS A 99 6.11 -47.67 -25.14
CA HIS A 99 5.66 -47.00 -23.92
C HIS A 99 4.17 -47.18 -23.71
N ARG A 100 3.79 -47.54 -22.48
CA ARG A 100 2.41 -47.87 -22.12
C ARG A 100 1.77 -48.76 -23.18
N HIS A 101 0.90 -48.19 -24.00
CA HIS A 101 0.11 -48.94 -24.99
C HIS A 101 0.80 -49.11 -26.33
N ARG A 102 1.54 -48.08 -26.77
CA ARG A 102 1.96 -47.96 -28.16
C ARG A 102 3.46 -47.74 -28.24
N ILE A 103 3.95 -47.56 -29.45
CA ILE A 103 5.32 -47.17 -29.69
C ILE A 103 5.35 -45.70 -30.09
N TYR A 104 6.25 -44.96 -29.47
CA TYR A 104 6.42 -43.55 -29.77
C TYR A 104 7.67 -43.37 -30.61
N ASN A 105 7.62 -42.36 -31.47
CA ASN A 105 8.70 -41.97 -32.37
C ASN A 105 9.69 -41.16 -31.55
N THR A 106 10.68 -41.82 -30.97
CA THR A 106 11.48 -41.16 -29.96
C THR A 106 12.87 -40.79 -30.46
N ALA A 107 13.41 -39.75 -29.85
CA ALA A 107 14.82 -39.41 -29.92
C ALA A 107 15.42 -39.70 -28.56
N VAL A 108 16.37 -40.62 -28.52
CA VAL A 108 17.10 -40.94 -27.31
C VAL A 108 18.29 -40.00 -27.20
N VAL A 109 18.32 -39.22 -26.13
CA VAL A 109 19.44 -38.34 -25.81
C VAL A 109 20.36 -39.09 -24.86
N ILE A 110 21.54 -39.47 -25.38
CA ILE A 110 22.52 -40.32 -24.74
C ILE A 110 23.73 -39.49 -24.34
N HIS A 111 24.35 -39.85 -23.22
CA HIS A 111 25.60 -39.19 -22.84
C HIS A 111 26.39 -40.05 -21.86
N ARG A 112 27.68 -40.24 -22.15
CA ARG A 112 28.65 -40.89 -21.25
C ARG A 112 28.05 -42.09 -20.50
N GLY A 113 27.44 -43.01 -21.25
CA GLY A 113 27.00 -44.29 -20.73
C GLY A 113 25.63 -44.36 -20.09
N ALA A 114 24.88 -43.27 -20.06
CA ALA A 114 23.53 -43.23 -19.50
C ALA A 114 22.59 -42.54 -20.46
N VAL A 115 21.31 -42.85 -20.35
CA VAL A 115 20.28 -42.21 -21.15
C VAL A 115 19.81 -40.98 -20.37
N LEU A 116 20.20 -39.80 -20.83
CA LEU A 116 19.69 -38.58 -20.21
C LEU A 116 18.19 -38.44 -20.47
N GLY A 117 17.73 -38.72 -21.68
CA GLY A 117 16.30 -38.55 -21.85
C GLY A 117 15.76 -39.19 -23.10
N VAL A 118 14.43 -39.12 -23.23
CA VAL A 118 13.73 -39.75 -24.35
C VAL A 118 12.59 -38.83 -24.77
N VAL A 119 12.73 -38.18 -25.92
CA VAL A 119 11.76 -37.20 -26.41
C VAL A 119 10.91 -37.82 -27.50
N PRO A 120 9.59 -37.89 -27.35
CA PRO A 120 8.76 -38.35 -28.47
C PRO A 120 8.45 -37.22 -29.44
N LYS A 121 8.29 -37.62 -30.70
CA LYS A 121 7.75 -36.72 -31.72
C LYS A 121 6.38 -36.23 -31.30
N SER A 122 6.08 -34.98 -31.62
CA SER A 122 4.86 -34.40 -31.08
C SER A 122 3.71 -34.44 -32.08
N TYR A 123 3.97 -34.20 -33.35
CA TYR A 123 2.93 -34.11 -34.37
C TYR A 123 3.25 -35.09 -35.49
N LEU A 124 2.58 -36.26 -35.48
CA LEU A 124 2.78 -37.31 -36.47
C LEU A 124 1.96 -37.07 -37.74
N PRO A 125 2.61 -36.77 -38.86
CA PRO A 125 1.84 -36.45 -40.08
C PRO A 125 1.20 -37.68 -40.70
N THR A 126 -0.08 -37.54 -41.03
CA THR A 126 -0.86 -38.56 -41.74
C THR A 126 -1.59 -37.83 -42.86
N TYR A 127 -0.86 -37.59 -43.95
CA TYR A 127 -1.35 -36.92 -45.15
C TYR A 127 -0.33 -37.16 -46.25
N ARG A 128 -0.80 -37.10 -47.49
CA ARG A 128 0.06 -37.28 -48.66
C ARG A 128 0.95 -38.50 -48.55
N GLU A 129 2.26 -38.31 -48.60
CA GLU A 129 3.20 -39.43 -48.52
C GLU A 129 3.42 -39.91 -47.10
N PHE A 130 2.67 -39.41 -46.12
CA PHE A 130 2.90 -39.71 -44.70
C PHE A 130 1.76 -40.52 -44.09
N TYR A 131 2.12 -41.57 -43.36
CA TYR A 131 1.17 -42.45 -42.71
C TYR A 131 1.65 -42.74 -41.29
N GLU A 132 1.91 -41.70 -40.51
CA GLU A 132 2.65 -41.92 -39.27
C GLU A 132 1.77 -42.31 -38.08
N ARG A 133 0.51 -41.88 -38.07
CA ARG A 133 -0.39 -42.22 -36.97
C ARG A 133 -0.84 -43.68 -37.02
N ARG A 134 -0.69 -44.34 -38.16
CA ARG A 134 -0.96 -45.77 -38.23
C ARG A 134 -0.07 -46.53 -37.26
N GLN A 135 1.24 -46.46 -37.45
CA GLN A 135 2.16 -47.25 -36.65
C GLN A 135 2.45 -46.63 -35.29
N MET A 136 2.49 -45.31 -35.19
CA MET A 136 3.04 -44.69 -33.99
C MET A 136 2.04 -43.70 -33.38
N ALA A 137 2.34 -43.26 -32.10
CA ALA A 137 1.49 -42.45 -31.24
C ALA A 137 2.07 -41.05 -30.99
N PRO A 138 1.23 -40.02 -30.91
CA PRO A 138 1.72 -38.67 -30.60
C PRO A 138 2.23 -38.53 -29.18
N GLY A 139 3.24 -37.67 -29.00
CA GLY A 139 3.80 -37.40 -27.69
C GLY A 139 3.44 -36.06 -27.09
N ASP A 140 2.54 -35.30 -27.70
CA ASP A 140 2.25 -33.96 -27.19
C ASP A 140 1.47 -34.08 -25.90
N GLY A 141 2.15 -33.82 -24.79
CA GLY A 141 1.54 -33.90 -23.49
C GLY A 141 1.93 -35.10 -22.67
N GLU A 142 2.61 -36.07 -23.26
CA GLU A 142 3.12 -37.19 -22.48
C GLU A 142 4.29 -36.68 -21.64
N ARG A 143 4.21 -36.91 -20.35
CA ARG A 143 5.32 -36.64 -19.45
C ARG A 143 5.71 -37.94 -18.75
N GLY A 144 6.51 -37.82 -17.71
CA GLY A 144 6.84 -38.98 -16.90
C GLY A 144 8.17 -39.62 -17.21
N THR A 145 8.30 -40.92 -16.93
CA THR A 145 9.53 -41.64 -17.20
C THR A 145 9.24 -42.89 -18.03
N ILE A 146 10.29 -43.37 -18.68
CA ILE A 146 10.25 -44.60 -19.45
C ILE A 146 11.41 -45.48 -18.98
N ARG A 147 11.17 -46.79 -19.01
CA ARG A 147 12.12 -47.78 -18.51
C ARG A 147 12.97 -48.27 -19.68
N ILE A 148 14.27 -48.04 -19.59
CA ILE A 148 15.20 -48.38 -20.65
C ILE A 148 16.47 -48.92 -20.01
N GLY A 149 16.74 -50.22 -20.20
CA GLY A 149 17.89 -50.85 -19.61
C GLY A 149 17.88 -50.82 -18.10
N GLY A 150 16.75 -51.19 -17.50
CA GLY A 150 16.61 -51.18 -16.05
C GLY A 150 16.86 -49.84 -15.41
N ALA A 151 16.44 -48.76 -16.05
CA ALA A 151 16.60 -47.42 -15.48
C ALA A 151 15.47 -46.52 -15.96
N ASP A 152 14.88 -45.80 -15.02
CA ASP A 152 13.77 -44.91 -15.33
C ASP A 152 14.34 -43.56 -15.74
N VAL A 153 14.15 -43.21 -17.00
CA VAL A 153 14.72 -41.98 -17.54
C VAL A 153 13.57 -41.05 -17.93
N ALA A 154 13.86 -39.75 -17.96
CA ALA A 154 12.82 -38.77 -18.26
C ALA A 154 12.20 -39.05 -19.63
N PHE A 155 10.90 -38.83 -19.73
CA PHE A 155 10.17 -39.07 -20.98
C PHE A 155 9.16 -37.94 -21.16
N GLY A 156 9.30 -37.17 -22.24
CA GLY A 156 8.30 -36.16 -22.54
C GLY A 156 8.80 -35.08 -23.45
N THR A 157 7.83 -34.32 -23.97
CA THR A 157 8.08 -33.18 -24.85
C THR A 157 8.51 -31.93 -24.08
N ASP A 158 8.89 -32.08 -22.81
CA ASP A 158 9.10 -30.97 -21.89
C ASP A 158 10.50 -30.99 -21.29
N LEU A 159 11.47 -31.60 -21.96
CA LEU A 159 12.80 -31.77 -21.41
C LEU A 159 13.73 -30.65 -21.84
N LEU A 160 14.79 -30.46 -21.07
CA LEU A 160 15.91 -29.60 -21.43
C LEU A 160 17.17 -30.26 -20.90
N PHE A 161 18.22 -30.27 -21.71
CA PHE A 161 19.46 -30.95 -21.35
C PHE A 161 20.52 -29.88 -21.24
N ALA A 162 20.80 -29.47 -20.02
CA ALA A 162 21.68 -28.34 -19.74
C ALA A 162 23.06 -28.84 -19.30
N ALA A 163 24.11 -28.27 -19.89
CA ALA A 163 25.47 -28.60 -19.48
C ALA A 163 25.81 -27.83 -18.21
N SER A 164 26.19 -28.55 -17.15
CA SER A 164 26.43 -27.93 -15.85
C SER A 164 27.70 -27.09 -15.84
N ASP A 165 28.68 -27.44 -16.68
CA ASP A 165 29.93 -26.68 -16.76
C ASP A 165 30.00 -25.77 -17.97
N LEU A 166 29.02 -25.84 -18.87
CA LEU A 166 28.94 -24.98 -20.06
C LEU A 166 27.57 -24.32 -20.04
N PRO A 167 27.42 -23.24 -19.28
CA PRO A 167 26.07 -22.67 -19.08
C PRO A 167 25.44 -22.18 -20.37
N GLY A 168 26.23 -21.88 -21.40
CA GLY A 168 25.59 -21.50 -22.64
C GLY A 168 24.98 -22.65 -23.42
N PHE A 169 25.26 -23.90 -23.05
CA PHE A 169 24.81 -25.07 -23.81
C PHE A 169 23.61 -25.72 -23.12
N VAL A 170 22.42 -25.44 -23.63
CA VAL A 170 21.17 -26.01 -23.14
C VAL A 170 20.42 -26.56 -24.35
N LEU A 171 20.30 -27.89 -24.42
CA LEU A 171 19.80 -28.57 -25.61
C LEU A 171 18.30 -28.86 -25.50
N HIS A 172 17.58 -28.60 -26.59
CA HIS A 172 16.23 -29.10 -26.77
C HIS A 172 16.13 -29.88 -28.09
N VAL A 173 15.22 -30.86 -28.09
CA VAL A 173 15.09 -31.83 -29.18
C VAL A 173 13.61 -31.95 -29.54
N GLU A 174 13.29 -31.69 -30.80
CA GLU A 174 12.02 -32.01 -31.46
C GLU A 174 12.35 -32.94 -32.63
N ILE A 175 11.34 -33.29 -33.43
CA ILE A 175 11.52 -34.29 -34.48
C ILE A 175 10.71 -33.89 -35.70
N ALA A 176 11.40 -33.73 -36.85
CA ALA A 176 10.80 -33.46 -38.15
C ALA A 176 9.60 -32.53 -38.08
N GLU A 177 8.42 -33.08 -38.39
CA GLU A 177 7.15 -32.35 -38.47
C GLU A 177 6.95 -31.36 -37.32
N ASP A 178 7.61 -31.63 -36.17
CA ASP A 178 7.48 -30.76 -35.00
C ASP A 178 7.76 -29.30 -35.35
N MET A 179 8.79 -29.05 -36.17
CA MET A 179 9.17 -27.65 -36.39
C MET A 179 8.35 -26.98 -37.48
N PHE A 180 7.39 -27.67 -38.07
CA PHE A 180 6.60 -27.12 -39.18
C PHE A 180 5.23 -26.62 -38.74
N VAL A 181 4.92 -26.71 -37.46
CA VAL A 181 3.57 -26.38 -37.01
C VAL A 181 3.56 -24.93 -36.52
N PRO A 182 2.40 -24.27 -36.54
CA PRO A 182 2.35 -22.86 -36.13
C PRO A 182 3.05 -22.56 -34.81
N MET A 183 3.04 -23.49 -33.86
CA MET A 183 3.63 -23.26 -32.53
C MET A 183 4.53 -24.45 -32.20
N PRO A 184 5.78 -24.41 -32.64
CA PRO A 184 6.65 -25.57 -32.47
C PRO A 184 7.04 -25.75 -31.02
N PRO A 185 7.27 -26.99 -30.58
CA PRO A 185 7.87 -27.22 -29.26
C PRO A 185 9.19 -26.48 -29.04
N SER A 186 9.95 -26.27 -30.11
CA SER A 186 11.24 -25.61 -29.96
C SER A 186 11.10 -24.16 -29.50
N ALA A 187 10.04 -23.47 -29.92
CA ALA A 187 9.86 -22.08 -29.52
C ALA A 187 9.73 -21.98 -28.01
N GLU A 188 8.77 -22.72 -27.44
CA GLU A 188 8.60 -22.82 -25.99
C GLU A 188 9.93 -23.12 -25.31
N ALA A 189 10.60 -24.19 -25.75
CA ALA A 189 11.85 -24.57 -25.10
C ALA A 189 12.89 -23.45 -25.18
N ALA A 190 12.95 -22.72 -26.29
CA ALA A 190 13.89 -21.61 -26.39
C ALA A 190 13.59 -20.55 -25.34
N LEU A 191 12.34 -20.11 -25.25
CA LEU A 191 11.93 -19.20 -24.19
C LEU A 191 12.34 -19.73 -22.82
N ALA A 192 12.18 -21.03 -22.60
CA ALA A 192 12.54 -21.62 -21.32
C ALA A 192 14.04 -21.63 -21.05
N GLY A 193 14.86 -21.32 -22.05
CA GLY A 193 16.29 -21.26 -21.85
C GLY A 193 17.10 -22.19 -22.76
N ALA A 194 16.46 -22.80 -23.75
CA ALA A 194 17.19 -23.66 -24.67
C ALA A 194 17.96 -22.80 -25.67
N THR A 195 19.24 -23.12 -25.88
CA THR A 195 20.09 -22.40 -26.82
C THR A 195 20.45 -23.19 -28.06
N VAL A 196 20.44 -24.52 -28.00
CA VAL A 196 20.74 -25.37 -29.14
C VAL A 196 19.50 -26.21 -29.39
N LEU A 197 18.88 -26.00 -30.54
CA LEU A 197 17.66 -26.72 -30.92
C LEU A 197 17.99 -27.82 -31.91
N ALA A 198 17.73 -29.08 -31.52
CA ALA A 198 18.01 -30.23 -32.36
C ALA A 198 16.75 -30.75 -33.04
N ASN A 199 16.88 -31.13 -34.32
CA ASN A 199 15.77 -31.68 -35.09
C ASN A 199 16.23 -32.95 -35.76
N LEU A 200 15.58 -34.05 -35.44
CA LEU A 200 15.74 -35.29 -36.18
C LEU A 200 14.66 -35.34 -37.26
N SER A 201 15.05 -35.74 -38.46
CA SER A 201 14.12 -35.68 -39.59
C SER A 201 14.31 -36.90 -40.49
N GLY A 202 13.19 -37.51 -40.88
CA GLY A 202 13.23 -38.53 -41.90
C GLY A 202 13.27 -37.85 -43.25
N SER A 203 12.24 -37.04 -43.51
CA SER A 203 12.16 -36.11 -44.62
C SER A 203 12.44 -36.75 -45.98
N PRO A 204 11.47 -37.47 -46.55
CA PRO A 204 11.61 -37.85 -47.95
C PRO A 204 11.76 -36.59 -48.79
N ILE A 205 12.81 -36.57 -49.61
CA ILE A 205 13.16 -35.39 -50.40
C ILE A 205 12.25 -35.29 -51.63
N THR A 206 11.99 -34.06 -52.05
CA THR A 206 11.03 -33.75 -53.08
C THR A 206 11.36 -32.36 -53.58
N ILE A 207 10.87 -32.03 -54.78
CA ILE A 207 11.14 -30.74 -55.38
C ILE A 207 10.75 -29.64 -54.41
N GLY A 208 11.73 -28.86 -53.97
CA GLY A 208 11.50 -27.69 -53.15
C GLY A 208 11.33 -27.94 -51.67
N ARG A 209 11.44 -29.18 -51.23
CA ARG A 209 11.32 -29.41 -49.80
C ARG A 209 12.59 -29.00 -49.08
N ALA A 210 13.76 -29.12 -49.71
CA ALA A 210 14.97 -28.60 -49.10
C ALA A 210 14.86 -27.10 -48.89
N GLU A 211 14.14 -26.41 -49.77
CA GLU A 211 13.87 -25.01 -49.58
C GLU A 211 13.06 -24.78 -48.32
N ASP A 212 12.03 -25.61 -48.10
CA ASP A 212 11.24 -25.46 -46.88
C ASP A 212 12.05 -25.80 -45.64
N ARG A 213 12.83 -26.88 -45.70
CA ARG A 213 13.74 -27.22 -44.60
C ARG A 213 14.61 -26.02 -44.21
N ARG A 214 15.28 -25.42 -45.20
CA ARG A 214 16.14 -24.29 -44.90
C ARG A 214 15.34 -23.10 -44.38
N LEU A 215 14.23 -22.77 -45.05
CA LEU A 215 13.37 -21.69 -44.62
C LEU A 215 13.04 -21.82 -43.15
N LEU A 216 12.46 -22.95 -42.77
CA LEU A 216 11.95 -23.11 -41.41
C LEU A 216 13.08 -23.27 -40.41
N ALA A 217 14.14 -24.02 -40.73
CA ALA A 217 15.23 -24.17 -39.77
C ALA A 217 15.91 -22.83 -39.50
N ARG A 218 16.20 -22.07 -40.55
CA ARG A 218 16.81 -20.76 -40.38
C ARG A 218 15.87 -19.81 -39.64
N SER A 219 14.58 -19.83 -40.01
CA SER A 219 13.62 -18.98 -39.36
C SER A 219 13.56 -19.26 -37.86
N ALA A 220 13.56 -20.55 -37.49
CA ALA A 220 13.62 -20.91 -36.08
C ALA A 220 14.89 -20.38 -35.45
N SER A 221 16.04 -20.57 -36.10
CA SER A 221 17.29 -20.11 -35.53
C SER A 221 17.27 -18.61 -35.27
N ALA A 222 16.58 -17.85 -36.11
CA ALA A 222 16.54 -16.40 -35.94
C ALA A 222 15.56 -15.99 -34.85
N ARG A 223 14.29 -16.38 -35.01
CA ARG A 223 13.24 -15.98 -34.07
C ARG A 223 13.60 -16.39 -32.64
N CYS A 224 14.07 -17.61 -32.46
CA CYS A 224 14.38 -18.14 -31.15
C CYS A 224 15.76 -17.74 -30.66
N LEU A 225 16.51 -16.97 -31.45
CA LEU A 225 17.85 -16.53 -31.08
C LEU A 225 18.70 -17.71 -30.61
N ALA A 226 18.68 -18.78 -31.41
CA ALA A 226 19.33 -20.02 -31.01
C ALA A 226 20.04 -20.64 -32.20
N ALA A 227 20.77 -21.71 -31.89
CA ALA A 227 21.36 -22.58 -32.89
C ALA A 227 20.42 -23.73 -33.20
N TYR A 228 20.32 -24.09 -34.49
CA TYR A 228 19.42 -25.13 -34.97
C TYR A 228 20.26 -26.18 -35.68
N VAL A 229 20.14 -27.44 -35.23
CA VAL A 229 20.88 -28.57 -35.78
C VAL A 229 19.90 -29.49 -36.51
N TYR A 230 20.15 -29.73 -37.81
CA TYR A 230 19.25 -30.49 -38.68
C TYR A 230 19.98 -31.67 -39.32
N ALA A 231 19.32 -32.83 -39.29
CA ALA A 231 19.82 -34.10 -39.84
C ALA A 231 18.65 -34.86 -40.44
N ALA A 232 18.75 -35.20 -41.73
CA ALA A 232 17.70 -35.91 -42.46
C ALA A 232 18.18 -37.30 -42.89
N ALA A 233 17.23 -38.12 -43.32
CA ALA A 233 17.52 -39.49 -43.73
C ALA A 233 18.16 -39.51 -45.12
N GLY A 234 19.06 -40.49 -45.31
CA GLY A 234 19.89 -40.59 -46.50
C GLY A 234 19.83 -41.96 -47.13
N GLU A 235 21.00 -42.44 -47.57
CA GLU A 235 21.10 -43.72 -48.29
C GLU A 235 20.67 -44.89 -47.41
N GLY A 236 19.82 -45.76 -47.96
CA GLY A 236 19.37 -46.96 -47.29
C GLY A 236 17.89 -47.01 -47.04
N GLU A 237 17.22 -45.85 -47.03
CA GLU A 237 15.78 -45.82 -46.84
C GLU A 237 15.07 -46.40 -48.06
N SER A 238 14.05 -47.23 -47.78
CA SER A 238 13.28 -47.91 -48.83
C SER A 238 12.76 -46.94 -49.89
N THR A 239 13.19 -47.13 -51.13
CA THR A 239 12.67 -46.31 -52.21
C THR A 239 11.43 -46.91 -52.87
N THR A 240 10.61 -47.64 -52.10
CA THR A 240 9.34 -48.14 -52.62
C THR A 240 8.48 -47.01 -53.17
N ASP A 241 8.38 -45.91 -52.43
CA ASP A 241 7.60 -44.78 -52.93
C ASP A 241 8.25 -43.43 -52.76
N LEU A 242 9.41 -43.32 -52.11
CA LEU A 242 10.04 -42.04 -51.83
C LEU A 242 11.53 -42.11 -52.13
N ALA A 243 12.18 -40.93 -52.22
CA ALA A 243 13.63 -40.84 -52.35
C ALA A 243 14.18 -40.01 -51.21
N TRP A 244 15.49 -40.12 -50.97
CA TRP A 244 16.11 -39.57 -49.75
C TRP A 244 17.45 -38.94 -50.05
N ASP A 245 17.63 -37.66 -49.67
CA ASP A 245 18.84 -36.92 -50.03
C ASP A 245 19.86 -36.75 -48.91
N GLY A 246 19.49 -37.01 -47.66
CA GLY A 246 20.49 -36.94 -46.58
C GLY A 246 21.09 -35.57 -46.35
N GLN A 247 20.25 -34.53 -46.35
CA GLN A 247 20.71 -33.18 -46.06
C GLN A 247 20.94 -32.98 -44.56
N THR A 248 22.04 -32.33 -44.21
CA THR A 248 22.31 -31.90 -42.84
C THR A 248 22.77 -30.45 -42.85
N MET A 249 22.38 -29.70 -41.82
CA MET A 249 22.76 -28.30 -41.74
C MET A 249 22.80 -27.84 -40.29
N ILE A 250 23.52 -26.73 -40.08
CA ILE A 250 23.70 -26.11 -38.78
C ILE A 250 23.51 -24.61 -38.96
N TRP A 251 22.50 -24.06 -38.29
CA TRP A 251 22.15 -22.65 -38.34
C TRP A 251 22.42 -21.97 -37.00
N GLU A 252 22.68 -20.65 -37.04
CA GLU A 252 22.85 -19.87 -35.80
C GLU A 252 22.35 -18.44 -36.03
N ASN A 253 21.17 -18.15 -35.48
CA ASN A 253 20.56 -16.81 -35.50
C ASN A 253 20.36 -16.31 -36.94
N GLY A 254 19.86 -17.18 -37.80
CA GLY A 254 19.57 -16.83 -39.17
C GLY A 254 20.73 -16.95 -40.13
N ALA A 255 21.90 -17.38 -39.66
CA ALA A 255 23.11 -17.48 -40.46
C ALA A 255 23.52 -18.94 -40.54
N LEU A 256 23.62 -19.46 -41.77
CA LEU A 256 24.03 -20.84 -41.98
C LEU A 256 25.47 -21.04 -41.52
N LEU A 257 25.66 -21.89 -40.52
CA LEU A 257 26.99 -22.23 -40.07
C LEU A 257 27.60 -23.33 -40.92
N ALA A 258 26.81 -24.31 -41.32
CA ALA A 258 27.37 -25.43 -42.07
C ALA A 258 26.24 -26.16 -42.79
N GLU A 259 26.62 -26.88 -43.84
CA GLU A 259 25.68 -27.79 -44.49
C GLU A 259 26.49 -28.79 -45.30
N SER A 260 25.83 -29.88 -45.67
CA SER A 260 26.51 -31.00 -46.27
C SER A 260 25.96 -31.30 -47.66
N GLU A 261 26.72 -32.12 -48.38
CA GLU A 261 26.38 -32.50 -49.75
C GLU A 261 25.02 -33.17 -49.79
N ARG A 262 24.13 -32.67 -50.65
CA ARG A 262 22.88 -33.38 -50.87
C ARG A 262 23.14 -34.62 -51.72
N PHE A 263 22.24 -35.59 -51.60
CA PHE A 263 22.33 -36.87 -52.28
C PHE A 263 23.73 -37.48 -52.24
N PRO A 264 24.38 -37.60 -51.09
CA PRO A 264 25.74 -38.11 -51.06
C PRO A 264 25.79 -39.62 -51.28
N LYS A 265 26.99 -40.10 -51.60
CA LYS A 265 27.32 -41.51 -51.56
C LYS A 265 28.22 -41.73 -50.34
N GLY A 266 27.64 -42.29 -49.28
CA GLY A 266 28.34 -42.46 -48.02
C GLY A 266 27.85 -41.48 -46.98
N VAL A 267 28.21 -41.77 -45.73
CA VAL A 267 27.73 -40.93 -44.62
C VAL A 267 28.31 -39.52 -44.73
N ARG A 268 27.67 -38.58 -44.04
CA ARG A 268 28.09 -37.18 -44.06
C ARG A 268 27.88 -36.54 -42.68
N ARG A 269 28.66 -35.50 -42.40
CA ARG A 269 28.50 -34.70 -41.20
C ARG A 269 28.56 -33.23 -41.53
N SER A 270 27.86 -32.44 -40.72
CA SER A 270 28.05 -30.99 -40.65
C SER A 270 28.58 -30.69 -39.26
N VAL A 271 29.83 -30.24 -39.18
CA VAL A 271 30.47 -29.92 -37.91
C VAL A 271 30.74 -28.42 -37.89
N ALA A 272 30.29 -27.75 -36.82
CA ALA A 272 30.51 -26.31 -36.70
C ALA A 272 30.72 -25.94 -35.24
N ASP A 273 31.25 -24.73 -35.03
CA ASP A 273 31.38 -24.14 -33.71
C ASP A 273 30.30 -23.10 -33.52
N VAL A 274 29.37 -23.38 -32.60
CA VAL A 274 28.31 -22.45 -32.23
C VAL A 274 28.85 -21.50 -31.16
N ASP A 275 28.67 -20.20 -31.38
CA ASP A 275 29.08 -19.19 -30.41
C ASP A 275 27.95 -19.00 -29.40
N THR A 276 28.06 -19.62 -28.22
CA THR A 276 27.00 -19.43 -27.24
C THR A 276 26.97 -17.99 -26.74
N GLU A 277 28.14 -17.36 -26.60
CA GLU A 277 28.17 -15.98 -26.13
C GLU A 277 27.40 -15.05 -27.06
N LEU A 278 27.45 -15.32 -28.37
CA LEU A 278 26.67 -14.54 -29.32
C LEU A 278 25.18 -14.63 -29.00
N LEU A 279 24.70 -15.83 -28.72
CA LEU A 279 23.31 -16.03 -28.32
C LEU A 279 23.03 -15.32 -26.99
N ARG A 280 23.87 -15.58 -25.99
CA ARG A 280 23.73 -14.97 -24.67
C ARG A 280 23.54 -13.48 -24.80
N SER A 281 24.31 -12.84 -25.67
CA SER A 281 24.24 -11.39 -25.80
C SER A 281 22.99 -10.96 -26.57
N GLU A 282 22.69 -11.63 -27.67
CA GLU A 282 21.47 -11.30 -28.41
C GLU A 282 20.26 -11.33 -27.49
N ARG A 283 20.24 -12.30 -26.56
CA ARG A 283 19.14 -12.48 -25.62
C ARG A 283 19.22 -11.52 -24.44
N LEU A 284 20.43 -11.09 -24.07
CA LEU A 284 20.59 -10.04 -23.07
C LEU A 284 20.02 -8.72 -23.55
N ARG A 285 20.08 -8.45 -24.85
CA ARG A 285 19.67 -7.15 -25.36
C ARG A 285 18.24 -7.10 -25.93
N MET A 286 17.66 -8.22 -26.33
CA MET A 286 16.31 -8.20 -26.90
C MET A 286 15.33 -8.42 -25.75
N GLY A 287 14.91 -7.32 -25.11
CA GLY A 287 14.00 -7.45 -24.00
C GLY A 287 12.74 -8.21 -24.36
N THR A 288 12.21 -7.98 -25.55
CA THR A 288 10.95 -8.59 -25.94
C THR A 288 11.00 -10.12 -25.96
N PHE A 289 12.20 -10.71 -26.03
CA PHE A 289 12.34 -12.16 -25.88
C PHE A 289 11.91 -12.61 -24.49
N ASP A 290 12.51 -12.03 -23.45
CA ASP A 290 12.11 -12.34 -22.08
C ASP A 290 10.68 -11.88 -21.78
N ASP A 291 10.25 -10.77 -22.39
CA ASP A 291 8.84 -10.36 -22.27
C ASP A 291 7.94 -11.47 -22.79
N ASN A 292 8.29 -12.07 -23.92
CA ASN A 292 7.53 -13.17 -24.49
C ASN A 292 7.52 -14.34 -23.53
N ARG A 293 8.68 -14.67 -22.96
CA ARG A 293 8.73 -15.78 -22.02
C ARG A 293 7.82 -15.55 -20.83
N ARG A 294 7.83 -14.34 -20.29
CA ARG A 294 6.97 -14.04 -19.15
C ARG A 294 5.51 -14.17 -19.55
N HIS A 295 5.15 -13.69 -20.75
CA HIS A 295 3.77 -13.81 -21.18
C HIS A 295 3.31 -15.25 -21.26
N HIS A 296 4.22 -16.18 -21.55
CA HIS A 296 3.92 -17.59 -21.54
C HIS A 296 4.62 -18.30 -20.39
N ARG A 297 4.45 -17.77 -19.17
CA ARG A 297 5.15 -18.31 -18.01
C ARG A 297 4.70 -19.73 -17.68
N GLU A 298 3.39 -19.99 -17.71
CA GLU A 298 2.90 -21.34 -17.45
C GLU A 298 3.57 -22.35 -18.37
N LEU A 299 3.54 -22.06 -19.68
CA LEU A 299 4.13 -22.99 -20.66
C LEU A 299 5.61 -23.19 -20.43
N THR A 300 6.32 -22.15 -20.00
CA THR A 300 7.77 -22.18 -20.04
C THR A 300 8.42 -22.62 -18.74
N GLU A 301 7.71 -22.58 -17.62
CA GLU A 301 8.32 -23.09 -16.40
C GLU A 301 8.13 -24.59 -16.25
N SER A 302 7.21 -25.18 -17.02
CA SER A 302 6.90 -26.59 -16.97
C SER A 302 8.00 -27.47 -17.57
N PHE A 303 9.12 -26.90 -18.00
CA PHE A 303 10.18 -27.74 -18.54
C PHE A 303 10.99 -28.37 -17.41
N ARG A 304 11.56 -29.55 -17.70
CA ARG A 304 12.40 -30.29 -16.78
C ARG A 304 13.86 -30.15 -17.22
N ARG A 305 14.74 -29.78 -16.29
CA ARG A 305 16.16 -29.64 -16.58
C ARG A 305 16.88 -30.92 -16.17
N ILE A 306 17.52 -31.60 -17.13
CA ILE A 306 18.38 -32.73 -16.84
C ILE A 306 19.81 -32.25 -16.90
N ASP A 307 20.52 -32.27 -15.77
CA ASP A 307 21.87 -31.74 -15.70
C ASP A 307 22.89 -32.82 -16.04
N PHE A 308 23.88 -32.46 -16.88
CA PHE A 308 24.97 -33.35 -17.26
C PHE A 308 26.27 -32.56 -17.34
N ALA A 309 27.37 -33.24 -17.01
CA ALA A 309 28.71 -32.65 -17.04
C ALA A 309 29.41 -33.09 -18.32
N LEU A 310 29.66 -32.15 -19.21
CA LEU A 310 30.23 -32.52 -20.50
C LEU A 310 31.72 -32.81 -20.39
N ASP A 311 32.47 -31.99 -19.63
CA ASP A 311 33.91 -32.11 -19.45
C ASP A 311 34.61 -32.08 -20.81
N PRO A 312 34.74 -30.91 -21.44
CA PRO A 312 35.22 -30.85 -22.83
C PRO A 312 36.73 -30.76 -22.87
N PRO A 313 37.32 -30.95 -24.05
CA PRO A 313 38.77 -30.76 -24.20
C PRO A 313 39.15 -29.29 -24.03
N ALA A 314 40.13 -29.03 -23.18
CA ALA A 314 40.52 -27.67 -22.86
C ALA A 314 41.69 -27.19 -23.70
N GLY A 315 42.13 -27.97 -24.68
CA GLY A 315 43.25 -27.61 -25.51
C GLY A 315 42.83 -26.89 -26.78
N ASP A 316 43.80 -26.73 -27.68
CA ASP A 316 43.55 -26.12 -28.98
C ASP A 316 42.93 -27.17 -29.90
N ILE A 317 41.69 -26.91 -30.35
CA ILE A 317 41.02 -27.79 -31.31
C ILE A 317 40.57 -26.90 -32.46
N GLY A 318 41.21 -25.75 -32.62
CA GLY A 318 40.81 -24.89 -33.71
C GLY A 318 39.44 -24.26 -33.50
N LEU A 319 38.92 -23.72 -34.60
CA LEU A 319 37.62 -23.03 -34.59
C LEU A 319 36.92 -23.32 -35.91
N LEU A 320 35.97 -24.24 -35.89
CA LEU A 320 35.21 -24.56 -37.09
C LEU A 320 34.14 -23.49 -37.31
N ARG A 321 34.61 -22.28 -37.64
CA ARG A 321 33.70 -21.15 -37.80
C ARG A 321 34.37 -20.07 -38.62
N GLU A 322 33.63 -19.56 -39.61
CA GLU A 322 34.12 -18.54 -40.54
C GLU A 322 34.01 -17.18 -39.88
N VAL A 323 35.13 -16.71 -39.32
CA VAL A 323 35.20 -15.36 -38.75
C VAL A 323 35.56 -14.41 -39.88
N GLU A 324 34.61 -13.59 -40.31
CA GLU A 324 34.85 -12.72 -41.44
C GLU A 324 35.72 -11.53 -41.02
N ARG A 325 36.66 -11.15 -41.90
CA ARG A 325 37.61 -10.10 -41.57
C ARG A 325 36.93 -8.75 -41.39
N PHE A 326 35.89 -8.48 -42.18
CA PHE A 326 35.23 -7.17 -42.19
C PHE A 326 33.79 -7.34 -41.77
N PRO A 327 33.51 -7.25 -40.46
CA PRO A 327 32.13 -7.42 -39.98
C PRO A 327 31.16 -6.46 -40.64
N PHE A 328 31.64 -5.30 -41.06
CA PHE A 328 30.80 -4.32 -41.73
C PHE A 328 30.79 -4.51 -43.24
N VAL A 329 31.72 -5.26 -43.79
CA VAL A 329 31.84 -5.45 -45.23
C VAL A 329 31.75 -6.94 -45.54
N PRO A 330 30.61 -7.40 -46.04
CA PRO A 330 30.45 -8.83 -46.36
C PRO A 330 31.29 -9.25 -47.56
N ALA A 331 31.92 -10.43 -47.45
CA ALA A 331 32.83 -10.93 -48.48
C ALA A 331 32.11 -11.48 -49.72
N ASP A 332 30.83 -11.76 -49.64
CA ASP A 332 30.09 -12.23 -50.80
C ASP A 332 29.72 -11.04 -51.68
N PRO A 333 30.08 -11.02 -52.95
CA PRO A 333 29.88 -9.81 -53.77
C PRO A 333 28.42 -9.40 -53.90
N GLN A 334 27.51 -10.36 -53.98
CA GLN A 334 26.09 -10.05 -54.10
C GLN A 334 25.57 -9.39 -52.83
N ARG A 335 25.93 -9.96 -51.68
CA ARG A 335 25.51 -9.42 -50.39
C ARG A 335 26.13 -8.04 -50.17
N LEU A 336 27.39 -7.87 -50.56
CA LEU A 336 28.03 -6.57 -50.43
C LEU A 336 27.35 -5.53 -51.31
N GLN A 337 26.98 -5.90 -52.53
CA GLN A 337 26.25 -4.98 -53.40
C GLN A 337 24.93 -4.57 -52.76
N GLN A 338 24.18 -5.55 -52.23
CA GLN A 338 22.92 -5.22 -51.56
C GLN A 338 23.16 -4.28 -50.38
N ASP A 339 24.16 -4.59 -49.56
CA ASP A 339 24.53 -3.76 -48.42
C ASP A 339 24.81 -2.33 -48.84
N CYS A 340 25.63 -2.16 -49.88
CA CYS A 340 26.01 -0.82 -50.31
C CYS A 340 24.80 -0.05 -50.84
N TYR A 341 23.98 -0.70 -51.66
CA TYR A 341 22.72 -0.11 -52.09
C TYR A 341 21.93 0.43 -50.91
N GLU A 342 21.73 -0.41 -49.89
CA GLU A 342 20.90 -0.04 -48.74
C GLU A 342 21.52 1.13 -47.97
N ALA A 343 22.81 1.02 -47.62
CA ALA A 343 23.49 2.10 -46.91
C ALA A 343 23.35 3.43 -47.65
N TYR A 344 23.74 3.43 -48.92
CA TYR A 344 23.67 4.64 -49.74
C TYR A 344 22.26 5.22 -49.75
N ASN A 345 21.24 4.37 -49.90
CA ASN A 345 19.89 4.89 -49.99
C ASN A 345 19.41 5.47 -48.67
N ILE A 346 19.80 4.87 -47.54
CA ILE A 346 19.33 5.43 -46.28
C ILE A 346 20.00 6.76 -46.00
N GLN A 347 21.28 6.91 -46.35
CA GLN A 347 21.92 8.22 -46.22
C GLN A 347 21.20 9.26 -47.06
N VAL A 348 21.02 8.96 -48.35
CA VAL A 348 20.32 9.89 -49.24
C VAL A 348 18.95 10.26 -48.69
N SER A 349 18.20 9.29 -48.19
CA SER A 349 16.81 9.54 -47.80
C SER A 349 16.71 10.30 -46.48
N GLY A 350 17.59 9.99 -45.52
CA GLY A 350 17.62 10.76 -44.28
C GLY A 350 17.99 12.21 -44.52
N LEU A 351 18.97 12.44 -45.40
CA LEU A 351 19.31 13.81 -45.75
C LEU A 351 18.17 14.48 -46.52
N GLU A 352 17.54 13.75 -47.46
CA GLU A 352 16.37 14.28 -48.17
C GLU A 352 15.34 14.81 -47.18
N GLN A 353 15.08 14.04 -46.13
CA GLN A 353 14.08 14.45 -45.16
C GLN A 353 14.53 15.71 -44.42
N ARG A 354 15.77 15.70 -43.87
CA ARG A 354 16.27 16.89 -43.18
C ARG A 354 16.12 18.14 -44.04
N LEU A 355 16.42 18.03 -45.33
CA LEU A 355 16.36 19.17 -46.23
C LEU A 355 14.92 19.59 -46.49
N ARG A 356 14.03 18.64 -46.83
CA ARG A 356 12.63 18.98 -47.04
C ARG A 356 12.07 19.73 -45.84
N ALA A 357 12.48 19.31 -44.64
CA ALA A 357 12.01 19.97 -43.42
C ALA A 357 12.37 21.45 -43.43
N LEU A 358 13.60 21.77 -43.82
CA LEU A 358 14.10 23.14 -43.79
C LEU A 358 13.85 23.89 -45.10
N ASP A 359 12.73 23.61 -45.79
CA ASP A 359 12.35 24.33 -47.02
C ASP A 359 13.49 24.39 -48.02
N TYR A 360 14.34 23.35 -48.01
CA TYR A 360 15.44 23.18 -48.95
C TYR A 360 16.46 24.31 -48.78
N PRO A 361 17.27 24.27 -47.74
CA PRO A 361 18.36 25.23 -47.63
C PRO A 361 19.48 24.80 -48.56
N LYS A 362 20.55 25.58 -48.56
CA LYS A 362 21.77 25.22 -49.23
C LYS A 362 22.59 24.29 -48.34
N VAL A 363 23.62 23.70 -48.91
CA VAL A 363 24.37 22.64 -48.24
C VAL A 363 25.83 23.06 -48.20
N VAL A 364 26.26 23.60 -47.07
CA VAL A 364 27.65 24.01 -46.87
C VAL A 364 28.46 22.78 -46.47
N ILE A 365 29.52 22.48 -47.22
CA ILE A 365 30.37 21.34 -46.88
C ILE A 365 31.82 21.65 -47.24
N GLY A 366 32.70 21.40 -46.27
CA GLY A 366 34.13 21.49 -46.49
C GLY A 366 34.65 20.17 -47.01
N VAL A 367 35.13 20.19 -48.26
CA VAL A 367 35.53 19.01 -49.01
C VAL A 367 37.05 19.07 -49.19
N SER A 368 37.75 18.13 -48.57
CA SER A 368 39.21 18.08 -48.57
C SER A 368 39.79 17.20 -49.67
N GLY A 369 38.96 16.43 -50.35
CA GLY A 369 39.45 15.44 -51.28
C GLY A 369 39.76 14.09 -50.67
N GLY A 370 39.43 13.88 -49.39
CA GLY A 370 39.50 12.58 -48.76
C GLY A 370 38.24 11.77 -49.01
N LEU A 371 38.22 10.57 -48.45
CA LEU A 371 37.12 9.63 -48.72
C LEU A 371 35.81 10.16 -48.15
N ASP A 372 35.85 10.62 -46.88
CA ASP A 372 34.63 10.98 -46.15
C ASP A 372 33.96 12.22 -46.75
N SER A 373 34.75 13.26 -47.03
CA SER A 373 34.18 14.45 -47.67
C SER A 373 33.70 14.15 -49.08
N THR A 374 34.48 13.36 -49.85
CA THR A 374 34.06 12.97 -51.19
C THR A 374 32.70 12.28 -51.15
N HIS A 375 32.58 11.23 -50.33
CA HIS A 375 31.34 10.49 -50.29
C HIS A 375 30.19 11.38 -49.83
N ALA A 376 30.41 12.19 -48.79
CA ALA A 376 29.36 13.10 -48.34
C ALA A 376 28.90 14.01 -49.48
N LEU A 377 29.85 14.49 -50.30
CA LEU A 377 29.50 15.32 -51.45
C LEU A 377 28.62 14.56 -52.43
N ILE A 378 29.00 13.31 -52.73
CA ILE A 378 28.21 12.50 -53.66
C ILE A 378 26.79 12.29 -53.11
N VAL A 379 26.70 11.97 -51.82
CA VAL A 379 25.41 11.72 -51.19
C VAL A 379 24.54 12.97 -51.25
N ALA A 380 25.12 14.11 -50.87
CA ALA A 380 24.39 15.37 -50.89
C ALA A 380 23.90 15.69 -52.29
N THR A 381 24.75 15.42 -53.28
CA THR A 381 24.37 15.65 -54.67
C THR A 381 23.15 14.81 -55.03
N HIS A 382 23.18 13.51 -54.75
CA HIS A 382 22.04 12.68 -55.14
C HIS A 382 20.80 13.11 -54.39
N ALA A 383 20.93 13.45 -53.11
CA ALA A 383 19.79 13.95 -52.33
C ALA A 383 19.16 15.17 -52.98
N MET A 384 19.98 16.18 -53.31
CA MET A 384 19.50 17.38 -54.00
C MET A 384 18.87 17.00 -55.34
N ASP A 385 19.44 16.01 -56.04
CA ASP A 385 18.91 15.55 -57.31
C ASP A 385 17.48 15.06 -57.15
N ARG A 386 17.29 14.03 -56.32
CA ARG A 386 15.99 13.38 -56.21
C ARG A 386 14.92 14.34 -55.70
N GLU A 387 15.30 15.34 -54.91
CA GLU A 387 14.34 16.35 -54.48
C GLU A 387 14.17 17.47 -55.50
N GLY A 388 14.76 17.33 -56.69
CA GLY A 388 14.59 18.28 -57.78
C GLY A 388 15.11 19.66 -57.43
N ARG A 389 16.32 19.72 -56.88
CA ARG A 389 16.90 20.93 -56.34
C ARG A 389 18.20 21.26 -57.04
N PRO A 390 18.43 22.51 -57.47
CA PRO A 390 19.62 22.83 -58.28
C PRO A 390 20.90 22.47 -57.55
N ARG A 391 21.81 21.79 -58.27
CA ARG A 391 23.07 21.36 -57.68
C ARG A 391 23.95 22.53 -57.25
N SER A 392 23.73 23.73 -57.80
CA SER A 392 24.46 24.94 -57.42
C SER A 392 24.12 25.41 -56.02
N ASP A 393 23.13 24.81 -55.36
CA ASP A 393 22.82 25.07 -53.97
C ASP A 393 23.74 24.32 -53.02
N ILE A 394 24.54 23.39 -53.53
CA ILE A 394 25.58 22.76 -52.73
C ILE A 394 26.81 23.65 -52.81
N LEU A 395 27.29 24.10 -51.66
CA LEU A 395 28.44 24.98 -51.57
C LEU A 395 29.59 24.14 -51.05
N ALA A 396 30.45 23.72 -51.97
CA ALA A 396 31.70 23.07 -51.59
C ALA A 396 32.74 24.12 -51.22
N PHE A 397 33.61 23.76 -50.28
CA PHE A 397 34.64 24.68 -49.82
C PHE A 397 35.92 23.90 -49.55
N ALA A 398 36.98 24.24 -50.27
CA ALA A 398 38.32 23.81 -49.91
C ALA A 398 38.92 24.93 -49.05
N LEU A 399 39.22 24.62 -47.79
CA LEU A 399 39.72 25.60 -46.83
C LEU A 399 41.18 25.28 -46.57
N PRO A 400 42.12 25.89 -47.31
CA PRO A 400 43.53 25.53 -47.18
C PRO A 400 44.16 26.16 -45.95
N GLY A 401 45.03 25.39 -45.31
CA GLY A 401 45.69 25.86 -44.13
C GLY A 401 47.19 25.92 -44.32
N PHE A 402 47.93 25.16 -43.51
CA PHE A 402 49.38 25.11 -43.61
C PHE A 402 49.81 23.81 -44.25
N ALA A 403 48.87 22.99 -44.69
CA ALA A 403 49.09 21.74 -45.38
C ALA A 403 49.44 22.00 -46.85
N THR A 404 49.99 20.99 -47.50
CA THR A 404 50.28 21.11 -48.92
C THR A 404 48.97 21.37 -49.65
N GLY A 405 48.94 22.43 -50.45
CA GLY A 405 47.68 22.94 -50.97
C GLY A 405 47.03 22.15 -52.10
N GLU A 406 47.81 21.47 -52.94
CA GLU A 406 47.32 20.99 -54.23
C GLU A 406 47.00 19.50 -54.34
N HIS A 407 47.96 18.59 -54.18
CA HIS A 407 47.77 17.23 -54.71
C HIS A 407 46.61 16.48 -54.06
N THR A 408 46.48 16.54 -52.72
CA THR A 408 45.34 15.87 -52.09
C THR A 408 44.05 16.59 -52.45
N LYS A 409 44.07 17.93 -52.44
CA LYS A 409 42.95 18.81 -52.75
C LYS A 409 42.59 18.87 -54.23
N ASN A 410 43.51 18.50 -55.13
CA ASN A 410 43.22 18.56 -56.56
C ASN A 410 41.98 17.72 -56.90
N ASN A 411 41.86 16.56 -56.28
CA ASN A 411 40.66 15.77 -56.45
C ASN A 411 39.42 16.53 -56.01
N ALA A 412 39.51 17.22 -54.87
CA ALA A 412 38.36 17.98 -54.37
C ALA A 412 37.86 18.97 -55.42
N ILE A 413 38.76 19.82 -55.93
CA ILE A 413 38.33 20.83 -56.91
C ILE A 413 37.84 20.16 -58.21
N LYS A 414 38.56 19.12 -58.66
CA LYS A 414 38.18 18.47 -59.91
C LYS A 414 36.80 17.85 -59.81
N LEU A 415 36.57 17.09 -58.73
CA LEU A 415 35.30 16.43 -58.51
C LEU A 415 34.17 17.44 -58.36
N ALA A 416 34.38 18.48 -57.54
CA ALA A 416 33.32 19.46 -57.35
C ALA A 416 32.92 20.10 -58.67
N ARG A 417 33.90 20.44 -59.51
CA ARG A 417 33.55 21.04 -60.81
C ARG A 417 32.99 20.00 -61.78
N ALA A 418 33.34 18.72 -61.59
CA ALA A 418 32.75 17.67 -62.42
C ALA A 418 31.28 17.44 -62.07
N LEU A 419 30.91 17.61 -60.79
CA LEU A 419 29.53 17.37 -60.40
C LEU A 419 28.63 18.54 -60.76
N GLY A 420 29.18 19.76 -60.78
CA GLY A 420 28.39 20.95 -61.06
C GLY A 420 27.88 21.69 -59.85
N VAL A 421 28.59 21.63 -58.72
CA VAL A 421 28.22 22.36 -57.51
C VAL A 421 28.79 23.76 -57.59
N THR A 422 28.73 24.50 -56.47
CA THR A 422 29.27 25.86 -56.37
C THR A 422 30.53 25.78 -55.50
N PHE A 423 31.68 25.75 -56.15
CA PHE A 423 32.96 25.52 -55.48
C PHE A 423 33.65 26.85 -55.25
N SER A 424 34.29 26.96 -54.09
CA SER A 424 35.03 28.16 -53.72
C SER A 424 36.15 27.76 -52.78
N GLU A 425 37.23 28.55 -52.78
CA GLU A 425 38.36 28.30 -51.90
C GLU A 425 38.54 29.47 -50.95
N ILE A 426 38.94 29.17 -49.72
CA ILE A 426 39.14 30.17 -48.68
C ILE A 426 40.32 29.74 -47.82
N ASP A 427 41.38 30.54 -47.81
CA ASP A 427 42.63 30.22 -47.12
C ASP A 427 42.53 30.70 -45.69
N ILE A 428 42.25 29.78 -44.77
CA ILE A 428 42.14 30.10 -43.35
C ILE A 428 43.48 30.43 -42.71
N GLY A 429 44.60 30.15 -43.39
CA GLY A 429 45.94 30.29 -42.84
C GLY A 429 46.20 31.54 -42.03
N ASP A 430 45.80 32.69 -42.57
CA ASP A 430 46.04 33.97 -41.91
C ASP A 430 45.23 34.07 -40.63
N THR A 431 43.95 33.68 -40.69
CA THR A 431 43.10 33.71 -39.51
C THR A 431 43.67 32.85 -38.39
N ALA A 432 44.17 31.67 -38.76
CA ALA A 432 44.85 30.80 -37.79
C ALA A 432 46.07 31.48 -37.20
N ARG A 433 46.92 32.07 -38.04
CA ARG A 433 48.10 32.74 -37.51
C ARG A 433 47.72 33.85 -36.53
N LEU A 434 46.70 34.65 -36.88
CA LEU A 434 46.22 35.70 -35.99
C LEU A 434 45.77 35.11 -34.67
N MET A 435 44.89 34.09 -34.73
CA MET A 435 44.38 33.42 -33.54
C MET A 435 45.53 32.94 -32.66
N LEU A 436 46.45 32.18 -33.25
CA LEU A 436 47.65 31.71 -32.55
C LEU A 436 48.35 32.85 -31.83
N HIS A 437 48.57 33.97 -32.53
CA HIS A 437 49.24 35.12 -31.92
C HIS A 437 48.45 35.68 -30.74
N THR A 438 47.12 35.64 -30.83
CA THR A 438 46.28 36.23 -29.78
C THR A 438 46.28 35.38 -28.50
N ILE A 439 46.43 34.06 -28.59
CA ILE A 439 46.41 33.22 -27.39
C ILE A 439 47.80 32.93 -26.87
N GLY A 440 48.83 33.47 -27.50
CA GLY A 440 50.20 33.33 -27.05
C GLY A 440 50.84 32.00 -27.37
N HIS A 441 50.98 31.71 -28.65
CA HIS A 441 51.61 30.48 -29.08
C HIS A 441 53.13 30.59 -28.94
N VAL A 452 49.56 20.10 -32.61
CA VAL A 452 48.60 19.92 -31.52
C VAL A 452 47.73 21.17 -31.46
N THR A 453 48.34 22.29 -31.05
CA THR A 453 47.66 23.58 -31.04
C THR A 453 47.36 24.05 -32.45
N PHE A 454 48.29 23.84 -33.38
CA PHE A 454 48.09 24.34 -34.74
C PHE A 454 47.02 23.54 -35.48
N GLU A 455 46.98 22.22 -35.28
CA GLU A 455 45.91 21.43 -35.89
C GLU A 455 44.56 21.74 -35.26
N ASN A 456 44.53 21.95 -33.94
CA ASN A 456 43.30 22.34 -33.29
C ASN A 456 42.79 23.68 -33.85
N VAL A 457 43.68 24.67 -33.96
CA VAL A 457 43.29 25.99 -34.45
C VAL A 457 42.76 25.89 -35.88
N GLN A 458 43.44 25.13 -36.73
CA GLN A 458 42.99 24.98 -38.11
C GLN A 458 41.63 24.28 -38.19
N ALA A 459 41.47 23.15 -37.49
CA ALA A 459 40.19 22.45 -37.49
C ALA A 459 39.07 23.36 -37.00
N GLY A 460 39.28 23.98 -35.83
CA GLY A 460 38.30 24.91 -35.31
C GLY A 460 37.91 25.97 -36.32
N LEU A 461 38.91 26.60 -36.95
CA LEU A 461 38.59 27.69 -37.87
C LEU A 461 37.89 27.19 -39.12
N ARG A 462 38.25 26.01 -39.63
CA ARG A 462 37.49 25.43 -40.74
C ARG A 462 36.01 25.33 -40.38
N THR A 463 35.71 24.70 -39.25
CA THR A 463 34.31 24.51 -38.88
C THR A 463 33.62 25.85 -38.61
N ASP A 464 34.32 26.78 -37.95
CA ASP A 464 33.78 28.11 -37.68
C ASP A 464 33.41 28.81 -38.97
N TYR A 465 34.31 28.79 -39.95
CA TYR A 465 34.05 29.44 -41.22
C TYR A 465 32.86 28.80 -41.93
N LEU A 466 32.79 27.48 -41.91
CA LEU A 466 31.69 26.80 -42.58
C LEU A 466 30.36 27.16 -41.93
N PHE A 467 30.33 27.23 -40.60
CA PHE A 467 29.09 27.61 -39.93
C PHE A 467 28.70 29.04 -40.32
N ARG A 468 29.65 29.98 -40.30
CA ARG A 468 29.31 31.37 -40.58
C ARG A 468 28.94 31.57 -42.05
N ILE A 469 29.53 30.78 -42.95
CA ILE A 469 29.13 30.79 -44.34
C ILE A 469 27.71 30.26 -44.49
N ALA A 470 27.39 29.18 -43.75
CA ALA A 470 26.03 28.66 -43.74
C ALA A 470 25.05 29.70 -43.23
N ASN A 471 25.50 30.51 -42.27
CA ASN A 471 24.71 31.63 -41.79
C ASN A 471 24.51 32.68 -42.88
N GLN A 472 25.59 33.00 -43.59
CA GLN A 472 25.53 34.05 -44.61
C GLN A 472 24.64 33.64 -45.78
N ARG A 473 24.92 32.50 -46.40
CA ARG A 473 24.27 32.10 -47.62
C ARG A 473 22.99 31.32 -47.40
N GLY A 474 22.57 31.16 -46.14
CA GLY A 474 21.33 30.48 -45.85
C GLY A 474 21.35 28.99 -46.15
N GLY A 475 22.28 28.26 -45.53
CA GLY A 475 22.40 26.82 -45.68
C GLY A 475 22.78 26.16 -44.36
N ILE A 476 23.02 24.85 -44.43
CA ILE A 476 23.38 24.04 -43.27
C ILE A 476 24.71 23.35 -43.51
N VAL A 477 25.58 23.37 -42.49
CA VAL A 477 26.83 22.63 -42.55
C VAL A 477 26.54 21.14 -42.56
N LEU A 478 27.13 20.41 -43.49
CA LEU A 478 26.88 18.98 -43.62
C LEU A 478 28.15 18.25 -43.21
N GLY A 479 28.08 17.44 -42.15
CA GLY A 479 29.27 16.82 -41.62
C GLY A 479 29.68 15.58 -42.39
N THR A 480 30.93 15.14 -42.15
CA THR A 480 31.50 14.00 -42.85
C THR A 480 32.16 12.96 -41.95
N GLY A 481 32.09 13.11 -40.63
CA GLY A 481 32.70 12.15 -39.73
C GLY A 481 32.08 10.77 -39.84
N ASP A 482 32.92 9.75 -39.91
CA ASP A 482 32.44 8.39 -40.06
C ASP A 482 32.47 7.67 -38.72
N LEU A 483 31.80 6.50 -38.70
CA LEU A 483 31.54 5.79 -37.45
C LEU A 483 32.83 5.42 -36.71
N SER A 484 33.90 5.11 -37.45
CA SER A 484 35.15 4.73 -36.81
C SER A 484 35.80 5.91 -36.11
N GLU A 485 35.68 7.11 -36.71
CA GLU A 485 36.20 8.31 -36.09
C GLU A 485 35.43 8.64 -34.80
N LEU A 486 34.11 8.45 -34.83
CA LEU A 486 33.32 8.61 -33.61
C LEU A 486 33.71 7.58 -32.57
N ALA A 487 33.92 6.33 -33.00
CA ALA A 487 34.32 5.28 -32.06
C ALA A 487 35.61 5.61 -31.35
N LEU A 488 36.61 6.09 -32.07
CA LEU A 488 37.91 6.27 -31.45
C LEU A 488 38.19 7.71 -31.01
N GLY A 489 37.31 8.65 -31.31
CA GLY A 489 37.55 10.04 -30.94
C GLY A 489 38.50 10.76 -31.86
N TRP A 490 38.55 10.36 -33.12
CA TRP A 490 39.40 11.03 -34.10
C TRP A 490 38.69 12.27 -34.63
N SER A 491 38.48 13.22 -33.73
CA SER A 491 37.76 14.43 -34.08
C SER A 491 38.38 15.61 -33.33
N THR A 492 37.89 16.81 -33.62
CA THR A 492 38.06 17.98 -32.75
C THR A 492 36.69 18.33 -32.20
N TYR A 493 36.50 18.11 -30.90
CA TYR A 493 35.18 18.26 -30.31
C TYR A 493 34.79 19.72 -30.17
N GLY A 494 33.52 20.00 -30.49
CA GLY A 494 32.94 21.30 -30.21
C GLY A 494 33.06 22.23 -31.38
N VAL A 495 34.09 23.08 -31.35
CA VAL A 495 34.48 23.85 -32.52
C VAL A 495 35.47 22.96 -33.26
N GLY A 496 34.95 22.16 -34.19
CA GLY A 496 35.77 21.18 -34.87
C GLY A 496 34.95 20.32 -35.80
N ASP A 497 35.64 19.39 -36.45
CA ASP A 497 35.01 18.58 -37.48
C ASP A 497 33.94 17.64 -36.96
N GLN A 498 33.79 17.50 -35.64
CA GLN A 498 32.69 16.71 -35.09
C GLN A 498 31.37 17.41 -35.30
N MET A 499 31.33 18.72 -35.07
CA MET A 499 30.08 19.45 -35.04
C MET A 499 29.60 19.78 -36.45
N SER A 500 28.30 19.63 -36.67
CA SER A 500 27.67 19.97 -37.93
C SER A 500 26.18 20.13 -37.68
N HIS A 501 25.41 20.33 -38.75
CA HIS A 501 23.96 20.34 -38.64
C HIS A 501 23.34 18.96 -38.91
N TYR A 502 23.99 18.14 -39.72
CA TYR A 502 23.47 16.82 -40.05
C TYR A 502 24.59 16.01 -40.68
N ASN A 503 24.98 14.93 -40.04
CA ASN A 503 26.11 14.11 -40.48
C ASN A 503 25.59 12.89 -41.24
N VAL A 504 25.81 12.84 -42.55
CA VAL A 504 25.34 11.66 -43.27
C VAL A 504 26.29 10.48 -43.07
N ASN A 505 27.55 10.75 -42.72
CA ASN A 505 28.53 9.68 -42.62
C ASN A 505 28.68 9.11 -41.22
N ALA A 506 27.86 9.55 -40.26
CA ALA A 506 28.01 9.09 -38.88
C ALA A 506 27.72 7.61 -38.74
N GLY A 507 26.71 7.10 -39.46
CA GLY A 507 26.37 5.70 -39.39
C GLY A 507 27.39 4.77 -40.03
N VAL A 508 28.15 5.28 -41.00
CA VAL A 508 28.98 4.43 -41.87
C VAL A 508 30.39 4.28 -41.30
N PRO A 509 30.91 3.06 -41.19
CA PRO A 509 32.29 2.88 -40.78
C PRO A 509 33.20 3.10 -41.98
N LYS A 510 34.47 3.38 -41.69
CA LYS A 510 35.36 3.71 -42.80
C LYS A 510 35.68 2.50 -43.65
N THR A 511 35.61 1.29 -43.08
CA THR A 511 35.84 0.11 -43.92
C THR A 511 34.77 -0.03 -44.99
N LEU A 512 33.60 0.58 -44.79
CA LEU A 512 32.54 0.52 -45.78
C LEU A 512 32.50 1.75 -46.70
N ILE A 513 33.12 2.87 -46.32
CA ILE A 513 33.13 4.07 -47.16
C ILE A 513 33.78 3.79 -48.52
N GLN A 514 34.91 3.07 -48.50
CA GLN A 514 35.62 2.75 -49.73
C GLN A 514 34.72 1.99 -50.71
N HIS A 515 34.07 0.93 -50.23
CA HIS A 515 33.23 0.15 -51.12
C HIS A 515 31.94 0.87 -51.48
N LEU A 516 31.52 1.84 -50.68
CA LEU A 516 30.40 2.68 -51.08
C LEU A 516 30.78 3.53 -52.28
N ILE A 517 32.00 4.08 -52.27
CA ILE A 517 32.46 4.86 -53.41
C ILE A 517 32.60 3.98 -54.64
N ARG A 518 33.19 2.78 -54.48
CA ARG A 518 33.28 1.83 -55.57
C ARG A 518 31.91 1.49 -56.12
N TRP A 519 30.94 1.30 -55.22
CA TRP A 519 29.55 1.03 -55.62
C TRP A 519 28.98 2.16 -56.46
N VAL A 520 29.22 3.40 -56.02
CA VAL A 520 28.72 4.56 -56.77
C VAL A 520 29.31 4.57 -58.17
N ILE A 521 30.61 4.25 -58.28
CA ILE A 521 31.24 4.19 -59.60
C ILE A 521 30.57 3.13 -60.46
N SER A 522 30.51 1.90 -59.95
CA SER A 522 29.97 0.78 -60.71
C SER A 522 28.52 1.00 -61.09
N ALA A 523 27.77 1.71 -60.25
CA ALA A 523 26.40 2.07 -60.58
C ALA A 523 26.37 3.04 -61.75
N GLY A 524 27.39 3.89 -61.85
CA GLY A 524 27.53 4.80 -62.96
C GLY A 524 26.33 5.71 -63.16
N GLU A 525 25.66 6.09 -62.07
CA GLU A 525 24.51 6.97 -62.23
C GLU A 525 24.95 8.39 -62.56
N PHE A 526 26.10 8.82 -62.02
CA PHE A 526 26.63 10.15 -62.32
C PHE A 526 27.38 10.15 -63.65
N GLY A 527 28.24 11.15 -63.86
CA GLY A 527 28.97 11.22 -65.10
C GLY A 527 30.09 10.19 -65.20
N GLU A 528 30.50 9.94 -66.44
CA GLU A 528 31.75 9.22 -66.67
C GLU A 528 32.95 9.99 -66.09
N LYS A 529 32.90 11.32 -66.16
CA LYS A 529 33.96 12.16 -65.59
C LYS A 529 33.93 12.09 -64.07
N VAL A 530 32.74 12.19 -63.47
CA VAL A 530 32.58 11.99 -62.04
C VAL A 530 33.19 10.66 -61.62
N GLY A 531 32.85 9.60 -62.36
CA GLY A 531 33.42 8.29 -62.08
C GLY A 531 34.94 8.30 -62.10
N GLU A 532 35.50 8.95 -63.12
CA GLU A 532 36.97 9.01 -63.18
C GLU A 532 37.54 9.71 -61.95
N VAL A 533 36.93 10.83 -61.54
CA VAL A 533 37.49 11.56 -60.40
C VAL A 533 37.33 10.76 -59.12
N LEU A 534 36.19 10.08 -58.95
CA LEU A 534 35.97 9.28 -57.75
C LEU A 534 36.99 8.15 -57.69
N GLN A 535 37.24 7.50 -58.83
CA GLN A 535 38.25 6.45 -58.88
C GLN A 535 39.62 7.00 -58.54
N SER A 536 39.92 8.19 -59.05
CA SER A 536 41.18 8.87 -58.73
C SER A 536 41.32 9.10 -57.23
N VAL A 537 40.25 9.60 -56.58
CA VAL A 537 40.27 9.82 -55.14
C VAL A 537 40.57 8.50 -54.42
N LEU A 538 39.91 7.42 -54.84
CA LEU A 538 40.09 6.12 -54.22
C LEU A 538 41.55 5.68 -54.29
N ASP A 539 42.09 5.68 -55.50
CA ASP A 539 43.48 5.28 -55.70
C ASP A 539 44.43 6.12 -54.86
N THR A 540 44.21 7.44 -54.88
CA THR A 540 45.06 8.38 -54.14
C THR A 540 45.08 8.05 -52.65
N GLU A 541 43.89 8.00 -52.04
CA GLU A 541 43.76 7.95 -50.59
C GLU A 541 44.11 6.57 -50.02
N ILE A 542 43.84 5.48 -50.76
CA ILE A 542 44.14 4.14 -50.24
C ILE A 542 45.59 3.73 -50.48
N THR A 543 46.30 4.40 -51.39
CA THR A 543 47.70 4.10 -51.67
C THR A 543 48.69 4.94 -50.80
N GLU A 553 46.66 12.59 -44.05
CA GLU A 553 45.94 11.60 -44.86
C GLU A 553 45.14 10.59 -44.00
N LEU A 554 44.51 9.57 -44.60
CA LEU A 554 43.91 8.49 -43.80
C LEU A 554 44.98 7.73 -43.04
N GLN A 555 46.16 7.59 -43.65
CA GLN A 555 47.24 6.85 -43.00
C GLN A 555 47.63 7.50 -41.68
N SER A 556 47.43 8.82 -41.55
CA SER A 556 47.70 9.51 -40.29
C SER A 556 46.78 9.01 -39.17
N SER A 557 45.47 8.93 -39.47
CA SER A 557 44.54 8.41 -38.47
C SER A 557 44.90 7.00 -38.09
N GLU A 558 45.21 6.16 -39.09
CA GLU A 558 45.64 4.79 -38.83
C GLU A 558 46.93 4.75 -38.02
N ALA A 559 47.86 5.66 -38.30
CA ALA A 559 49.14 5.65 -37.61
C ALA A 559 48.95 5.87 -36.12
N LYS A 560 48.05 6.77 -35.73
CA LYS A 560 47.92 6.94 -34.28
C LYS A 560 46.92 5.98 -33.62
N VAL A 561 45.79 5.67 -34.26
CA VAL A 561 44.74 4.91 -33.59
C VAL A 561 44.70 3.45 -34.04
N GLY A 562 45.59 3.03 -34.94
CA GLY A 562 45.60 1.68 -35.46
C GLY A 562 44.81 1.51 -36.75
N PRO A 563 44.95 0.33 -37.37
CA PRO A 563 44.26 0.08 -38.65
C PRO A 563 42.77 -0.11 -38.44
N PHE A 564 41.97 0.54 -39.28
CA PHE A 564 40.52 0.40 -39.16
C PHE A 564 40.05 -1.03 -39.43
N ALA A 565 40.80 -1.80 -40.22
CA ALA A 565 40.47 -3.22 -40.40
C ALA A 565 40.31 -3.94 -39.06
N LEU A 566 41.15 -3.59 -38.08
CA LEU A 566 41.03 -4.18 -36.75
C LEU A 566 40.09 -3.41 -35.83
N GLN A 567 40.08 -2.07 -35.93
CA GLN A 567 39.28 -1.31 -34.98
C GLN A 567 37.80 -1.36 -35.30
N ASP A 568 37.44 -1.45 -36.59
CA ASP A 568 36.04 -1.69 -36.93
C ASP A 568 35.60 -3.09 -36.56
N PHE A 569 36.52 -4.06 -36.62
CA PHE A 569 36.23 -5.41 -36.13
C PHE A 569 35.89 -5.40 -34.64
N SER A 570 36.82 -4.87 -33.82
CA SER A 570 36.57 -4.78 -32.38
C SER A 570 35.34 -3.93 -32.09
N LEU A 571 35.12 -2.88 -32.89
CA LEU A 571 33.98 -2.02 -32.68
C LEU A 571 32.68 -2.78 -32.90
N PHE A 572 32.63 -3.59 -33.95
CA PHE A 572 31.45 -4.39 -34.19
C PHE A 572 31.19 -5.36 -33.04
N GLN A 573 32.23 -6.06 -32.60
CA GLN A 573 32.05 -7.00 -31.49
C GLN A 573 31.47 -6.29 -30.26
N VAL A 574 32.07 -5.17 -29.86
CA VAL A 574 31.63 -4.46 -28.65
C VAL A 574 30.23 -3.87 -28.83
N LEU A 575 30.00 -3.15 -29.94
CA LEU A 575 28.75 -2.44 -30.14
C LEU A 575 27.57 -3.40 -30.32
N ARG A 576 27.78 -4.55 -30.96
CA ARG A 576 26.67 -5.46 -31.20
C ARG A 576 26.50 -6.47 -30.07
N TYR A 577 27.60 -7.08 -29.62
CA TYR A 577 27.55 -8.23 -28.74
C TYR A 577 28.11 -7.95 -27.36
N GLY A 578 28.78 -6.82 -27.16
CA GLY A 578 29.39 -6.53 -25.88
C GLY A 578 30.45 -7.51 -25.46
N PHE A 579 31.07 -8.21 -26.42
CA PHE A 579 32.04 -9.25 -26.10
C PHE A 579 33.19 -8.71 -25.26
N ARG A 580 33.73 -9.56 -24.39
CA ARG A 580 34.88 -9.17 -23.60
C ARG A 580 36.10 -9.07 -24.49
N PRO A 581 37.12 -8.30 -24.09
CA PRO A 581 38.28 -8.09 -24.97
C PRO A 581 38.96 -9.38 -25.45
N SER A 582 39.23 -10.34 -24.56
CA SER A 582 39.94 -11.55 -24.96
C SER A 582 39.17 -12.31 -26.04
N LYS A 583 37.83 -12.35 -25.94
CA LYS A 583 37.03 -13.00 -26.98
C LYS A 583 37.16 -12.26 -28.31
N ILE A 584 37.21 -10.93 -28.26
CA ILE A 584 37.41 -10.16 -29.49
C ILE A 584 38.77 -10.46 -30.10
N ALA A 585 39.80 -10.56 -29.25
CA ALA A 585 41.14 -10.87 -29.72
C ALA A 585 41.18 -12.25 -30.38
N PHE A 586 40.52 -13.23 -29.76
CA PHE A 586 40.46 -14.57 -30.32
C PHE A 586 39.80 -14.55 -31.70
N LEU A 587 38.65 -13.88 -31.82
CA LEU A 587 37.98 -13.82 -33.11
C LEU A 587 38.82 -13.14 -34.17
N ALA A 588 39.38 -11.96 -33.85
CA ALA A 588 40.18 -11.22 -34.84
C ALA A 588 41.39 -12.03 -35.27
N TRP A 589 42.03 -12.71 -34.33
CA TRP A 589 43.21 -13.50 -34.66
C TRP A 589 42.86 -14.68 -35.54
N HIS A 590 41.70 -15.29 -35.34
CA HIS A 590 41.30 -16.34 -36.28
C HIS A 590 40.92 -15.76 -37.63
N ALA A 591 40.42 -14.53 -37.67
CA ALA A 591 39.99 -13.95 -38.93
C ALA A 591 41.15 -13.45 -39.79
N TRP A 592 42.19 -12.88 -39.17
CA TRP A 592 43.18 -12.05 -39.87
C TRP A 592 44.60 -12.62 -39.95
N ASN A 593 44.98 -13.54 -39.06
CA ASN A 593 46.39 -13.92 -38.91
C ASN A 593 46.97 -14.59 -40.15
N ASP A 594 46.15 -15.12 -41.06
CA ASP A 594 46.62 -15.81 -42.25
C ASP A 594 45.95 -15.19 -43.46
N ALA A 595 46.73 -14.49 -44.30
CA ALA A 595 46.16 -13.78 -45.44
C ALA A 595 45.63 -14.73 -46.51
N GLU A 596 46.17 -15.95 -46.60
CA GLU A 596 45.71 -16.95 -47.55
C GLU A 596 44.41 -17.65 -47.14
N ARG A 597 44.04 -17.61 -45.87
CA ARG A 597 42.87 -18.32 -45.35
C ARG A 597 41.66 -17.40 -45.31
N GLY A 598 40.48 -17.98 -45.46
CA GLY A 598 39.25 -17.20 -45.49
C GLY A 598 39.11 -16.39 -46.77
N ASN A 599 38.02 -15.65 -46.86
CA ASN A 599 37.72 -14.85 -48.03
C ASN A 599 38.04 -13.38 -47.79
N TRP A 600 38.19 -12.64 -48.88
CA TRP A 600 38.36 -11.19 -48.86
C TRP A 600 37.25 -10.52 -49.67
N PRO A 601 36.85 -9.32 -49.28
CA PRO A 601 35.83 -8.62 -50.04
C PRO A 601 36.39 -8.15 -51.37
N PRO A 602 35.52 -7.80 -52.32
CA PRO A 602 35.99 -7.28 -53.61
C PRO A 602 36.80 -6.00 -53.43
N GLY A 603 37.73 -5.80 -54.36
CA GLY A 603 38.52 -4.58 -54.40
C GLY A 603 39.85 -4.63 -53.66
N PHE A 604 40.25 -5.81 -53.16
CA PHE A 604 41.50 -6.00 -52.43
C PHE A 604 42.54 -6.67 -53.31
N PRO A 605 43.39 -5.89 -54.00
CA PRO A 605 44.53 -6.49 -54.71
C PRO A 605 45.45 -7.21 -53.75
N LYS A 606 46.02 -8.32 -54.20
CA LYS A 606 46.78 -9.20 -53.31
C LYS A 606 48.03 -8.53 -52.72
N SER A 607 48.27 -7.26 -53.08
CA SER A 607 49.29 -6.45 -52.41
C SER A 607 48.76 -5.71 -51.19
N GLU A 608 47.44 -5.54 -51.11
CA GLU A 608 46.77 -4.84 -50.03
C GLU A 608 45.91 -5.81 -49.22
N ARG A 609 46.44 -7.01 -49.00
CA ARG A 609 45.79 -8.06 -48.22
C ARG A 609 46.77 -8.44 -47.11
N PRO A 610 46.77 -7.67 -46.02
CA PRO A 610 47.77 -7.86 -44.97
C PRO A 610 47.36 -8.98 -44.02
N SER A 611 48.32 -9.39 -43.20
CA SER A 611 48.07 -10.35 -42.13
C SER A 611 48.58 -9.76 -40.83
N TYR A 612 47.70 -9.62 -39.85
CA TYR A 612 48.06 -9.08 -38.55
C TYR A 612 48.34 -10.21 -37.58
N SER A 613 49.30 -9.98 -36.70
CA SER A 613 49.70 -10.99 -35.72
C SER A 613 48.92 -10.80 -34.41
N LEU A 614 48.98 -11.81 -33.56
CA LEU A 614 48.36 -11.70 -32.24
C LEU A 614 48.85 -10.46 -31.50
N ALA A 615 50.15 -10.19 -31.56
CA ALA A 615 50.71 -9.01 -30.89
C ALA A 615 50.05 -7.73 -31.39
N GLU A 616 49.88 -7.60 -32.72
CA GLU A 616 49.32 -6.38 -33.27
C GLU A 616 47.85 -6.21 -32.88
N ILE A 617 47.10 -7.31 -32.95
CA ILE A 617 45.69 -7.30 -32.56
C ILE A 617 45.56 -6.89 -31.10
N ARG A 618 46.42 -7.44 -30.25
CA ARG A 618 46.39 -7.13 -28.83
C ARG A 618 46.68 -5.65 -28.56
N HIS A 619 47.72 -5.10 -29.23
CA HIS A 619 48.07 -3.70 -29.03
C HIS A 619 46.94 -2.77 -29.46
N TRP A 620 46.42 -2.97 -30.67
CA TRP A 620 45.37 -2.08 -31.13
C TRP A 620 44.09 -2.25 -30.34
N LEU A 621 43.86 -3.45 -29.78
CA LEU A 621 42.70 -3.68 -28.94
C LEU A 621 42.83 -2.95 -27.61
N GLN A 622 44.03 -2.90 -27.04
CA GLN A 622 44.29 -2.03 -25.89
C GLN A 622 43.93 -0.58 -26.21
N ILE A 623 44.47 -0.07 -27.32
CA ILE A 623 44.14 1.29 -27.75
C ILE A 623 42.62 1.47 -27.89
N PHE A 624 41.93 0.45 -28.44
CA PHE A 624 40.50 0.56 -28.71
C PHE A 624 39.68 0.60 -27.43
N VAL A 625 39.93 -0.32 -26.51
CA VAL A 625 39.15 -0.30 -25.28
C VAL A 625 39.38 1.00 -24.53
N GLN A 626 40.64 1.49 -24.52
CA GLN A 626 40.94 2.75 -23.84
C GLN A 626 40.21 3.93 -24.49
N ARG A 627 40.17 3.98 -25.81
CA ARG A 627 39.56 5.13 -26.46
C ARG A 627 38.05 5.04 -26.55
N PHE A 628 37.48 3.85 -26.47
CA PHE A 628 36.04 3.67 -26.61
C PHE A 628 35.30 3.71 -25.27
N TYR A 629 35.75 2.95 -24.28
CA TYR A 629 35.02 2.94 -23.02
C TYR A 629 35.27 4.21 -22.22
N SER A 630 36.44 4.83 -22.38
CA SER A 630 36.85 5.94 -21.53
C SER A 630 36.86 7.27 -22.27
N PHE A 631 37.78 7.45 -23.23
CA PHE A 631 38.11 8.77 -23.78
C PHE A 631 37.00 9.36 -24.66
N SER A 632 36.61 8.66 -25.73
CA SER A 632 35.88 9.30 -26.82
C SER A 632 34.40 9.57 -26.55
N GLN A 633 33.83 9.01 -25.47
CA GLN A 633 32.38 9.05 -25.29
C GLN A 633 31.84 10.49 -25.24
N PHE A 634 32.52 11.38 -24.50
CA PHE A 634 32.05 12.78 -24.41
C PHE A 634 31.99 13.47 -25.77
N LYS A 635 32.74 12.98 -26.77
CA LYS A 635 32.62 13.56 -28.10
C LYS A 635 31.36 13.08 -28.82
N ARG A 636 30.96 11.83 -28.57
CA ARG A 636 29.71 11.30 -29.10
C ARG A 636 28.50 11.83 -28.32
N SER A 637 28.69 12.15 -27.03
CA SER A 637 27.56 12.54 -26.19
C SER A 637 26.81 13.73 -26.78
N ALA A 638 27.53 14.65 -27.42
CA ALA A 638 26.94 15.81 -28.09
C ALA A 638 27.15 15.63 -29.59
N LEU A 639 26.25 14.90 -30.23
CA LEU A 639 26.45 14.48 -31.61
C LEU A 639 25.32 14.98 -32.49
N PRO A 640 25.63 15.63 -33.61
CA PRO A 640 24.58 16.13 -34.49
C PRO A 640 23.75 14.99 -35.04
N ASN A 641 22.68 15.36 -35.74
CA ASN A 641 21.77 14.36 -36.29
C ASN A 641 22.45 13.51 -37.36
N GLY A 642 21.69 12.56 -37.91
CA GLY A 642 22.21 11.61 -38.86
C GLY A 642 21.65 10.22 -38.66
N PRO A 643 21.58 9.43 -39.74
CA PRO A 643 20.89 8.13 -39.70
C PRO A 643 21.80 6.96 -39.36
N LYS A 644 21.25 6.02 -38.57
CA LYS A 644 21.93 4.76 -38.27
C LYS A 644 21.93 3.86 -39.50
N VAL A 645 23.07 3.23 -39.78
CA VAL A 645 23.34 2.55 -41.05
C VAL A 645 23.49 1.03 -40.86
N SER A 646 24.49 0.59 -40.09
CA SER A 646 24.82 -0.82 -39.99
C SER A 646 23.84 -1.58 -39.10
N HIS A 647 23.78 -2.89 -39.31
CA HIS A 647 23.03 -3.69 -38.35
C HIS A 647 23.80 -3.83 -37.05
N GLY A 648 25.13 -3.67 -37.07
CA GLY A 648 25.89 -3.75 -35.85
C GLY A 648 25.60 -2.64 -34.87
N GLY A 649 24.93 -1.60 -35.33
CA GLY A 649 24.54 -0.47 -34.50
C GLY A 649 25.19 0.81 -34.96
N ALA A 650 24.85 1.87 -34.26
CA ALA A 650 25.46 3.17 -34.45
C ALA A 650 26.06 3.61 -33.11
N LEU A 651 26.42 4.90 -33.02
CA LEU A 651 27.02 5.46 -31.81
C LEU A 651 26.32 6.73 -31.34
N SER A 652 25.03 6.87 -31.65
CA SER A 652 24.25 7.97 -31.12
C SER A 652 23.98 7.77 -29.62
N PRO A 653 24.06 8.84 -28.82
CA PRO A 653 23.63 8.74 -27.43
C PRO A 653 22.11 8.71 -27.28
N ARG A 654 21.38 9.11 -28.33
CA ARG A 654 19.93 8.95 -28.37
C ARG A 654 19.51 7.64 -29.04
N GLY A 655 20.45 6.77 -29.41
CA GLY A 655 20.12 5.54 -30.07
C GLY A 655 20.80 4.35 -29.44
N ASP A 656 21.80 3.78 -30.11
CA ASP A 656 22.26 2.44 -29.75
C ASP A 656 23.30 2.43 -28.63
N TRP A 657 23.89 3.57 -28.30
CA TRP A 657 24.98 3.59 -27.31
C TRP A 657 24.72 4.69 -26.27
N ARG A 658 24.19 4.28 -25.11
CA ARG A 658 24.04 5.13 -23.93
C ARG A 658 25.14 4.76 -22.95
N ALA A 659 26.10 5.67 -22.77
CA ALA A 659 27.24 5.35 -21.92
C ALA A 659 27.68 6.61 -21.19
N PRO A 660 28.50 6.51 -20.14
CA PRO A 660 28.90 7.69 -19.39
C PRO A 660 30.13 8.37 -19.98
N SER A 661 30.21 9.68 -19.77
CA SER A 661 31.36 10.44 -20.26
C SER A 661 32.56 10.36 -19.33
N ASP A 662 32.34 10.11 -18.05
CA ASP A 662 33.38 10.20 -17.02
C ASP A 662 33.81 8.84 -16.50
N MET A 663 34.02 7.89 -17.40
CA MET A 663 34.28 6.52 -16.98
C MET A 663 35.66 6.08 -17.46
N SER A 664 36.33 5.28 -16.65
CA SER A 664 37.60 4.66 -16.97
C SER A 664 37.35 3.34 -17.70
N ALA A 665 38.32 2.91 -18.49
CA ALA A 665 38.25 1.61 -19.14
C ALA A 665 39.12 0.57 -18.46
N ARG A 666 39.31 0.69 -17.14
CA ARG A 666 40.34 -0.09 -16.48
C ARG A 666 40.06 -1.60 -16.51
N ILE A 667 38.80 -2.01 -16.36
CA ILE A 667 38.55 -3.46 -16.28
C ILE A 667 38.86 -4.14 -17.61
N TRP A 668 38.56 -3.48 -18.73
CA TRP A 668 38.86 -4.07 -20.03
C TRP A 668 40.36 -4.20 -20.27
N LEU A 669 41.12 -3.14 -19.97
CA LEU A 669 42.57 -3.20 -20.07
C LEU A 669 43.15 -4.28 -19.17
N ASP A 670 42.62 -4.39 -17.94
CA ASP A 670 43.12 -5.41 -17.01
C ASP A 670 42.81 -6.81 -17.54
N GLN A 671 41.65 -6.98 -18.19
CA GLN A 671 41.31 -8.28 -18.77
C GLN A 671 42.27 -8.63 -19.91
N ILE A 672 42.57 -7.66 -20.76
CA ILE A 672 43.56 -7.89 -21.81
C ILE A 672 44.91 -8.28 -21.20
N ASP A 673 45.31 -7.60 -20.13
CA ASP A 673 46.60 -7.90 -19.51
C ASP A 673 46.62 -9.30 -18.90
N ARG A 674 45.50 -9.74 -18.32
CA ARG A 674 45.48 -11.01 -17.61
C ARG A 674 45.17 -12.22 -18.49
N GLU A 675 44.54 -12.03 -19.66
CA GLU A 675 44.06 -13.17 -20.46
C GLU A 675 44.66 -13.29 -21.85
N VAL A 676 44.87 -12.21 -22.58
CA VAL A 676 45.40 -12.34 -23.94
C VAL A 676 46.92 -12.47 -23.85
N PRO A 677 47.51 -13.52 -24.44
CA PRO A 677 48.97 -13.63 -24.42
C PRO A 677 49.63 -12.51 -25.22
N LYS A 678 50.87 -12.22 -24.87
CA LYS A 678 51.58 -11.15 -25.55
C LYS A 678 51.96 -11.53 -26.99
N GLY A 679 52.00 -12.82 -27.31
CA GLY A 679 52.34 -13.23 -28.67
C GLY A 679 51.96 -14.63 -29.08
N MET B 1 20.60 -11.76 33.19
CA MET B 1 20.85 -11.08 31.93
C MET B 1 21.74 -9.84 32.11
N ASN B 2 22.54 -9.52 31.08
CA ASN B 2 23.32 -8.28 31.07
C ASN B 2 22.37 -7.12 30.85
N PHE B 3 22.22 -6.27 31.88
CA PHE B 3 21.23 -5.20 31.84
C PHE B 3 21.56 -4.14 30.79
N TYR B 4 22.85 -3.98 30.47
CA TYR B 4 23.31 -2.89 29.61
C TYR B 4 23.48 -3.29 28.15
N SER B 5 23.02 -4.48 27.75
CA SER B 5 23.13 -4.93 26.37
C SER B 5 21.89 -4.50 25.61
N ALA B 6 22.06 -3.54 24.69
CA ALA B 6 20.92 -3.09 23.89
C ALA B 6 20.25 -4.26 23.20
N TYR B 7 21.04 -5.24 22.75
CA TYR B 7 20.47 -6.39 22.06
C TYR B 7 19.57 -7.21 22.98
N GLN B 8 20.01 -7.45 24.22
CA GLN B 8 19.21 -8.24 25.15
C GLN B 8 17.99 -7.51 25.67
N HIS B 9 17.73 -6.30 25.19
CA HIS B 9 16.51 -5.57 25.49
C HIS B 9 15.66 -5.39 24.22
N GLY B 10 15.91 -6.23 23.22
CA GLY B 10 15.12 -6.22 22.01
C GLY B 10 15.55 -5.25 20.94
N PHE B 11 16.71 -4.62 21.08
CA PHE B 11 17.18 -3.67 20.06
C PHE B 11 18.01 -4.40 19.01
N VAL B 12 18.08 -3.79 17.83
CA VAL B 12 18.91 -4.32 16.76
C VAL B 12 19.59 -3.13 16.06
N ARG B 13 20.90 -3.20 15.92
CA ARG B 13 21.68 -2.09 15.36
C ARG B 13 21.74 -2.26 13.85
N VAL B 14 21.31 -1.24 13.12
CA VAL B 14 21.21 -1.27 11.67
C VAL B 14 21.93 -0.07 11.06
N ALA B 15 22.44 -0.27 9.84
CA ALA B 15 23.24 0.71 9.12
C ALA B 15 22.72 0.92 7.70
N ALA B 16 22.57 2.19 7.32
CA ALA B 16 22.25 2.59 5.95
C ALA B 16 23.45 3.39 5.45
N CYS B 17 24.18 2.83 4.49
CA CYS B 17 25.46 3.37 4.06
C CYS B 17 25.36 3.92 2.66
N THR B 18 26.03 5.03 2.42
CA THR B 18 26.31 5.50 1.08
C THR B 18 27.81 5.46 0.91
N HIS B 19 28.27 4.83 -0.16
CA HIS B 19 29.67 4.51 -0.39
C HIS B 19 30.21 5.34 -1.57
N HIS B 20 31.49 5.14 -1.87
CA HIS B 20 32.14 5.86 -2.95
C HIS B 20 32.05 5.05 -4.24
N THR B 21 31.06 5.38 -5.06
CA THR B 21 30.90 4.73 -6.36
C THR B 21 32.10 5.02 -7.26
N THR B 22 32.55 4.00 -8.00
CA THR B 22 33.65 4.11 -8.96
C THR B 22 33.16 3.47 -10.24
N ILE B 23 32.37 4.22 -11.01
CA ILE B 23 31.55 3.65 -12.09
C ILE B 23 32.37 2.80 -13.04
N GLY B 24 31.99 1.52 -13.14
CA GLY B 24 32.67 0.58 -14.01
C GLY B 24 33.82 -0.19 -13.38
N ASP B 25 34.11 0.02 -12.11
CA ASP B 25 35.19 -0.70 -11.44
C ASP B 25 34.59 -1.48 -10.29
N PRO B 26 34.07 -2.68 -10.54
CA PRO B 26 33.45 -3.44 -9.44
C PRO B 26 34.41 -3.74 -8.29
N ALA B 27 35.71 -3.86 -8.57
CA ALA B 27 36.66 -4.09 -7.48
C ALA B 27 36.72 -2.89 -6.53
N ALA B 28 36.70 -1.68 -7.08
CA ALA B 28 36.79 -0.49 -6.24
C ALA B 28 35.52 -0.27 -5.42
N ASN B 29 34.37 -0.71 -5.96
CA ASN B 29 33.13 -0.63 -5.20
C ASN B 29 33.08 -1.69 -4.12
N ALA B 30 33.57 -2.90 -4.42
CA ALA B 30 33.67 -3.92 -3.40
C ALA B 30 34.63 -3.48 -2.30
N ALA B 31 35.67 -2.72 -2.66
CA ALA B 31 36.61 -2.20 -1.66
C ALA B 31 35.93 -1.21 -0.72
N SER B 32 35.23 -0.21 -1.28
CA SER B 32 34.52 0.74 -0.42
C SER B 32 33.52 0.01 0.46
N VAL B 33 32.83 -0.97 -0.12
CA VAL B 33 31.79 -1.70 0.60
C VAL B 33 32.39 -2.50 1.74
N LEU B 34 33.51 -3.19 1.49
CA LEU B 34 34.13 -3.99 2.53
C LEU B 34 34.61 -3.11 3.68
N ASP B 35 35.16 -1.93 3.35
CA ASP B 35 35.62 -1.03 4.41
C ASP B 35 34.45 -0.58 5.28
N MET B 36 33.37 -0.10 4.64
CA MET B 36 32.22 0.35 5.41
C MET B 36 31.57 -0.80 6.18
N ALA B 37 31.56 -2.00 5.61
CA ALA B 37 30.99 -3.15 6.30
C ALA B 37 31.80 -3.48 7.54
N ARG B 38 33.13 -3.43 7.43
CA ARG B 38 33.99 -3.65 8.59
C ARG B 38 33.75 -2.60 9.67
N ALA B 39 33.45 -1.35 9.25
CA ALA B 39 33.06 -0.33 10.22
C ALA B 39 31.78 -0.73 10.96
N CYS B 40 30.72 -1.07 10.21
CA CYS B 40 29.48 -1.51 10.82
C CYS B 40 29.71 -2.70 11.74
N HIS B 41 30.61 -3.60 11.35
CA HIS B 41 30.97 -4.71 12.22
C HIS B 41 31.52 -4.21 13.56
N ASP B 42 32.48 -3.28 13.51
CA ASP B 42 33.03 -2.76 14.76
C ASP B 42 31.97 -2.05 15.58
N ASP B 43 30.97 -1.46 14.92
CA ASP B 43 29.91 -0.79 15.66
C ASP B 43 28.91 -1.78 16.27
N GLY B 44 29.02 -3.06 15.94
CA GLY B 44 28.08 -4.07 16.42
C GLY B 44 26.75 -4.12 15.71
N ALA B 45 26.67 -3.57 14.49
CA ALA B 45 25.44 -3.57 13.73
C ALA B 45 25.13 -4.95 13.16
N ALA B 46 23.84 -5.23 13.02
CA ALA B 46 23.38 -6.49 12.45
C ALA B 46 23.01 -6.39 10.98
N LEU B 47 22.79 -5.19 10.46
CA LEU B 47 22.39 -5.00 9.08
C LEU B 47 23.04 -3.74 8.52
N ALA B 48 23.47 -3.83 7.27
CA ALA B 48 24.09 -2.71 6.57
C ALA B 48 23.60 -2.73 5.13
N VAL B 49 22.93 -1.65 4.73
CA VAL B 49 22.29 -1.54 3.41
C VAL B 49 23.07 -0.54 2.57
N PHE B 50 23.35 -0.90 1.33
CA PHE B 50 24.10 -0.09 0.37
C PHE B 50 23.20 0.31 -0.81
N PRO B 51 23.63 1.26 -1.63
CA PRO B 51 22.76 1.78 -2.69
C PRO B 51 22.60 0.83 -3.88
N GLU B 52 21.62 1.18 -4.71
CA GLU B 52 21.27 0.42 -5.92
C GLU B 52 22.48 0.17 -6.81
N LEU B 53 22.63 -1.08 -7.26
CA LEU B 53 23.65 -1.44 -8.25
C LEU B 53 25.05 -1.09 -7.77
N THR B 54 25.28 -1.28 -6.47
CA THR B 54 26.54 -0.95 -5.82
C THR B 54 27.78 -1.38 -6.60
N LEU B 55 27.88 -2.66 -6.92
CA LEU B 55 29.12 -3.18 -7.47
C LEU B 55 29.41 -2.65 -8.88
N SER B 56 28.43 -2.11 -9.59
CA SER B 56 28.67 -1.62 -10.93
C SER B 56 28.48 -0.11 -11.09
N GLY B 57 27.69 0.53 -10.23
CA GLY B 57 27.32 1.92 -10.45
C GLY B 57 25.99 2.04 -11.16
N TYR B 58 25.06 2.79 -10.57
CA TYR B 58 23.71 2.82 -11.13
C TYR B 58 23.63 3.51 -12.49
N SER B 59 24.57 4.40 -12.80
CA SER B 59 24.45 5.34 -13.90
C SER B 59 25.22 4.95 -15.17
N ILE B 60 25.69 3.70 -15.27
CA ILE B 60 26.61 3.33 -16.34
C ILE B 60 25.86 2.84 -17.58
N GLU B 61 24.53 2.96 -17.57
CA GLU B 61 23.68 2.68 -18.73
C GLU B 61 24.10 1.42 -19.49
N ASP B 62 24.28 1.53 -20.82
CA ASP B 62 24.52 0.34 -21.65
C ASP B 62 25.82 -0.39 -21.29
N VAL B 63 26.68 0.19 -20.45
CA VAL B 63 27.86 -0.53 -20.00
C VAL B 63 27.48 -1.70 -19.11
N LEU B 64 26.24 -1.72 -18.61
CA LEU B 64 25.74 -2.88 -17.90
C LEU B 64 25.69 -4.11 -18.81
N LEU B 65 25.54 -3.91 -20.12
CA LEU B 65 25.44 -5.01 -21.07
C LEU B 65 26.79 -5.50 -21.59
N GLN B 66 27.90 -4.95 -21.09
CA GLN B 66 29.23 -5.38 -21.50
C GLN B 66 29.65 -6.58 -20.65
N ASP B 67 30.02 -7.67 -21.33
CA ASP B 67 30.28 -8.92 -20.61
C ASP B 67 31.44 -8.79 -19.61
N SER B 68 32.47 -8.01 -19.95
CA SER B 68 33.57 -7.84 -19.00
C SER B 68 33.09 -7.21 -17.71
N LEU B 69 32.17 -6.24 -17.80
CA LEU B 69 31.66 -5.59 -16.60
C LEU B 69 30.90 -6.57 -15.73
N LEU B 70 29.97 -7.33 -16.32
CA LEU B 70 29.22 -8.35 -15.57
C LEU B 70 30.16 -9.35 -14.92
N ASP B 71 31.21 -9.77 -15.63
CA ASP B 71 32.14 -10.74 -15.05
C ASP B 71 32.88 -10.15 -13.86
N ALA B 72 33.36 -8.90 -13.98
CA ALA B 72 34.00 -8.24 -12.84
C ALA B 72 33.03 -8.08 -11.67
N VAL B 73 31.75 -7.84 -11.97
CA VAL B 73 30.74 -7.76 -10.91
C VAL B 73 30.64 -9.10 -10.18
N GLU B 74 30.55 -10.20 -10.91
CA GLU B 74 30.50 -11.50 -10.24
C GLU B 74 31.76 -11.75 -9.41
N ASP B 75 32.93 -11.38 -9.93
CA ASP B 75 34.17 -11.62 -9.18
C ASP B 75 34.18 -10.82 -7.87
N ALA B 76 33.79 -9.55 -7.94
CA ALA B 76 33.78 -8.71 -6.75
C ALA B 76 32.71 -9.17 -5.77
N LEU B 77 31.57 -9.68 -6.27
CA LEU B 77 30.54 -10.21 -5.38
C LEU B 77 31.05 -11.43 -4.64
N LEU B 78 31.77 -12.33 -5.33
CA LEU B 78 32.32 -13.50 -4.66
C LEU B 78 33.39 -13.10 -3.63
N ASP B 79 34.24 -12.11 -3.97
CA ASP B 79 35.19 -11.59 -2.98
C ASP B 79 34.46 -11.08 -1.75
N LEU B 80 33.45 -10.24 -1.96
CA LEU B 80 32.64 -9.71 -0.86
C LEU B 80 32.07 -10.82 0.00
N VAL B 81 31.46 -11.84 -0.64
CA VAL B 81 30.91 -12.97 0.10
C VAL B 81 31.98 -13.58 0.99
N THR B 82 33.14 -13.94 0.40
CA THR B 82 34.18 -14.60 1.19
C THR B 82 34.60 -13.74 2.37
N GLU B 83 34.83 -12.45 2.14
CA GLU B 83 35.22 -11.57 3.23
C GLU B 83 34.14 -11.50 4.30
N SER B 84 32.87 -11.56 3.92
CA SER B 84 31.77 -11.43 4.87
C SER B 84 31.76 -12.53 5.92
N ALA B 85 32.63 -13.54 5.80
CA ALA B 85 32.66 -14.63 6.76
C ALA B 85 33.00 -14.14 8.16
N ASP B 86 33.78 -13.08 8.25
CA ASP B 86 34.19 -12.51 9.52
C ASP B 86 33.46 -11.21 9.82
N LEU B 87 32.32 -10.98 9.16
CA LEU B 87 31.56 -9.76 9.33
C LEU B 87 30.27 -10.07 10.05
N LEU B 88 30.04 -9.41 11.18
CA LEU B 88 28.80 -9.57 11.94
C LEU B 88 27.54 -9.27 11.12
N PRO B 89 27.39 -8.12 10.48
CA PRO B 89 26.08 -7.75 9.94
C PRO B 89 25.75 -8.49 8.64
N VAL B 90 24.46 -8.41 8.31
CA VAL B 90 23.96 -8.92 7.04
C VAL B 90 24.11 -7.80 6.02
N LEU B 91 24.92 -8.05 4.99
CA LEU B 91 25.19 -7.05 3.96
C LEU B 91 24.11 -7.15 2.89
N VAL B 92 23.60 -6.01 2.46
CA VAL B 92 22.66 -5.98 1.34
C VAL B 92 23.29 -5.10 0.27
N VAL B 93 23.83 -5.72 -0.78
CA VAL B 93 24.62 -5.01 -1.78
C VAL B 93 23.94 -5.10 -3.13
N GLY B 94 23.83 -3.97 -3.83
CA GLY B 94 23.28 -3.99 -5.19
C GLY B 94 24.26 -4.49 -6.24
N ALA B 95 23.71 -5.07 -7.32
CA ALA B 95 24.49 -5.63 -8.42
C ALA B 95 23.61 -6.02 -9.61
N PRO B 96 24.09 -5.87 -10.86
CA PRO B 96 23.33 -6.40 -11.99
C PRO B 96 23.76 -7.83 -12.29
N LEU B 97 22.87 -8.79 -12.04
CA LEU B 97 23.23 -10.20 -12.07
C LEU B 97 22.62 -10.90 -13.28
N ARG B 98 23.24 -12.01 -13.67
CA ARG B 98 22.79 -12.79 -14.81
C ARG B 98 21.82 -13.85 -14.33
N HIS B 99 20.62 -13.88 -14.93
CA HIS B 99 19.66 -14.93 -14.62
C HIS B 99 18.86 -15.24 -15.87
N ARG B 100 18.69 -16.53 -16.13
CA ARG B 100 18.06 -17.00 -17.36
C ARG B 100 18.53 -16.20 -18.55
N HIS B 101 17.68 -15.33 -19.09
CA HIS B 101 17.94 -14.61 -20.33
C HIS B 101 18.70 -13.31 -20.13
N ARG B 102 18.41 -12.60 -19.04
CA ARG B 102 18.81 -11.21 -18.95
C ARG B 102 19.59 -10.96 -17.67
N ILE B 103 19.90 -9.69 -17.46
CA ILE B 103 20.46 -9.19 -16.22
C ILE B 103 19.35 -8.51 -15.44
N TYR B 104 19.23 -8.87 -14.18
CA TYR B 104 18.28 -8.31 -13.25
C TYR B 104 19.01 -7.35 -12.30
N ASN B 105 18.28 -6.31 -11.87
CA ASN B 105 18.76 -5.32 -10.91
C ASN B 105 18.61 -5.90 -9.50
N THR B 106 19.63 -6.57 -9.00
CA THR B 106 19.46 -7.38 -7.81
C THR B 106 20.12 -6.75 -6.59
N ALA B 107 19.57 -7.09 -5.43
CA ALA B 107 20.20 -6.87 -4.14
C ALA B 107 20.60 -8.24 -3.61
N VAL B 108 21.90 -8.45 -3.43
CA VAL B 108 22.43 -9.69 -2.87
C VAL B 108 22.46 -9.54 -1.36
N VAL B 109 21.73 -10.43 -0.69
CA VAL B 109 21.70 -10.50 0.78
C VAL B 109 22.76 -11.51 1.19
N ILE B 110 23.84 -10.99 1.80
CA ILE B 110 25.06 -11.67 2.14
C ILE B 110 25.15 -11.77 3.64
N HIS B 111 25.66 -12.91 4.16
CA HIS B 111 25.84 -13.04 5.60
C HIS B 111 26.81 -14.17 5.92
N ARG B 112 27.80 -13.88 6.78
CA ARG B 112 28.75 -14.85 7.33
C ARG B 112 29.22 -15.86 6.29
N GLY B 113 29.69 -15.35 5.15
CA GLY B 113 30.37 -16.15 4.17
C GLY B 113 29.47 -16.88 3.19
N ALA B 114 28.16 -16.71 3.29
CA ALA B 114 27.23 -17.37 2.39
C ALA B 114 26.22 -16.36 1.86
N VAL B 115 25.67 -16.65 0.68
CA VAL B 115 24.65 -15.80 0.08
C VAL B 115 23.29 -16.31 0.53
N LEU B 116 22.65 -15.57 1.45
CA LEU B 116 21.31 -15.93 1.88
C LEU B 116 20.29 -15.77 0.77
N GLY B 117 20.39 -14.70 -0.01
CA GLY B 117 19.39 -14.57 -1.06
C GLY B 117 19.74 -13.53 -2.10
N VAL B 118 18.89 -13.43 -3.12
CA VAL B 118 19.07 -12.54 -4.25
C VAL B 118 17.71 -11.97 -4.64
N VAL B 119 17.47 -10.71 -4.34
CA VAL B 119 16.16 -10.08 -4.54
C VAL B 119 16.25 -9.14 -5.73
N PRO B 120 15.49 -9.37 -6.81
CA PRO B 120 15.51 -8.45 -7.94
C PRO B 120 14.60 -7.25 -7.74
N LYS B 121 14.99 -6.14 -8.36
CA LYS B 121 14.09 -5.00 -8.45
C LYS B 121 12.80 -5.41 -9.16
N SER B 122 11.69 -4.86 -8.71
CA SER B 122 10.39 -5.33 -9.22
C SER B 122 9.83 -4.44 -10.32
N TYR B 123 9.98 -3.13 -10.21
CA TYR B 123 9.40 -2.22 -11.18
C TYR B 123 10.51 -1.30 -11.70
N LEU B 124 10.96 -1.58 -12.92
CA LEU B 124 12.02 -0.80 -13.53
C LEU B 124 11.45 0.45 -14.18
N PRO B 125 11.77 1.63 -13.67
CA PRO B 125 11.19 2.86 -14.22
C PRO B 125 11.79 3.20 -15.58
N THR B 126 10.93 3.48 -16.54
CA THR B 126 11.34 3.89 -17.88
C THR B 126 10.50 5.11 -18.25
N TYR B 127 10.94 6.26 -17.74
CA TYR B 127 10.27 7.52 -17.96
C TYR B 127 11.20 8.65 -17.54
N ARG B 128 11.01 9.82 -18.15
CA ARG B 128 11.80 11.00 -17.82
C ARG B 128 13.30 10.70 -17.80
N GLU B 129 13.94 10.91 -16.66
CA GLU B 129 15.37 10.69 -16.58
C GLU B 129 15.76 9.22 -16.46
N PHE B 130 14.80 8.29 -16.50
CA PHE B 130 15.03 6.88 -16.24
C PHE B 130 14.81 6.01 -17.48
N TYR B 131 15.76 5.13 -17.78
CA TYR B 131 15.70 4.25 -18.93
C TYR B 131 16.07 2.82 -18.52
N GLU B 132 15.36 2.27 -17.54
CA GLU B 132 15.88 1.06 -16.91
C GLU B 132 15.50 -0.22 -17.63
N ARG B 133 14.37 -0.26 -18.34
CA ARG B 133 13.96 -1.49 -19.00
C ARG B 133 14.83 -1.79 -20.21
N ARG B 134 15.55 -0.78 -20.72
CA ARG B 134 16.52 -0.99 -21.78
C ARG B 134 17.56 -2.02 -21.38
N GLN B 135 18.32 -1.74 -20.32
CA GLN B 135 19.38 -2.67 -19.96
C GLN B 135 18.88 -3.89 -19.17
N MET B 136 17.87 -3.74 -18.32
CA MET B 136 17.58 -4.76 -17.32
C MET B 136 16.13 -5.19 -17.42
N ALA B 137 15.81 -6.27 -16.68
CA ALA B 137 14.55 -7.00 -16.73
C ALA B 137 13.78 -6.85 -15.43
N PRO B 138 12.45 -6.76 -15.50
CA PRO B 138 11.66 -6.75 -14.27
C PRO B 138 11.71 -8.10 -13.58
N GLY B 139 11.62 -8.07 -12.25
CA GLY B 139 11.60 -9.26 -11.45
C GLY B 139 10.27 -9.62 -10.82
N ASP B 140 9.18 -8.93 -11.14
CA ASP B 140 7.90 -9.21 -10.50
C ASP B 140 7.38 -10.55 -10.98
N GLY B 141 7.42 -11.54 -10.09
CA GLY B 141 7.00 -12.88 -10.42
C GLY B 141 8.13 -13.86 -10.60
N GLU B 142 9.37 -13.39 -10.64
CA GLU B 142 10.49 -14.31 -10.75
C GLU B 142 10.71 -14.99 -9.41
N ARG B 143 10.62 -16.31 -9.39
CA ARG B 143 10.92 -17.11 -8.20
C ARG B 143 12.06 -18.07 -8.53
N GLY B 144 12.27 -19.04 -7.64
CA GLY B 144 13.26 -20.06 -7.93
C GLY B 144 14.61 -19.82 -7.29
N THR B 145 15.66 -20.32 -7.93
CA THR B 145 17.03 -20.13 -7.45
C THR B 145 17.88 -19.51 -8.56
N ILE B 146 18.99 -18.93 -8.14
CA ILE B 146 20.01 -18.39 -9.02
C ILE B 146 21.34 -18.98 -8.60
N ARG B 147 22.21 -19.22 -9.57
CA ARG B 147 23.49 -19.87 -9.33
C ARG B 147 24.55 -18.80 -9.10
N ILE B 148 25.14 -18.79 -7.91
CA ILE B 148 26.11 -17.76 -7.55
C ILE B 148 27.22 -18.42 -6.76
N GLY B 149 28.41 -18.50 -7.35
CA GLY B 149 29.55 -19.14 -6.73
C GLY B 149 29.35 -20.61 -6.46
N GLY B 150 28.84 -21.34 -7.44
CA GLY B 150 28.58 -22.76 -7.27
C GLY B 150 27.62 -23.10 -6.15
N ALA B 151 26.57 -22.30 -5.99
CA ALA B 151 25.53 -22.56 -4.98
C ALA B 151 24.20 -22.05 -5.49
N ASP B 152 23.16 -22.85 -5.32
CA ASP B 152 21.80 -22.50 -5.76
C ASP B 152 21.13 -21.77 -4.62
N VAL B 153 20.88 -20.47 -4.78
CA VAL B 153 20.36 -19.66 -3.70
C VAL B 153 18.98 -19.13 -4.10
N ALA B 154 18.18 -18.80 -3.10
CA ALA B 154 16.82 -18.31 -3.37
C ALA B 154 16.87 -17.04 -4.22
N PHE B 155 15.91 -16.91 -5.14
CA PHE B 155 15.86 -15.78 -6.06
C PHE B 155 14.40 -15.35 -6.21
N GLY B 156 14.08 -14.12 -5.82
CA GLY B 156 12.73 -13.65 -6.05
C GLY B 156 12.34 -12.50 -5.15
N THR B 157 11.19 -11.90 -5.49
CA THR B 157 10.56 -10.82 -4.76
C THR B 157 9.74 -11.31 -3.56
N ASP B 158 9.94 -12.56 -3.14
CA ASP B 158 9.08 -13.22 -2.16
C ASP B 158 9.87 -13.74 -0.97
N LEU B 159 11.04 -13.19 -0.71
CA LEU B 159 11.92 -13.71 0.32
C LEU B 159 11.71 -12.97 1.64
N LEU B 160 12.10 -13.62 2.73
CA LEU B 160 12.15 -13.01 4.05
C LEU B 160 13.39 -13.54 4.75
N PHE B 161 14.13 -12.66 5.39
CA PHE B 161 15.37 -13.05 6.05
C PHE B 161 15.18 -12.82 7.54
N ALA B 162 14.85 -13.91 8.24
CA ALA B 162 14.47 -13.88 9.65
C ALA B 162 15.63 -14.38 10.51
N ALA B 163 15.94 -13.65 11.57
CA ALA B 163 16.99 -14.05 12.49
C ALA B 163 16.44 -15.09 13.45
N SER B 164 17.08 -16.26 13.47
CA SER B 164 16.57 -17.37 14.28
C SER B 164 16.75 -17.10 15.77
N ASP B 165 17.74 -16.29 16.14
CA ASP B 165 17.97 -15.91 17.52
C ASP B 165 17.49 -14.50 17.86
N LEU B 166 17.03 -13.73 16.88
CA LEU B 166 16.41 -12.41 17.10
C LEU B 166 15.05 -12.39 16.40
N PRO B 167 14.02 -12.93 17.06
CA PRO B 167 12.73 -13.11 16.37
C PRO B 167 12.07 -11.81 15.95
N GLY B 168 12.42 -10.68 16.57
CA GLY B 168 11.88 -9.42 16.13
C GLY B 168 12.50 -8.88 14.88
N PHE B 169 13.60 -9.48 14.43
CA PHE B 169 14.37 -9.02 13.29
C PHE B 169 14.06 -9.91 12.08
N VAL B 170 13.20 -9.41 11.19
CA VAL B 170 12.83 -10.13 9.98
C VAL B 170 12.99 -9.17 8.81
N LEU B 171 13.94 -9.45 7.93
CA LEU B 171 14.35 -8.51 6.89
C LEU B 171 13.61 -8.79 5.59
N HIS B 172 13.12 -7.72 4.98
CA HIS B 172 12.70 -7.74 3.59
C HIS B 172 13.43 -6.63 2.84
N VAL B 173 13.68 -6.87 1.56
CA VAL B 173 14.51 -6.00 0.74
C VAL B 173 13.75 -5.70 -0.55
N GLU B 174 13.51 -4.43 -0.81
CA GLU B 174 13.07 -3.99 -2.13
C GLU B 174 14.12 -2.98 -2.63
N ILE B 175 13.85 -2.39 -3.80
CA ILE B 175 14.86 -1.57 -4.47
C ILE B 175 14.19 -0.35 -5.11
N ALA B 176 14.65 0.84 -4.71
CA ALA B 176 14.24 2.13 -5.26
C ALA B 176 12.77 2.19 -5.64
N GLU B 177 12.48 2.34 -6.93
CA GLU B 177 11.14 2.53 -7.46
C GLU B 177 10.10 1.60 -6.85
N ASP B 178 10.55 0.48 -6.29
CA ASP B 178 9.65 -0.47 -5.66
C ASP B 178 8.73 0.19 -4.64
N MET B 179 9.27 1.12 -3.84
CA MET B 179 8.45 1.69 -2.78
C MET B 179 7.58 2.85 -3.27
N PHE B 180 7.64 3.20 -4.55
CA PHE B 180 6.92 4.36 -5.06
C PHE B 180 5.63 4.01 -5.77
N VAL B 181 5.25 2.74 -5.83
CA VAL B 181 4.06 2.30 -6.56
C VAL B 181 2.89 2.10 -5.61
N PRO B 182 1.64 2.16 -6.08
CA PRO B 182 0.50 2.00 -5.19
C PRO B 182 0.57 0.79 -4.27
N MET B 183 1.19 -0.29 -4.69
CA MET B 183 1.23 -1.50 -3.87
C MET B 183 2.66 -2.01 -3.85
N PRO B 184 3.47 -1.49 -2.92
CA PRO B 184 4.87 -1.85 -2.90
C PRO B 184 5.07 -3.27 -2.41
N PRO B 185 6.13 -3.95 -2.87
CA PRO B 185 6.49 -5.26 -2.28
C PRO B 185 6.64 -5.24 -0.77
N SER B 186 7.08 -4.11 -0.22
CA SER B 186 7.36 -4.04 1.21
C SER B 186 6.08 -4.16 2.04
N ALA B 187 4.96 -3.61 1.56
CA ALA B 187 3.71 -3.75 2.31
C ALA B 187 3.30 -5.21 2.43
N GLU B 188 3.23 -5.92 1.30
CA GLU B 188 2.99 -7.35 1.38
C GLU B 188 3.92 -8.00 2.37
N ALA B 189 5.24 -7.78 2.23
CA ALA B 189 6.19 -8.45 3.10
C ALA B 189 5.93 -8.15 4.58
N ALA B 190 5.58 -6.89 4.88
CA ALA B 190 5.30 -6.54 6.26
C ALA B 190 4.14 -7.36 6.80
N LEU B 191 3.04 -7.42 6.06
CA LEU B 191 1.95 -8.31 6.44
C LEU B 191 2.46 -9.74 6.65
N ALA B 192 3.34 -10.20 5.76
CA ALA B 192 3.90 -11.55 5.86
C ALA B 192 4.84 -11.74 7.03
N GLY B 193 5.18 -10.67 7.76
CA GLY B 193 5.99 -10.85 8.94
C GLY B 193 7.28 -10.08 8.94
N ALA B 194 7.45 -9.18 7.97
CA ALA B 194 8.67 -8.40 7.89
C ALA B 194 8.66 -7.29 8.92
N THR B 195 9.76 -7.12 9.65
CA THR B 195 9.89 -6.05 10.63
C THR B 195 10.84 -4.95 10.23
N VAL B 196 11.84 -5.25 9.41
CA VAL B 196 12.80 -4.27 8.92
C VAL B 196 12.73 -4.28 7.40
N LEU B 197 12.30 -3.16 6.81
CA LEU B 197 12.16 -3.04 5.37
C LEU B 197 13.36 -2.28 4.82
N ALA B 198 14.15 -2.93 3.97
CA ALA B 198 15.35 -2.33 3.41
C ALA B 198 15.12 -1.85 1.98
N ASN B 199 15.71 -0.70 1.64
CA ASN B 199 15.60 -0.12 0.31
C ASN B 199 16.98 0.28 -0.19
N LEU B 200 17.43 -0.34 -1.28
CA LEU B 200 18.59 0.11 -2.01
C LEU B 200 18.08 1.06 -3.08
N SER B 201 18.70 2.23 -3.20
CA SER B 201 18.17 3.23 -4.11
C SER B 201 19.30 3.97 -4.79
N GLY B 202 19.18 4.15 -6.10
CA GLY B 202 20.12 4.99 -6.81
C GLY B 202 19.72 6.43 -6.61
N SER B 203 18.52 6.76 -7.07
CA SER B 203 17.86 8.04 -6.77
C SER B 203 18.72 9.24 -7.18
N PRO B 204 18.73 9.60 -8.46
CA PRO B 204 19.33 10.88 -8.84
C PRO B 204 18.61 12.02 -8.12
N ILE B 205 19.37 12.89 -7.48
CA ILE B 205 18.79 13.94 -6.67
C ILE B 205 18.28 15.06 -7.57
N THR B 206 17.23 15.73 -7.10
CA THR B 206 16.50 16.73 -7.85
C THR B 206 15.77 17.60 -6.84
N ILE B 207 15.38 18.80 -7.27
CA ILE B 207 14.63 19.69 -6.40
C ILE B 207 13.41 18.94 -5.88
N GLY B 208 13.36 18.73 -4.58
CA GLY B 208 12.19 18.17 -3.93
C GLY B 208 12.08 16.66 -3.96
N ARG B 209 13.06 15.95 -4.52
CA ARG B 209 12.99 14.50 -4.51
C ARG B 209 13.34 13.93 -3.13
N ALA B 210 14.23 14.59 -2.39
CA ALA B 210 14.46 14.18 -1.00
C ALA B 210 13.20 14.30 -0.19
N GLU B 211 12.35 15.27 -0.52
CA GLU B 211 11.05 15.38 0.13
C GLU B 211 10.19 14.15 -0.15
N ASP B 212 10.17 13.69 -1.41
CA ASP B 212 9.40 12.49 -1.77
C ASP B 212 9.98 11.24 -1.14
N ARG B 213 11.31 11.10 -1.16
CA ARG B 213 11.96 10.00 -0.46
C ARG B 213 11.50 9.94 0.98
N ARG B 214 11.56 11.09 1.68
CA ARG B 214 11.20 11.11 3.09
C ARG B 214 9.72 10.78 3.27
N LEU B 215 8.85 11.44 2.49
CA LEU B 215 7.41 11.18 2.57
C LEU B 215 7.12 9.70 2.48
N LEU B 216 7.59 9.06 1.41
CA LEU B 216 7.22 7.68 1.21
C LEU B 216 7.90 6.76 2.21
N ALA B 217 9.17 7.03 2.57
CA ALA B 217 9.85 6.16 3.53
C ALA B 217 9.18 6.20 4.90
N ARG B 218 8.88 7.40 5.38
CA ARG B 218 8.20 7.52 6.66
C ARG B 218 6.80 6.92 6.60
N SER B 219 6.07 7.20 5.50
CA SER B 219 4.74 6.61 5.35
C SER B 219 4.81 5.09 5.37
N ALA B 220 5.81 4.50 4.71
CA ALA B 220 6.00 3.06 4.74
C ALA B 220 6.22 2.58 6.17
N SER B 221 7.15 3.21 6.89
CA SER B 221 7.43 2.79 8.26
C SER B 221 6.19 2.86 9.13
N ALA B 222 5.33 3.86 8.89
CA ALA B 222 4.14 4.01 9.72
C ALA B 222 3.07 2.98 9.36
N ARG B 223 2.66 2.98 8.09
CA ARG B 223 1.64 2.04 7.63
C ARG B 223 2.05 0.60 7.83
N CYS B 224 3.30 0.26 7.51
CA CYS B 224 3.71 -1.13 7.64
C CYS B 224 4.14 -1.48 9.06
N LEU B 225 4.11 -0.51 9.98
CA LEU B 225 4.53 -0.70 11.38
C LEU B 225 5.90 -1.38 11.45
N ALA B 226 6.84 -0.84 10.69
CA ALA B 226 8.14 -1.47 10.57
C ALA B 226 9.24 -0.40 10.60
N ALA B 227 10.48 -0.89 10.62
CA ALA B 227 11.65 -0.05 10.41
C ALA B 227 12.02 -0.07 8.93
N TYR B 228 12.35 1.10 8.41
CA TYR B 228 12.65 1.31 7.01
C TYR B 228 14.07 1.86 6.88
N VAL B 229 14.94 1.12 6.21
CA VAL B 229 16.34 1.50 6.06
C VAL B 229 16.56 1.89 4.60
N TYR B 230 17.02 3.13 4.37
CA TYR B 230 17.15 3.72 3.04
C TYR B 230 18.60 4.14 2.80
N ALA B 231 19.12 3.80 1.61
CA ALA B 231 20.48 4.16 1.23
C ALA B 231 20.53 4.53 -0.24
N ALA B 232 20.98 5.75 -0.55
CA ALA B 232 21.01 6.24 -1.93
C ALA B 232 22.44 6.44 -2.41
N ALA B 233 22.59 6.56 -3.74
CA ALA B 233 23.90 6.67 -4.38
C ALA B 233 24.49 8.06 -4.21
N GLY B 234 25.83 8.12 -4.11
CA GLY B 234 26.54 9.33 -3.74
C GLY B 234 27.63 9.69 -4.73
N GLU B 235 28.77 10.10 -4.18
CA GLU B 235 29.91 10.54 -5.00
C GLU B 235 30.42 9.40 -5.86
N GLY B 236 30.61 9.68 -7.16
CA GLY B 236 31.17 8.74 -8.10
C GLY B 236 30.25 8.35 -9.24
N GLU B 237 28.94 8.50 -9.06
CA GLU B 237 28.01 8.19 -10.14
C GLU B 237 28.13 9.25 -11.23
N SER B 238 28.15 8.79 -12.47
CA SER B 238 28.35 9.65 -13.62
C SER B 238 27.41 10.84 -13.62
N THR B 239 27.99 12.04 -13.53
CA THR B 239 27.22 13.27 -13.63
C THR B 239 27.10 13.73 -15.08
N THR B 240 27.06 12.79 -16.02
CA THR B 240 26.75 13.11 -17.42
C THR B 240 25.44 13.86 -17.53
N ASP B 241 24.39 13.35 -16.86
CA ASP B 241 23.10 14.03 -16.88
C ASP B 241 22.43 14.14 -15.51
N LEU B 242 22.99 13.57 -14.45
CA LEU B 242 22.34 13.59 -13.15
C LEU B 242 23.35 13.94 -12.07
N ALA B 243 22.83 14.31 -10.90
CA ALA B 243 23.61 14.56 -9.69
C ALA B 243 23.12 13.64 -8.58
N TRP B 244 23.96 13.47 -7.55
CA TRP B 244 23.74 12.41 -6.57
C TRP B 244 24.05 12.92 -5.17
N ASP B 245 23.08 12.82 -4.25
CA ASP B 245 23.23 13.41 -2.92
C ASP B 245 23.61 12.43 -1.83
N GLY B 246 23.47 11.13 -2.07
CA GLY B 246 23.91 10.14 -1.11
C GLY B 246 23.17 10.23 0.21
N GLN B 247 21.86 10.45 0.15
CA GLN B 247 21.08 10.51 1.37
C GLN B 247 20.85 9.09 1.91
N THR B 248 21.04 8.92 3.21
CA THR B 248 20.71 7.68 3.88
C THR B 248 19.89 8.01 5.12
N MET B 249 18.91 7.16 5.42
CA MET B 249 18.06 7.44 6.57
C MET B 249 17.51 6.13 7.12
N ILE B 250 17.07 6.19 8.37
CA ILE B 250 16.52 5.04 9.06
C ILE B 250 15.27 5.53 9.76
N TRP B 251 14.11 4.98 9.40
CA TRP B 251 12.81 5.35 9.94
C TRP B 251 12.26 4.22 10.79
N GLU B 252 11.42 4.56 11.78
CA GLU B 252 10.81 3.54 12.63
C GLU B 252 9.42 4.00 13.05
N ASN B 253 8.39 3.38 12.47
CA ASN B 253 6.99 3.63 12.81
C ASN B 253 6.61 5.09 12.61
N GLY B 254 7.09 5.67 11.52
CA GLY B 254 6.83 7.04 11.18
C GLY B 254 7.77 8.04 11.79
N ALA B 255 8.75 7.59 12.58
CA ALA B 255 9.64 8.48 13.30
C ALA B 255 11.07 8.30 12.81
N LEU B 256 11.68 9.40 12.38
CA LEU B 256 13.06 9.38 11.88
C LEU B 256 14.02 9.00 12.99
N LEU B 257 14.66 7.85 12.85
CA LEU B 257 15.67 7.43 13.81
C LEU B 257 17.03 8.02 13.49
N ALA B 258 17.37 8.13 12.21
CA ALA B 258 18.68 8.69 11.85
C ALA B 258 18.68 9.11 10.40
N GLU B 259 19.62 10.00 10.06
CA GLU B 259 19.89 10.37 8.67
C GLU B 259 21.28 10.98 8.59
N SER B 260 21.81 11.08 7.37
CA SER B 260 23.19 11.48 7.20
C SER B 260 23.26 12.75 6.37
N GLU B 261 24.46 13.36 6.37
CA GLU B 261 24.67 14.61 5.64
C GLU B 261 24.38 14.42 4.15
N ARG B 262 23.54 15.29 3.59
CA ARG B 262 23.34 15.28 2.15
C ARG B 262 24.54 15.89 1.42
N PHE B 263 24.70 15.49 0.15
CA PHE B 263 25.82 15.89 -0.69
C PHE B 263 27.15 15.84 0.04
N PRO B 264 27.51 14.73 0.68
CA PRO B 264 28.74 14.71 1.46
C PRO B 264 29.96 14.59 0.57
N LYS B 265 31.12 14.92 1.16
CA LYS B 265 32.43 14.62 0.58
C LYS B 265 32.97 13.43 1.37
N GLY B 266 32.95 12.25 0.76
CA GLY B 266 33.33 11.04 1.42
C GLY B 266 32.11 10.22 1.82
N VAL B 267 32.36 8.94 2.13
CA VAL B 267 31.28 8.01 2.44
C VAL B 267 30.57 8.40 3.73
N ARG B 268 29.35 7.87 3.92
CA ARG B 268 28.54 8.17 5.10
C ARG B 268 27.76 6.94 5.53
N ARG B 269 27.40 6.91 6.81
CA ARG B 269 26.53 5.88 7.40
C ARG B 269 25.48 6.54 8.27
N SER B 270 24.32 5.89 8.36
CA SER B 270 23.33 6.18 9.39
C SER B 270 23.16 4.90 10.20
N VAL B 271 23.60 4.93 11.46
CA VAL B 271 23.54 3.77 12.35
C VAL B 271 22.57 4.07 13.47
N ALA B 272 21.61 3.17 13.69
CA ALA B 272 20.64 3.36 14.75
C ALA B 272 20.26 2.03 15.39
N ASP B 273 19.68 2.12 16.57
CA ASP B 273 19.15 0.95 17.27
C ASP B 273 17.64 0.95 17.12
N VAL B 274 17.14 -0.03 16.40
CA VAL B 274 15.70 -0.22 16.22
C VAL B 274 15.16 -1.04 17.37
N ASP B 275 14.08 -0.55 17.98
CA ASP B 275 13.39 -1.26 19.04
C ASP B 275 12.44 -2.24 18.34
N THR B 276 12.84 -3.50 18.25
CA THR B 276 11.94 -4.49 17.67
C THR B 276 10.72 -4.70 18.55
N GLU B 277 10.89 -4.60 19.87
CA GLU B 277 9.76 -4.78 20.79
C GLU B 277 8.68 -3.72 20.56
N LEU B 278 9.08 -2.48 20.23
CA LEU B 278 8.11 -1.43 19.94
C LEU B 278 7.23 -1.83 18.75
N LEU B 279 7.85 -2.34 17.69
CA LEU B 279 7.09 -2.83 16.55
C LEU B 279 6.21 -4.00 16.97
N ARG B 280 6.82 -4.99 17.63
CA ARG B 280 6.08 -6.17 18.10
C ARG B 280 4.82 -5.74 18.81
N SER B 281 4.92 -4.70 19.64
CA SER B 281 3.80 -4.29 20.48
C SER B 281 2.75 -3.53 19.68
N GLU B 282 3.19 -2.59 18.83
CA GLU B 282 2.26 -1.92 17.94
C GLU B 282 1.47 -2.91 17.11
N ARG B 283 2.09 -4.03 16.73
CA ARG B 283 1.42 -5.04 15.93
C ARG B 283 0.57 -5.97 16.78
N LEU B 284 0.93 -6.14 18.05
CA LEU B 284 0.10 -6.87 18.98
C LEU B 284 -1.23 -6.17 19.20
N ARG B 285 -1.22 -4.84 19.18
CA ARG B 285 -2.42 -4.13 19.56
C ARG B 285 -3.27 -3.69 18.37
N MET B 286 -2.70 -3.55 17.18
CA MET B 286 -3.51 -3.14 16.03
C MET B 286 -4.04 -4.38 15.31
N GLY B 287 -5.20 -4.85 15.76
CA GLY B 287 -5.81 -6.03 15.16
C GLY B 287 -5.99 -5.91 13.66
N THR B 288 -6.31 -4.71 13.18
CA THR B 288 -6.55 -4.49 11.76
C THR B 288 -5.34 -4.79 10.89
N PHE B 289 -4.12 -4.77 11.45
CA PHE B 289 -2.94 -5.21 10.70
C PHE B 289 -3.06 -6.67 10.31
N ASP B 290 -3.27 -7.53 11.31
CA ASP B 290 -3.47 -8.95 11.06
C ASP B 290 -4.74 -9.18 10.24
N ASP B 291 -5.76 -8.34 10.44
CA ASP B 291 -6.96 -8.41 9.63
C ASP B 291 -6.63 -8.24 8.15
N ASN B 292 -5.80 -7.25 7.85
CA ASN B 292 -5.38 -7.00 6.47
C ASN B 292 -4.57 -8.16 5.93
N ARG B 293 -3.65 -8.70 6.74
CA ARG B 293 -2.88 -9.85 6.29
C ARG B 293 -3.77 -11.01 5.93
N ARG B 294 -4.74 -11.30 6.78
CA ARG B 294 -5.64 -12.42 6.50
C ARG B 294 -6.42 -12.16 5.22
N HIS B 295 -6.85 -10.92 4.99
CA HIS B 295 -7.61 -10.64 3.77
C HIS B 295 -6.80 -10.92 2.52
N HIS B 296 -5.48 -10.78 2.60
CA HIS B 296 -4.57 -11.11 1.51
C HIS B 296 -3.75 -12.34 1.87
N ARG B 297 -4.40 -13.43 2.28
CA ARG B 297 -3.67 -14.59 2.78
C ARG B 297 -2.82 -15.25 1.69
N GLU B 298 -3.37 -15.43 0.49
CA GLU B 298 -2.59 -16.02 -0.59
C GLU B 298 -1.31 -15.24 -0.83
N LEU B 299 -1.42 -13.92 -0.96
CA LEU B 299 -0.22 -13.11 -1.21
C LEU B 299 0.81 -13.24 -0.10
N THR B 300 0.37 -13.43 1.13
CA THR B 300 1.25 -13.34 2.29
C THR B 300 1.80 -14.68 2.76
N GLU B 301 1.18 -15.80 2.36
CA GLU B 301 1.74 -17.11 2.66
C GLU B 301 2.73 -17.56 1.60
N SER B 302 2.72 -16.92 0.43
CA SER B 302 3.64 -17.29 -0.62
C SER B 302 5.07 -16.85 -0.31
N PHE B 303 5.34 -16.24 0.82
CA PHE B 303 6.71 -15.82 1.07
C PHE B 303 7.55 -17.00 1.55
N ARG B 304 8.85 -16.93 1.24
CA ARG B 304 9.84 -17.92 1.65
C ARG B 304 10.71 -17.34 2.76
N ARG B 305 10.82 -18.07 3.87
CA ARG B 305 11.63 -17.67 5.01
C ARG B 305 13.00 -18.32 4.92
N ILE B 306 14.04 -17.49 4.80
CA ILE B 306 15.43 -17.94 4.82
C ILE B 306 15.99 -17.67 6.20
N ASP B 307 16.37 -18.72 6.92
CA ASP B 307 16.79 -18.63 8.30
C ASP B 307 18.30 -18.41 8.40
N PHE B 308 18.70 -17.48 9.28
CA PHE B 308 20.11 -17.22 9.56
C PHE B 308 20.31 -16.94 11.04
N ALA B 309 21.45 -17.41 11.58
CA ALA B 309 21.80 -17.24 12.99
C ALA B 309 22.74 -16.05 13.09
N LEU B 310 22.26 -14.96 13.71
CA LEU B 310 23.02 -13.71 13.71
C LEU B 310 24.10 -13.70 14.78
N ASP B 311 23.79 -14.18 15.99
CA ASP B 311 24.71 -14.22 17.11
C ASP B 311 25.30 -12.84 17.37
N PRO B 312 24.54 -11.93 17.98
CA PRO B 312 25.00 -10.55 18.09
C PRO B 312 25.87 -10.37 19.32
N PRO B 313 26.59 -9.24 19.42
CA PRO B 313 27.42 -8.99 20.61
C PRO B 313 26.55 -8.82 21.86
N ALA B 314 26.92 -9.54 22.92
CA ALA B 314 26.11 -9.60 24.13
C ALA B 314 26.55 -8.63 25.21
N GLY B 315 27.52 -7.76 24.93
CA GLY B 315 28.01 -6.83 25.92
C GLY B 315 27.29 -5.49 25.85
N ASP B 316 27.83 -4.52 26.59
CA ASP B 316 27.36 -3.15 26.55
C ASP B 316 27.90 -2.48 25.30
N ILE B 317 27.02 -2.08 24.39
CA ILE B 317 27.45 -1.34 23.20
C ILE B 317 26.63 -0.06 23.12
N GLY B 318 26.15 0.41 24.27
CA GLY B 318 25.37 1.62 24.30
C GLY B 318 24.02 1.46 23.63
N LEU B 319 23.40 2.61 23.34
CA LEU B 319 22.09 2.65 22.70
C LEU B 319 22.06 3.85 21.77
N LEU B 320 22.21 3.61 20.47
CA LEU B 320 22.17 4.68 19.49
C LEU B 320 20.72 5.07 19.21
N ARG B 321 20.11 5.73 20.19
CA ARG B 321 18.71 6.09 20.11
C ARG B 321 18.43 7.24 21.06
N GLU B 322 17.72 8.27 20.59
CA GLU B 322 17.39 9.43 21.43
C GLU B 322 16.10 9.10 22.21
N VAL B 323 16.25 8.65 23.45
CA VAL B 323 15.12 8.39 24.33
C VAL B 323 14.77 9.68 25.07
N GLU B 324 13.61 10.27 24.79
CA GLU B 324 13.26 11.52 25.42
C GLU B 324 12.85 11.31 26.88
N ARG B 325 13.23 12.28 27.73
CA ARG B 325 12.97 12.20 29.16
C ARG B 325 11.48 12.26 29.47
N PHE B 326 10.71 13.01 28.68
CA PHE B 326 9.29 13.22 28.98
C PHE B 326 8.47 12.67 27.81
N PRO B 327 8.11 11.38 27.84
CA PRO B 327 7.35 10.82 26.73
C PRO B 327 6.08 11.57 26.41
N PHE B 328 5.50 12.24 27.39
CA PHE B 328 4.30 13.02 27.15
C PHE B 328 4.61 14.46 26.76
N VAL B 329 5.82 14.93 27.00
CA VAL B 329 6.20 16.32 26.77
C VAL B 329 7.37 16.35 25.79
N PRO B 330 7.12 16.64 24.51
CA PRO B 330 8.22 16.65 23.54
C PRO B 330 9.14 17.84 23.78
N ALA B 331 10.45 17.58 23.69
CA ALA B 331 11.46 18.61 23.92
C ALA B 331 11.61 19.59 22.77
N ASP B 332 11.04 19.31 21.60
CA ASP B 332 11.10 20.26 20.50
C ASP B 332 10.07 21.36 20.72
N PRO B 333 10.47 22.63 20.71
CA PRO B 333 9.52 23.70 21.05
C PRO B 333 8.33 23.79 20.12
N GLN B 334 8.54 23.55 18.82
CA GLN B 334 7.45 23.64 17.87
C GLN B 334 6.43 22.53 18.13
N ARG B 335 6.91 21.30 18.29
CA ARG B 335 6.05 20.16 18.59
C ARG B 335 5.37 20.29 19.94
N LEU B 336 6.07 20.82 20.95
CA LEU B 336 5.46 20.98 22.25
C LEU B 336 4.33 22.00 22.18
N GLN B 337 4.53 23.09 21.44
CA GLN B 337 3.45 24.06 21.24
C GLN B 337 2.26 23.39 20.57
N GLN B 338 2.50 22.62 19.51
CA GLN B 338 1.40 21.93 18.83
C GLN B 338 0.68 20.98 19.77
N ASP B 339 1.45 20.19 20.52
CA ASP B 339 0.87 19.26 21.49
C ASP B 339 -0.03 19.98 22.46
N CYS B 340 0.47 21.07 23.05
CA CYS B 340 -0.26 21.79 24.09
C CYS B 340 -1.53 22.44 23.54
N TYR B 341 -1.43 23.04 22.34
CA TYR B 341 -2.63 23.50 21.65
C TYR B 341 -3.69 22.40 21.55
N GLU B 342 -3.29 21.22 21.04
CA GLU B 342 -4.25 20.15 20.82
C GLU B 342 -4.88 19.70 22.13
N ALA B 343 -4.05 19.41 23.13
CA ALA B 343 -4.55 18.97 24.43
C ALA B 343 -5.54 19.97 25.02
N TYR B 344 -5.15 21.25 25.11
CA TYR B 344 -6.04 22.28 25.65
C TYR B 344 -7.36 22.34 24.88
N ASN B 345 -7.29 22.21 23.56
CA ASN B 345 -8.51 22.30 22.76
C ASN B 345 -9.42 21.11 22.95
N ILE B 346 -8.87 19.91 23.08
CA ILE B 346 -9.76 18.75 23.28
C ILE B 346 -10.40 18.80 24.66
N GLN B 347 -9.66 19.27 25.68
CA GLN B 347 -10.28 19.43 27.00
C GLN B 347 -11.45 20.40 26.93
N VAL B 348 -11.18 21.61 26.42
CA VAL B 348 -12.25 22.62 26.30
C VAL B 348 -13.44 22.08 25.52
N SER B 349 -13.19 21.38 24.40
CA SER B 349 -14.28 21.00 23.51
C SER B 349 -15.10 19.87 24.09
N GLY B 350 -14.45 18.94 24.80
CA GLY B 350 -15.20 17.90 25.47
C GLY B 350 -16.10 18.46 26.55
N LEU B 351 -15.58 19.41 27.34
CA LEU B 351 -16.44 20.03 28.34
C LEU B 351 -17.56 20.83 27.67
N GLU B 352 -17.25 21.57 26.60
CA GLU B 352 -18.27 22.30 25.85
C GLU B 352 -19.43 21.40 25.50
N GLN B 353 -19.14 20.20 24.97
CA GLN B 353 -20.22 19.30 24.57
C GLN B 353 -21.02 18.80 25.77
N ARG B 354 -20.32 18.32 26.81
CA ARG B 354 -21.02 17.89 28.03
C ARG B 354 -21.98 18.97 28.49
N LEU B 355 -21.55 20.24 28.42
CA LEU B 355 -22.37 21.34 28.90
C LEU B 355 -23.55 21.59 27.98
N ARG B 356 -23.32 21.65 26.67
CA ARG B 356 -24.45 21.84 25.75
C ARG B 356 -25.52 20.79 26.00
N ALA B 357 -25.09 19.56 26.29
CA ALA B 357 -26.04 18.49 26.54
C ALA B 357 -26.98 18.82 27.70
N LEU B 358 -26.42 19.32 28.80
CA LEU B 358 -27.19 19.62 30.01
C LEU B 358 -27.75 21.06 30.04
N ASP B 359 -28.12 21.62 28.87
CA ASP B 359 -28.74 22.94 28.75
C ASP B 359 -28.01 24.02 29.53
N TYR B 360 -26.70 23.87 29.63
CA TYR B 360 -25.77 24.81 30.25
C TYR B 360 -26.04 24.97 31.73
N PRO B 361 -25.65 23.99 32.56
CA PRO B 361 -25.72 24.15 34.01
C PRO B 361 -24.58 25.03 34.51
N LYS B 362 -24.54 25.24 35.83
CA LYS B 362 -23.39 25.90 36.42
C LYS B 362 -22.27 24.91 36.66
N VAL B 363 -21.08 25.44 36.94
CA VAL B 363 -19.85 24.65 36.96
C VAL B 363 -19.22 24.78 38.34
N VAL B 364 -19.48 23.80 39.20
CA VAL B 364 -18.94 23.78 40.55
C VAL B 364 -17.56 23.15 40.54
N ILE B 365 -16.57 23.86 41.07
CA ILE B 365 -15.22 23.32 41.18
C ILE B 365 -14.57 23.84 42.45
N GLY B 366 -13.97 22.94 43.20
CA GLY B 366 -13.16 23.29 44.35
C GLY B 366 -11.74 23.59 43.92
N VAL B 367 -11.30 24.83 44.12
CA VAL B 367 -10.00 25.30 43.63
C VAL B 367 -9.08 25.51 44.82
N SER B 368 -8.03 24.69 44.90
CA SER B 368 -7.07 24.72 45.98
C SER B 368 -5.88 25.60 45.67
N GLY B 369 -5.74 26.05 44.44
CA GLY B 369 -4.57 26.80 44.05
C GLY B 369 -3.40 25.95 43.59
N GLY B 370 -3.58 24.65 43.47
CA GLY B 370 -2.58 23.80 42.86
C GLY B 370 -2.72 23.81 41.35
N LEU B 371 -1.87 23.00 40.71
CA LEU B 371 -1.84 23.01 39.25
C LEU B 371 -3.14 22.45 38.65
N ASP B 372 -3.58 21.29 39.13
CA ASP B 372 -4.68 20.60 38.46
C ASP B 372 -5.97 21.40 38.53
N SER B 373 -6.30 21.91 39.73
CA SER B 373 -7.50 22.73 39.89
C SER B 373 -7.38 24.04 39.13
N THR B 374 -6.20 24.67 39.15
CA THR B 374 -6.00 25.89 38.38
C THR B 374 -6.32 25.66 36.91
N HIS B 375 -5.69 24.65 36.31
CA HIS B 375 -5.92 24.37 34.90
C HIS B 375 -7.38 24.01 34.63
N ALA B 376 -7.98 23.17 35.48
CA ALA B 376 -9.39 22.84 35.29
C ALA B 376 -10.25 24.10 35.29
N LEU B 377 -9.95 25.05 36.18
CA LEU B 377 -10.68 26.32 36.22
C LEU B 377 -10.51 27.09 34.91
N ILE B 378 -9.26 27.17 34.42
CA ILE B 378 -9.00 27.89 33.18
C ILE B 378 -9.79 27.28 32.02
N VAL B 379 -9.77 25.95 31.94
CA VAL B 379 -10.49 25.25 30.89
C VAL B 379 -11.99 25.50 31.00
N ALA B 380 -12.53 25.41 32.22
CA ALA B 380 -13.95 25.66 32.41
C ALA B 380 -14.32 27.05 31.98
N THR B 381 -13.46 28.02 32.31
CA THR B 381 -13.69 29.40 31.88
C THR B 381 -13.73 29.50 30.38
N HIS B 382 -12.75 28.91 29.70
CA HIS B 382 -12.72 29.02 28.24
C HIS B 382 -13.92 28.32 27.61
N ALA B 383 -14.29 27.15 28.14
CA ALA B 383 -15.47 26.44 27.65
C ALA B 383 -16.72 27.30 27.76
N MET B 384 -16.95 27.87 28.97
CA MET B 384 -18.07 28.79 29.18
C MET B 384 -18.00 29.97 28.23
N ASP B 385 -16.79 30.48 27.98
CA ASP B 385 -16.62 31.60 27.06
C ASP B 385 -17.11 31.23 25.67
N ARG B 386 -16.49 30.23 25.05
CA ARG B 386 -16.77 29.90 23.65
C ARG B 386 -18.23 29.53 23.43
N GLU B 387 -18.90 29.02 24.47
CA GLU B 387 -20.32 28.76 24.38
C GLU B 387 -21.18 29.98 24.68
N GLY B 388 -20.56 31.15 24.85
CA GLY B 388 -21.28 32.39 25.09
C GLY B 388 -22.09 32.39 26.37
N ARG B 389 -21.49 31.96 27.48
CA ARG B 389 -22.17 31.78 28.76
C ARG B 389 -21.51 32.59 29.88
N PRO B 390 -22.29 33.24 30.74
CA PRO B 390 -21.70 34.12 31.77
C PRO B 390 -20.69 33.40 32.66
N ARG B 391 -19.52 34.02 32.82
CA ARG B 391 -18.48 33.43 33.65
C ARG B 391 -18.88 33.29 35.11
N SER B 392 -19.89 34.05 35.55
CA SER B 392 -20.39 33.97 36.91
C SER B 392 -21.16 32.67 37.16
N ASP B 393 -21.38 31.84 36.13
CA ASP B 393 -21.91 30.49 36.34
C ASP B 393 -20.83 29.53 36.79
N ILE B 394 -19.57 29.95 36.74
CA ILE B 394 -18.48 29.16 37.30
C ILE B 394 -18.38 29.45 38.80
N LEU B 395 -18.60 28.43 39.61
CA LEU B 395 -18.60 28.54 41.05
C LEU B 395 -17.32 27.87 41.57
N ALA B 396 -16.30 28.69 41.83
CA ALA B 396 -15.09 28.23 42.51
C ALA B 396 -15.32 28.19 44.02
N PHE B 397 -14.65 27.26 44.69
CA PHE B 397 -14.83 27.07 46.13
C PHE B 397 -13.51 26.68 46.78
N ALA B 398 -13.06 27.49 47.75
CA ALA B 398 -11.97 27.11 48.63
C ALA B 398 -12.57 26.57 49.93
N LEU B 399 -12.37 25.27 50.17
CA LEU B 399 -12.89 24.57 51.34
C LEU B 399 -11.73 24.17 52.24
N PRO B 400 -11.25 25.06 53.14
CA PRO B 400 -10.13 24.68 54.00
C PRO B 400 -10.58 24.03 55.30
N GLY B 401 -9.82 23.04 55.77
CA GLY B 401 -10.17 22.40 57.01
C GLY B 401 -9.13 22.63 58.09
N PHE B 402 -7.92 22.11 57.89
CA PHE B 402 -6.85 22.24 58.87
C PHE B 402 -5.63 23.03 58.42
N ALA B 403 -5.68 23.71 57.26
CA ALA B 403 -4.56 24.57 56.86
C ALA B 403 -4.59 25.85 57.68
N THR B 404 -3.45 26.23 58.24
CA THR B 404 -3.36 27.45 59.04
C THR B 404 -3.55 28.69 58.18
N GLY B 405 -3.16 28.61 56.90
CA GLY B 405 -3.07 29.77 56.01
C GLY B 405 -1.81 29.72 55.18
N GLU B 406 -1.94 29.95 53.88
CA GLU B 406 -0.83 29.73 52.96
C GLU B 406 -1.04 30.57 51.71
N HIS B 407 0.03 30.68 50.92
CA HIS B 407 0.04 31.50 49.71
C HIS B 407 -0.91 30.94 48.66
N THR B 408 -1.09 29.62 48.63
CA THR B 408 -1.92 28.95 47.63
C THR B 408 -3.39 29.37 47.71
N LYS B 409 -3.95 29.52 48.93
CA LYS B 409 -5.34 29.92 49.00
C LYS B 409 -5.51 31.32 48.43
N ASN B 410 -4.50 32.17 48.62
CA ASN B 410 -4.47 33.48 47.98
C ASN B 410 -4.36 33.35 46.48
N ASN B 411 -3.57 32.39 45.99
CA ASN B 411 -3.55 32.13 44.56
C ASN B 411 -4.95 31.85 44.04
N ALA B 412 -5.67 30.98 44.75
CA ALA B 412 -7.03 30.61 44.36
C ALA B 412 -7.93 31.83 44.30
N ILE B 413 -7.95 32.61 45.38
CA ILE B 413 -8.84 33.78 45.41
C ILE B 413 -8.44 34.78 44.32
N LYS B 414 -7.14 35.00 44.14
CA LYS B 414 -6.68 36.00 43.18
C LYS B 414 -7.05 35.60 41.76
N LEU B 415 -6.79 34.34 41.39
CA LEU B 415 -7.14 33.88 40.05
C LEU B 415 -8.65 33.94 39.84
N ALA B 416 -9.42 33.44 40.79
CA ALA B 416 -10.88 33.44 40.64
C ALA B 416 -11.41 34.85 40.46
N ARG B 417 -10.91 35.80 41.25
CA ARG B 417 -11.38 37.17 41.18
C ARG B 417 -10.92 37.86 39.90
N ALA B 418 -9.73 37.50 39.40
CA ALA B 418 -9.26 38.06 38.14
C ALA B 418 -10.04 37.53 36.95
N LEU B 419 -10.53 36.29 37.04
CA LEU B 419 -11.28 35.73 35.93
C LEU B 419 -12.69 36.27 35.88
N GLY B 420 -13.23 36.67 37.02
CA GLY B 420 -14.58 37.18 37.04
C GLY B 420 -15.59 36.10 37.29
N VAL B 421 -15.20 35.03 37.97
CA VAL B 421 -16.11 33.92 38.28
C VAL B 421 -16.87 34.28 39.55
N THR B 422 -17.60 33.33 40.10
CA THR B 422 -18.36 33.51 41.33
C THR B 422 -17.65 32.73 42.44
N PHE B 423 -16.84 33.43 43.22
CA PHE B 423 -15.99 32.82 44.23
C PHE B 423 -16.61 32.93 45.62
N SER B 424 -16.45 31.87 46.41
CA SER B 424 -16.96 31.78 47.76
C SER B 424 -16.04 30.86 48.56
N GLU B 425 -15.93 31.10 49.86
CA GLU B 425 -15.12 30.25 50.72
C GLU B 425 -16.02 29.59 51.77
N ILE B 426 -15.71 28.34 52.10
CA ILE B 426 -16.53 27.57 53.03
C ILE B 426 -15.63 26.65 53.84
N ASP B 427 -15.59 26.86 55.15
CA ASP B 427 -14.66 26.17 56.04
C ASP B 427 -15.27 24.83 56.46
N ILE B 428 -14.80 23.75 55.84
CA ILE B 428 -15.34 22.43 56.17
C ILE B 428 -14.96 21.94 57.56
N GLY B 429 -14.00 22.59 58.22
CA GLY B 429 -13.48 22.07 59.47
C GLY B 429 -14.51 21.54 60.44
N ASP B 430 -15.56 22.32 60.69
CA ASP B 430 -16.51 21.92 61.72
C ASP B 430 -17.17 20.62 61.35
N THR B 431 -17.61 20.47 60.10
CA THR B 431 -18.24 19.21 59.72
C THR B 431 -17.29 18.04 59.95
N ALA B 432 -16.03 18.19 59.54
CA ALA B 432 -15.04 17.14 59.80
C ALA B 432 -14.91 16.89 61.29
N ARG B 433 -14.77 17.96 62.08
CA ARG B 433 -14.66 17.84 63.53
C ARG B 433 -15.87 17.10 64.10
N LEU B 434 -17.06 17.42 63.60
CA LEU B 434 -18.23 16.64 63.98
C LEU B 434 -18.12 15.20 63.48
N MET B 435 -17.87 15.05 62.16
CA MET B 435 -17.85 13.74 61.54
C MET B 435 -16.88 12.80 62.26
N LEU B 436 -15.63 13.24 62.44
CA LEU B 436 -14.65 12.46 63.18
C LEU B 436 -15.19 11.99 64.52
N HIS B 437 -15.73 12.92 65.31
CA HIS B 437 -16.23 12.57 66.63
C HIS B 437 -17.33 11.52 66.54
N THR B 438 -18.15 11.61 65.50
CA THR B 438 -19.28 10.69 65.39
C THR B 438 -18.81 9.27 65.12
N ILE B 439 -17.65 9.10 64.46
CA ILE B 439 -17.17 7.76 64.15
C ILE B 439 -16.13 7.27 65.14
N GLY B 440 -15.82 8.06 66.18
CA GLY B 440 -14.92 7.63 67.21
C GLY B 440 -13.46 7.68 66.80
N HIS B 441 -12.93 8.87 66.55
CA HIS B 441 -11.55 9.01 66.09
C HIS B 441 -10.53 8.66 67.17
N VAL B 452 -4.33 10.72 59.09
CA VAL B 452 -4.72 9.60 58.23
C VAL B 452 -6.25 9.52 58.05
N THR B 453 -6.96 9.20 59.15
CA THR B 453 -8.42 9.16 59.10
C THR B 453 -9.00 10.55 58.86
N PHE B 454 -8.43 11.58 59.52
CA PHE B 454 -8.97 12.93 59.41
C PHE B 454 -8.68 13.55 58.03
N GLU B 455 -7.54 13.20 57.41
CA GLU B 455 -7.30 13.64 56.04
C GLU B 455 -8.30 12.99 55.07
N ASN B 456 -8.61 11.71 55.31
CA ASN B 456 -9.64 11.03 54.55
C ASN B 456 -10.99 11.72 54.71
N VAL B 457 -11.33 12.08 55.96
CA VAL B 457 -12.60 12.75 56.26
C VAL B 457 -12.67 14.10 55.55
N GLN B 458 -11.59 14.87 55.57
CA GLN B 458 -11.63 16.18 54.90
C GLN B 458 -11.87 16.02 53.40
N ALA B 459 -11.11 15.13 52.75
CA ALA B 459 -11.29 14.90 51.32
C ALA B 459 -12.73 14.51 50.99
N GLY B 460 -13.25 13.54 51.74
CA GLY B 460 -14.64 13.17 51.59
C GLY B 460 -15.56 14.37 51.68
N LEU B 461 -15.36 15.20 52.71
CA LEU B 461 -16.29 16.30 52.94
C LEU B 461 -16.21 17.38 51.87
N ARG B 462 -15.01 17.65 51.36
CA ARG B 462 -14.88 18.56 50.23
C ARG B 462 -15.76 18.10 49.09
N THR B 463 -15.61 16.83 48.70
CA THR B 463 -16.42 16.35 47.58
C THR B 463 -17.91 16.34 47.90
N ASP B 464 -18.28 15.91 49.13
CA ASP B 464 -19.69 15.90 49.52
C ASP B 464 -20.29 17.29 49.41
N TYR B 465 -19.59 18.29 49.97
CA TYR B 465 -20.10 19.64 49.94
C TYR B 465 -20.22 20.15 48.51
N LEU B 466 -19.23 19.86 47.66
CA LEU B 466 -19.34 20.33 46.28
C LEU B 466 -20.54 19.72 45.58
N PHE B 467 -20.78 18.43 45.80
CA PHE B 467 -21.91 17.77 45.15
C PHE B 467 -23.23 18.37 45.63
N ARG B 468 -23.35 18.61 46.94
CA ARG B 468 -24.60 19.14 47.46
C ARG B 468 -24.81 20.59 47.03
N ILE B 469 -23.74 21.35 46.87
CA ILE B 469 -23.86 22.70 46.33
C ILE B 469 -24.31 22.65 44.88
N ALA B 470 -23.75 21.72 44.10
CA ALA B 470 -24.22 21.55 42.72
C ALA B 470 -25.69 21.15 42.67
N ASN B 471 -26.15 20.37 43.64
CA ASN B 471 -27.57 20.08 43.75
C ASN B 471 -28.37 21.35 44.06
N GLN B 472 -27.86 22.16 44.99
CA GLN B 472 -28.56 23.37 45.44
C GLN B 472 -28.71 24.38 44.31
N ARG B 473 -27.60 24.75 43.69
CA ARG B 473 -27.56 25.81 42.70
C ARG B 473 -27.74 25.29 41.28
N GLY B 474 -27.98 23.99 41.09
CA GLY B 474 -28.23 23.41 39.78
C GLY B 474 -27.02 23.39 38.85
N GLY B 475 -25.94 22.72 39.28
CA GLY B 475 -24.73 22.63 38.48
C GLY B 475 -24.12 21.24 38.58
N ILE B 476 -22.96 21.09 37.94
CA ILE B 476 -22.25 19.82 37.89
C ILE B 476 -20.84 20.00 38.46
N VAL B 477 -20.45 19.09 39.34
CA VAL B 477 -19.10 19.09 39.90
C VAL B 477 -18.13 18.71 38.80
N LEU B 478 -17.09 19.51 38.63
CA LEU B 478 -16.08 19.30 37.60
C LEU B 478 -14.79 18.89 38.29
N GLY B 479 -14.38 17.65 38.09
CA GLY B 479 -13.24 17.14 38.82
C GLY B 479 -11.94 17.64 38.24
N THR B 480 -10.86 17.42 39.00
CA THR B 480 -9.54 17.89 38.63
C THR B 480 -8.47 16.79 38.62
N GLY B 481 -8.83 15.54 38.87
CA GLY B 481 -7.84 14.47 38.86
C GLY B 481 -7.16 14.28 37.52
N ASP B 482 -5.83 14.16 37.51
CA ASP B 482 -5.08 13.97 36.29
C ASP B 482 -4.67 12.51 36.10
N LEU B 483 -4.15 12.23 34.92
CA LEU B 483 -3.84 10.87 34.51
C LEU B 483 -2.81 10.21 35.43
N SER B 484 -1.84 10.98 35.94
CA SER B 484 -0.82 10.38 36.81
C SER B 484 -1.41 9.95 38.14
N GLU B 485 -2.34 10.75 38.67
CA GLU B 485 -3.02 10.40 39.91
C GLU B 485 -3.89 9.18 39.70
N LEU B 486 -4.56 9.10 38.55
CA LEU B 486 -5.35 7.92 38.21
C LEU B 486 -4.46 6.69 38.10
N ALA B 487 -3.32 6.83 37.42
CA ALA B 487 -2.40 5.70 37.28
C ALA B 487 -1.93 5.20 38.63
N LEU B 488 -1.58 6.09 39.55
CA LEU B 488 -0.94 5.63 40.76
C LEU B 488 -1.89 5.48 41.94
N GLY B 489 -3.13 5.91 41.82
CA GLY B 489 -4.07 5.80 42.93
C GLY B 489 -3.90 6.85 44.01
N TRP B 490 -3.47 8.04 43.64
CA TRP B 490 -3.34 9.16 44.59
C TRP B 490 -4.67 9.90 44.68
N SER B 491 -5.68 9.18 45.17
CA SER B 491 -7.02 9.73 45.26
C SER B 491 -7.66 9.25 46.56
N THR B 492 -8.86 9.75 46.82
CA THR B 492 -9.80 9.17 47.78
C THR B 492 -10.97 8.64 46.97
N TYR B 493 -11.11 7.31 46.93
CA TYR B 493 -12.08 6.69 46.06
C TYR B 493 -13.49 6.85 46.61
N GLY B 494 -14.42 7.14 45.71
CA GLY B 494 -15.84 7.06 46.04
C GLY B 494 -16.38 8.38 46.51
N VAL B 495 -16.44 8.56 47.82
CA VAL B 495 -16.66 9.90 48.40
C VAL B 495 -15.26 10.48 48.56
N GLY B 496 -14.82 11.20 47.53
CA GLY B 496 -13.45 11.71 47.54
C GLY B 496 -13.15 12.42 46.24
N ASP B 497 -11.93 12.94 46.16
CA ASP B 497 -11.52 13.75 45.02
C ASP B 497 -11.51 12.99 43.73
N GLN B 498 -11.69 11.66 43.79
CA GLN B 498 -11.82 10.88 42.56
C GLN B 498 -13.14 11.21 41.86
N MET B 499 -14.23 11.34 42.63
CA MET B 499 -15.55 11.40 42.03
C MET B 499 -15.90 12.81 41.55
N SER B 500 -16.57 12.86 40.40
CA SER B 500 -17.10 14.09 39.84
C SER B 500 -18.18 13.72 38.82
N HIS B 501 -18.72 14.74 38.18
CA HIS B 501 -19.67 14.56 37.10
C HIS B 501 -18.99 14.51 35.75
N TYR B 502 -17.82 15.14 35.63
CA TYR B 502 -17.06 15.21 34.38
C TYR B 502 -15.65 15.66 34.73
N ASN B 503 -14.65 14.84 34.43
CA ASN B 503 -13.26 15.16 34.78
C ASN B 503 -12.55 15.65 33.54
N VAL B 504 -12.21 16.94 33.52
CA VAL B 504 -11.53 17.52 32.37
C VAL B 504 -10.04 17.20 32.34
N ASN B 505 -9.46 16.89 33.48
CA ASN B 505 -8.03 16.63 33.59
C ASN B 505 -7.66 15.17 33.51
N ALA B 506 -8.63 14.26 33.29
CA ALA B 506 -8.33 12.83 33.37
C ALA B 506 -7.34 12.40 32.30
N GLY B 507 -7.45 12.96 31.10
CA GLY B 507 -6.54 12.58 30.03
C GLY B 507 -5.11 13.05 30.22
N VAL B 508 -4.92 14.15 30.96
CA VAL B 508 -3.63 14.85 30.97
C VAL B 508 -2.72 14.34 32.08
N PRO B 509 -1.47 14.02 31.77
CA PRO B 509 -0.52 13.65 32.82
C PRO B 509 0.05 14.88 33.49
N LYS B 510 0.61 14.66 34.68
CA LYS B 510 1.05 15.80 35.50
C LYS B 510 2.27 16.48 34.91
N THR B 511 3.10 15.76 34.13
CA THR B 511 4.21 16.41 33.47
C THR B 511 3.74 17.38 32.39
N LEU B 512 2.54 17.18 31.87
CA LEU B 512 2.03 18.06 30.82
C LEU B 512 1.19 19.22 31.35
N ILE B 513 0.68 19.13 32.58
CA ILE B 513 -0.13 20.22 33.13
C ILE B 513 0.68 21.52 33.22
N GLN B 514 1.92 21.43 33.68
CA GLN B 514 2.76 22.62 33.82
C GLN B 514 2.89 23.34 32.48
N HIS B 515 3.21 22.60 31.41
CA HIS B 515 3.38 23.21 30.09
C HIS B 515 2.05 23.62 29.47
N LEU B 516 0.93 23.03 29.88
CA LEU B 516 -0.36 23.58 29.45
C LEU B 516 -0.60 24.95 30.07
N ILE B 517 -0.25 25.11 31.35
CA ILE B 517 -0.39 26.42 31.98
C ILE B 517 0.56 27.44 31.35
N ARG B 518 1.82 27.03 31.11
CA ARG B 518 2.75 27.91 30.39
C ARG B 518 2.21 28.30 29.03
N TRP B 519 1.61 27.34 28.31
CA TRP B 519 1.01 27.62 27.02
C TRP B 519 -0.08 28.68 27.15
N VAL B 520 -0.96 28.52 28.15
CA VAL B 520 -2.04 29.48 28.35
C VAL B 520 -1.47 30.87 28.65
N ILE B 521 -0.40 30.92 29.45
CA ILE B 521 0.24 32.20 29.79
C ILE B 521 0.76 32.86 28.52
N SER B 522 1.61 32.14 27.78
CA SER B 522 2.28 32.68 26.60
C SER B 522 1.29 33.03 25.50
N ALA B 523 0.17 32.30 25.41
CA ALA B 523 -0.87 32.66 24.45
C ALA B 523 -1.57 33.95 24.87
N GLY B 524 -1.66 34.21 26.18
CA GLY B 524 -2.19 35.47 26.70
C GLY B 524 -3.57 35.83 26.21
N GLU B 525 -4.44 34.85 26.00
CA GLU B 525 -5.78 35.18 25.51
C GLU B 525 -6.62 35.79 26.62
N PHE B 526 -6.37 35.42 27.88
CA PHE B 526 -7.07 36.03 29.00
C PHE B 526 -6.40 37.35 29.37
N GLY B 527 -6.63 37.84 30.57
CA GLY B 527 -6.00 39.08 30.98
C GLY B 527 -4.51 38.89 31.26
N GLU B 528 -3.78 40.02 31.20
CA GLU B 528 -2.43 40.03 31.74
C GLU B 528 -2.43 39.73 33.23
N LYS B 529 -3.51 40.08 33.92
CA LYS B 529 -3.61 39.77 35.35
C LYS B 529 -3.78 38.27 35.54
N VAL B 530 -4.67 37.64 34.76
CA VAL B 530 -4.78 36.18 34.77
C VAL B 530 -3.42 35.54 34.54
N GLY B 531 -2.69 36.03 33.53
CA GLY B 531 -1.37 35.49 33.26
C GLY B 531 -0.45 35.59 34.46
N GLU B 532 -0.42 36.76 35.12
CA GLU B 532 0.45 36.93 36.28
C GLU B 532 0.07 35.95 37.39
N VAL B 533 -1.22 35.78 37.64
CA VAL B 533 -1.59 34.88 38.73
C VAL B 533 -1.28 33.43 38.38
N LEU B 534 -1.41 33.05 37.10
CA LEU B 534 -1.08 31.69 36.68
C LEU B 534 0.41 31.42 36.84
N GLN B 535 1.25 32.39 36.45
CA GLN B 535 2.69 32.26 36.65
C GLN B 535 3.01 32.16 38.15
N SER B 536 2.26 32.91 38.97
CA SER B 536 2.38 32.76 40.41
C SER B 536 2.08 31.33 40.83
N VAL B 537 1.00 30.75 40.30
CA VAL B 537 0.65 29.37 40.62
C VAL B 537 1.78 28.44 40.26
N LEU B 538 2.33 28.62 39.06
CA LEU B 538 3.44 27.79 38.61
C LEU B 538 4.62 27.92 39.56
N ASP B 539 5.10 29.15 39.77
CA ASP B 539 6.25 29.37 40.62
C ASP B 539 6.04 28.82 42.03
N THR B 540 4.86 29.09 42.63
CA THR B 540 4.50 28.58 43.94
C THR B 540 4.54 27.05 44.01
N GLU B 541 3.84 26.37 43.09
CA GLU B 541 3.69 24.92 43.17
C GLU B 541 4.91 24.12 42.72
N ILE B 542 5.66 24.58 41.72
CA ILE B 542 6.75 23.78 41.19
C ILE B 542 8.01 23.97 42.01
N THR B 543 8.05 25.00 42.86
CA THR B 543 9.18 25.22 43.76
C THR B 543 8.84 24.52 45.07
N PRO B 544 9.73 23.67 45.61
CA PRO B 544 9.46 23.05 46.91
C PRO B 544 9.40 24.10 48.01
N GLU B 545 8.47 23.93 48.95
CA GLU B 545 8.38 24.86 50.08
C GLU B 545 9.62 24.70 50.95
N LEU B 546 10.14 25.83 51.41
CA LEU B 546 11.31 25.79 52.28
C LEU B 546 11.03 24.93 53.51
N ILE B 547 10.02 25.32 54.27
CA ILE B 547 9.53 24.55 55.41
C ILE B 547 8.13 24.06 55.05
N PRO B 548 7.88 22.71 55.03
CA PRO B 548 6.64 22.17 54.45
C PRO B 548 5.39 22.87 54.94
N THR B 549 4.62 23.41 54.00
CA THR B 549 3.43 24.19 54.36
C THR B 549 2.32 23.19 54.68
N GLY B 550 2.26 22.76 55.95
CA GLY B 550 1.13 21.96 56.41
C GLY B 550 1.03 20.55 55.87
N GLU B 551 2.00 20.18 55.02
CA GLU B 551 2.20 18.87 54.33
C GLU B 551 1.17 18.57 53.23
N GLU B 552 0.63 19.58 52.56
CA GLU B 552 -0.23 19.36 51.40
C GLU B 552 0.08 20.37 50.29
N GLU B 553 0.41 19.84 49.11
CA GLU B 553 0.85 20.51 47.89
C GLU B 553 1.12 19.41 46.84
N LEU B 554 1.72 19.75 45.70
CA LEU B 554 2.13 18.72 44.74
C LEU B 554 3.26 17.84 45.29
N GLN B 555 4.21 18.46 45.98
CA GLN B 555 5.39 17.74 46.47
C GLN B 555 5.03 16.62 47.44
N SER B 556 3.88 16.73 48.11
CA SER B 556 3.45 15.64 49.00
C SER B 556 3.20 14.35 48.21
N SER B 557 2.45 14.47 47.11
CA SER B 557 2.22 13.33 46.24
C SER B 557 3.55 12.79 45.72
N GLU B 558 4.46 13.69 45.36
CA GLU B 558 5.76 13.21 44.89
C GLU B 558 6.49 12.40 45.95
N ALA B 559 6.41 12.83 47.21
CA ALA B 559 7.07 12.09 48.27
C ALA B 559 6.50 10.68 48.40
N LYS B 560 5.18 10.52 48.19
CA LYS B 560 4.66 9.16 48.41
C LYS B 560 4.85 8.23 47.19
N VAL B 561 4.62 8.73 45.97
CA VAL B 561 4.60 7.86 44.78
C VAL B 561 5.82 7.99 43.90
N GLY B 562 6.82 8.76 44.30
CA GLY B 562 7.98 8.98 43.48
C GLY B 562 7.78 10.20 42.58
N PRO B 563 8.85 10.62 41.92
CA PRO B 563 8.74 11.81 41.07
C PRO B 563 7.95 11.48 39.81
N PHE B 564 7.02 12.36 39.46
CA PHE B 564 6.18 12.10 38.28
C PHE B 564 6.99 12.05 36.99
N ALA B 565 8.12 12.76 36.91
CA ALA B 565 8.98 12.62 35.74
C ALA B 565 9.30 11.15 35.46
N LEU B 566 9.47 10.35 36.51
CA LEU B 566 9.76 8.93 36.34
C LEU B 566 8.50 8.09 36.21
N GLN B 567 7.44 8.46 36.92
CA GLN B 567 6.24 7.62 36.87
C GLN B 567 5.46 7.84 35.60
N ASP B 568 5.50 9.04 35.01
CA ASP B 568 4.87 9.27 33.72
C ASP B 568 5.61 8.53 32.61
N PHE B 569 6.94 8.40 32.73
CA PHE B 569 7.74 7.59 31.82
C PHE B 569 7.30 6.13 31.88
N SER B 570 7.30 5.57 33.10
CA SER B 570 6.85 4.19 33.26
C SER B 570 5.42 4.02 32.74
N LEU B 571 4.57 5.01 32.99
CA LEU B 571 3.17 4.91 32.56
C LEU B 571 3.06 4.88 31.05
N PHE B 572 3.81 5.73 30.36
CA PHE B 572 3.75 5.72 28.90
C PHE B 572 4.18 4.37 28.38
N GLN B 573 5.31 3.86 28.88
CA GLN B 573 5.78 2.56 28.40
C GLN B 573 4.72 1.48 28.63
N VAL B 574 4.17 1.41 29.84
CA VAL B 574 3.21 0.35 30.17
C VAL B 574 1.97 0.48 29.31
N LEU B 575 1.37 1.67 29.29
CA LEU B 575 0.09 1.88 28.64
C LEU B 575 0.17 1.75 27.12
N ARG B 576 1.28 2.14 26.50
CA ARG B 576 1.36 2.11 25.04
C ARG B 576 1.93 0.80 24.50
N TYR B 577 3.00 0.31 25.11
CA TYR B 577 3.78 -0.79 24.58
C TYR B 577 3.75 -2.04 25.43
N GLY B 578 3.20 -1.98 26.64
CA GLY B 578 3.18 -3.11 27.54
C GLY B 578 4.55 -3.64 27.89
N PHE B 579 5.59 -2.81 27.76
CA PHE B 579 6.95 -3.25 27.98
C PHE B 579 7.13 -3.86 29.36
N ARG B 580 8.05 -4.80 29.46
CA ARG B 580 8.40 -5.38 30.75
C ARG B 580 9.15 -4.35 31.58
N PRO B 581 9.14 -4.51 32.91
CA PRO B 581 9.81 -3.51 33.76
C PRO B 581 11.27 -3.28 33.40
N SER B 582 12.06 -4.35 33.20
CA SER B 582 13.48 -4.18 32.92
C SER B 582 13.71 -3.32 31.69
N LYS B 583 12.86 -3.48 30.66
CA LYS B 583 12.97 -2.63 29.48
C LYS B 583 12.70 -1.17 29.82
N ILE B 584 11.72 -0.92 30.71
CA ILE B 584 11.44 0.45 31.16
C ILE B 584 12.63 1.02 31.92
N ALA B 585 13.22 0.21 32.82
CA ALA B 585 14.38 0.65 33.57
C ALA B 585 15.55 0.96 32.63
N PHE B 586 15.79 0.12 31.62
CA PHE B 586 16.84 0.40 30.65
C PHE B 586 16.58 1.71 29.92
N LEU B 587 15.36 1.89 29.42
CA LEU B 587 15.03 3.10 28.69
C LEU B 587 15.17 4.36 29.56
N ALA B 588 14.55 4.34 30.75
CA ALA B 588 14.63 5.49 31.64
C ALA B 588 16.07 5.76 32.08
N TRP B 589 16.86 4.70 32.33
CA TRP B 589 18.22 4.92 32.76
C TRP B 589 19.04 5.56 31.65
N HIS B 590 18.78 5.19 30.41
CA HIS B 590 19.49 5.89 29.35
C HIS B 590 18.96 7.31 29.20
N ALA B 591 17.68 7.55 29.49
CA ALA B 591 17.16 8.90 29.26
C ALA B 591 17.59 9.88 30.34
N TRP B 592 17.67 9.43 31.60
CA TRP B 592 17.70 10.32 32.74
C TRP B 592 19.01 10.34 33.52
N ASN B 593 19.83 9.29 33.43
CA ASN B 593 20.98 9.15 34.33
C ASN B 593 21.99 10.27 34.18
N ASP B 594 22.03 10.94 33.02
CA ASP B 594 22.99 12.01 32.74
C ASP B 594 22.21 13.27 32.36
N ALA B 595 22.21 14.26 33.25
CA ALA B 595 21.44 15.47 33.01
C ALA B 595 22.03 16.32 31.89
N GLU B 596 23.36 16.23 31.65
CA GLU B 596 23.98 17.03 30.60
C GLU B 596 23.65 16.51 29.21
N ARG B 597 23.20 15.26 29.09
CA ARG B 597 22.94 14.63 27.80
C ARG B 597 21.47 14.73 27.39
N GLY B 598 21.24 14.72 26.09
CA GLY B 598 19.89 14.84 25.57
C GLY B 598 19.30 16.24 25.76
N ASN B 599 18.05 16.38 25.34
CA ASN B 599 17.34 17.65 25.35
C ASN B 599 16.39 17.77 26.55
N TRP B 600 16.04 19.02 26.85
CA TRP B 600 15.02 19.35 27.84
C TRP B 600 13.93 20.20 27.20
N PRO B 601 12.69 20.04 27.60
CA PRO B 601 11.63 20.89 27.03
C PRO B 601 11.77 22.31 27.51
N PRO B 602 11.13 23.27 26.85
CA PRO B 602 11.14 24.66 27.33
C PRO B 602 10.54 24.79 28.73
N GLY B 603 11.03 25.78 29.48
CA GLY B 603 10.44 26.08 30.78
C GLY B 603 11.05 25.40 31.97
N PHE B 604 12.19 24.74 31.81
CA PHE B 604 12.90 24.09 32.92
C PHE B 604 14.12 24.94 33.27
N PRO B 605 14.06 25.81 34.29
CA PRO B 605 15.28 26.49 34.73
C PRO B 605 16.32 25.44 35.14
N LYS B 606 17.59 25.70 34.80
CA LYS B 606 18.58 24.63 34.94
C LYS B 606 18.82 24.21 36.39
N SER B 607 18.07 24.80 37.32
CA SER B 607 18.01 24.33 38.70
C SER B 607 17.01 23.20 38.91
N GLU B 608 16.09 23.00 37.96
CA GLU B 608 15.08 21.95 38.02
C GLU B 608 15.30 20.90 36.93
N ARG B 609 16.55 20.46 36.76
CA ARG B 609 16.88 19.48 35.75
C ARG B 609 17.64 18.33 36.42
N PRO B 610 16.93 17.35 36.98
CA PRO B 610 17.57 16.31 37.80
C PRO B 610 18.17 15.19 36.95
N SER B 611 19.00 14.39 37.61
CA SER B 611 19.52 13.16 37.03
C SER B 611 19.27 12.02 38.01
N TYR B 612 18.50 11.01 37.58
CA TYR B 612 18.13 9.89 38.43
C TYR B 612 19.04 8.69 38.21
N SER B 613 19.27 7.94 39.28
CA SER B 613 20.17 6.80 39.24
C SER B 613 19.40 5.52 38.92
N LEU B 614 20.16 4.48 38.54
CA LEU B 614 19.53 3.18 38.37
C LEU B 614 18.82 2.77 39.66
N ALA B 615 19.43 3.06 40.82
CA ALA B 615 18.79 2.74 42.09
C ALA B 615 17.44 3.44 42.23
N GLU B 616 17.39 4.72 41.90
CA GLU B 616 16.14 5.46 42.04
C GLU B 616 15.10 4.99 41.02
N ILE B 617 15.53 4.78 39.78
CA ILE B 617 14.62 4.30 38.75
C ILE B 617 14.02 2.95 39.15
N ARG B 618 14.87 2.05 39.66
CA ARG B 618 14.39 0.73 40.07
C ARG B 618 13.40 0.85 41.22
N HIS B 619 13.70 1.71 42.21
CA HIS B 619 12.82 1.85 43.36
C HIS B 619 11.44 2.37 42.93
N TRP B 620 11.43 3.47 42.18
CA TRP B 620 10.15 4.04 41.79
C TRP B 620 9.41 3.14 40.80
N LEU B 621 10.14 2.34 40.03
CA LEU B 621 9.47 1.38 39.14
C LEU B 621 8.79 0.28 39.93
N GLN B 622 9.43 -0.20 41.01
CA GLN B 622 8.77 -1.13 41.91
C GLN B 622 7.46 -0.53 42.43
N ILE B 623 7.55 0.68 42.98
CA ILE B 623 6.35 1.36 43.46
C ILE B 623 5.30 1.44 42.36
N PHE B 624 5.75 1.74 41.12
CA PHE B 624 4.81 1.98 40.02
C PHE B 624 4.07 0.70 39.61
N VAL B 625 4.82 -0.38 39.34
CA VAL B 625 4.16 -1.61 38.92
C VAL B 625 3.22 -2.11 40.02
N GLN B 626 3.65 -1.95 41.29
CA GLN B 626 2.80 -2.35 42.42
C GLN B 626 1.51 -1.54 42.47
N ARG B 627 1.60 -0.21 42.26
CA ARG B 627 0.41 0.63 42.41
C ARG B 627 -0.47 0.65 41.18
N PHE B 628 0.08 0.34 39.99
CA PHE B 628 -0.67 0.39 38.74
C PHE B 628 -1.32 -0.94 38.40
N TYR B 629 -0.58 -2.05 38.45
CA TYR B 629 -1.19 -3.30 38.07
C TYR B 629 -2.15 -3.81 39.15
N SER B 630 -1.86 -3.52 40.41
CA SER B 630 -2.60 -4.11 41.53
C SER B 630 -3.49 -3.11 42.23
N PHE B 631 -2.92 -2.14 42.96
CA PHE B 631 -3.68 -1.33 43.90
C PHE B 631 -4.72 -0.45 43.20
N SER B 632 -4.26 0.44 42.30
CA SER B 632 -5.07 1.58 41.88
C SER B 632 -6.18 1.24 40.88
N GLN B 633 -6.24 0.02 40.35
CA GLN B 633 -7.18 -0.27 39.27
C GLN B 633 -8.61 -0.04 39.72
N PHE B 634 -8.97 -0.51 40.92
CA PHE B 634 -10.35 -0.35 41.38
C PHE B 634 -10.76 1.11 41.47
N LYS B 635 -9.81 2.05 41.56
CA LYS B 635 -10.22 3.45 41.56
C LYS B 635 -10.58 3.94 40.16
N ARG B 636 -9.89 3.45 39.13
CA ARG B 636 -10.22 3.84 37.76
C ARG B 636 -11.48 3.16 37.27
N SER B 637 -11.80 1.99 37.83
CA SER B 637 -12.90 1.17 37.32
C SER B 637 -14.22 1.93 37.31
N ALA B 638 -14.45 2.77 38.32
CA ALA B 638 -15.64 3.62 38.39
C ALA B 638 -15.17 5.05 38.25
N LEU B 639 -15.02 5.51 37.02
CA LEU B 639 -14.38 6.77 36.75
C LEU B 639 -15.32 7.70 35.97
N PRO B 640 -15.49 8.94 36.39
CA PRO B 640 -16.41 9.83 35.68
C PRO B 640 -15.96 10.02 34.24
N ASN B 641 -16.82 10.66 33.46
CA ASN B 641 -16.51 10.89 32.05
C ASN B 641 -15.32 11.85 31.92
N GLY B 642 -14.96 12.15 30.68
CA GLY B 642 -13.78 12.94 30.40
C GLY B 642 -13.06 12.48 29.15
N PRO B 643 -12.34 13.40 28.52
CA PRO B 643 -11.77 13.11 27.20
C PRO B 643 -10.34 12.59 27.28
N LYS B 644 -10.06 11.58 26.45
CA LYS B 644 -8.70 11.07 26.28
C LYS B 644 -7.87 12.08 25.50
N VAL B 645 -6.62 12.28 25.93
CA VAL B 645 -5.78 13.38 25.46
C VAL B 645 -4.56 12.90 24.67
N SER B 646 -3.67 12.15 25.31
CA SER B 646 -2.40 11.78 24.71
C SER B 646 -2.57 10.61 23.73
N HIS B 647 -1.60 10.47 22.83
CA HIS B 647 -1.57 9.26 22.01
C HIS B 647 -1.15 8.05 22.83
N GLY B 648 -0.46 8.26 23.95
CA GLY B 648 -0.07 7.15 24.79
C GLY B 648 -1.23 6.39 25.40
N GLY B 649 -2.43 6.96 25.32
CA GLY B 649 -3.62 6.34 25.84
C GLY B 649 -4.21 7.13 26.99
N ALA B 650 -5.31 6.61 27.51
CA ALA B 650 -5.97 7.09 28.72
C ALA B 650 -6.07 5.94 29.73
N LEU B 651 -6.86 6.14 30.77
CA LEU B 651 -7.05 5.08 31.75
C LEU B 651 -8.52 4.83 32.05
N SER B 652 -9.41 5.18 31.13
CA SER B 652 -10.81 4.85 31.29
C SER B 652 -11.01 3.35 31.14
N PRO B 653 -11.89 2.74 31.95
CA PRO B 653 -12.22 1.33 31.71
C PRO B 653 -13.10 1.13 30.50
N ARG B 654 -13.76 2.18 30.02
CA ARG B 654 -14.50 2.14 28.77
C ARG B 654 -13.65 2.53 27.58
N GLY B 655 -12.36 2.74 27.79
CA GLY B 655 -11.46 3.17 26.73
C GLY B 655 -10.19 2.35 26.64
N ASP B 656 -9.07 2.93 27.05
CA ASP B 656 -7.77 2.37 26.70
C ASP B 656 -7.25 1.35 27.68
N TRP B 657 -7.83 1.22 28.86
CA TRP B 657 -7.32 0.29 29.85
C TRP B 657 -8.44 -0.55 30.46
N ARG B 658 -8.57 -1.79 29.98
CA ARG B 658 -9.48 -2.80 30.56
C ARG B 658 -8.62 -3.75 31.39
N ALA B 659 -8.77 -3.71 32.70
CA ALA B 659 -7.92 -4.53 33.56
C ALA B 659 -8.74 -4.96 34.77
N PRO B 660 -8.26 -5.96 35.51
CA PRO B 660 -9.00 -6.42 36.69
C PRO B 660 -8.66 -5.63 37.93
N SER B 661 -9.67 -5.55 38.80
CA SER B 661 -9.51 -4.83 40.06
C SER B 661 -8.86 -5.68 41.15
N ASP B 662 -9.00 -7.00 41.08
CA ASP B 662 -8.55 -7.89 42.15
C ASP B 662 -7.32 -8.71 41.75
N MET B 663 -6.34 -8.06 41.10
CA MET B 663 -5.17 -8.74 40.55
C MET B 663 -3.88 -8.27 41.20
N SER B 664 -2.98 -9.22 41.45
CA SER B 664 -1.70 -8.93 42.06
C SER B 664 -0.69 -8.53 41.00
N ALA B 665 0.34 -7.80 41.44
CA ALA B 665 1.45 -7.41 40.57
C ALA B 665 2.71 -8.25 40.79
N ARG B 666 2.53 -9.53 41.17
CA ARG B 666 3.67 -10.31 41.65
C ARG B 666 4.71 -10.54 40.55
N ILE B 667 4.28 -10.82 39.32
CA ILE B 667 5.24 -11.16 38.28
C ILE B 667 6.10 -9.96 37.92
N TRP B 668 5.52 -8.75 37.90
CA TRP B 668 6.31 -7.57 37.57
C TRP B 668 7.36 -7.30 38.64
N LEU B 669 6.98 -7.39 39.92
CA LEU B 669 7.96 -7.25 41.00
C LEU B 669 9.04 -8.32 40.89
N ASP B 670 8.64 -9.57 40.58
CA ASP B 670 9.60 -10.65 40.46
C ASP B 670 10.57 -10.42 39.31
N GLN B 671 10.08 -9.83 38.21
CA GLN B 671 10.94 -9.51 37.07
C GLN B 671 11.92 -8.40 37.44
N ILE B 672 11.44 -7.36 38.13
CA ILE B 672 12.35 -6.32 38.61
C ILE B 672 13.43 -6.91 39.49
N ASP B 673 13.06 -7.84 40.38
CA ASP B 673 14.03 -8.48 41.26
C ASP B 673 15.02 -9.37 40.51
N ARG B 674 14.58 -10.03 39.43
CA ARG B 674 15.45 -10.97 38.73
C ARG B 674 16.36 -10.31 37.69
N GLU B 675 15.97 -9.16 37.17
CA GLU B 675 16.60 -8.63 35.97
C GLU B 675 17.27 -7.28 36.16
N VAL B 676 16.66 -6.37 36.92
CA VAL B 676 17.23 -5.02 37.11
C VAL B 676 18.25 -5.07 38.25
N PRO B 677 19.48 -4.63 38.02
CA PRO B 677 20.47 -4.59 39.11
C PRO B 677 20.07 -3.62 40.21
N LYS B 678 20.63 -3.84 41.41
CA LYS B 678 20.29 -2.98 42.55
C LYS B 678 20.89 -1.59 42.39
N GLY B 679 21.95 -1.45 41.60
CA GLY B 679 22.58 -0.16 41.34
C GLY B 679 23.45 -0.23 40.10
N MET C 1 -49.59 2.55 11.95
CA MET C 1 -49.71 1.07 11.91
C MET C 1 -50.89 0.56 12.75
N ASN C 2 -51.47 -0.59 12.37
CA ASN C 2 -52.42 -1.26 13.26
C ASN C 2 -51.62 -1.91 14.39
N PHE C 3 -51.75 -1.36 15.59
CA PHE C 3 -50.89 -1.78 16.68
C PHE C 3 -51.12 -3.23 17.08
N TYR C 4 -52.29 -3.77 16.81
CA TYR C 4 -52.63 -5.10 17.27
C TYR C 4 -52.40 -6.19 16.23
N SER C 5 -51.79 -5.86 15.10
CA SER C 5 -51.49 -6.85 14.09
C SER C 5 -50.14 -7.48 14.41
N ALA C 6 -50.15 -8.76 14.79
CA ALA C 6 -48.91 -9.46 15.13
C ALA C 6 -47.93 -9.41 13.96
N TYR C 7 -48.42 -9.46 12.72
CA TYR C 7 -47.52 -9.42 11.57
C TYR C 7 -46.76 -8.11 11.51
N GLN C 8 -47.44 -6.99 11.78
CA GLN C 8 -46.83 -5.67 11.75
C GLN C 8 -45.87 -5.41 12.91
N HIS C 9 -45.68 -6.36 13.82
CA HIS C 9 -44.67 -6.25 14.87
C HIS C 9 -43.53 -7.23 14.68
N GLY C 10 -43.42 -7.83 13.50
CA GLY C 10 -42.33 -8.75 13.19
C GLY C 10 -42.66 -10.22 13.34
N PHE C 11 -43.89 -10.57 13.66
CA PHE C 11 -44.24 -11.95 13.86
C PHE C 11 -44.61 -12.59 12.53
N VAL C 12 -44.48 -13.92 12.50
CA VAL C 12 -44.90 -14.73 11.37
C VAL C 12 -45.49 -16.03 11.92
N ARG C 13 -46.72 -16.34 11.53
CA ARG C 13 -47.42 -17.49 12.06
C ARG C 13 -47.06 -18.72 11.23
N VAL C 14 -46.60 -19.78 11.90
CA VAL C 14 -46.18 -21.02 11.26
C VAL C 14 -46.90 -22.19 11.92
N ALA C 15 -47.17 -23.23 11.11
CA ALA C 15 -47.86 -24.43 11.56
C ALA C 15 -47.11 -25.69 11.17
N ALA C 16 -47.03 -26.63 12.11
CA ALA C 16 -46.49 -27.97 11.89
C ALA C 16 -47.65 -28.95 11.98
N CYS C 17 -47.95 -29.61 10.88
CA CYS C 17 -49.16 -30.43 10.76
C CYS C 17 -48.83 -31.91 10.69
N THR C 18 -49.59 -32.73 11.43
CA THR C 18 -49.64 -34.16 11.17
C THR C 18 -51.05 -34.52 10.72
N HIS C 19 -51.13 -35.21 9.61
CA HIS C 19 -52.35 -35.51 8.88
C HIS C 19 -52.62 -37.00 8.96
N HIS C 20 -53.68 -37.41 8.28
CA HIS C 20 -54.11 -38.80 8.28
C HIS C 20 -53.57 -39.51 7.05
N THR C 21 -52.44 -40.20 7.23
CA THR C 21 -51.89 -41.02 6.17
C THR C 21 -52.87 -42.10 5.76
N THR C 22 -52.96 -42.33 4.46
CA THR C 22 -53.76 -43.39 3.85
C THR C 22 -52.79 -44.10 2.91
N ILE C 23 -51.96 -45.00 3.46
CA ILE C 23 -50.83 -45.54 2.69
C ILE C 23 -51.33 -46.11 1.37
N GLY C 24 -50.71 -45.66 0.27
CA GLY C 24 -51.05 -46.10 -1.07
C GLY C 24 -52.15 -45.31 -1.75
N ASP C 25 -52.76 -44.34 -1.06
CA ASP C 25 -53.87 -43.57 -1.61
C ASP C 25 -53.44 -42.11 -1.63
N PRO C 26 -52.79 -41.66 -2.71
CA PRO C 26 -52.31 -40.28 -2.73
C PRO C 26 -53.44 -39.27 -2.69
N ALA C 27 -54.55 -39.55 -3.40
CA ALA C 27 -55.66 -38.59 -3.43
C ALA C 27 -56.20 -38.32 -2.04
N ALA C 28 -56.28 -39.36 -1.20
CA ALA C 28 -56.82 -39.20 0.15
C ALA C 28 -55.82 -38.48 1.07
N ASN C 29 -54.51 -38.64 0.80
CA ASN C 29 -53.53 -37.88 1.57
C ASN C 29 -53.61 -36.42 1.20
N ALA C 30 -53.77 -36.13 -0.09
CA ALA C 30 -53.94 -34.77 -0.53
C ALA C 30 -55.23 -34.18 0.03
N ALA C 31 -56.27 -34.99 0.18
CA ALA C 31 -57.49 -34.47 0.78
C ALA C 31 -57.26 -34.00 2.22
N SER C 32 -56.64 -34.88 3.04
CA SER C 32 -56.37 -34.52 4.43
C SER C 32 -55.48 -33.28 4.51
N VAL C 33 -54.47 -33.23 3.65
CA VAL C 33 -53.53 -32.11 3.65
C VAL C 33 -54.24 -30.81 3.27
N LEU C 34 -55.13 -30.87 2.27
CA LEU C 34 -55.84 -29.68 1.86
C LEU C 34 -56.73 -29.16 2.98
N ASP C 35 -57.37 -30.07 3.70
CA ASP C 35 -58.23 -29.63 4.79
C ASP C 35 -57.41 -28.93 5.87
N MET C 36 -56.29 -29.54 6.28
CA MET C 36 -55.46 -28.91 7.30
C MET C 36 -54.88 -27.59 6.81
N ALA C 37 -54.47 -27.52 5.55
CA ALA C 37 -53.94 -26.26 5.05
C ALA C 37 -55.02 -25.20 5.06
N ARG C 38 -56.25 -25.58 4.73
CA ARG C 38 -57.35 -24.62 4.76
C ARG C 38 -57.56 -24.10 6.18
N ALA C 39 -57.36 -24.96 7.17
CA ALA C 39 -57.35 -24.52 8.56
C ALA C 39 -56.24 -23.51 8.81
N CYS C 40 -55.02 -23.84 8.40
CA CYS C 40 -53.90 -22.92 8.54
C CYS C 40 -54.21 -21.57 7.88
N HIS C 41 -54.93 -21.61 6.76
CA HIS C 41 -55.36 -20.38 6.11
C HIS C 41 -56.29 -19.59 7.02
N ASP C 42 -57.30 -20.25 7.59
CA ASP C 42 -58.20 -19.56 8.50
C ASP C 42 -57.45 -19.00 9.72
N ASP C 43 -56.43 -19.71 10.20
CA ASP C 43 -55.65 -19.24 11.35
C ASP C 43 -54.69 -18.11 11.00
N GLY C 44 -54.59 -17.74 9.73
CA GLY C 44 -53.65 -16.71 9.34
C GLY C 44 -52.22 -17.17 9.26
N ALA C 45 -51.98 -18.47 9.12
CA ALA C 45 -50.60 -18.93 9.05
C ALA C 45 -49.96 -18.56 7.72
N ALA C 46 -48.64 -18.31 7.77
CA ALA C 46 -47.85 -18.11 6.58
C ALA C 46 -47.16 -19.38 6.12
N LEU C 47 -47.01 -20.36 7.01
CA LEU C 47 -46.26 -21.56 6.73
C LEU C 47 -46.95 -22.76 7.32
N ALA C 48 -46.98 -23.86 6.57
CA ALA C 48 -47.57 -25.10 7.03
C ALA C 48 -46.71 -26.25 6.53
N VAL C 49 -46.17 -27.02 7.47
CA VAL C 49 -45.26 -28.12 7.19
C VAL C 49 -45.95 -29.44 7.52
N PHE C 50 -45.90 -30.37 6.57
CA PHE C 50 -46.47 -31.71 6.70
C PHE C 50 -45.37 -32.78 6.75
N PRO C 51 -45.72 -34.03 7.04
CA PRO C 51 -44.68 -35.05 7.29
C PRO C 51 -44.05 -35.62 6.02
N GLU C 52 -42.95 -36.34 6.25
CA GLU C 52 -42.16 -36.97 5.21
C GLU C 52 -42.99 -37.90 4.31
N LEU C 53 -42.88 -37.70 3.01
CA LEU C 53 -43.57 -38.54 2.02
C LEU C 53 -45.08 -38.45 2.20
N THR C 54 -45.54 -37.24 2.51
CA THR C 54 -46.95 -37.00 2.80
C THR C 54 -47.87 -37.65 1.77
N LEU C 55 -47.63 -37.38 0.48
CA LEU C 55 -48.61 -37.75 -0.55
C LEU C 55 -48.68 -39.25 -0.81
N SER C 56 -47.68 -40.04 -0.41
CA SER C 56 -47.72 -41.48 -0.65
C SER C 56 -47.74 -42.31 0.62
N GLY C 57 -47.35 -41.74 1.76
CA GLY C 57 -47.09 -42.55 2.94
C GLY C 57 -45.64 -42.95 2.98
N TYR C 58 -45.00 -42.78 4.14
CA TYR C 58 -43.57 -43.04 4.25
C TYR C 58 -43.23 -44.52 4.33
N SER C 59 -44.14 -45.34 4.83
CA SER C 59 -43.84 -46.71 5.22
C SER C 59 -44.16 -47.74 4.14
N ILE C 60 -44.45 -47.31 2.91
CA ILE C 60 -45.00 -48.24 1.91
C ILE C 60 -43.92 -49.04 1.20
N GLU C 61 -42.65 -48.85 1.55
CA GLU C 61 -41.50 -49.63 1.04
C GLU C 61 -41.56 -49.71 -0.50
N ASP C 62 -41.40 -50.89 -1.10
CA ASP C 62 -41.27 -51.05 -2.55
C ASP C 62 -42.51 -50.59 -3.33
N VAL C 63 -43.61 -50.29 -2.64
CA VAL C 63 -44.77 -49.71 -3.31
C VAL C 63 -44.44 -48.33 -3.88
N LEU C 64 -43.35 -47.70 -3.41
CA LEU C 64 -42.88 -46.47 -4.02
C LEU C 64 -42.45 -46.69 -5.46
N LEU C 65 -42.05 -47.91 -5.80
CA LEU C 65 -41.51 -48.21 -7.12
C LEU C 65 -42.58 -48.59 -8.14
N GLN C 66 -43.86 -48.53 -7.78
CA GLN C 66 -44.92 -48.89 -8.70
C GLN C 66 -45.41 -47.67 -9.46
N ASP C 67 -45.48 -47.80 -10.78
CA ASP C 67 -45.78 -46.64 -11.64
C ASP C 67 -47.14 -46.02 -11.32
N SER C 68 -48.13 -46.84 -10.97
CA SER C 68 -49.45 -46.31 -10.66
C SER C 68 -49.41 -45.38 -9.45
N LEU C 69 -48.60 -45.74 -8.45
CA LEU C 69 -48.48 -44.88 -7.28
C LEU C 69 -47.85 -43.55 -7.64
N LEU C 70 -46.69 -43.58 -8.30
CA LEU C 70 -46.03 -42.34 -8.69
C LEU C 70 -46.96 -41.46 -9.51
N ASP C 71 -47.76 -42.07 -10.39
CA ASP C 71 -48.65 -41.27 -11.21
C ASP C 71 -49.76 -40.63 -10.37
N ALA C 72 -50.33 -41.37 -9.42
CA ALA C 72 -51.33 -40.77 -8.55
C ALA C 72 -50.72 -39.66 -7.68
N VAL C 73 -49.45 -39.82 -7.28
CA VAL C 73 -48.77 -38.78 -6.51
C VAL C 73 -48.66 -37.51 -7.34
N GLU C 74 -48.26 -37.65 -8.59
CA GLU C 74 -48.19 -36.49 -9.48
C GLU C 74 -49.56 -35.81 -9.59
N ASP C 75 -50.62 -36.60 -9.79
CA ASP C 75 -51.95 -36.01 -9.96
C ASP C 75 -52.40 -35.29 -8.70
N ALA C 76 -52.21 -35.91 -7.54
CA ALA C 76 -52.62 -35.30 -6.29
C ALA C 76 -51.82 -34.05 -6.02
N LEU C 77 -50.53 -34.08 -6.35
CA LEU C 77 -49.68 -32.91 -6.15
C LEU C 77 -50.18 -31.75 -6.98
N LEU C 78 -50.52 -32.00 -8.25
CA LEU C 78 -51.02 -30.92 -9.09
C LEU C 78 -52.36 -30.38 -8.58
N ASP C 79 -53.26 -31.26 -8.13
CA ASP C 79 -54.48 -30.78 -7.50
C ASP C 79 -54.16 -29.86 -6.33
N LEU C 80 -53.28 -30.30 -5.44
CA LEU C 80 -52.88 -29.48 -4.30
C LEU C 80 -52.40 -28.12 -4.75
N VAL C 81 -51.49 -28.09 -5.72
CA VAL C 81 -50.97 -26.81 -6.18
C VAL C 81 -52.13 -25.91 -6.63
N THR C 82 -53.01 -26.45 -7.48
CA THR C 82 -54.10 -25.62 -7.99
C THR C 82 -54.99 -25.10 -6.86
N GLU C 83 -55.28 -25.96 -5.88
CA GLU C 83 -56.09 -25.53 -4.75
C GLU C 83 -55.37 -24.48 -3.91
N SER C 84 -54.03 -24.54 -3.85
CA SER C 84 -53.27 -23.60 -3.04
C SER C 84 -53.31 -22.19 -3.59
N ALA C 85 -53.93 -21.97 -4.75
CA ALA C 85 -54.03 -20.62 -5.30
C ALA C 85 -54.86 -19.72 -4.39
N ASP C 86 -55.77 -20.30 -3.61
CA ASP C 86 -56.63 -19.54 -2.72
C ASP C 86 -56.20 -19.68 -1.26
N LEU C 87 -54.99 -20.20 -1.01
CA LEU C 87 -54.52 -20.45 0.34
C LEU C 87 -53.40 -19.49 0.68
N LEU C 88 -53.51 -18.86 1.85
CA LEU C 88 -52.44 -17.98 2.33
C LEU C 88 -51.12 -18.71 2.59
N PRO C 89 -51.07 -19.78 3.38
CA PRO C 89 -49.77 -20.27 3.85
C PRO C 89 -48.96 -20.91 2.74
N VAL C 90 -47.65 -20.98 2.99
CA VAL C 90 -46.75 -21.73 2.13
C VAL C 90 -46.83 -23.19 2.57
N LEU C 91 -47.22 -24.06 1.65
CA LEU C 91 -47.35 -25.48 1.94
C LEU C 91 -46.03 -26.18 1.65
N VAL C 92 -45.61 -27.03 2.57
CA VAL C 92 -44.40 -27.85 2.42
C VAL C 92 -44.88 -29.29 2.51
N VAL C 93 -44.96 -29.98 1.37
CA VAL C 93 -45.62 -31.27 1.31
C VAL C 93 -44.63 -32.34 0.85
N GLY C 94 -44.50 -33.42 1.61
CA GLY C 94 -43.63 -34.51 1.21
C GLY C 94 -44.20 -35.35 0.09
N ALA C 95 -43.31 -35.94 -0.73
CA ALA C 95 -43.70 -36.71 -1.90
C ALA C 95 -42.54 -37.46 -2.55
N PRO C 96 -42.77 -38.67 -3.08
CA PRO C 96 -41.72 -39.34 -3.86
C PRO C 96 -41.81 -38.93 -5.31
N LEU C 97 -40.79 -38.22 -5.82
CA LEU C 97 -40.86 -37.63 -7.14
C LEU C 97 -39.85 -38.26 -8.10
N ARG C 98 -40.17 -38.16 -9.38
CA ARG C 98 -39.36 -38.72 -10.45
C ARG C 98 -38.40 -37.67 -11.01
N HIS C 99 -37.10 -37.96 -10.98
CA HIS C 99 -36.12 -37.08 -11.59
C HIS C 99 -34.95 -37.88 -12.15
N ARG C 100 -34.53 -37.53 -13.38
CA ARG C 100 -33.49 -38.25 -14.10
C ARG C 100 -33.77 -39.76 -14.05
N HIS C 101 -32.90 -40.50 -13.37
CA HIS C 101 -32.98 -41.95 -13.23
C HIS C 101 -33.94 -42.43 -12.15
N ARG C 102 -34.04 -41.75 -11.01
CA ARG C 102 -34.70 -42.40 -9.88
C ARG C 102 -35.84 -41.54 -9.34
N ILE C 103 -36.39 -42.00 -8.25
CA ILE C 103 -37.28 -41.17 -7.46
C ILE C 103 -36.51 -40.69 -6.24
N TYR C 104 -36.66 -39.41 -5.97
CA TYR C 104 -36.07 -38.76 -4.82
C TYR C 104 -37.17 -38.52 -3.80
N ASN C 105 -36.78 -38.54 -2.54
CA ASN C 105 -37.62 -38.18 -1.39
C ASN C 105 -37.65 -36.67 -1.29
N THR C 106 -38.73 -36.06 -1.77
CA THR C 106 -38.76 -34.62 -1.89
C THR C 106 -39.82 -33.99 -1.00
N ALA C 107 -39.58 -32.73 -0.68
CA ALA C 107 -40.60 -31.82 -0.19
C ALA C 107 -40.88 -30.80 -1.28
N VAL C 108 -42.13 -30.75 -1.71
CA VAL C 108 -42.61 -29.74 -2.65
C VAL C 108 -42.99 -28.51 -1.85
N VAL C 109 -42.35 -27.39 -2.15
CA VAL C 109 -42.67 -26.11 -1.54
C VAL C 109 -43.61 -25.39 -2.49
N ILE C 110 -44.88 -25.28 -2.06
CA ILE C 110 -46.00 -24.81 -2.85
C ILE C 110 -46.47 -23.46 -2.29
N HIS C 111 -46.84 -22.54 -3.18
CA HIS C 111 -47.35 -21.23 -2.75
C HIS C 111 -48.22 -20.60 -3.81
N ARG C 112 -49.40 -20.13 -3.41
CA ARG C 112 -50.33 -19.36 -4.25
C ARG C 112 -50.48 -19.93 -5.67
N GLY C 113 -50.63 -21.24 -5.76
CA GLY C 113 -50.93 -21.88 -7.04
C GLY C 113 -49.74 -22.23 -7.91
N ALA C 114 -48.51 -22.06 -7.43
CA ALA C 114 -47.30 -22.39 -8.16
C ALA C 114 -46.38 -23.19 -7.24
N VAL C 115 -45.47 -23.95 -7.83
CA VAL C 115 -44.45 -24.66 -7.04
C VAL C 115 -43.21 -23.77 -6.98
N LEU C 116 -42.93 -23.20 -5.80
CA LEU C 116 -41.69 -22.46 -5.62
C LEU C 116 -40.48 -23.39 -5.70
N GLY C 117 -40.56 -24.58 -5.12
CA GLY C 117 -39.40 -25.44 -5.27
C GLY C 117 -39.63 -26.89 -4.95
N VAL C 118 -38.56 -27.68 -5.08
CA VAL C 118 -38.58 -29.12 -4.81
C VAL C 118 -37.26 -29.49 -4.17
N VAL C 119 -37.29 -29.82 -2.89
CA VAL C 119 -36.08 -30.12 -2.12
C VAL C 119 -35.97 -31.63 -1.94
N PRO C 120 -34.85 -32.25 -2.31
CA PRO C 120 -34.68 -33.68 -2.06
C PRO C 120 -34.04 -33.93 -0.71
N LYS C 121 -34.42 -35.05 -0.10
CA LYS C 121 -33.74 -35.50 1.10
C LYS C 121 -32.25 -35.71 0.80
N SER C 122 -31.40 -35.38 1.77
CA SER C 122 -29.97 -35.39 1.49
C SER C 122 -29.30 -36.69 1.91
N TYR C 123 -29.69 -37.25 3.05
CA TYR C 123 -29.02 -38.43 3.58
C TYR C 123 -30.09 -39.49 3.83
N LEU C 124 -30.14 -40.49 2.94
CA LEU C 124 -31.13 -41.54 3.05
C LEU C 124 -30.61 -42.62 3.99
N PRO C 125 -31.20 -42.79 5.18
CA PRO C 125 -30.68 -43.79 6.12
C PRO C 125 -30.94 -45.20 5.61
N THR C 126 -29.91 -46.04 5.73
CA THR C 126 -30.03 -47.46 5.41
C THR C 126 -29.32 -48.26 6.52
N TYR C 127 -30.05 -48.43 7.62
CA TYR C 127 -29.60 -49.11 8.84
C TYR C 127 -30.83 -49.40 9.70
N ARG C 128 -30.69 -50.41 10.59
CA ARG C 128 -31.74 -50.78 11.55
C ARG C 128 -33.12 -50.84 10.90
N GLU C 129 -34.06 -50.03 11.37
CA GLU C 129 -35.40 -50.12 10.81
C GLU C 129 -35.56 -49.37 9.49
N PHE C 130 -34.49 -48.86 8.88
CA PHE C 130 -34.56 -48.02 7.70
C PHE C 130 -33.93 -48.69 6.49
N TYR C 131 -34.63 -48.61 5.35
CA TYR C 131 -34.19 -49.25 4.11
C TYR C 131 -34.34 -48.30 2.92
N GLU C 132 -33.88 -47.06 3.09
CA GLU C 132 -34.30 -46.01 2.16
C GLU C 132 -33.50 -45.98 0.87
N ARG C 133 -32.21 -46.34 0.91
CA ARG C 133 -31.40 -46.28 -0.30
C ARG C 133 -31.83 -47.34 -1.29
N ARG C 134 -32.60 -48.34 -0.84
CA ARG C 134 -33.25 -49.26 -1.77
C ARG C 134 -34.09 -48.49 -2.77
N GLN C 135 -35.13 -47.81 -2.28
CA GLN C 135 -36.14 -47.24 -3.15
C GLN C 135 -35.78 -45.86 -3.67
N MET C 136 -35.02 -45.08 -2.91
CA MET C 136 -34.86 -43.68 -3.26
C MET C 136 -33.39 -43.32 -3.35
N ALA C 137 -33.11 -42.14 -3.96
CA ALA C 137 -31.77 -41.66 -4.29
C ALA C 137 -31.40 -40.46 -3.43
N PRO C 138 -30.13 -40.34 -3.01
CA PRO C 138 -29.70 -39.17 -2.26
C PRO C 138 -29.75 -37.90 -3.10
N GLY C 139 -29.97 -36.77 -2.41
CA GLY C 139 -30.02 -35.49 -3.06
C GLY C 139 -28.81 -34.59 -2.80
N ASP C 140 -27.82 -35.07 -2.04
CA ASP C 140 -26.68 -34.23 -1.65
C ASP C 140 -25.85 -33.86 -2.87
N GLY C 141 -25.95 -32.61 -3.31
CA GLY C 141 -25.24 -32.19 -4.49
C GLY C 141 -26.10 -32.10 -5.73
N GLU C 142 -27.36 -32.48 -5.66
CA GLU C 142 -28.25 -32.32 -6.80
C GLU C 142 -28.69 -30.86 -6.88
N ARG C 143 -28.39 -30.22 -8.02
CA ARG C 143 -28.88 -28.87 -8.29
C ARG C 143 -29.75 -28.88 -9.55
N GLY C 144 -29.99 -27.70 -10.13
CA GLY C 144 -30.71 -27.65 -11.38
C GLY C 144 -32.20 -27.42 -11.22
N THR C 145 -33.01 -27.96 -12.14
CA THR C 145 -34.46 -27.83 -12.07
C THR C 145 -35.11 -29.20 -12.22
N ILE C 146 -36.40 -29.25 -11.89
CA ILE C 146 -37.24 -30.42 -12.09
C ILE C 146 -38.52 -29.95 -12.78
N ARG C 147 -39.08 -30.82 -13.61
CA ARG C 147 -40.27 -30.49 -14.38
C ARG C 147 -41.50 -31.03 -13.68
N ILE C 148 -42.38 -30.12 -13.25
CA ILE C 148 -43.55 -30.48 -12.46
C ILE C 148 -44.74 -29.68 -12.97
N GLY C 149 -45.69 -30.35 -13.63
CA GLY C 149 -46.88 -29.68 -14.11
C GLY C 149 -46.58 -28.62 -15.15
N GLY C 150 -45.87 -29.00 -16.21
CA GLY C 150 -45.56 -28.06 -17.27
C GLY C 150 -44.84 -26.82 -16.80
N ALA C 151 -43.90 -26.97 -15.88
CA ALA C 151 -43.08 -25.85 -15.43
C ALA C 151 -41.76 -26.39 -14.90
N ASP C 152 -40.69 -25.67 -15.18
CA ASP C 152 -39.37 -26.03 -14.67
C ASP C 152 -39.15 -25.23 -13.39
N VAL C 153 -39.09 -25.93 -12.26
CA VAL C 153 -38.96 -25.28 -10.97
C VAL C 153 -37.61 -25.66 -10.36
N ALA C 154 -37.15 -24.83 -9.43
CA ALA C 154 -35.85 -25.07 -8.81
C ALA C 154 -35.82 -26.40 -8.06
N PHE C 155 -34.69 -27.10 -8.16
CA PHE C 155 -34.54 -28.43 -7.57
C PHE C 155 -33.17 -28.55 -6.93
N GLY C 156 -33.13 -28.83 -5.63
CA GLY C 156 -31.85 -29.12 -5.01
C GLY C 156 -31.85 -28.80 -3.53
N THR C 157 -30.75 -29.20 -2.90
CA THR C 157 -30.48 -28.95 -1.49
C THR C 157 -29.98 -27.55 -1.21
N ASP C 158 -30.15 -26.59 -2.13
CA ASP C 158 -29.53 -25.28 -1.98
C ASP C 158 -30.54 -24.15 -2.15
N LEU C 159 -31.79 -24.37 -1.78
CA LEU C 159 -32.81 -23.37 -2.00
C LEU C 159 -33.03 -22.56 -0.72
N LEU C 160 -33.60 -21.38 -0.91
CA LEU C 160 -34.06 -20.54 0.19
C LEU C 160 -35.30 -19.83 -0.31
N PHE C 161 -36.32 -19.76 0.53
CA PHE C 161 -37.59 -19.17 0.14
C PHE C 161 -37.79 -17.95 1.01
N ALA C 162 -37.44 -16.80 0.45
CA ALA C 162 -37.40 -15.53 1.16
C ALA C 162 -38.65 -14.73 0.84
N ALA C 163 -39.34 -14.27 1.89
CA ALA C 163 -40.55 -13.48 1.69
C ALA C 163 -40.14 -12.05 1.35
N SER C 164 -40.57 -11.59 0.18
CA SER C 164 -40.14 -10.28 -0.29
C SER C 164 -40.78 -9.16 0.50
N ASP C 165 -41.92 -9.40 1.13
CA ASP C 165 -42.56 -8.41 2.00
C ASP C 165 -42.31 -8.67 3.49
N LEU C 166 -41.72 -9.81 3.87
CA LEU C 166 -41.37 -10.14 5.26
C LEU C 166 -39.91 -10.55 5.31
N PRO C 167 -38.99 -9.59 5.35
CA PRO C 167 -37.56 -9.95 5.23
C PRO C 167 -37.05 -10.78 6.39
N GLY C 168 -37.79 -10.85 7.49
CA GLY C 168 -37.35 -11.74 8.53
C GLY C 168 -37.69 -13.19 8.26
N PHE C 169 -38.59 -13.44 7.32
CA PHE C 169 -39.10 -14.78 7.00
C PHE C 169 -38.34 -15.29 5.79
N VAL C 170 -37.36 -16.15 6.04
CA VAL C 170 -36.58 -16.78 4.99
C VAL C 170 -36.54 -18.26 5.30
N LEU C 171 -37.16 -19.06 4.43
CA LEU C 171 -37.42 -20.47 4.70
C LEU C 171 -36.36 -21.38 4.08
N HIS C 172 -35.97 -22.40 4.84
CA HIS C 172 -35.19 -23.52 4.34
C HIS C 172 -35.84 -24.83 4.78
N VAL C 173 -35.70 -25.85 3.94
CA VAL C 173 -36.40 -27.11 4.11
C VAL C 173 -35.40 -28.26 4.01
N GLU C 174 -35.28 -29.04 5.07
CA GLU C 174 -34.58 -30.31 5.08
C GLU C 174 -35.58 -31.40 5.47
N ILE C 175 -35.13 -32.64 5.59
CA ILE C 175 -36.05 -33.76 5.79
C ILE C 175 -35.44 -34.81 6.71
N ALA C 176 -36.13 -35.07 7.83
CA ALA C 176 -35.79 -36.16 8.75
C ALA C 176 -34.29 -36.30 9.00
N GLU C 177 -33.72 -37.41 8.52
CA GLU C 177 -32.33 -37.76 8.79
C GLU C 177 -31.36 -36.60 8.58
N ASP C 178 -31.76 -35.63 7.77
CA ASP C 178 -30.91 -34.48 7.48
C ASP C 178 -30.40 -33.81 8.76
N MET C 179 -31.26 -33.63 9.76
CA MET C 179 -30.81 -32.86 10.91
C MET C 179 -30.03 -33.70 11.93
N PHE C 180 -29.83 -34.99 11.69
CA PHE C 180 -29.12 -35.86 12.64
C PHE C 180 -27.64 -36.05 12.30
N VAL C 181 -27.14 -35.47 11.21
CA VAL C 181 -25.75 -35.72 10.83
C VAL C 181 -24.88 -34.59 11.39
N PRO C 182 -23.57 -34.81 11.57
CA PRO C 182 -22.70 -33.76 12.15
C PRO C 182 -22.79 -32.41 11.45
N MET C 183 -23.07 -32.38 10.15
CA MET C 183 -23.12 -31.13 9.39
C MET C 183 -24.41 -31.10 8.59
N PRO C 184 -25.50 -30.61 9.20
CA PRO C 184 -26.81 -30.66 8.55
C PRO C 184 -26.99 -29.54 7.55
N PRO C 185 -27.69 -29.81 6.44
CA PRO C 185 -28.01 -28.74 5.47
C PRO C 185 -28.59 -27.50 6.10
N SER C 186 -29.34 -27.66 7.19
CA SER C 186 -29.96 -26.49 7.80
C SER C 186 -28.93 -25.51 8.36
N ALA C 187 -27.77 -25.98 8.84
CA ALA C 187 -26.78 -25.06 9.41
C ALA C 187 -26.18 -24.16 8.35
N GLU C 188 -25.66 -24.77 7.28
CA GLU C 188 -25.28 -23.97 6.13
C GLU C 188 -26.40 -23.01 5.78
N ALA C 189 -27.62 -23.52 5.65
CA ALA C 189 -28.73 -22.67 5.21
C ALA C 189 -28.92 -21.49 6.14
N ALA C 190 -28.73 -21.69 7.44
CA ALA C 190 -28.92 -20.62 8.42
C ALA C 190 -27.87 -19.55 8.25
N LEU C 191 -26.59 -19.95 8.18
CA LEU C 191 -25.55 -18.99 7.82
C LEU C 191 -25.90 -18.27 6.52
N ALA C 192 -26.41 -19.00 5.53
CA ALA C 192 -26.83 -18.42 4.26
C ALA C 192 -28.00 -17.47 4.40
N GLY C 193 -28.67 -17.43 5.55
CA GLY C 193 -29.72 -16.46 5.76
C GLY C 193 -31.10 -17.03 6.06
N ALA C 194 -31.18 -18.33 6.30
CA ALA C 194 -32.47 -18.94 6.58
C ALA C 194 -32.83 -18.64 8.02
N THR C 195 -34.09 -18.22 8.25
CA THR C 195 -34.55 -17.87 9.59
C THR C 195 -35.57 -18.84 10.16
N VAL C 196 -36.33 -19.50 9.30
CA VAL C 196 -37.29 -20.51 9.69
C VAL C 196 -36.82 -21.81 9.05
N LEU C 197 -36.42 -22.76 9.88
CA LEU C 197 -35.94 -24.05 9.39
C LEU C 197 -37.05 -25.09 9.52
N ALA C 198 -37.50 -25.62 8.39
CA ALA C 198 -38.51 -26.66 8.32
C ALA C 198 -37.87 -28.05 8.21
N ASN C 199 -38.54 -29.03 8.82
CA ASN C 199 -38.12 -30.43 8.77
C ASN C 199 -39.35 -31.30 8.62
N LEU C 200 -39.45 -32.01 7.49
CA LEU C 200 -40.46 -33.03 7.28
C LEU C 200 -39.89 -34.36 7.72
N SER C 201 -40.64 -35.08 8.55
CA SER C 201 -40.11 -36.27 9.19
C SER C 201 -41.16 -37.37 9.17
N GLY C 202 -40.74 -38.58 8.83
CA GLY C 202 -41.61 -39.74 8.95
C GLY C 202 -41.49 -40.32 10.34
N SER C 203 -40.24 -40.63 10.73
CA SER C 203 -39.85 -40.91 12.11
C SER C 203 -40.73 -41.99 12.74
N PRO C 204 -40.47 -43.26 12.47
CA PRO C 204 -41.08 -44.32 13.27
C PRO C 204 -40.70 -44.14 14.74
N ILE C 205 -41.72 -44.08 15.60
CA ILE C 205 -41.54 -43.75 17.01
C ILE C 205 -40.99 -44.94 17.76
N THR C 206 -40.23 -44.63 18.81
CA THR C 206 -39.45 -45.59 19.57
C THR C 206 -39.24 -45.04 20.96
N ILE C 207 -39.01 -45.94 21.92
CA ILE C 207 -38.65 -45.50 23.26
C ILE C 207 -37.44 -44.60 23.15
N GLY C 208 -37.61 -43.33 23.53
CA GLY C 208 -36.53 -42.39 23.54
C GLY C 208 -36.26 -41.66 22.24
N ARG C 209 -37.04 -41.89 21.20
CA ARG C 209 -36.80 -41.17 19.97
C ARG C 209 -37.37 -39.77 20.01
N ALA C 210 -38.52 -39.56 20.66
CA ALA C 210 -39.05 -38.20 20.79
C ALA C 210 -38.09 -37.33 21.59
N GLU C 211 -37.42 -37.91 22.58
CA GLU C 211 -36.38 -37.16 23.27
C GLU C 211 -35.28 -36.74 22.30
N ASP C 212 -34.85 -37.65 21.42
CA ASP C 212 -33.81 -37.29 20.46
C ASP C 212 -34.31 -36.23 19.47
N ARG C 213 -35.52 -36.42 18.96
CA ARG C 213 -36.13 -35.40 18.11
C ARG C 213 -36.05 -34.03 18.77
N ARG C 214 -36.46 -33.95 20.04
CA ARG C 214 -36.46 -32.65 20.71
C ARG C 214 -35.04 -32.14 20.89
N LEU C 215 -34.14 -33.02 21.34
CA LEU C 215 -32.74 -32.62 21.53
C LEU C 215 -32.19 -31.97 20.27
N LEU C 216 -32.30 -32.65 19.13
CA LEU C 216 -31.69 -32.10 17.94
C LEU C 216 -32.45 -30.90 17.40
N ALA C 217 -33.79 -30.91 17.43
CA ALA C 217 -34.55 -29.75 16.95
C ALA C 217 -34.27 -28.52 17.78
N ARG C 218 -34.28 -28.65 19.11
CA ARG C 218 -34.00 -27.53 19.99
C ARG C 218 -32.56 -27.06 19.81
N SER C 219 -31.62 -28.01 19.78
CA SER C 219 -30.22 -27.66 19.59
C SER C 219 -30.03 -26.93 18.27
N ALA C 220 -30.75 -27.34 17.23
CA ALA C 220 -30.69 -26.63 15.96
C ALA C 220 -31.22 -25.22 16.11
N SER C 221 -32.40 -25.07 16.69
CA SER C 221 -32.96 -23.72 16.83
C SER C 221 -32.03 -22.80 17.61
N ALA C 222 -31.30 -23.33 18.58
CA ALA C 222 -30.39 -22.50 19.38
C ALA C 222 -29.12 -22.17 18.59
N ARG C 223 -28.36 -23.19 18.18
CA ARG C 223 -27.12 -22.99 17.42
C ARG C 223 -27.34 -22.10 16.20
N CYS C 224 -28.40 -22.33 15.44
CA CYS C 224 -28.63 -21.56 14.23
C CYS C 224 -29.37 -20.26 14.47
N LEU C 225 -29.71 -19.95 15.72
CA LEU C 225 -30.44 -18.72 16.05
C LEU C 225 -31.63 -18.55 15.12
N ALA C 226 -32.38 -19.63 14.92
CA ALA C 226 -33.47 -19.64 13.97
C ALA C 226 -34.65 -20.37 14.59
N ALA C 227 -35.77 -20.35 13.89
CA ALA C 227 -36.94 -21.13 14.26
C ALA C 227 -36.92 -22.48 13.56
N TYR C 228 -37.34 -23.51 14.29
CA TYR C 228 -37.33 -24.89 13.80
C TYR C 228 -38.73 -25.48 13.83
N VAL C 229 -39.18 -25.97 12.68
CA VAL C 229 -40.50 -26.54 12.51
C VAL C 229 -40.36 -28.03 12.19
N TYR C 230 -40.94 -28.89 13.04
CA TYR C 230 -40.83 -30.34 12.91
C TYR C 230 -42.22 -30.95 12.84
N ALA C 231 -42.40 -31.90 11.92
CA ALA C 231 -43.69 -32.57 11.76
C ALA C 231 -43.45 -34.04 11.41
N ALA C 232 -44.00 -34.94 12.23
CA ALA C 232 -43.82 -36.37 12.03
C ALA C 232 -45.11 -37.06 11.61
N ALA C 233 -44.96 -38.26 11.08
CA ALA C 233 -46.08 -39.01 10.53
C ALA C 233 -46.89 -39.65 11.65
N GLY C 234 -48.21 -39.69 11.46
CA GLY C 234 -49.10 -40.17 12.49
C GLY C 234 -49.97 -41.34 12.10
N GLU C 235 -51.27 -41.24 12.39
CA GLU C 235 -52.20 -42.34 12.14
C GLU C 235 -52.31 -42.63 10.65
N GLY C 236 -52.20 -43.91 10.29
CA GLY C 236 -52.33 -44.37 8.91
C GLY C 236 -51.11 -45.07 8.36
N GLU C 237 -49.93 -44.81 8.91
CA GLU C 237 -48.72 -45.44 8.41
C GLU C 237 -48.72 -46.91 8.78
N SER C 238 -48.27 -47.75 7.84
CA SER C 238 -48.28 -49.19 8.00
C SER C 238 -47.60 -49.65 9.27
N THR C 239 -48.38 -50.28 10.16
CA THR C 239 -47.87 -50.90 11.38
C THR C 239 -47.43 -52.35 11.17
N THR C 240 -46.97 -52.67 9.95
CA THR C 240 -46.35 -53.98 9.71
C THR C 240 -45.16 -54.20 10.62
N ASP C 241 -44.29 -53.22 10.76
CA ASP C 241 -43.14 -53.38 11.64
C ASP C 241 -42.82 -52.16 12.50
N LEU C 242 -43.51 -51.04 12.32
CA LEU C 242 -43.23 -49.81 13.04
C LEU C 242 -44.51 -49.22 13.61
N ALA C 243 -44.36 -48.29 14.55
CA ALA C 243 -45.48 -47.51 15.06
C ALA C 243 -45.18 -46.03 14.85
N TRP C 244 -46.23 -45.22 14.94
CA TRP C 244 -46.14 -43.82 14.54
C TRP C 244 -46.92 -42.96 15.52
N ASP C 245 -46.27 -41.92 16.06
CA ASP C 245 -46.92 -41.07 17.07
C ASP C 245 -47.38 -39.72 16.55
N GLY C 246 -46.89 -39.28 15.39
CA GLY C 246 -47.36 -38.03 14.81
C GLY C 246 -47.00 -36.78 15.59
N GLN C 247 -45.82 -36.76 16.19
CA GLN C 247 -45.44 -35.59 16.96
C GLN C 247 -45.15 -34.40 16.04
N THR C 248 -45.66 -33.23 16.41
CA THR C 248 -45.30 -31.99 15.74
C THR C 248 -44.83 -31.01 16.80
N MET C 249 -43.83 -30.19 16.47
CA MET C 249 -43.33 -29.22 17.44
C MET C 249 -42.67 -28.03 16.74
N ILE C 250 -42.67 -26.90 17.45
CA ILE C 250 -42.13 -25.63 16.95
C ILE C 250 -41.20 -25.07 18.01
N TRP C 251 -39.93 -24.92 17.67
CA TRP C 251 -38.89 -24.39 18.52
C TRP C 251 -38.42 -23.03 18.01
N GLU C 252 -37.87 -22.21 18.91
CA GLU C 252 -37.31 -20.93 18.47
C GLU C 252 -36.15 -20.57 19.39
N ASN C 253 -34.91 -20.68 18.87
CA ASN C 253 -33.71 -20.32 19.62
C ASN C 253 -33.63 -21.05 20.96
N GLY C 254 -33.91 -22.34 20.94
CA GLY C 254 -33.82 -23.17 22.13
C GLY C 254 -35.06 -23.25 22.99
N ALA C 255 -36.09 -22.46 22.68
CA ALA C 255 -37.28 -22.37 23.53
C ALA C 255 -38.47 -22.96 22.79
N LEU C 256 -39.12 -23.96 23.40
CA LEU C 256 -40.26 -24.62 22.79
C LEU C 256 -41.40 -23.61 22.66
N LEU C 257 -41.75 -23.26 21.43
CA LEU C 257 -42.88 -22.36 21.23
C LEU C 257 -44.19 -23.12 21.28
N ALA C 258 -44.23 -24.35 20.77
CA ALA C 258 -45.46 -25.11 20.75
C ALA C 258 -45.16 -26.57 20.49
N GLU C 259 -46.12 -27.43 20.82
CA GLU C 259 -46.02 -28.84 20.48
C GLU C 259 -47.43 -29.45 20.53
N SER C 260 -47.54 -30.66 20.03
CA SER C 260 -48.86 -31.26 19.88
C SER C 260 -48.93 -32.58 20.61
N GLU C 261 -50.17 -33.04 20.81
CA GLU C 261 -50.42 -34.33 21.44
C GLU C 261 -49.72 -35.46 20.68
N ARG C 262 -48.95 -36.28 21.42
CA ARG C 262 -48.39 -37.50 20.87
C ARG C 262 -49.47 -38.57 20.81
N PHE C 263 -49.28 -39.52 19.88
CA PHE C 263 -50.23 -40.60 19.63
C PHE C 263 -51.67 -40.10 19.63
N PRO C 264 -52.00 -39.08 18.84
CA PRO C 264 -53.35 -38.54 18.85
C PRO C 264 -54.30 -39.48 18.12
N LYS C 265 -55.59 -39.20 18.29
CA LYS C 265 -56.62 -39.78 17.45
C LYS C 265 -57.14 -38.61 16.62
N GLY C 266 -56.70 -38.53 15.38
CA GLY C 266 -57.06 -37.45 14.49
C GLY C 266 -55.89 -36.52 14.22
N VAL C 267 -56.07 -35.71 13.19
CA VAL C 267 -55.02 -34.78 12.78
C VAL C 267 -54.71 -33.77 13.88
N ARG C 268 -53.50 -33.22 13.84
CA ARG C 268 -53.08 -32.23 14.82
C ARG C 268 -52.24 -31.17 14.14
N ARG C 269 -52.25 -29.98 14.75
CA ARG C 269 -51.38 -28.87 14.36
C ARG C 269 -50.67 -28.32 15.58
N SER C 270 -49.52 -27.72 15.31
CA SER C 270 -48.87 -26.79 16.24
C SER C 270 -48.76 -25.48 15.48
N VAL C 271 -49.53 -24.48 15.92
CA VAL C 271 -49.53 -23.15 15.31
C VAL C 271 -48.91 -22.20 16.31
N ALA C 272 -47.90 -21.43 15.87
CA ALA C 272 -47.23 -20.49 16.76
C ALA C 272 -46.83 -19.23 15.99
N ASP C 273 -46.59 -18.17 16.76
CA ASP C 273 -46.14 -16.89 16.21
C ASP C 273 -44.64 -16.77 16.46
N VAL C 274 -43.85 -16.81 15.39
CA VAL C 274 -42.40 -16.69 15.47
C VAL C 274 -42.01 -15.23 15.43
N ASP C 275 -41.27 -14.79 16.44
CA ASP C 275 -40.81 -13.41 16.52
C ASP C 275 -39.56 -13.30 15.67
N THR C 276 -39.74 -12.97 14.38
CA THR C 276 -38.58 -12.86 13.50
C THR C 276 -37.62 -11.80 14.00
N GLU C 277 -38.17 -10.76 14.67
CA GLU C 277 -37.32 -9.70 15.22
C GLU C 277 -36.40 -10.23 16.32
N LEU C 278 -36.87 -11.18 17.13
CA LEU C 278 -35.99 -11.75 18.13
C LEU C 278 -34.80 -12.46 17.48
N LEU C 279 -35.05 -13.17 16.37
CA LEU C 279 -33.97 -13.79 15.62
C LEU C 279 -33.07 -12.75 15.00
N ARG C 280 -33.66 -11.75 14.32
CA ARG C 280 -32.90 -10.65 13.76
C ARG C 280 -31.94 -10.06 14.77
N SER C 281 -32.41 -9.86 16.01
CA SER C 281 -31.63 -9.18 17.03
C SER C 281 -30.52 -10.07 17.58
N GLU C 282 -30.86 -11.31 17.92
CA GLU C 282 -29.82 -12.24 18.35
C GLU C 282 -28.71 -12.33 17.32
N ARG C 283 -29.06 -12.25 16.03
CA ARG C 283 -28.06 -12.38 14.98
C ARG C 283 -27.27 -11.09 14.78
N LEU C 284 -27.94 -9.95 14.96
CA LEU C 284 -27.24 -8.67 14.93
C LEU C 284 -26.14 -8.64 15.98
N ARG C 285 -26.41 -9.19 17.16
CA ARG C 285 -25.44 -9.04 18.22
C ARG C 285 -24.40 -10.14 18.28
N MET C 286 -24.68 -11.32 17.74
CA MET C 286 -23.72 -12.43 17.85
C MET C 286 -22.79 -12.37 16.64
N GLY C 287 -21.68 -11.66 16.81
CA GLY C 287 -20.75 -11.50 15.72
C GLY C 287 -20.24 -12.82 15.19
N THR C 288 -19.96 -13.76 16.10
CA THR C 288 -19.39 -15.02 15.67
C THR C 288 -20.29 -15.79 14.72
N PHE C 289 -21.60 -15.52 14.72
CA PHE C 289 -22.48 -16.12 13.71
C PHE C 289 -22.07 -15.71 12.30
N ASP C 290 -21.99 -14.40 12.04
CA ASP C 290 -21.55 -13.95 10.73
C ASP C 290 -20.11 -14.34 10.47
N ASP C 291 -19.27 -14.37 11.50
CA ASP C 291 -17.90 -14.86 11.34
C ASP C 291 -17.88 -16.30 10.82
N ASN C 292 -18.77 -17.13 11.36
CA ASN C 292 -18.86 -18.50 10.90
C ASN C 292 -19.31 -18.55 9.45
N ARG C 293 -20.27 -17.71 9.09
CA ARG C 293 -20.70 -17.66 7.69
C ARG C 293 -19.54 -17.28 6.77
N ARG C 294 -18.74 -16.30 7.18
CA ARG C 294 -17.63 -15.86 6.33
C ARG C 294 -16.62 -16.97 6.15
N HIS C 295 -16.25 -17.65 7.24
CA HIS C 295 -15.31 -18.76 7.12
C HIS C 295 -15.76 -19.80 6.12
N HIS C 296 -17.08 -19.96 5.96
CA HIS C 296 -17.65 -20.85 4.95
C HIS C 296 -18.34 -20.05 3.86
N ARG C 297 -17.62 -19.12 3.22
CA ARG C 297 -18.23 -18.22 2.26
C ARG C 297 -18.67 -18.94 0.97
N GLU C 298 -17.80 -19.80 0.42
CA GLU C 298 -18.15 -20.54 -0.78
C GLU C 298 -19.37 -21.44 -0.57
N LEU C 299 -19.40 -22.18 0.55
CA LEU C 299 -20.56 -23.03 0.83
C LEU C 299 -21.84 -22.21 0.94
N THR C 300 -21.74 -20.97 1.41
CA THR C 300 -22.94 -20.23 1.78
C THR C 300 -23.43 -19.28 0.71
N GLU C 301 -22.59 -18.94 -0.28
CA GLU C 301 -23.08 -18.08 -1.35
C GLU C 301 -23.74 -18.88 -2.46
N SER C 302 -23.52 -20.19 -2.49
CA SER C 302 -24.10 -21.06 -3.49
C SER C 302 -25.59 -21.32 -3.29
N PHE C 303 -26.24 -20.72 -2.29
CA PHE C 303 -27.67 -20.93 -2.13
C PHE C 303 -28.44 -20.05 -3.14
N ARG C 304 -29.57 -20.57 -3.58
CA ARG C 304 -30.45 -19.88 -4.53
C ARG C 304 -31.67 -19.32 -3.82
N ARG C 305 -31.93 -18.01 -3.99
CA ARG C 305 -33.07 -17.36 -3.36
C ARG C 305 -34.26 -17.35 -4.32
N ILE C 306 -35.34 -18.01 -3.93
CA ILE C 306 -36.61 -17.95 -4.65
C ILE C 306 -37.50 -16.96 -3.88
N ASP C 307 -37.75 -15.79 -4.47
CA ASP C 307 -38.51 -14.74 -3.81
C ASP C 307 -40.00 -14.95 -4.04
N PHE C 308 -40.81 -14.64 -3.03
CA PHE C 308 -42.26 -14.76 -3.15
C PHE C 308 -42.94 -13.75 -2.26
N ALA C 309 -44.13 -13.31 -2.67
CA ALA C 309 -44.88 -12.31 -1.93
C ALA C 309 -45.97 -13.00 -1.11
N LEU C 310 -45.84 -12.91 0.22
CA LEU C 310 -46.77 -13.60 1.12
C LEU C 310 -48.07 -12.82 1.30
N ASP C 311 -47.97 -11.50 1.50
CA ASP C 311 -49.11 -10.61 1.72
C ASP C 311 -49.98 -11.15 2.86
N PRO C 312 -49.57 -10.96 4.12
CA PRO C 312 -50.31 -11.56 5.22
C PRO C 312 -51.46 -10.65 5.63
N PRO C 313 -52.40 -11.17 6.42
CA PRO C 313 -53.48 -10.30 6.91
C PRO C 313 -52.92 -9.21 7.81
N ALA C 314 -53.47 -8.01 7.65
CA ALA C 314 -53.00 -6.81 8.35
C ALA C 314 -53.79 -6.47 9.61
N GLY C 315 -54.79 -7.27 9.98
CA GLY C 315 -55.66 -6.94 11.09
C GLY C 315 -55.26 -7.64 12.39
N ASP C 316 -56.17 -7.59 13.34
CA ASP C 316 -55.97 -8.23 14.64
C ASP C 316 -56.21 -9.72 14.49
N ILE C 317 -55.19 -10.54 14.75
CA ILE C 317 -55.39 -12.00 14.70
C ILE C 317 -54.86 -12.65 15.97
N GLY C 318 -54.81 -11.88 17.06
CA GLY C 318 -54.27 -12.34 18.32
C GLY C 318 -52.74 -12.44 18.27
N LEU C 319 -52.20 -13.14 19.27
CA LEU C 319 -50.78 -13.47 19.29
C LEU C 319 -50.62 -14.86 19.90
N LEU C 320 -50.34 -15.85 19.04
CA LEU C 320 -50.19 -17.23 19.48
C LEU C 320 -48.80 -17.44 20.07
N ARG C 321 -48.57 -16.78 21.22
CA ARG C 321 -47.26 -16.80 21.87
C ARG C 321 -47.43 -16.40 23.32
N GLU C 322 -46.75 -17.12 24.21
CA GLU C 322 -46.86 -16.91 25.66
C GLU C 322 -45.82 -15.88 26.10
N VAL C 323 -46.25 -14.63 26.23
CA VAL C 323 -45.37 -13.58 26.69
C VAL C 323 -45.43 -13.56 28.21
N GLU C 324 -44.33 -13.93 28.86
CA GLU C 324 -44.32 -13.97 30.32
C GLU C 324 -44.29 -12.57 30.91
N ARG C 325 -45.06 -12.38 31.98
CA ARG C 325 -45.13 -11.06 32.62
C ARG C 325 -43.78 -10.63 33.17
N PHE C 326 -42.95 -11.59 33.59
CA PHE C 326 -41.66 -11.29 34.22
C PHE C 326 -40.56 -11.96 33.43
N PRO C 327 -39.99 -11.27 32.44
CA PRO C 327 -38.85 -11.84 31.72
C PRO C 327 -37.70 -12.25 32.62
N PHE C 328 -37.56 -11.63 33.78
CA PHE C 328 -36.49 -11.98 34.70
C PHE C 328 -36.91 -13.04 35.71
N VAL C 329 -38.20 -13.26 35.88
CA VAL C 329 -38.75 -14.17 36.86
C VAL C 329 -39.61 -15.21 36.15
N PRO C 330 -39.07 -16.38 35.85
CA PRO C 330 -39.86 -17.40 35.15
C PRO C 330 -40.99 -17.92 36.04
N ALA C 331 -42.16 -18.09 35.44
CA ALA C 331 -43.35 -18.52 36.17
C ALA C 331 -43.37 -20.00 36.48
N ASP C 332 -42.56 -20.81 35.80
CA ASP C 332 -42.47 -22.23 36.15
C ASP C 332 -41.67 -22.39 37.44
N PRO C 333 -42.24 -23.00 38.47
CA PRO C 333 -41.57 -23.00 39.79
C PRO C 333 -40.20 -23.64 39.81
N GLN C 334 -40.01 -24.70 39.03
CA GLN C 334 -38.73 -25.40 38.98
C GLN C 334 -37.65 -24.54 38.35
N ARG C 335 -38.01 -23.89 37.24
CA ARG C 335 -37.08 -22.99 36.57
C ARG C 335 -36.75 -21.79 37.45
N LEU C 336 -37.75 -21.28 38.19
CA LEU C 336 -37.49 -20.16 39.09
C LEU C 336 -36.60 -20.59 40.25
N GLN C 337 -36.75 -21.82 40.72
CA GLN C 337 -35.84 -22.33 41.74
C GLN C 337 -34.41 -22.33 41.21
N GLN C 338 -34.22 -22.88 40.01
CA GLN C 338 -32.88 -22.91 39.42
C GLN C 338 -32.32 -21.49 39.25
N ASP C 339 -33.14 -20.59 38.73
CA ASP C 339 -32.71 -19.22 38.49
C ASP C 339 -32.24 -18.57 39.78
N CYS C 340 -33.04 -18.70 40.86
CA CYS C 340 -32.69 -18.09 42.14
C CYS C 340 -31.40 -18.67 42.69
N TYR C 341 -31.25 -20.00 42.60
CA TYR C 341 -29.98 -20.63 42.96
C TYR C 341 -28.81 -19.98 42.24
N GLU C 342 -28.90 -19.90 40.91
CA GLU C 342 -27.77 -19.38 40.12
C GLU C 342 -27.45 -17.93 40.49
N ALA C 343 -28.47 -17.09 40.55
CA ALA C 343 -28.28 -15.69 40.93
C ALA C 343 -27.57 -15.58 42.27
N TYR C 344 -28.15 -16.23 43.29
CA TYR C 344 -27.60 -16.14 44.64
C TYR C 344 -26.16 -16.62 44.69
N ASN C 345 -25.85 -17.70 44.00
CA ASN C 345 -24.49 -18.21 44.07
C ASN C 345 -23.50 -17.31 43.34
N ILE C 346 -23.90 -16.70 42.23
CA ILE C 346 -22.93 -15.86 41.55
C ILE C 346 -22.66 -14.59 42.37
N GLN C 347 -23.69 -14.07 43.03
CA GLN C 347 -23.47 -12.94 43.96
C GLN C 347 -22.50 -13.31 45.06
N VAL C 348 -22.80 -14.38 45.79
CA VAL C 348 -21.94 -14.82 46.88
C VAL C 348 -20.51 -14.98 46.38
N SER C 349 -20.33 -15.66 45.23
CA SER C 349 -18.99 -16.02 44.78
C SER C 349 -18.21 -14.81 44.27
N GLY C 350 -18.88 -13.85 43.63
CA GLY C 350 -18.20 -12.63 43.22
C GLY C 350 -17.73 -11.85 44.42
N LEU C 351 -18.59 -11.77 45.45
CA LEU C 351 -18.14 -11.13 46.67
C LEU C 351 -17.00 -11.91 47.31
N GLU C 352 -17.10 -13.23 47.34
CA GLU C 352 -16.03 -14.05 47.90
C GLU C 352 -14.69 -13.71 47.28
N GLN C 353 -14.67 -13.62 45.95
CA GLN C 353 -13.39 -13.37 45.28
C GLN C 353 -12.87 -11.98 45.61
N ARG C 354 -13.76 -10.96 45.53
CA ARG C 354 -13.35 -9.63 45.94
C ARG C 354 -12.73 -9.64 47.34
N LEU C 355 -13.31 -10.45 48.24
CA LEU C 355 -12.84 -10.50 49.62
C LEU C 355 -11.48 -11.18 49.73
N ARG C 356 -11.32 -12.33 49.07
CA ARG C 356 -10.03 -13.01 49.08
C ARG C 356 -8.92 -12.10 48.58
N ALA C 357 -9.21 -11.32 47.52
CA ALA C 357 -8.20 -10.43 46.95
C ALA C 357 -7.64 -9.47 48.00
N LEU C 358 -8.51 -8.88 48.82
CA LEU C 358 -8.12 -7.88 49.81
C LEU C 358 -7.83 -8.47 51.20
N ASP C 359 -7.18 -9.64 51.28
CA ASP C 359 -6.76 -10.26 52.54
C ASP C 359 -7.90 -10.39 53.54
N TYR C 360 -9.11 -10.60 53.04
CA TYR C 360 -10.29 -10.73 53.89
C TYR C 360 -10.47 -9.47 54.73
N PRO C 361 -10.97 -8.39 54.13
CA PRO C 361 -11.23 -7.17 54.90
C PRO C 361 -12.53 -7.30 55.63
N LYS C 362 -12.96 -6.21 56.26
CA LYS C 362 -14.29 -6.12 56.83
C LYS C 362 -15.28 -5.66 55.76
N VAL C 363 -16.57 -5.78 56.09
CA VAL C 363 -17.68 -5.50 55.17
C VAL C 363 -18.57 -4.45 55.84
N VAL C 364 -18.45 -3.20 55.42
CA VAL C 364 -19.25 -2.10 55.93
C VAL C 364 -20.51 -1.98 55.08
N ILE C 365 -21.69 -2.07 55.69
CA ILE C 365 -22.93 -2.04 54.92
C ILE C 365 -24.01 -1.27 55.69
N GLY C 366 -24.62 -0.30 55.01
CA GLY C 366 -25.75 0.43 55.54
C GLY C 366 -27.05 -0.29 55.23
N VAL C 367 -27.72 -0.76 56.28
CA VAL C 367 -28.90 -1.61 56.15
C VAL C 367 -30.13 -0.81 56.57
N SER C 368 -31.06 -0.61 55.64
CA SER C 368 -32.28 0.13 55.90
C SER C 368 -33.46 -0.76 56.30
N GLY C 369 -33.34 -2.07 56.15
CA GLY C 369 -34.47 -2.94 56.38
C GLY C 369 -35.39 -3.09 55.19
N GLY C 370 -35.03 -2.53 54.05
CA GLY C 370 -35.73 -2.78 52.82
C GLY C 370 -35.22 -4.04 52.17
N LEU C 371 -35.74 -4.32 50.97
CA LEU C 371 -35.42 -5.57 50.29
C LEU C 371 -33.95 -5.63 49.89
N ASP C 372 -33.46 -4.61 49.15
CA ASP C 372 -32.12 -4.69 48.57
C ASP C 372 -31.05 -4.79 49.66
N SER C 373 -31.19 -3.98 50.71
CA SER C 373 -30.21 -4.03 51.79
C SER C 373 -30.25 -5.38 52.51
N THR C 374 -31.47 -5.85 52.80
CA THR C 374 -31.66 -7.15 53.44
C THR C 374 -30.92 -8.23 52.67
N HIS C 375 -31.18 -8.28 51.36
CA HIS C 375 -30.56 -9.31 50.52
C HIS C 375 -29.05 -9.15 50.45
N ALA C 376 -28.56 -7.92 50.33
CA ALA C 376 -27.13 -7.72 50.27
C ALA C 376 -26.45 -8.20 51.55
N LEU C 377 -27.10 -7.96 52.70
CA LEU C 377 -26.54 -8.42 53.97
C LEU C 377 -26.52 -9.94 54.04
N ILE C 378 -27.60 -10.60 53.60
CA ILE C 378 -27.63 -12.06 53.50
C ILE C 378 -26.46 -12.55 52.65
N VAL C 379 -26.25 -11.90 51.52
CA VAL C 379 -25.18 -12.25 50.60
C VAL C 379 -23.83 -12.15 51.30
N ALA C 380 -23.58 -11.02 51.96
CA ALA C 380 -22.29 -10.83 52.61
C ALA C 380 -22.08 -11.85 53.72
N THR C 381 -23.14 -12.17 54.46
CA THR C 381 -23.04 -13.19 55.49
C THR C 381 -22.59 -14.52 54.91
N HIS C 382 -23.24 -14.95 53.83
CA HIS C 382 -22.87 -16.24 53.24
C HIS C 382 -21.46 -16.22 52.69
N ALA C 383 -21.08 -15.13 52.01
CA ALA C 383 -19.74 -15.03 51.48
C ALA C 383 -18.72 -15.17 52.60
N MET C 384 -18.91 -14.44 53.69
CA MET C 384 -18.02 -14.52 54.83
C MET C 384 -18.00 -15.94 55.41
N ASP C 385 -19.16 -16.58 55.50
CA ASP C 385 -19.23 -17.95 56.01
C ASP C 385 -18.40 -18.91 55.16
N ARG C 386 -18.71 -18.99 53.87
CA ARG C 386 -18.04 -19.94 52.98
C ARG C 386 -16.53 -19.75 52.98
N GLU C 387 -16.06 -18.56 53.33
CA GLU C 387 -14.65 -18.28 53.45
C GLU C 387 -14.14 -18.48 54.88
N GLY C 388 -14.98 -18.97 55.78
CA GLY C 388 -14.57 -19.24 57.15
C GLY C 388 -14.08 -18.02 57.89
N ARG C 389 -14.82 -16.92 57.79
CA ARG C 389 -14.51 -15.59 58.31
C ARG C 389 -15.60 -15.12 59.26
N PRO C 390 -15.22 -14.52 60.40
CA PRO C 390 -16.20 -14.20 61.45
C PRO C 390 -17.29 -13.27 60.97
N ARG C 391 -18.56 -13.63 61.27
CA ARG C 391 -19.69 -12.78 60.91
C ARG C 391 -19.59 -11.42 61.59
N SER C 392 -18.81 -11.31 62.66
CA SER C 392 -18.56 -10.05 63.32
C SER C 392 -17.67 -9.13 62.49
N ASP C 393 -17.09 -9.61 61.39
CA ASP C 393 -16.43 -8.72 60.45
C ASP C 393 -17.41 -8.01 59.53
N ILE C 394 -18.67 -8.43 59.50
CA ILE C 394 -19.72 -7.66 58.85
C ILE C 394 -20.20 -6.59 59.80
N LEU C 395 -20.16 -5.34 59.36
CA LEU C 395 -20.54 -4.18 60.15
C LEU C 395 -21.77 -3.57 59.51
N ALA C 396 -22.94 -3.94 60.02
CA ALA C 396 -24.19 -3.33 59.60
C ALA C 396 -24.40 -2.01 60.35
N PHE C 397 -25.04 -1.06 59.68
CA PHE C 397 -25.23 0.28 60.25
C PHE C 397 -26.62 0.81 59.90
N ALA C 398 -27.42 1.12 60.92
CA ALA C 398 -28.63 1.89 60.71
C ALA C 398 -28.30 3.38 60.86
N LEU C 399 -28.58 4.16 59.80
CA LEU C 399 -28.20 5.57 59.70
C LEU C 399 -29.48 6.39 59.52
N PRO C 400 -30.17 6.72 60.63
CA PRO C 400 -31.44 7.46 60.53
C PRO C 400 -31.22 8.95 60.27
N GLY C 401 -32.11 9.53 59.47
CA GLY C 401 -32.12 10.96 59.20
C GLY C 401 -33.27 11.66 59.88
N PHE C 402 -34.17 12.28 59.11
CA PHE C 402 -35.38 12.85 59.70
C PHE C 402 -36.66 12.12 59.25
N HIS C 407 -40.17 1.40 62.52
CA HIS C 407 -41.23 0.77 61.74
C HIS C 407 -40.68 -0.25 60.73
N THR C 408 -39.60 0.13 60.04
CA THR C 408 -38.89 -0.74 59.10
C THR C 408 -37.44 -0.98 59.52
N LYS C 409 -36.82 0.01 60.17
CA LYS C 409 -35.50 -0.16 60.78
C LYS C 409 -35.46 -1.33 61.76
N ASN C 410 -36.60 -1.62 62.41
CA ASN C 410 -36.68 -2.73 63.34
C ASN C 410 -36.43 -4.06 62.65
N ASN C 411 -36.95 -4.23 61.43
CA ASN C 411 -36.57 -5.39 60.62
C ASN C 411 -35.06 -5.49 60.51
N ALA C 412 -34.41 -4.36 60.24
CA ALA C 412 -32.97 -4.37 60.00
C ALA C 412 -32.21 -4.78 61.24
N ILE C 413 -32.57 -4.23 62.40
CA ILE C 413 -31.82 -4.60 63.61
C ILE C 413 -32.14 -6.04 64.03
N LYS C 414 -33.42 -6.46 63.91
CA LYS C 414 -33.76 -7.85 64.19
C LYS C 414 -32.93 -8.81 63.33
N LEU C 415 -32.84 -8.52 62.02
CA LEU C 415 -32.08 -9.35 61.08
C LEU C 415 -30.61 -9.35 61.43
N ALA C 416 -30.03 -8.17 61.68
CA ALA C 416 -28.61 -8.06 61.98
C ALA C 416 -28.24 -8.83 63.25
N ARG C 417 -29.10 -8.77 64.28
CA ARG C 417 -28.83 -9.49 65.52
C ARG C 417 -29.09 -10.99 65.37
N ALA C 418 -30.06 -11.36 64.54
CA ALA C 418 -30.28 -12.78 64.26
C ALA C 418 -29.09 -13.39 63.52
N LEU C 419 -28.57 -12.69 62.52
CA LEU C 419 -27.47 -13.21 61.71
C LEU C 419 -26.19 -13.37 62.53
N GLY C 420 -25.93 -12.45 63.44
CA GLY C 420 -24.71 -12.50 64.20
C GLY C 420 -23.67 -11.50 63.76
N VAL C 421 -24.07 -10.44 63.05
CA VAL C 421 -23.13 -9.42 62.60
C VAL C 421 -22.85 -8.44 63.74
N THR C 422 -22.13 -7.38 63.41
CA THR C 422 -21.84 -6.29 64.33
C THR C 422 -22.79 -5.15 63.95
N PHE C 423 -23.86 -4.98 64.73
CA PHE C 423 -24.83 -3.92 64.45
C PHE C 423 -24.50 -2.66 65.24
N SER C 424 -24.87 -1.53 64.65
CA SER C 424 -24.58 -0.22 65.25
C SER C 424 -25.50 0.83 64.64
N GLU C 425 -25.79 1.87 65.42
CA GLU C 425 -26.60 2.99 64.96
C GLU C 425 -25.75 4.24 64.90
N ILE C 426 -25.98 5.07 63.88
CA ILE C 426 -25.34 6.38 63.76
C ILE C 426 -26.41 7.35 63.26
N ASP C 427 -26.79 8.31 64.09
CA ASP C 427 -27.84 9.26 63.74
C ASP C 427 -27.19 10.39 62.95
N ILE C 428 -27.28 10.31 61.61
CA ILE C 428 -26.62 11.31 60.77
C ILE C 428 -27.27 12.69 60.93
N GLY C 429 -28.48 12.74 61.49
CA GLY C 429 -29.27 13.95 61.63
C GLY C 429 -28.50 15.21 61.95
N ASP C 430 -27.59 15.14 62.93
CA ASP C 430 -26.84 16.31 63.34
C ASP C 430 -25.86 16.74 62.26
N THR C 431 -25.18 15.78 61.65
CA THR C 431 -24.27 16.14 60.56
C THR C 431 -25.06 16.77 59.42
N ALA C 432 -26.26 16.23 59.15
CA ALA C 432 -27.12 16.81 58.14
C ALA C 432 -27.50 18.25 58.49
N ARG C 433 -27.85 18.50 59.76
CA ARG C 433 -28.16 19.85 60.21
C ARG C 433 -27.00 20.78 59.92
N LEU C 434 -25.81 20.38 60.36
CA LEU C 434 -24.62 21.20 60.20
C LEU C 434 -24.38 21.53 58.73
N MET C 435 -24.47 20.51 57.87
CA MET C 435 -24.22 20.69 56.45
C MET C 435 -25.26 21.59 55.80
N LEU C 436 -26.55 21.34 56.10
CA LEU C 436 -27.63 22.15 55.56
C LEU C 436 -27.50 23.60 55.97
N HIS C 437 -26.93 23.87 57.15
CA HIS C 437 -26.65 25.25 57.54
C HIS C 437 -25.50 25.80 56.71
N THR C 438 -24.35 25.12 56.75
CA THR C 438 -23.14 25.64 56.11
C THR C 438 -23.39 25.99 54.64
N ILE C 439 -24.37 25.35 53.99
CA ILE C 439 -24.70 25.69 52.62
C ILE C 439 -25.89 26.64 52.53
N GLY C 440 -26.49 27.00 53.66
CA GLY C 440 -27.57 27.97 53.62
C GLY C 440 -28.88 27.44 53.11
N HIS C 441 -29.21 26.17 53.40
CA HIS C 441 -30.49 25.64 52.95
C HIS C 441 -31.60 26.14 53.87
N PRO C 442 -32.80 26.39 53.32
CA PRO C 442 -33.88 26.94 54.17
C PRO C 442 -34.22 26.11 55.40
N TYR C 443 -33.94 24.81 55.41
CA TYR C 443 -34.32 24.00 56.55
C TYR C 443 -33.53 24.36 57.81
N SER C 444 -32.27 24.77 57.66
CA SER C 444 -31.53 25.21 58.84
C SER C 444 -32.04 26.54 59.40
N VAL C 445 -33.00 27.18 58.73
CA VAL C 445 -33.66 28.36 59.27
C VAL C 445 -35.09 28.08 59.68
N GLY C 446 -35.61 26.88 59.42
CA GLY C 446 -36.89 26.45 59.95
C GLY C 446 -38.05 26.39 58.99
N GLU C 447 -37.88 26.73 57.70
CA GLU C 447 -38.95 26.55 56.72
C GLU C 447 -38.81 25.18 56.06
N LYS C 448 -39.86 24.35 56.19
CA LYS C 448 -39.84 22.98 55.70
C LYS C 448 -39.85 22.91 54.19
N VAL C 449 -38.65 22.93 53.58
CA VAL C 449 -38.47 22.81 52.15
C VAL C 449 -37.78 21.47 51.93
N TYR C 450 -38.55 20.48 51.48
CA TYR C 450 -38.07 19.12 51.26
C TYR C 450 -37.84 18.87 49.76
N ASP C 451 -36.90 19.63 49.21
CA ASP C 451 -36.55 19.54 47.80
C ASP C 451 -35.53 18.43 47.60
N VAL C 452 -34.90 18.43 46.44
CA VAL C 452 -33.95 17.37 46.15
C VAL C 452 -32.69 17.52 47.02
N THR C 453 -32.16 18.74 47.16
CA THR C 453 -30.94 18.93 47.93
C THR C 453 -31.12 18.46 49.38
N PHE C 454 -32.30 18.70 49.96
CA PHE C 454 -32.58 18.20 51.30
C PHE C 454 -32.32 16.69 51.40
N GLU C 455 -32.96 15.90 50.52
CA GLU C 455 -32.87 14.43 50.58
C GLU C 455 -31.47 13.94 50.19
N ASN C 456 -30.84 14.61 49.23
CA ASN C 456 -29.53 14.15 48.80
C ASN C 456 -28.48 14.40 49.89
N VAL C 457 -28.64 15.45 50.70
CA VAL C 457 -27.73 15.65 51.82
C VAL C 457 -27.68 14.39 52.70
N GLN C 458 -28.85 13.85 53.04
CA GLN C 458 -28.91 12.63 53.85
C GLN C 458 -28.33 11.43 53.09
N ALA C 459 -28.71 11.24 51.82
CA ALA C 459 -28.20 10.08 51.08
C ALA C 459 -26.67 10.11 51.01
N GLY C 460 -26.12 11.25 50.61
CA GLY C 460 -24.68 11.40 50.53
C GLY C 460 -24.00 11.28 51.88
N LEU C 461 -24.68 11.70 52.95
CA LEU C 461 -24.05 11.58 54.26
C LEU C 461 -24.00 10.12 54.72
N ARG C 462 -25.05 9.34 54.41
CA ARG C 462 -25.01 7.91 54.67
C ARG C 462 -23.81 7.26 53.98
N THR C 463 -23.66 7.53 52.69
CA THR C 463 -22.54 6.97 51.93
C THR C 463 -21.19 7.49 52.44
N ASP C 464 -21.13 8.78 52.78
CA ASP C 464 -19.90 9.38 53.29
C ASP C 464 -19.45 8.72 54.58
N TYR C 465 -20.38 8.58 55.51
CA TYR C 465 -20.09 7.94 56.78
C TYR C 465 -19.63 6.51 56.56
N LEU C 466 -20.34 5.76 55.70
CA LEU C 466 -19.91 4.38 55.42
C LEU C 466 -18.50 4.32 54.86
N PHE C 467 -18.17 5.20 53.90
CA PHE C 467 -16.82 5.20 53.35
C PHE C 467 -15.79 5.49 54.43
N ARG C 468 -16.06 6.47 55.30
CA ARG C 468 -15.08 6.81 56.34
C ARG C 468 -14.95 5.70 57.38
N ILE C 469 -16.05 5.01 57.71
CA ILE C 469 -15.98 3.87 58.62
C ILE C 469 -15.15 2.75 58.02
N ALA C 470 -15.33 2.50 56.71
CA ALA C 470 -14.51 1.51 56.03
C ALA C 470 -13.04 1.86 56.14
N ASN C 471 -12.70 3.13 55.87
CA ASN C 471 -11.31 3.56 55.98
C ASN C 471 -10.78 3.40 57.40
N GLN C 472 -11.61 3.66 58.40
CA GLN C 472 -11.13 3.65 59.78
C GLN C 472 -10.89 2.23 60.27
N ARG C 473 -11.88 1.35 60.11
CA ARG C 473 -11.83 0.02 60.69
C ARG C 473 -11.31 -1.03 59.70
N GLY C 474 -10.78 -0.61 58.56
CA GLY C 474 -10.19 -1.55 57.62
C GLY C 474 -11.17 -2.48 56.94
N GLY C 475 -12.13 -1.92 56.20
CA GLY C 475 -13.15 -2.71 55.53
C GLY C 475 -13.49 -2.24 54.12
N ILE C 476 -14.67 -2.64 53.61
CA ILE C 476 -15.11 -2.32 52.26
C ILE C 476 -16.59 -2.00 52.31
N VAL C 477 -17.03 -1.06 51.48
CA VAL C 477 -18.43 -0.66 51.44
C VAL C 477 -19.15 -1.47 50.39
N LEU C 478 -20.01 -2.38 50.86
CA LEU C 478 -20.92 -3.14 50.00
C LEU C 478 -22.07 -2.24 49.51
N GLY C 479 -22.33 -2.24 48.21
CA GLY C 479 -23.46 -1.51 47.68
C GLY C 479 -24.70 -2.34 47.63
N THR C 480 -25.85 -1.68 47.43
CA THR C 480 -27.11 -2.40 47.38
C THR C 480 -28.05 -1.96 46.26
N GLY C 481 -27.65 -1.01 45.41
CA GLY C 481 -28.50 -0.61 44.30
C GLY C 481 -28.66 -1.72 43.27
N ASP C 482 -29.91 -1.99 42.87
CA ASP C 482 -30.21 -3.11 41.99
C ASP C 482 -30.38 -2.68 40.54
N LEU C 483 -30.29 -3.65 39.65
CA LEU C 483 -30.27 -3.39 38.20
C LEU C 483 -31.37 -2.43 37.76
N SER C 484 -32.60 -2.59 38.23
CA SER C 484 -33.67 -1.72 37.73
C SER C 484 -33.43 -0.29 38.17
N GLU C 485 -32.88 -0.14 39.37
CA GLU C 485 -32.50 1.17 39.86
C GLU C 485 -31.46 1.80 38.92
N LEU C 486 -30.43 1.03 38.53
CA LEU C 486 -29.44 1.56 37.58
C LEU C 486 -30.08 1.93 36.26
N ALA C 487 -30.99 1.11 35.77
CA ALA C 487 -31.63 1.39 34.49
C ALA C 487 -32.43 2.68 34.54
N LEU C 488 -32.87 3.11 35.73
CA LEU C 488 -33.72 4.30 35.74
C LEU C 488 -33.05 5.54 36.31
N GLY C 489 -31.86 5.41 36.87
CA GLY C 489 -31.24 6.53 37.55
C GLY C 489 -31.91 6.89 38.84
N TRP C 490 -32.56 5.92 39.49
CA TRP C 490 -33.20 6.12 40.79
C TRP C 490 -32.15 5.92 41.88
N SER C 491 -31.21 6.86 41.91
CA SER C 491 -30.17 6.87 42.93
C SER C 491 -29.60 8.27 43.02
N THR C 492 -28.81 8.48 44.08
CA THR C 492 -27.99 9.67 44.21
C THR C 492 -26.60 9.34 43.69
N TYR C 493 -26.16 10.03 42.64
CA TYR C 493 -24.91 9.71 41.98
C TYR C 493 -23.72 10.28 42.75
N GLY C 494 -22.64 9.50 42.83
CA GLY C 494 -21.37 10.03 43.30
C GLY C 494 -21.18 9.98 44.80
N VAL C 495 -21.55 11.05 45.50
CA VAL C 495 -21.68 11.02 46.96
C VAL C 495 -23.13 10.62 47.24
N GLY C 496 -23.36 9.32 47.32
CA GLY C 496 -24.70 8.81 47.42
C GLY C 496 -24.69 7.30 47.37
N ASP C 497 -25.90 6.73 47.34
CA ASP C 497 -26.03 5.27 47.35
C ASP C 497 -25.59 4.63 46.04
N GLN C 498 -25.34 5.41 44.98
CA GLN C 498 -24.88 4.84 43.71
C GLN C 498 -23.46 4.33 43.82
N MET C 499 -22.62 4.99 44.60
CA MET C 499 -21.23 4.59 44.74
C MET C 499 -21.08 3.55 45.85
N SER C 500 -20.06 2.71 45.70
CA SER C 500 -19.68 1.72 46.70
C SER C 500 -18.32 1.13 46.27
N HIS C 501 -17.90 0.09 46.98
CA HIS C 501 -16.67 -0.62 46.64
C HIS C 501 -16.91 -1.89 45.82
N TYR C 502 -18.06 -2.55 46.02
CA TYR C 502 -18.41 -3.73 45.25
C TYR C 502 -19.92 -4.00 45.43
N ASN C 503 -20.71 -3.58 44.46
CA ASN C 503 -22.17 -3.76 44.53
C ASN C 503 -22.58 -5.19 44.14
N VAL C 504 -23.16 -5.94 45.08
CA VAL C 504 -23.57 -7.30 44.76
C VAL C 504 -24.99 -7.41 44.22
N ASN C 505 -25.79 -6.36 44.32
CA ASN C 505 -27.13 -6.35 43.75
C ASN C 505 -27.18 -5.68 42.38
N ALA C 506 -26.02 -5.38 41.78
CA ALA C 506 -25.98 -4.58 40.56
C ALA C 506 -26.71 -5.25 39.40
N GLY C 507 -26.53 -6.56 39.23
CA GLY C 507 -27.11 -7.29 38.12
C GLY C 507 -28.48 -7.86 38.34
N VAL C 508 -29.06 -7.66 39.52
CA VAL C 508 -30.32 -8.27 39.91
C VAL C 508 -31.44 -7.26 39.72
N PRO C 509 -32.45 -7.55 38.90
CA PRO C 509 -33.56 -6.62 38.77
C PRO C 509 -34.36 -6.62 40.05
N LYS C 510 -35.11 -5.55 40.25
CA LYS C 510 -35.91 -5.46 41.45
C LYS C 510 -36.86 -6.62 41.58
N THR C 511 -37.42 -7.08 40.46
CA THR C 511 -38.46 -8.11 40.55
C THR C 511 -37.88 -9.45 40.99
N LEU C 512 -36.57 -9.65 40.93
CA LEU C 512 -36.01 -10.94 41.32
C LEU C 512 -35.44 -10.95 42.72
N ILE C 513 -35.20 -9.78 43.33
CA ILE C 513 -34.77 -9.75 44.73
C ILE C 513 -35.83 -10.38 45.63
N GLN C 514 -37.12 -10.08 45.37
CA GLN C 514 -38.20 -10.66 46.16
C GLN C 514 -38.13 -12.16 46.17
N HIS C 515 -37.89 -12.76 45.01
CA HIS C 515 -37.86 -14.21 44.90
C HIS C 515 -36.54 -14.79 45.36
N LEU C 516 -35.47 -14.00 45.36
CA LEU C 516 -34.25 -14.47 45.98
C LEU C 516 -34.41 -14.57 47.51
N ILE C 517 -35.09 -13.60 48.11
CA ILE C 517 -35.37 -13.66 49.55
C ILE C 517 -36.32 -14.82 49.86
N ARG C 518 -37.41 -14.93 49.08
CA ARG C 518 -38.28 -16.09 49.20
C ARG C 518 -37.49 -17.40 49.10
N TRP C 519 -36.53 -17.47 48.17
CA TRP C 519 -35.68 -18.65 48.02
C TRP C 519 -34.82 -18.89 49.25
N VAL C 520 -34.25 -17.82 49.83
CA VAL C 520 -33.39 -17.95 51.01
C VAL C 520 -34.18 -18.44 52.21
N ILE C 521 -35.39 -17.91 52.40
CA ILE C 521 -36.23 -18.43 53.49
C ILE C 521 -36.55 -19.89 53.22
N SER C 522 -36.86 -20.23 51.96
CA SER C 522 -37.21 -21.61 51.64
C SER C 522 -36.04 -22.55 51.92
N ALA C 523 -34.85 -22.21 51.43
CA ALA C 523 -33.64 -22.97 51.73
C ALA C 523 -33.35 -22.97 53.22
N GLY C 524 -33.70 -21.88 53.91
CA GLY C 524 -33.58 -21.73 55.35
C GLY C 524 -32.30 -22.27 55.98
N GLU C 525 -31.16 -22.00 55.37
CA GLU C 525 -29.91 -22.52 55.89
C GLU C 525 -29.34 -21.65 57.01
N PHE C 526 -29.81 -20.40 57.13
CA PHE C 526 -29.34 -19.49 58.16
C PHE C 526 -29.96 -19.77 59.52
N GLY C 527 -31.16 -20.36 59.56
CA GLY C 527 -31.83 -20.67 60.82
C GLY C 527 -33.32 -20.40 60.77
N GLU C 528 -34.01 -20.62 61.89
CA GLU C 528 -35.46 -20.43 61.92
C GLU C 528 -35.82 -18.97 62.16
N LYS C 529 -35.17 -18.34 63.14
CA LYS C 529 -35.47 -16.95 63.47
C LYS C 529 -35.09 -16.04 62.31
N VAL C 530 -34.00 -16.38 61.61
CA VAL C 530 -33.59 -15.62 60.45
C VAL C 530 -34.66 -15.71 59.36
N GLY C 531 -35.28 -16.89 59.22
CA GLY C 531 -36.37 -17.00 58.28
C GLY C 531 -37.56 -16.14 58.70
N GLU C 532 -37.83 -16.12 60.02
CA GLU C 532 -38.89 -15.27 60.54
C GLU C 532 -38.66 -13.80 60.23
N VAL C 533 -37.43 -13.29 60.43
CA VAL C 533 -37.18 -11.87 60.16
C VAL C 533 -37.28 -11.58 58.67
N LEU C 534 -36.67 -12.42 57.82
CA LEU C 534 -36.73 -12.18 56.38
C LEU C 534 -38.17 -12.16 55.89
N GLN C 535 -38.97 -13.14 56.32
CA GLN C 535 -40.39 -13.17 55.96
C GLN C 535 -41.07 -11.89 56.40
N SER C 536 -40.70 -11.40 57.60
CA SER C 536 -41.22 -10.12 58.04
C SER C 536 -40.93 -9.03 57.04
N VAL C 537 -39.68 -8.98 56.59
CA VAL C 537 -39.29 -7.94 55.63
C VAL C 537 -40.13 -8.05 54.38
N LEU C 538 -40.31 -9.27 53.89
CA LEU C 538 -41.10 -9.49 52.69
C LEU C 538 -42.50 -8.92 52.85
N ASP C 539 -43.18 -9.28 53.94
CA ASP C 539 -44.55 -8.82 54.14
C ASP C 539 -44.61 -7.31 54.37
N THR C 540 -43.59 -6.75 55.03
CA THR C 540 -43.58 -5.33 55.30
C THR C 540 -43.47 -4.52 54.02
N GLU C 541 -42.53 -4.90 53.15
CA GLU C 541 -42.17 -4.05 52.02
C GLU C 541 -43.18 -4.11 50.88
N ILE C 542 -43.92 -5.20 50.74
CA ILE C 542 -44.97 -5.29 49.75
C ILE C 542 -46.32 -5.12 50.46
N THR C 543 -47.29 -4.53 49.77
CA THR C 543 -48.61 -4.34 50.38
C THR C 543 -49.70 -4.69 49.38
N LEU C 554 -40.39 0.76 48.71
CA LEU C 554 -40.46 0.51 47.27
C LEU C 554 -41.59 1.29 46.63
N GLN C 555 -42.74 1.34 47.31
CA GLN C 555 -43.90 2.05 46.76
C GLN C 555 -43.54 3.49 46.42
N SER C 556 -42.81 4.15 47.33
CA SER C 556 -42.36 5.51 47.09
C SER C 556 -41.53 5.55 45.82
N SER C 557 -40.60 4.61 45.70
CA SER C 557 -39.73 4.55 44.53
C SER C 557 -40.55 4.36 43.26
N GLU C 558 -41.51 3.45 43.29
CA GLU C 558 -42.31 3.09 42.14
C GLU C 558 -43.43 4.08 41.88
N ALA C 559 -43.49 5.18 42.62
CA ALA C 559 -44.55 6.14 42.33
C ALA C 559 -44.09 7.31 41.47
N LYS C 560 -42.78 7.42 41.21
CA LYS C 560 -42.24 8.40 40.27
C LYS C 560 -41.65 7.76 39.01
N VAL C 561 -41.11 6.55 39.10
CA VAL C 561 -40.55 5.87 37.94
C VAL C 561 -41.48 4.79 37.38
N GLY C 562 -42.60 4.52 38.04
CA GLY C 562 -43.53 3.50 37.61
C GLY C 562 -43.28 2.17 38.29
N PRO C 563 -44.21 1.23 38.09
CA PRO C 563 -44.04 -0.12 38.67
C PRO C 563 -42.90 -0.86 38.01
N PHE C 564 -42.04 -1.47 38.84
CA PHE C 564 -40.89 -2.19 38.35
C PHE C 564 -41.25 -3.44 37.56
N ALA C 565 -42.48 -3.94 37.66
CA ALA C 565 -42.86 -5.07 36.81
C ALA C 565 -42.82 -4.66 35.36
N LEU C 566 -43.42 -3.50 35.07
CA LEU C 566 -43.47 -2.99 33.72
C LEU C 566 -42.10 -2.48 33.26
N GLN C 567 -41.31 -1.90 34.17
CA GLN C 567 -40.01 -1.37 33.79
C GLN C 567 -38.97 -2.47 33.61
N ASP C 568 -39.08 -3.58 34.34
CA ASP C 568 -38.20 -4.70 34.07
C ASP C 568 -38.60 -5.40 32.81
N PHE C 569 -39.90 -5.40 32.49
CA PHE C 569 -40.28 -5.90 31.17
C PHE C 569 -39.60 -5.09 30.07
N SER C 570 -39.75 -3.76 30.11
CA SER C 570 -39.16 -2.88 29.09
C SER C 570 -37.64 -2.99 29.07
N LEU C 571 -37.01 -3.05 30.26
CA LEU C 571 -35.57 -3.17 30.34
C LEU C 571 -35.08 -4.44 29.69
N PHE C 572 -35.78 -5.56 29.92
CA PHE C 572 -35.36 -6.80 29.28
C PHE C 572 -35.42 -6.66 27.76
N GLN C 573 -36.54 -6.14 27.25
CA GLN C 573 -36.67 -6.01 25.79
C GLN C 573 -35.54 -5.16 25.22
N VAL C 574 -35.27 -4.01 25.84
CA VAL C 574 -34.24 -3.11 25.34
C VAL C 574 -32.87 -3.77 25.45
N LEU C 575 -32.49 -4.21 26.66
CA LEU C 575 -31.13 -4.66 26.90
C LEU C 575 -30.80 -5.91 26.11
N ARG C 576 -31.75 -6.82 25.94
CA ARG C 576 -31.45 -8.08 25.27
C ARG C 576 -31.65 -7.99 23.77
N TYR C 577 -32.70 -7.31 23.33
CA TYR C 577 -33.13 -7.34 21.95
C TYR C 577 -33.07 -5.99 21.26
N GLY C 578 -32.99 -4.88 22.00
CA GLY C 578 -33.04 -3.58 21.38
C GLY C 578 -34.33 -3.29 20.66
N PHE C 579 -35.41 -3.99 21.01
CA PHE C 579 -36.68 -3.82 20.31
C PHE C 579 -37.17 -2.38 20.41
N ARG C 580 -37.78 -1.91 19.32
CA ARG C 580 -38.32 -0.56 19.30
C ARG C 580 -39.46 -0.43 20.31
N PRO C 581 -39.76 0.80 20.75
CA PRO C 581 -40.80 0.99 21.78
C PRO C 581 -42.14 0.34 21.44
N SER C 582 -42.61 0.45 20.19
CA SER C 582 -43.91 -0.12 19.84
C SER C 582 -43.94 -1.62 20.08
N LYS C 583 -42.86 -2.32 19.75
CA LYS C 583 -42.81 -3.76 20.00
C LYS C 583 -42.90 -4.07 21.48
N ILE C 584 -42.19 -3.29 22.32
CA ILE C 584 -42.28 -3.50 23.76
C ILE C 584 -43.69 -3.25 24.26
N ALA C 585 -44.35 -2.20 23.75
CA ALA C 585 -45.71 -1.93 24.17
C ALA C 585 -46.63 -3.10 23.82
N PHE C 586 -46.52 -3.61 22.59
CA PHE C 586 -47.35 -4.76 22.18
C PHE C 586 -47.10 -5.97 23.06
N LEU C 587 -45.82 -6.30 23.28
CA LEU C 587 -45.48 -7.46 24.09
C LEU C 587 -45.98 -7.30 25.52
N ALA C 588 -45.74 -6.13 26.12
CA ALA C 588 -46.19 -5.88 27.50
C ALA C 588 -47.71 -5.94 27.61
N TRP C 589 -48.41 -5.40 26.60
CA TRP C 589 -49.87 -5.43 26.65
C TRP C 589 -50.41 -6.84 26.56
N HIS C 590 -49.75 -7.70 25.77
CA HIS C 590 -50.24 -9.08 25.73
C HIS C 590 -49.86 -9.84 27.00
N ALA C 591 -48.74 -9.51 27.63
CA ALA C 591 -48.38 -10.23 28.85
C ALA C 591 -49.23 -9.80 30.04
N TRP C 592 -49.53 -8.50 30.17
CA TRP C 592 -50.00 -7.91 31.41
C TRP C 592 -51.46 -7.46 31.42
N ASN C 593 -52.05 -7.17 30.26
CA ASN C 593 -53.36 -6.55 30.25
C ASN C 593 -54.43 -7.39 30.94
N ASP C 594 -54.21 -8.68 31.13
CA ASP C 594 -55.19 -9.61 31.69
C ASP C 594 -54.58 -10.36 32.87
N ALA C 595 -55.16 -10.20 34.06
CA ALA C 595 -54.62 -10.89 35.23
C ALA C 595 -54.98 -12.37 35.22
N GLU C 596 -56.09 -12.75 34.57
CA GLU C 596 -56.53 -14.15 34.55
C GLU C 596 -55.75 -15.00 33.54
N ARG C 597 -55.26 -14.40 32.47
CA ARG C 597 -54.60 -15.12 31.39
C ARG C 597 -53.09 -15.14 31.62
N GLY C 598 -52.45 -16.17 31.08
CA GLY C 598 -51.06 -16.41 31.35
C GLY C 598 -50.89 -16.94 32.76
N ASN C 599 -49.63 -17.16 33.12
CA ASN C 599 -49.29 -17.71 34.43
C ASN C 599 -48.66 -16.65 35.32
N TRP C 600 -48.64 -16.95 36.62
CA TRP C 600 -47.93 -16.13 37.56
C TRP C 600 -46.89 -16.95 38.30
N PRO C 601 -45.76 -16.36 38.65
CA PRO C 601 -44.75 -17.09 39.40
C PRO C 601 -45.25 -17.38 40.80
N PRO C 602 -44.57 -18.24 41.54
CA PRO C 602 -44.92 -18.46 42.95
C PRO C 602 -44.76 -17.19 43.75
N GLY C 603 -45.52 -17.08 44.84
CA GLY C 603 -45.37 -15.96 45.74
C GLY C 603 -46.24 -14.76 45.44
N PHE C 604 -47.19 -14.87 44.53
CA PHE C 604 -48.08 -13.76 44.20
C PHE C 604 -49.49 -14.08 44.69
N PRO C 605 -49.91 -13.58 45.86
CA PRO C 605 -51.31 -13.75 46.28
C PRO C 605 -52.22 -13.09 45.27
N LYS C 606 -53.46 -13.58 45.17
CA LYS C 606 -54.32 -13.03 44.12
C LYS C 606 -54.71 -11.58 44.36
N SER C 607 -54.37 -10.99 45.51
CA SER C 607 -54.61 -9.58 45.77
C SER C 607 -53.46 -8.70 45.30
N GLU C 608 -52.27 -9.27 45.10
CA GLU C 608 -51.11 -8.57 44.57
C GLU C 608 -50.77 -9.05 43.15
N ARG C 609 -51.82 -9.27 42.35
CA ARG C 609 -51.71 -9.72 40.97
C ARG C 609 -52.42 -8.69 40.10
N PRO C 610 -51.73 -7.60 39.74
CA PRO C 610 -52.37 -6.52 38.99
C PRO C 610 -52.45 -6.82 37.50
N SER C 611 -53.26 -6.01 36.83
CA SER C 611 -53.32 -6.00 35.36
C SER C 611 -53.28 -4.56 34.90
N TYR C 612 -52.29 -4.25 34.06
CA TYR C 612 -52.08 -2.90 33.55
C TYR C 612 -52.72 -2.73 32.17
N SER C 613 -53.14 -1.51 31.87
CA SER C 613 -53.79 -1.18 30.62
C SER C 613 -52.77 -0.62 29.61
N LEU C 614 -53.20 -0.53 28.34
CA LEU C 614 -52.31 0.03 27.33
C LEU C 614 -51.91 1.46 27.68
N ALA C 615 -52.83 2.26 28.20
CA ALA C 615 -52.49 3.62 28.61
C ALA C 615 -51.38 3.62 29.65
N GLU C 616 -51.45 2.72 30.63
CA GLU C 616 -50.44 2.68 31.66
C GLU C 616 -49.10 2.25 31.10
N ILE C 617 -49.11 1.20 30.25
CA ILE C 617 -47.91 0.69 29.60
C ILE C 617 -47.24 1.78 28.77
N ARG C 618 -48.05 2.51 28.00
CA ARG C 618 -47.54 3.59 27.17
C ARG C 618 -46.88 4.68 28.02
N HIS C 619 -47.54 5.06 29.14
CA HIS C 619 -47.00 6.10 30.01
C HIS C 619 -45.64 5.70 30.59
N TRP C 620 -45.60 4.54 31.25
CA TRP C 620 -44.35 4.12 31.85
C TRP C 620 -43.28 3.83 30.81
N LEU C 621 -43.67 3.43 29.60
CA LEU C 621 -42.68 3.24 28.53
C LEU C 621 -42.06 4.56 28.12
N GLN C 622 -42.86 5.63 28.06
CA GLN C 622 -42.31 6.96 27.79
C GLN C 622 -41.28 7.35 28.85
N ILE C 623 -41.67 7.25 30.13
CA ILE C 623 -40.74 7.55 31.21
C ILE C 623 -39.48 6.68 31.09
N PHE C 624 -39.66 5.41 30.71
CA PHE C 624 -38.53 4.49 30.67
C PHE C 624 -37.53 4.88 29.59
N VAL C 625 -38.02 5.09 28.36
CA VAL C 625 -37.09 5.43 27.28
C VAL C 625 -36.36 6.72 27.61
N GLN C 626 -37.10 7.71 28.17
CA GLN C 626 -36.49 8.98 28.59
C GLN C 626 -35.39 8.77 29.63
N ARG C 627 -35.63 7.94 30.64
CA ARG C 627 -34.65 7.82 31.70
C ARG C 627 -33.48 6.94 31.31
N PHE C 628 -33.72 5.92 30.49
CA PHE C 628 -32.70 4.92 30.19
C PHE C 628 -31.78 5.36 29.07
N TYR C 629 -32.34 5.80 27.95
CA TYR C 629 -31.45 6.17 26.85
C TYR C 629 -30.76 7.49 27.10
N SER C 630 -31.36 8.36 27.92
CA SER C 630 -30.92 9.74 28.07
C SER C 630 -30.43 10.05 29.49
N PHE C 631 -31.33 10.17 30.47
CA PHE C 631 -30.99 10.70 31.80
C PHE C 631 -29.98 9.82 32.53
N SER C 632 -30.31 8.54 32.72
CA SER C 632 -29.64 7.75 33.74
C SER C 632 -28.23 7.30 33.36
N GLN C 633 -27.87 7.35 32.08
CA GLN C 633 -26.65 6.69 31.62
C GLN C 633 -25.43 7.09 32.43
N PHE C 634 -25.26 8.39 32.71
CA PHE C 634 -24.04 8.83 33.37
C PHE C 634 -23.88 8.21 34.75
N LYS C 635 -24.99 7.89 35.43
CA LYS C 635 -24.87 7.24 36.74
C LYS C 635 -24.31 5.83 36.59
N ARG C 636 -24.64 5.14 35.50
CA ARG C 636 -24.01 3.84 35.26
C ARG C 636 -22.57 3.99 34.78
N SER C 637 -22.19 5.19 34.32
CA SER C 637 -20.92 5.32 33.61
C SER C 637 -19.74 5.09 34.57
N ALA C 638 -19.83 5.62 35.77
CA ALA C 638 -18.85 5.39 36.83
C ALA C 638 -19.54 4.51 37.87
N LEU C 639 -19.45 3.20 37.67
CA LEU C 639 -20.21 2.20 38.39
C LEU C 639 -19.30 1.23 39.13
N PRO C 640 -19.49 1.00 40.43
CA PRO C 640 -18.61 0.07 41.14
C PRO C 640 -18.65 -1.31 40.52
N ASN C 641 -17.67 -2.13 40.89
CA ASN C 641 -17.60 -3.48 40.38
C ASN C 641 -18.77 -4.31 40.92
N GLY C 642 -18.88 -5.56 40.45
CA GLY C 642 -20.01 -6.40 40.79
C GLY C 642 -20.44 -7.24 39.60
N PRO C 643 -21.03 -8.41 39.89
CA PRO C 643 -21.20 -9.45 38.85
C PRO C 643 -22.52 -9.39 38.11
N LYS C 644 -22.45 -9.77 36.84
CA LYS C 644 -23.62 -9.89 35.96
C LYS C 644 -24.42 -11.14 36.30
N VAL C 645 -25.75 -11.02 36.32
CA VAL C 645 -26.65 -12.07 36.81
C VAL C 645 -27.51 -12.67 35.71
N SER C 646 -28.38 -11.86 35.10
CA SER C 646 -29.37 -12.37 34.17
C SER C 646 -28.76 -12.65 32.79
N HIS C 647 -29.45 -13.47 31.99
CA HIS C 647 -29.07 -13.59 30.59
C HIS C 647 -29.58 -12.41 29.78
N GLY C 648 -30.56 -11.68 30.30
CA GLY C 648 -30.97 -10.44 29.65
C GLY C 648 -29.90 -9.38 29.67
N GLY C 649 -28.91 -9.52 30.53
CA GLY C 649 -27.75 -8.65 30.55
C GLY C 649 -27.58 -7.91 31.86
N ALA C 650 -26.53 -7.13 31.89
CA ALA C 650 -26.23 -6.22 32.97
C ALA C 650 -26.19 -4.81 32.39
N LEU C 651 -25.79 -3.84 33.21
CA LEU C 651 -25.71 -2.45 32.79
C LEU C 651 -24.33 -1.87 33.02
N SER C 652 -23.31 -2.70 33.16
CA SER C 652 -21.97 -2.18 33.34
C SER C 652 -21.47 -1.55 32.04
N PRO C 653 -20.82 -0.38 32.12
CA PRO C 653 -20.21 0.19 30.92
C PRO C 653 -18.91 -0.49 30.55
N ARG C 654 -18.37 -1.31 31.44
CA ARG C 654 -17.27 -2.20 31.10
C ARG C 654 -17.77 -3.57 30.66
N GLY C 655 -19.07 -3.73 30.46
CA GLY C 655 -19.64 -5.01 30.08
C GLY C 655 -20.68 -4.92 28.99
N ASP C 656 -21.95 -5.02 29.35
CA ASP C 656 -23.01 -5.26 28.39
C ASP C 656 -23.60 -3.99 27.78
N TRP C 657 -23.39 -2.84 28.39
CA TRP C 657 -24.02 -1.60 27.94
C TRP C 657 -22.98 -0.48 27.80
N ARG C 658 -22.54 -0.26 26.56
CA ARG C 658 -21.70 0.86 26.17
C ARG C 658 -22.59 1.87 25.49
N ALA C 659 -22.83 2.99 26.15
CA ALA C 659 -23.73 3.98 25.57
C ALA C 659 -23.22 5.36 25.92
N PRO C 660 -23.69 6.41 25.26
CA PRO C 660 -23.23 7.76 25.58
C PRO C 660 -23.95 8.37 26.79
N SER C 661 -23.21 9.20 27.52
CA SER C 661 -23.78 9.93 28.64
C SER C 661 -24.58 11.13 28.17
N ASP C 662 -24.18 11.77 27.08
CA ASP C 662 -24.78 13.03 26.66
C ASP C 662 -25.74 12.84 25.49
N MET C 663 -26.67 11.88 25.56
CA MET C 663 -27.55 11.59 24.45
C MET C 663 -29.02 11.78 24.83
N SER C 664 -29.81 12.26 23.87
CA SER C 664 -31.24 12.47 24.00
C SER C 664 -32.03 11.27 23.50
N ALA C 665 -33.23 11.12 24.05
CA ALA C 665 -34.14 10.03 23.68
C ALA C 665 -35.27 10.49 22.75
N ARG C 666 -35.00 11.44 21.85
CA ARG C 666 -36.07 12.02 21.03
C ARG C 666 -36.70 10.99 20.10
N ILE C 667 -35.89 10.17 19.43
CA ILE C 667 -36.48 9.27 18.45
C ILE C 667 -37.36 8.21 19.12
N TRP C 668 -37.02 7.76 20.33
CA TRP C 668 -37.86 6.78 21.01
C TRP C 668 -39.19 7.38 21.44
N LEU C 669 -39.17 8.53 22.10
CA LEU C 669 -40.42 9.20 22.46
C LEU C 669 -41.26 9.50 21.23
N ASP C 670 -40.61 9.92 20.13
CA ASP C 670 -41.31 10.27 18.91
C ASP C 670 -41.95 9.03 18.27
N GLN C 671 -41.25 7.88 18.34
CA GLN C 671 -41.81 6.63 17.82
C GLN C 671 -43.01 6.19 18.67
N ILE C 672 -42.93 6.31 20.01
CA ILE C 672 -44.11 6.04 20.84
C ILE C 672 -45.26 6.94 20.43
N ASP C 673 -44.96 8.21 20.14
CA ASP C 673 -46.01 9.15 19.75
C ASP C 673 -46.66 8.71 18.44
N ARG C 674 -45.87 8.22 17.49
CA ARG C 674 -46.36 7.92 16.16
C ARG C 674 -47.04 6.56 16.06
N GLU C 675 -46.65 5.61 16.93
CA GLU C 675 -47.06 4.23 16.74
C GLU C 675 -47.92 3.67 17.86
N VAL C 676 -47.63 3.96 19.13
CA VAL C 676 -48.39 3.38 20.24
C VAL C 676 -49.66 4.20 20.49
N PRO C 677 -50.84 3.61 20.39
CA PRO C 677 -52.07 4.35 20.62
C PRO C 677 -52.20 4.76 22.08
N LYS C 678 -52.97 5.83 22.29
CA LYS C 678 -53.10 6.38 23.63
C LYS C 678 -53.83 5.46 24.59
N GLY C 679 -54.65 4.54 24.09
CA GLY C 679 -55.37 3.62 24.95
C GLY C 679 -55.91 2.37 24.27
N MET D 1 -15.13 26.46 -27.23
CA MET D 1 -15.28 26.13 -25.82
C MET D 1 -15.34 27.39 -24.98
N ASN D 2 -16.03 27.33 -23.84
CA ASN D 2 -15.96 28.41 -22.85
C ASN D 2 -14.60 28.34 -22.17
N PHE D 3 -13.71 29.29 -22.50
CA PHE D 3 -12.33 29.25 -22.04
C PHE D 3 -12.23 29.40 -20.52
N TYR D 4 -13.21 30.05 -19.89
CA TYR D 4 -13.11 30.39 -18.48
C TYR D 4 -13.81 29.37 -17.60
N SER D 5 -14.28 28.26 -18.16
CA SER D 5 -14.94 27.20 -17.37
C SER D 5 -13.89 26.25 -16.82
N ALA D 6 -13.73 26.24 -15.49
CA ALA D 6 -12.75 25.34 -14.88
C ALA D 6 -13.02 23.88 -15.25
N TYR D 7 -14.30 23.47 -15.35
CA TYR D 7 -14.60 22.07 -15.63
C TYR D 7 -14.12 21.65 -17.01
N GLN D 8 -14.33 22.52 -18.01
CA GLN D 8 -13.96 22.23 -19.39
C GLN D 8 -12.45 22.27 -19.65
N HIS D 9 -11.63 22.52 -18.63
CA HIS D 9 -10.19 22.40 -18.72
C HIS D 9 -9.69 21.21 -17.90
N GLY D 10 -10.59 20.30 -17.54
CA GLY D 10 -10.26 19.08 -16.83
C GLY D 10 -10.41 19.13 -15.33
N PHE D 11 -10.89 20.22 -14.77
CA PHE D 11 -11.00 20.34 -13.32
C PHE D 11 -12.30 19.72 -12.82
N VAL D 12 -12.30 19.34 -11.55
CA VAL D 12 -13.50 18.81 -10.91
C VAL D 12 -13.54 19.35 -9.49
N ARG D 13 -14.64 20.00 -9.12
CA ARG D 13 -14.75 20.66 -7.83
C ARG D 13 -15.21 19.67 -6.76
N VAL D 14 -14.44 19.56 -5.69
CA VAL D 14 -14.71 18.58 -4.63
C VAL D 14 -14.75 19.29 -3.29
N ALA D 15 -15.61 18.78 -2.40
CA ALA D 15 -15.78 19.33 -1.06
C ALA D 15 -15.67 18.24 -0.01
N ALA D 16 -14.94 18.57 1.05
CA ALA D 16 -14.84 17.74 2.25
C ALA D 16 -15.57 18.48 3.37
N CYS D 17 -16.68 17.92 3.82
CA CYS D 17 -17.60 18.58 4.73
C CYS D 17 -17.57 17.96 6.11
N THR D 18 -17.53 18.81 7.14
CA THR D 18 -17.79 18.38 8.51
C THR D 18 -19.06 19.08 8.96
N HIS D 19 -19.99 18.29 9.51
CA HIS D 19 -21.36 18.65 9.85
C HIS D 19 -21.57 18.63 11.37
N HIS D 20 -22.81 18.95 11.76
CA HIS D 20 -23.18 19.02 13.18
C HIS D 20 -23.85 17.71 13.58
N THR D 21 -23.05 16.82 14.16
CA THR D 21 -23.56 15.57 14.71
C THR D 21 -24.58 15.86 15.82
N THR D 22 -25.65 15.07 15.83
CA THR D 22 -26.67 15.10 16.87
C THR D 22 -26.80 13.65 17.30
N ILE D 23 -25.90 13.19 18.18
CA ILE D 23 -25.81 11.75 18.42
C ILE D 23 -27.18 11.19 18.77
N GLY D 24 -27.58 10.14 18.03
CA GLY D 24 -28.84 9.47 18.20
C GLY D 24 -30.01 10.06 17.43
N ASP D 25 -29.81 11.16 16.71
CA ASP D 25 -30.89 11.90 16.05
C ASP D 25 -30.64 11.91 14.54
N PRO D 26 -31.06 10.88 13.81
CA PRO D 26 -30.74 10.82 12.37
C PRO D 26 -31.37 11.92 11.56
N ALA D 27 -32.61 12.29 11.88
CA ALA D 27 -33.25 13.37 11.13
C ALA D 27 -32.47 14.66 11.28
N ALA D 28 -31.94 14.91 12.48
CA ALA D 28 -31.21 16.14 12.76
C ALA D 28 -29.84 16.14 12.11
N ASN D 29 -29.23 14.96 11.90
CA ASN D 29 -27.99 14.88 11.14
C ASN D 29 -28.25 15.07 9.65
N ALA D 30 -29.32 14.46 9.14
CA ALA D 30 -29.65 14.62 7.74
C ALA D 30 -29.98 16.06 7.40
N ALA D 31 -30.57 16.80 8.35
CA ALA D 31 -30.85 18.22 8.13
C ALA D 31 -29.57 19.00 7.88
N SER D 32 -28.59 18.79 8.75
CA SER D 32 -27.29 19.43 8.62
C SER D 32 -26.62 19.01 7.31
N VAL D 33 -26.73 17.73 6.96
CA VAL D 33 -26.12 17.24 5.72
C VAL D 33 -26.78 17.88 4.51
N LEU D 34 -28.11 17.98 4.53
CA LEU D 34 -28.83 18.56 3.40
C LEU D 34 -28.44 20.02 3.21
N ASP D 35 -28.28 20.75 4.32
CA ASP D 35 -27.87 22.16 4.23
C ASP D 35 -26.47 22.32 3.66
N MET D 36 -25.51 21.55 4.19
CA MET D 36 -24.14 21.64 3.65
C MET D 36 -24.10 21.21 2.19
N ALA D 37 -24.87 20.18 1.83
CA ALA D 37 -24.89 19.71 0.45
C ALA D 37 -25.47 20.76 -0.49
N ARG D 38 -26.53 21.44 -0.05
CA ARG D 38 -27.10 22.48 -0.89
C ARG D 38 -26.09 23.62 -1.08
N ALA D 39 -25.30 23.89 -0.05
CA ALA D 39 -24.19 24.82 -0.20
C ALA D 39 -23.21 24.34 -1.27
N CYS D 40 -22.78 23.08 -1.18
CA CYS D 40 -21.90 22.51 -2.20
C CYS D 40 -22.48 22.66 -3.58
N HIS D 41 -23.81 22.50 -3.70
CA HIS D 41 -24.47 22.66 -4.99
C HIS D 41 -24.29 24.07 -5.50
N ASP D 42 -24.51 25.07 -4.63
CA ASP D 42 -24.30 26.45 -5.03
C ASP D 42 -22.85 26.70 -5.45
N ASP D 43 -21.89 26.04 -4.80
CA ASP D 43 -20.49 26.17 -5.18
C ASP D 43 -20.14 25.39 -6.45
N GLY D 44 -21.06 24.62 -7.01
CA GLY D 44 -20.74 23.87 -8.22
C GLY D 44 -19.88 22.66 -8.00
N ALA D 45 -19.80 22.14 -6.78
CA ALA D 45 -18.98 20.96 -6.55
C ALA D 45 -19.64 19.73 -7.17
N ALA D 46 -18.81 18.77 -7.58
CA ALA D 46 -19.28 17.47 -8.08
C ALA D 46 -19.29 16.39 -7.00
N LEU D 47 -18.55 16.56 -5.92
CA LEU D 47 -18.40 15.54 -4.89
C LEU D 47 -18.42 16.20 -3.52
N ALA D 48 -19.09 15.57 -2.57
CA ALA D 48 -19.16 16.08 -1.21
C ALA D 48 -19.09 14.91 -0.25
N VAL D 49 -18.06 14.89 0.59
CA VAL D 49 -17.78 13.79 1.51
C VAL D 49 -18.05 14.27 2.93
N PHE D 50 -18.83 13.49 3.68
CA PHE D 50 -19.17 13.77 5.06
C PHE D 50 -18.50 12.75 5.99
N PRO D 51 -18.57 12.93 7.31
CA PRO D 51 -17.79 12.07 8.21
C PRO D 51 -18.43 10.71 8.41
N GLU D 52 -17.62 9.81 8.97
CA GLU D 52 -18.00 8.42 9.19
C GLU D 52 -19.28 8.31 10.01
N LEU D 53 -20.22 7.47 9.54
CA LEU D 53 -21.47 7.21 10.28
C LEU D 53 -22.28 8.48 10.49
N THR D 54 -22.30 9.32 9.45
CA THR D 54 -22.95 10.63 9.52
C THR D 54 -24.34 10.58 10.13
N LEU D 55 -25.19 9.68 9.61
CA LEU D 55 -26.61 9.71 9.95
C LEU D 55 -26.90 9.23 11.36
N SER D 56 -25.97 8.54 12.01
CA SER D 56 -26.24 8.10 13.37
C SER D 56 -25.31 8.68 14.40
N GLY D 57 -24.14 9.19 14.01
CA GLY D 57 -23.10 9.55 14.95
C GLY D 57 -22.13 8.40 15.19
N TYR D 58 -20.84 8.66 15.13
CA TYR D 58 -19.88 7.56 15.26
C TYR D 58 -19.72 7.09 16.70
N SER D 59 -20.01 7.95 17.67
CA SER D 59 -19.61 7.71 19.05
C SER D 59 -20.69 7.03 19.90
N ILE D 60 -21.79 6.59 19.30
CA ILE D 60 -22.95 6.18 20.09
C ILE D 60 -22.88 4.74 20.57
N GLU D 61 -21.82 4.01 20.26
CA GLU D 61 -21.55 2.63 20.75
C GLU D 61 -22.81 1.75 20.60
N ASP D 62 -23.22 0.99 21.62
CA ASP D 62 -24.28 -0.01 21.51
C ASP D 62 -25.64 0.57 21.12
N VAL D 63 -25.82 1.89 21.15
CA VAL D 63 -27.07 2.47 20.67
C VAL D 63 -27.22 2.22 19.17
N LEU D 64 -26.13 1.83 18.50
CA LEU D 64 -26.20 1.40 17.11
C LEU D 64 -27.06 0.15 16.95
N LEU D 65 -27.19 -0.67 18.01
CA LEU D 65 -27.90 -1.94 17.98
C LEU D 65 -29.38 -1.81 18.30
N GLN D 66 -29.89 -0.60 18.47
CA GLN D 66 -31.29 -0.38 18.79
C GLN D 66 -32.10 -0.21 17.52
N ASP D 67 -33.19 -0.99 17.41
CA ASP D 67 -33.97 -1.02 16.18
C ASP D 67 -34.52 0.35 15.81
N SER D 68 -34.94 1.15 16.81
CA SER D 68 -35.45 2.50 16.52
C SER D 68 -34.39 3.37 15.87
N LEU D 69 -33.13 3.25 16.30
CA LEU D 69 -32.05 4.03 15.69
C LEU D 69 -31.81 3.63 14.24
N LEU D 70 -31.66 2.32 13.99
CA LEU D 70 -31.46 1.82 12.64
C LEU D 70 -32.60 2.23 11.71
N ASP D 71 -33.84 2.16 12.21
CA ASP D 71 -34.98 2.53 11.37
C ASP D 71 -34.99 4.02 11.07
N ALA D 72 -34.67 4.86 12.08
CA ALA D 72 -34.60 6.29 11.83
C ALA D 72 -33.48 6.66 10.86
N VAL D 73 -32.36 5.92 10.88
CA VAL D 73 -31.29 6.12 9.92
C VAL D 73 -31.79 5.82 8.49
N GLU D 74 -32.48 4.69 8.31
CA GLU D 74 -33.03 4.37 6.99
C GLU D 74 -33.99 5.44 6.49
N ASP D 75 -34.88 5.91 7.37
CA ASP D 75 -35.82 6.94 6.95
C ASP D 75 -35.10 8.24 6.57
N ALA D 76 -34.11 8.65 7.38
CA ALA D 76 -33.37 9.88 7.08
C ALA D 76 -32.58 9.75 5.78
N LEU D 77 -32.02 8.56 5.55
CA LEU D 77 -31.27 8.29 4.32
C LEU D 77 -32.16 8.38 3.09
N LEU D 78 -33.36 7.80 3.18
CA LEU D 78 -34.29 7.91 2.05
C LEU D 78 -34.67 9.37 1.81
N ASP D 79 -34.88 10.13 2.90
CA ASP D 79 -35.13 11.56 2.79
C ASP D 79 -34.00 12.24 2.03
N LEU D 80 -32.76 11.99 2.45
CA LEU D 80 -31.59 12.56 1.78
C LEU D 80 -31.59 12.23 0.29
N VAL D 81 -31.81 10.96 -0.04
CA VAL D 81 -31.83 10.55 -1.45
C VAL D 81 -32.85 11.36 -2.23
N THR D 82 -34.08 11.41 -1.73
CA THR D 82 -35.13 12.14 -2.47
C THR D 82 -34.74 13.62 -2.65
N GLU D 83 -34.16 14.23 -1.62
CA GLU D 83 -33.71 15.62 -1.75
C GLU D 83 -32.58 15.77 -2.76
N SER D 84 -31.75 14.73 -2.90
CA SER D 84 -30.61 14.80 -3.82
C SER D 84 -31.03 14.86 -5.29
N ALA D 85 -32.32 14.79 -5.61
CA ALA D 85 -32.74 14.91 -7.00
C ALA D 85 -32.44 16.27 -7.58
N ASP D 86 -32.34 17.31 -6.75
CA ASP D 86 -32.07 18.67 -7.22
C ASP D 86 -30.63 19.11 -6.94
N LEU D 87 -29.74 18.19 -6.60
CA LEU D 87 -28.38 18.51 -6.20
C LEU D 87 -27.38 18.04 -7.25
N LEU D 88 -26.47 18.94 -7.62
CA LEU D 88 -25.38 18.59 -8.52
C LEU D 88 -24.41 17.57 -7.94
N PRO D 89 -23.81 17.78 -6.76
CA PRO D 89 -22.70 16.93 -6.36
C PRO D 89 -23.13 15.51 -6.01
N VAL D 90 -22.15 14.62 -6.03
CA VAL D 90 -22.33 13.27 -5.54
C VAL D 90 -22.09 13.28 -4.03
N LEU D 91 -23.11 12.90 -3.26
CA LEU D 91 -23.00 12.90 -1.80
C LEU D 91 -22.45 11.57 -1.33
N VAL D 92 -21.55 11.63 -0.36
CA VAL D 92 -21.00 10.44 0.28
C VAL D 92 -21.35 10.56 1.75
N VAL D 93 -22.34 9.79 2.20
CA VAL D 93 -22.93 9.95 3.53
C VAL D 93 -22.72 8.67 4.34
N GLY D 94 -22.14 8.80 5.52
CA GLY D 94 -21.95 7.65 6.38
C GLY D 94 -23.27 7.19 6.99
N ALA D 95 -23.33 5.91 7.32
CA ALA D 95 -24.56 5.31 7.86
C ALA D 95 -24.34 3.89 8.37
N PRO D 96 -25.00 3.50 9.47
CA PRO D 96 -24.97 2.10 9.87
C PRO D 96 -26.12 1.36 9.21
N LEU D 97 -25.81 0.42 8.31
CA LEU D 97 -26.85 -0.20 7.50
C LEU D 97 -27.02 -1.68 7.84
N ARG D 98 -28.21 -2.18 7.57
CA ARG D 98 -28.55 -3.56 7.84
C ARG D 98 -28.30 -4.38 6.57
N HIS D 99 -27.44 -5.41 6.67
CA HIS D 99 -27.26 -6.34 5.56
C HIS D 99 -27.06 -7.73 6.15
N ARG D 100 -27.79 -8.69 5.55
CA ARG D 100 -27.76 -10.11 5.97
C ARG D 100 -27.91 -10.23 7.48
N HIS D 101 -26.87 -10.68 8.20
CA HIS D 101 -26.96 -10.89 9.63
C HIS D 101 -26.71 -9.63 10.45
N ARG D 102 -25.84 -8.71 9.97
CA ARG D 102 -25.34 -7.68 10.86
C ARG D 102 -25.58 -6.31 10.26
N ILE D 103 -25.11 -5.29 10.98
CA ILE D 103 -25.01 -3.93 10.49
C ILE D 103 -23.58 -3.68 10.09
N TYR D 104 -23.44 -3.07 8.93
CA TYR D 104 -22.16 -2.66 8.39
C TYR D 104 -22.01 -1.16 8.54
N ASN D 105 -20.75 -0.74 8.71
CA ASN D 105 -20.34 0.66 8.71
C ASN D 105 -20.20 1.06 7.24
N THR D 106 -21.20 1.74 6.69
CA THR D 106 -21.20 1.98 5.26
C THR D 106 -21.13 3.47 4.97
N ALA D 107 -20.65 3.76 3.77
CA ALA D 107 -20.82 5.02 3.09
C ALA D 107 -21.82 4.78 1.97
N VAL D 108 -22.93 5.52 1.99
CA VAL D 108 -23.88 5.51 0.91
C VAL D 108 -23.46 6.57 -0.10
N VAL D 109 -23.21 6.13 -1.34
CA VAL D 109 -22.86 7.04 -2.43
C VAL D 109 -24.14 7.32 -3.20
N ILE D 110 -24.61 8.58 -3.06
CA ILE D 110 -25.91 9.06 -3.52
C ILE D 110 -25.71 10.08 -4.64
N HIS D 111 -26.58 10.03 -5.64
CA HIS D 111 -26.49 10.96 -6.76
C HIS D 111 -27.82 11.13 -7.46
N ARG D 112 -28.21 12.38 -7.70
CA ARG D 112 -29.38 12.74 -8.51
C ARG D 112 -30.59 11.88 -8.21
N GLY D 113 -30.87 11.71 -6.92
CA GLY D 113 -32.07 11.01 -6.52
C GLY D 113 -31.97 9.51 -6.46
N ALA D 114 -30.78 8.95 -6.68
CA ALA D 114 -30.57 7.51 -6.66
C ALA D 114 -29.36 7.16 -5.82
N VAL D 115 -29.33 5.93 -5.32
CA VAL D 115 -28.16 5.40 -4.62
C VAL D 115 -27.31 4.66 -5.64
N LEU D 116 -26.17 5.24 -6.03
CA LEU D 116 -25.22 4.52 -6.87
C LEU D 116 -24.68 3.31 -6.13
N GLY D 117 -24.32 3.46 -4.87
CA GLY D 117 -23.82 2.27 -4.21
C GLY D 117 -23.76 2.40 -2.71
N VAL D 118 -23.27 1.34 -2.07
CA VAL D 118 -23.10 1.30 -0.63
C VAL D 118 -21.81 0.57 -0.31
N VAL D 119 -20.81 1.29 0.19
CA VAL D 119 -19.48 0.76 0.45
C VAL D 119 -19.36 0.46 1.94
N PRO D 120 -18.98 -0.76 2.33
CA PRO D 120 -18.75 -1.04 3.74
C PRO D 120 -17.31 -0.79 4.14
N LYS D 121 -17.15 -0.37 5.39
CA LYS D 121 -15.83 -0.27 5.97
C LYS D 121 -15.16 -1.63 5.91
N SER D 122 -13.86 -1.65 5.65
CA SER D 122 -13.21 -2.93 5.46
C SER D 122 -12.53 -3.42 6.73
N TYR D 123 -11.90 -2.54 7.50
CA TYR D 123 -11.12 -2.97 8.66
C TYR D 123 -11.63 -2.21 9.86
N LEU D 124 -12.39 -2.91 10.72
CA LEU D 124 -13.02 -2.31 11.89
C LEU D 124 -12.07 -2.34 13.08
N PRO D 125 -11.55 -1.19 13.51
CA PRO D 125 -10.60 -1.21 14.64
C PRO D 125 -11.27 -1.61 15.96
N THR D 126 -10.62 -2.56 16.64
CA THR D 126 -11.03 -3.06 17.95
C THR D 126 -9.75 -3.10 18.79
N TYR D 127 -9.35 -1.92 19.27
CA TYR D 127 -8.17 -1.71 20.08
C TYR D 127 -8.25 -0.34 20.72
N ARG D 128 -7.51 -0.19 21.83
CA ARG D 128 -7.44 1.08 22.53
C ARG D 128 -8.80 1.76 22.69
N GLU D 129 -8.95 2.93 22.09
CA GLU D 129 -10.20 3.66 22.23
C GLU D 129 -11.28 3.19 21.28
N PHE D 130 -11.05 2.11 20.52
CA PHE D 130 -12.00 1.67 19.51
C PHE D 130 -12.61 0.33 19.88
N TYR D 131 -13.92 0.20 19.66
CA TYR D 131 -14.66 -1.01 20.00
C TYR D 131 -15.60 -1.39 18.84
N GLU D 132 -15.08 -1.39 17.61
CA GLU D 132 -16.00 -1.37 16.47
C GLU D 132 -16.54 -2.74 16.11
N ARG D 133 -15.76 -3.80 16.34
CA ARG D 133 -16.25 -5.12 15.95
C ARG D 133 -17.38 -5.62 16.84
N ARG D 134 -17.57 -5.03 18.01
CA ARG D 134 -18.73 -5.33 18.85
C ARG D 134 -20.03 -5.12 18.09
N GLN D 135 -20.26 -3.90 17.64
CA GLN D 135 -21.53 -3.51 17.05
C GLN D 135 -21.63 -3.79 15.56
N MET D 136 -20.51 -3.79 14.83
CA MET D 136 -20.56 -3.83 13.37
C MET D 136 -19.71 -4.97 12.81
N ALA D 137 -19.92 -5.25 11.48
CA ALA D 137 -19.30 -6.35 10.73
C ALA D 137 -18.33 -5.86 9.66
N PRO D 138 -17.20 -6.54 9.46
CA PRO D 138 -16.29 -6.17 8.37
C PRO D 138 -16.92 -6.43 7.01
N GLY D 139 -16.49 -5.63 6.02
CA GLY D 139 -16.97 -5.78 4.67
C GLY D 139 -15.95 -6.34 3.68
N ASP D 140 -14.75 -6.65 4.17
CA ASP D 140 -13.68 -7.07 3.26
C ASP D 140 -14.05 -8.39 2.62
N GLY D 141 -14.42 -8.34 1.36
CA GLY D 141 -14.85 -9.52 0.66
C GLY D 141 -16.34 -9.60 0.47
N GLU D 142 -17.08 -8.66 1.03
CA GLU D 142 -18.51 -8.62 0.81
C GLU D 142 -18.75 -8.00 -0.56
N ARG D 143 -19.39 -8.75 -1.45
CA ARG D 143 -19.81 -8.21 -2.75
C ARG D 143 -21.33 -8.26 -2.84
N GLY D 144 -21.87 -8.22 -4.05
CA GLY D 144 -23.30 -8.41 -4.22
C GLY D 144 -24.08 -7.11 -4.24
N THR D 145 -25.33 -7.15 -3.80
CA THR D 145 -26.15 -5.96 -3.70
C THR D 145 -26.79 -5.86 -2.32
N ILE D 146 -27.33 -4.68 -2.04
CA ILE D 146 -28.08 -4.42 -0.83
C ILE D 146 -29.37 -3.73 -1.23
N ARG D 147 -30.44 -4.00 -0.47
CA ARG D 147 -31.76 -3.48 -0.78
C ARG D 147 -32.00 -2.24 0.04
N ILE D 148 -32.15 -1.10 -0.64
CA ILE D 148 -32.28 0.20 0.02
C ILE D 148 -33.37 1.01 -0.69
N GLY D 149 -34.50 1.18 -0.03
CA GLY D 149 -35.59 1.91 -0.63
C GLY D 149 -36.13 1.21 -1.84
N GLY D 150 -36.49 -0.07 -1.67
CA GLY D 150 -37.09 -0.87 -2.74
C GLY D 150 -36.24 -0.94 -4.00
N ALA D 151 -34.93 -1.07 -3.84
CA ALA D 151 -34.03 -1.15 -4.99
C ALA D 151 -32.78 -1.94 -4.58
N ASP D 152 -32.24 -2.69 -5.53
CA ASP D 152 -31.01 -3.44 -5.32
C ASP D 152 -29.86 -2.60 -5.86
N VAL D 153 -28.99 -2.13 -4.97
CA VAL D 153 -27.88 -1.30 -5.38
C VAL D 153 -26.57 -2.01 -5.05
N ALA D 154 -25.51 -1.58 -5.71
CA ALA D 154 -24.21 -2.23 -5.53
C ALA D 154 -23.70 -2.06 -4.09
N PHE D 155 -23.08 -3.14 -3.58
CA PHE D 155 -22.59 -3.20 -2.20
C PHE D 155 -21.25 -3.93 -2.21
N GLY D 156 -20.21 -3.26 -1.75
CA GLY D 156 -18.94 -3.94 -1.58
C GLY D 156 -17.74 -3.01 -1.67
N THR D 157 -16.59 -3.55 -1.27
CA THR D 157 -15.30 -2.86 -1.28
C THR D 157 -14.63 -2.85 -2.65
N ASP D 158 -15.40 -3.09 -3.72
CA ASP D 158 -14.85 -3.24 -5.07
C ASP D 158 -15.57 -2.32 -6.04
N LEU D 159 -16.01 -1.14 -5.58
CA LEU D 159 -16.76 -0.23 -6.42
C LEU D 159 -15.88 0.91 -6.96
N LEU D 160 -16.33 1.48 -8.07
CA LEU D 160 -15.76 2.67 -8.69
C LEU D 160 -16.92 3.43 -9.30
N PHE D 161 -16.95 4.72 -9.12
CA PHE D 161 -18.06 5.53 -9.60
C PHE D 161 -17.47 6.45 -10.66
N ALA D 162 -17.64 6.08 -11.94
CA ALA D 162 -17.01 6.76 -13.06
C ALA D 162 -18.00 7.71 -13.73
N ALA D 163 -17.62 8.97 -13.88
CA ALA D 163 -18.47 9.96 -14.54
C ALA D 163 -18.37 9.80 -16.05
N SER D 164 -19.51 9.50 -16.69
CA SER D 164 -19.53 9.15 -18.11
C SER D 164 -19.19 10.32 -19.01
N ASP D 165 -19.39 11.55 -18.54
CA ASP D 165 -19.01 12.75 -19.27
C ASP D 165 -17.70 13.36 -18.78
N LEU D 166 -17.12 12.83 -17.70
CA LEU D 166 -15.85 13.33 -17.15
C LEU D 166 -14.88 12.16 -17.03
N PRO D 167 -14.22 11.79 -18.12
CA PRO D 167 -13.40 10.56 -18.08
C PRO D 167 -12.25 10.62 -17.08
N GLY D 168 -11.90 11.80 -16.56
CA GLY D 168 -10.88 11.88 -15.53
C GLY D 168 -11.36 11.61 -14.12
N PHE D 169 -12.69 11.64 -13.89
CA PHE D 169 -13.28 11.57 -12.55
C PHE D 169 -13.77 10.14 -12.26
N VAL D 170 -12.98 9.40 -11.49
CA VAL D 170 -13.36 8.07 -11.05
C VAL D 170 -13.16 8.03 -9.54
N LEU D 171 -14.27 7.89 -8.82
CA LEU D 171 -14.34 7.99 -7.36
C LEU D 171 -14.24 6.61 -6.74
N HIS D 172 -13.48 6.50 -5.66
CA HIS D 172 -13.48 5.32 -4.82
C HIS D 172 -13.63 5.73 -3.36
N VAL D 173 -14.28 4.86 -2.58
CA VAL D 173 -14.72 5.20 -1.22
C VAL D 173 -14.19 4.16 -0.26
N GLU D 174 -13.36 4.59 0.68
CA GLU D 174 -12.98 3.77 1.82
C GLU D 174 -13.41 4.51 3.08
N ILE D 175 -13.05 3.97 4.24
CA ILE D 175 -13.53 4.56 5.48
C ILE D 175 -12.50 4.43 6.59
N ALA D 176 -12.11 5.58 7.16
CA ALA D 176 -11.23 5.67 8.31
C ALA D 176 -10.04 4.72 8.28
N GLU D 177 -10.07 3.76 9.21
CA GLU D 177 -9.01 2.79 9.39
C GLU D 177 -8.56 2.15 8.07
N ASP D 178 -9.42 2.22 7.04
CA ASP D 178 -9.09 1.64 5.74
C ASP D 178 -7.74 2.10 5.23
N MET D 179 -7.44 3.40 5.33
CA MET D 179 -6.20 3.86 4.72
C MET D 179 -4.99 3.68 5.64
N PHE D 180 -5.20 3.17 6.86
CA PHE D 180 -4.11 3.03 7.82
C PHE D 180 -3.47 1.66 7.80
N VAL D 181 -3.96 0.74 6.96
CA VAL D 181 -3.44 -0.62 6.94
C VAL D 181 -2.38 -0.74 5.83
N PRO D 182 -1.47 -1.69 5.93
CA PRO D 182 -0.39 -1.78 4.92
C PRO D 182 -0.88 -1.80 3.49
N MET D 183 -2.06 -2.33 3.21
CA MET D 183 -2.57 -2.43 1.85
C MET D 183 -4.02 -1.93 1.85
N PRO D 184 -4.21 -0.64 1.63
CA PRO D 184 -5.55 -0.05 1.75
C PRO D 184 -6.38 -0.28 0.50
N PRO D 185 -7.69 -0.45 0.66
CA PRO D 185 -8.60 -0.56 -0.50
C PRO D 185 -8.37 0.48 -1.57
N SER D 186 -7.96 1.70 -1.15
CA SER D 186 -7.78 2.79 -2.09
C SER D 186 -6.62 2.57 -3.05
N ALA D 187 -5.55 1.89 -2.63
CA ALA D 187 -4.41 1.66 -3.54
C ALA D 187 -4.78 0.72 -4.70
N GLU D 188 -5.32 -0.47 -4.37
CA GLU D 188 -5.89 -1.33 -5.39
C GLU D 188 -6.83 -0.54 -6.29
N ALA D 189 -7.77 0.20 -5.68
CA ALA D 189 -8.76 0.92 -6.48
C ALA D 189 -8.10 1.90 -7.42
N ALA D 190 -7.01 2.54 -6.98
CA ALA D 190 -6.30 3.49 -7.83
C ALA D 190 -5.70 2.80 -9.03
N LEU D 191 -4.98 1.71 -8.81
CA LEU D 191 -4.51 0.88 -9.92
C LEU D 191 -5.65 0.49 -10.85
N ALA D 192 -6.80 0.12 -10.29
CA ALA D 192 -7.96 -0.26 -11.09
C ALA D 192 -8.53 0.91 -11.90
N GLY D 193 -8.10 2.14 -11.62
CA GLY D 193 -8.55 3.25 -12.42
C GLY D 193 -9.19 4.38 -11.62
N ALA D 194 -9.06 4.35 -10.29
CA ALA D 194 -9.63 5.39 -9.45
C ALA D 194 -8.74 6.64 -9.43
N THR D 195 -9.34 7.82 -9.58
CA THR D 195 -8.60 9.08 -9.59
C THR D 195 -8.90 10.00 -8.42
N VAL D 196 -10.10 9.92 -7.83
CA VAL D 196 -10.48 10.68 -6.66
C VAL D 196 -10.79 9.67 -5.57
N LEU D 197 -9.98 9.65 -4.51
CA LEU D 197 -10.15 8.71 -3.41
C LEU D 197 -10.78 9.44 -2.23
N ALA D 198 -11.99 9.02 -1.86
CA ALA D 198 -12.72 9.58 -0.73
C ALA D 198 -12.51 8.75 0.52
N ASN D 199 -12.47 9.43 1.66
CA ASN D 199 -12.29 8.77 2.95
C ASN D 199 -13.20 9.46 3.96
N LEU D 200 -14.19 8.74 4.46
CA LEU D 200 -15.02 9.21 5.58
C LEU D 200 -14.37 8.73 6.85
N SER D 201 -14.20 9.63 7.82
CA SER D 201 -13.47 9.29 9.03
C SER D 201 -14.18 9.89 10.25
N GLY D 202 -14.34 9.08 11.30
CA GLY D 202 -14.91 9.55 12.55
C GLY D 202 -13.82 10.16 13.41
N SER D 203 -12.76 9.39 13.65
CA SER D 203 -11.45 9.84 14.12
C SER D 203 -11.53 10.73 15.34
N PRO D 204 -11.67 10.14 16.53
CA PRO D 204 -11.49 10.93 17.76
C PRO D 204 -10.10 11.57 17.80
N ILE D 205 -10.05 12.89 18.03
CA ILE D 205 -8.78 13.61 17.95
C ILE D 205 -7.96 13.36 19.20
N THR D 206 -6.64 13.43 19.04
CA THR D 206 -5.65 13.05 20.02
C THR D 206 -4.37 13.80 19.70
N ILE D 207 -3.49 13.91 20.69
CA ILE D 207 -2.18 14.51 20.44
C ILE D 207 -1.51 13.76 19.30
N GLY D 208 -1.25 14.46 18.19
CA GLY D 208 -0.49 13.92 17.08
C GLY D 208 -1.25 13.12 16.04
N ARG D 209 -2.57 12.95 16.20
CA ARG D 209 -3.33 12.18 15.20
C ARG D 209 -3.58 12.99 13.94
N ALA D 210 -3.73 14.31 14.04
CA ALA D 210 -3.85 15.10 12.83
C ALA D 210 -2.60 14.95 11.97
N GLU D 211 -1.44 14.84 12.61
CA GLU D 211 -0.20 14.60 11.88
C GLU D 211 -0.26 13.27 11.14
N ASP D 212 -0.77 12.22 11.79
CA ASP D 212 -0.90 10.93 11.12
C ASP D 212 -1.92 10.99 9.98
N ARG D 213 -3.08 11.59 10.26
CA ARG D 213 -4.06 11.81 9.19
C ARG D 213 -3.40 12.42 7.98
N ARG D 214 -2.63 13.49 8.19
CA ARG D 214 -2.03 14.18 7.06
C ARG D 214 -0.96 13.32 6.39
N LEU D 215 -0.07 12.73 7.18
CA LEU D 215 0.97 11.87 6.63
C LEU D 215 0.39 10.85 5.68
N LEU D 216 -0.60 10.08 6.17
CA LEU D 216 -1.11 8.97 5.37
C LEU D 216 -2.00 9.47 4.23
N ALA D 217 -2.83 10.49 4.45
CA ALA D 217 -3.64 11.01 3.36
C ALA D 217 -2.76 11.56 2.24
N ARG D 218 -1.74 12.34 2.60
CA ARG D 218 -0.83 12.90 1.61
C ARG D 218 -0.03 11.81 0.89
N SER D 219 0.54 10.87 1.65
CA SER D 219 1.30 9.81 1.02
C SER D 219 0.41 8.97 0.11
N ALA D 220 -0.85 8.76 0.49
CA ALA D 220 -1.78 8.06 -0.40
C ALA D 220 -1.98 8.86 -1.68
N SER D 221 -2.26 10.15 -1.55
CA SER D 221 -2.45 10.99 -2.74
C SER D 221 -1.23 10.98 -3.62
N ALA D 222 -0.03 10.83 -3.03
CA ALA D 222 1.22 10.82 -3.77
C ALA D 222 1.46 9.49 -4.48
N ARG D 223 1.56 8.41 -3.69
CA ARG D 223 1.76 7.06 -4.20
C ARG D 223 0.71 6.67 -5.25
N CYS D 224 -0.55 6.97 -4.98
CA CYS D 224 -1.64 6.58 -5.87
C CYS D 224 -1.90 7.60 -6.97
N LEU D 225 -1.09 8.65 -7.06
CA LEU D 225 -1.19 9.68 -8.09
C LEU D 225 -2.64 10.15 -8.27
N ALA D 226 -3.28 10.43 -7.14
CA ALA D 226 -4.70 10.73 -7.13
C ALA D 226 -4.96 11.86 -6.14
N ALA D 227 -6.21 12.33 -6.17
CA ALA D 227 -6.70 13.27 -5.17
C ALA D 227 -7.33 12.50 -4.03
N TYR D 228 -7.12 13.00 -2.82
CA TYR D 228 -7.62 12.36 -1.60
C TYR D 228 -8.49 13.34 -0.85
N VAL D 229 -9.74 12.95 -0.58
CA VAL D 229 -10.70 13.82 0.10
C VAL D 229 -10.99 13.22 1.47
N TYR D 230 -10.70 14.00 2.52
CA TYR D 230 -10.79 13.54 3.90
C TYR D 230 -11.72 14.44 4.70
N ALA D 231 -12.57 13.83 5.51
CA ALA D 231 -13.52 14.56 6.34
C ALA D 231 -13.69 13.82 7.66
N ALA D 232 -13.43 14.50 8.78
CA ALA D 232 -13.54 13.91 10.10
C ALA D 232 -14.73 14.49 10.89
N ALA D 233 -15.10 13.79 11.97
CA ALA D 233 -16.26 14.17 12.77
C ALA D 233 -15.93 15.34 13.70
N GLY D 234 -16.93 16.19 13.91
CA GLY D 234 -16.73 17.42 14.67
C GLY D 234 -17.62 17.58 15.89
N GLU D 235 -18.21 18.77 16.07
CA GLU D 235 -19.06 19.07 17.22
C GLU D 235 -20.34 18.24 17.18
N GLY D 236 -20.65 17.62 18.32
CA GLY D 236 -21.85 16.82 18.49
C GLY D 236 -21.58 15.40 18.92
N GLU D 237 -20.39 14.88 18.61
CA GLU D 237 -20.06 13.51 18.98
C GLU D 237 -19.87 13.39 20.48
N SER D 238 -20.39 12.31 21.06
CA SER D 238 -20.37 12.12 22.50
C SER D 238 -18.99 12.27 23.11
N THR D 239 -18.83 13.29 23.98
CA THR D 239 -17.58 13.52 24.69
C THR D 239 -17.50 12.74 26.00
N THR D 240 -18.14 11.56 26.03
CA THR D 240 -18.03 10.65 27.17
C THR D 240 -16.58 10.26 27.42
N ASP D 241 -15.85 9.91 26.37
CA ASP D 241 -14.45 9.51 26.53
C ASP D 241 -13.52 10.10 25.50
N LEU D 242 -14.02 10.78 24.46
CA LEU D 242 -13.19 11.25 23.37
C LEU D 242 -13.51 12.70 23.03
N ALA D 243 -12.61 13.33 22.30
CA ALA D 243 -12.88 14.65 21.72
C ALA D 243 -12.76 14.55 20.20
N TRP D 244 -13.23 15.59 19.53
CA TRP D 244 -13.41 15.56 18.08
C TRP D 244 -12.99 16.92 17.52
N ASP D 245 -12.14 16.92 16.47
CA ASP D 245 -11.65 18.17 15.91
C ASP D 245 -12.30 18.54 14.57
N GLY D 246 -13.00 17.61 13.91
CA GLY D 246 -13.68 17.96 12.67
C GLY D 246 -12.76 18.37 11.55
N GLN D 247 -11.55 17.82 11.48
CA GLN D 247 -10.62 18.20 10.42
C GLN D 247 -11.11 17.68 9.08
N THR D 248 -11.06 18.53 8.07
CA THR D 248 -11.26 18.11 6.68
C THR D 248 -10.09 18.61 5.87
N MET D 249 -9.72 17.84 4.85
CA MET D 249 -8.61 18.24 3.99
C MET D 249 -8.75 17.56 2.63
N ILE D 250 -8.18 18.19 1.62
CA ILE D 250 -8.20 17.72 0.24
C ILE D 250 -6.78 17.78 -0.26
N TRP D 251 -6.23 16.61 -0.62
CA TRP D 251 -4.88 16.46 -1.10
C TRP D 251 -4.90 16.12 -2.59
N GLU D 252 -3.79 16.44 -3.28
CA GLU D 252 -3.66 16.08 -4.68
C GLU D 252 -2.20 15.82 -4.98
N ASN D 253 -1.87 14.53 -5.19
CA ASN D 253 -0.53 14.08 -5.57
C ASN D 253 0.52 14.58 -4.59
N GLY D 254 0.22 14.48 -3.31
CA GLY D 254 1.15 14.91 -2.29
C GLY D 254 1.03 16.37 -1.94
N ALA D 255 0.17 17.11 -2.62
CA ALA D 255 0.08 18.55 -2.49
C ALA D 255 -1.23 18.93 -1.81
N LEU D 256 -1.13 19.67 -0.71
CA LEU D 256 -2.32 20.11 0.01
C LEU D 256 -3.11 21.09 -0.83
N LEU D 257 -4.29 20.65 -1.30
CA LEU D 257 -5.15 21.54 -2.05
C LEU D 257 -5.99 22.41 -1.12
N ALA D 258 -6.48 21.86 -0.02
CA ALA D 258 -7.34 22.66 0.85
C ALA D 258 -7.49 22.00 2.22
N GLU D 259 -7.87 22.79 3.22
CA GLU D 259 -8.16 22.22 4.53
C GLU D 259 -8.94 23.24 5.35
N SER D 260 -9.52 22.78 6.45
CA SER D 260 -10.41 23.62 7.21
C SER D 260 -9.88 23.80 8.63
N GLU D 261 -10.47 24.77 9.31
CA GLU D 261 -10.18 25.03 10.72
C GLU D 261 -10.36 23.77 11.56
N ARG D 262 -9.37 23.47 12.40
CA ARG D 262 -9.56 22.44 13.42
C ARG D 262 -10.32 23.02 14.61
N PHE D 263 -10.99 22.15 15.35
CA PHE D 263 -11.84 22.53 16.46
C PHE D 263 -12.78 23.69 16.14
N PRO D 264 -13.57 23.61 15.09
CA PRO D 264 -14.46 24.73 14.75
C PRO D 264 -15.65 24.81 15.72
N LYS D 265 -16.32 25.96 15.65
CA LYS D 265 -17.65 26.13 16.22
C LYS D 265 -18.57 26.34 15.02
N GLY D 266 -19.28 25.29 14.61
CA GLY D 266 -20.10 25.34 13.42
C GLY D 266 -19.51 24.47 12.30
N VAL D 267 -20.36 24.23 11.29
CA VAL D 267 -19.97 23.37 10.17
C VAL D 267 -18.78 23.98 9.42
N ARG D 268 -18.06 23.13 8.68
CA ARG D 268 -16.93 23.61 7.88
C ARG D 268 -16.87 22.85 6.56
N ARG D 269 -16.33 23.49 5.53
CA ARG D 269 -16.07 22.83 4.25
C ARG D 269 -14.65 23.13 3.79
N SER D 270 -14.11 22.19 3.02
CA SER D 270 -12.91 22.45 2.21
C SER D 270 -13.30 22.18 0.77
N VAL D 271 -13.34 23.23 -0.05
CA VAL D 271 -13.71 23.10 -1.46
C VAL D 271 -12.48 23.41 -2.30
N ALA D 272 -12.17 22.54 -3.26
CA ALA D 272 -11.03 22.77 -4.15
C ALA D 272 -11.31 22.25 -5.55
N ASP D 273 -10.53 22.73 -6.52
CA ASP D 273 -10.62 22.25 -7.90
C ASP D 273 -9.47 21.29 -8.18
N VAL D 274 -9.80 20.01 -8.34
CA VAL D 274 -8.83 18.97 -8.61
C VAL D 274 -8.59 18.92 -10.10
N ASP D 275 -7.33 19.04 -10.50
CA ASP D 275 -6.89 18.99 -11.89
C ASP D 275 -6.77 17.52 -12.29
N THR D 276 -7.86 16.97 -12.83
CA THR D 276 -7.81 15.58 -13.23
C THR D 276 -6.76 15.35 -14.30
N GLU D 277 -6.57 16.33 -15.20
CA GLU D 277 -5.60 16.19 -16.27
C GLU D 277 -4.18 16.06 -15.73
N LEU D 278 -3.86 16.77 -14.64
CA LEU D 278 -2.53 16.63 -14.05
C LEU D 278 -2.28 15.19 -13.60
N LEU D 279 -3.30 14.57 -13.01
CA LEU D 279 -3.18 13.17 -12.62
C LEU D 279 -3.05 12.28 -13.85
N ARG D 280 -3.95 12.48 -14.82
CA ARG D 280 -3.90 11.75 -16.09
C ARG D 280 -2.50 11.77 -16.66
N SER D 281 -1.83 12.92 -16.59
CA SER D 281 -0.52 13.03 -17.19
C SER D 281 0.55 12.34 -16.36
N GLU D 282 0.54 12.59 -15.05
CA GLU D 282 1.50 11.90 -14.18
C GLU D 282 1.42 10.40 -14.39
N ARG D 283 0.21 9.89 -14.69
CA ARG D 283 0.00 8.45 -14.87
C ARG D 283 0.39 7.99 -16.28
N LEU D 284 0.14 8.81 -17.30
CA LEU D 284 0.59 8.48 -18.64
C LEU D 284 2.10 8.30 -18.66
N ARG D 285 2.82 9.11 -17.89
CA ARG D 285 4.27 9.06 -17.95
C ARG D 285 4.90 8.06 -16.99
N MET D 286 4.23 7.69 -15.90
CA MET D 286 4.85 6.79 -14.94
C MET D 286 4.44 5.37 -15.30
N GLY D 287 5.28 4.74 -16.13
CA GLY D 287 4.97 3.39 -16.57
C GLY D 287 4.80 2.41 -15.43
N THR D 288 5.65 2.54 -14.41
CA THR D 288 5.62 1.60 -13.30
C THR D 288 4.28 1.56 -12.57
N PHE D 289 3.46 2.62 -12.67
CA PHE D 289 2.09 2.57 -12.16
C PHE D 289 1.27 1.48 -12.84
N ASP D 290 1.23 1.52 -14.18
CA ASP D 290 0.52 0.49 -14.95
C ASP D 290 1.18 -0.86 -14.75
N ASP D 291 2.52 -0.88 -14.64
CA ASP D 291 3.25 -2.11 -14.38
C ASP D 291 2.76 -2.76 -13.08
N ASN D 292 2.54 -1.93 -12.07
CA ASN D 292 2.03 -2.40 -10.78
C ASN D 292 0.62 -2.92 -10.90
N ARG D 293 -0.22 -2.21 -11.66
CA ARG D 293 -1.57 -2.69 -11.90
C ARG D 293 -1.57 -4.06 -12.57
N ARG D 294 -0.73 -4.23 -13.58
CA ARG D 294 -0.71 -5.50 -14.30
C ARG D 294 -0.25 -6.62 -13.39
N HIS D 295 0.77 -6.38 -12.57
CA HIS D 295 1.22 -7.43 -11.65
C HIS D 295 0.09 -7.92 -10.77
N HIS D 296 -0.87 -7.05 -10.44
CA HIS D 296 -2.06 -7.41 -9.66
C HIS D 296 -3.31 -7.38 -10.53
N ARG D 297 -3.31 -8.10 -11.64
CA ARG D 297 -4.41 -7.96 -12.59
C ARG D 297 -5.73 -8.52 -12.03
N GLU D 298 -5.68 -9.69 -11.40
CA GLU D 298 -6.89 -10.28 -10.83
C GLU D 298 -7.51 -9.36 -9.79
N LEU D 299 -6.69 -8.82 -8.89
CA LEU D 299 -7.21 -7.90 -7.88
C LEU D 299 -7.89 -6.69 -8.52
N THR D 300 -7.42 -6.26 -9.69
CA THR D 300 -7.83 -4.98 -10.24
C THR D 300 -8.93 -5.05 -11.30
N GLU D 301 -9.15 -6.21 -11.94
CA GLU D 301 -10.23 -6.33 -12.90
C GLU D 301 -11.56 -6.70 -12.25
N SER D 302 -11.53 -7.12 -10.99
CA SER D 302 -12.69 -7.45 -10.21
C SER D 302 -13.46 -6.22 -9.69
N PHE D 303 -13.04 -5.00 -10.03
CA PHE D 303 -13.81 -3.83 -9.61
C PHE D 303 -15.02 -3.64 -10.52
N ARG D 304 -16.08 -3.07 -9.94
CA ARG D 304 -17.31 -2.81 -10.68
C ARG D 304 -17.40 -1.32 -10.99
N ARG D 305 -17.63 -0.98 -12.24
CA ARG D 305 -17.78 0.41 -12.63
C ARG D 305 -19.27 0.78 -12.62
N ILE D 306 -19.64 1.73 -11.77
CA ILE D 306 -20.99 2.29 -11.74
C ILE D 306 -20.95 3.62 -12.47
N ASP D 307 -21.61 3.66 -13.63
CA ASP D 307 -21.60 4.85 -14.48
C ASP D 307 -22.69 5.83 -14.06
N PHE D 308 -22.34 7.12 -14.08
CA PHE D 308 -23.29 8.19 -13.82
C PHE D 308 -22.86 9.42 -14.62
N ALA D 309 -23.84 10.21 -15.05
CA ALA D 309 -23.62 11.43 -15.81
C ALA D 309 -23.74 12.60 -14.85
N LEU D 310 -22.64 13.33 -14.64
CA LEU D 310 -22.67 14.38 -13.65
C LEU D 310 -23.33 15.65 -14.18
N ASP D 311 -23.00 16.03 -15.42
CA ASP D 311 -23.47 17.24 -16.12
C ASP D 311 -23.13 18.50 -15.31
N PRO D 312 -21.87 18.93 -15.36
CA PRO D 312 -21.42 20.02 -14.49
C PRO D 312 -21.75 21.36 -15.11
N PRO D 313 -21.67 22.45 -14.34
CA PRO D 313 -21.90 23.78 -14.92
C PRO D 313 -20.80 24.09 -15.93
N ALA D 314 -21.21 24.60 -17.08
CA ALA D 314 -20.30 24.83 -18.20
C ALA D 314 -19.78 26.25 -18.26
N GLY D 315 -20.15 27.11 -17.32
CA GLY D 315 -19.77 28.50 -17.35
C GLY D 315 -18.57 28.79 -16.47
N ASP D 316 -18.37 30.09 -16.22
CA ASP D 316 -17.31 30.58 -15.35
C ASP D 316 -17.69 30.34 -13.90
N ILE D 317 -16.91 29.54 -13.19
CA ILE D 317 -17.13 29.41 -11.75
C ILE D 317 -15.79 29.63 -11.05
N GLY D 318 -14.88 30.34 -11.71
CA GLY D 318 -13.55 30.57 -11.15
C GLY D 318 -12.69 29.32 -11.17
N LEU D 319 -11.60 29.40 -10.39
CA LEU D 319 -10.69 28.25 -10.20
C LEU D 319 -10.19 28.27 -8.76
N LEU D 320 -10.74 27.39 -7.93
CA LEU D 320 -10.37 27.31 -6.51
C LEU D 320 -9.06 26.52 -6.38
N ARG D 321 -7.98 27.14 -6.86
CA ARG D 321 -6.69 26.48 -6.91
C ARG D 321 -5.60 27.55 -7.04
N GLU D 322 -4.50 27.37 -6.30
CA GLU D 322 -3.42 28.36 -6.26
C GLU D 322 -2.43 28.07 -7.38
N VAL D 323 -2.58 28.78 -8.49
CA VAL D 323 -1.66 28.66 -9.62
C VAL D 323 -0.49 29.62 -9.41
N GLU D 324 0.67 29.07 -9.07
CA GLU D 324 1.82 29.92 -8.78
C GLU D 324 2.38 30.54 -10.04
N ARG D 325 2.75 31.83 -9.95
CA ARG D 325 3.30 32.52 -11.12
C ARG D 325 4.59 31.88 -11.58
N PHE D 326 5.39 31.33 -10.67
CA PHE D 326 6.72 30.82 -11.00
C PHE D 326 6.75 29.34 -10.64
N PRO D 327 6.39 28.47 -11.59
CA PRO D 327 6.50 27.02 -11.35
C PRO D 327 7.87 26.56 -10.94
N PHE D 328 8.92 27.29 -11.28
CA PHE D 328 10.27 26.90 -10.90
C PHE D 328 10.74 27.59 -9.63
N VAL D 329 10.05 28.64 -9.21
CA VAL D 329 10.44 29.43 -8.05
C VAL D 329 9.27 29.43 -7.07
N PRO D 330 9.30 28.58 -6.06
CA PRO D 330 8.19 28.52 -5.11
C PRO D 330 8.08 29.83 -4.34
N ALA D 331 6.84 30.29 -4.14
CA ALA D 331 6.60 31.58 -3.48
C ALA D 331 6.75 31.53 -1.97
N ASP D 332 6.71 30.35 -1.36
CA ASP D 332 6.96 30.25 0.08
C ASP D 332 8.45 30.38 0.34
N PRO D 333 8.90 31.31 1.18
CA PRO D 333 10.35 31.56 1.30
C PRO D 333 11.15 30.39 1.83
N GLN D 334 10.60 29.59 2.75
CA GLN D 334 11.36 28.47 3.27
C GLN D 334 11.57 27.40 2.20
N ARG D 335 10.52 27.12 1.43
CA ARG D 335 10.65 26.18 0.31
C ARG D 335 11.63 26.70 -0.73
N LEU D 336 11.61 28.01 -1.00
CA LEU D 336 12.54 28.56 -1.99
C LEU D 336 13.97 28.49 -1.48
N GLN D 337 14.18 28.67 -0.18
CA GLN D 337 15.52 28.44 0.38
C GLN D 337 15.97 27.00 0.13
N GLN D 338 15.11 26.03 0.49
CA GLN D 338 15.49 24.63 0.28
C GLN D 338 15.77 24.33 -1.20
N ASP D 339 14.92 24.84 -2.09
CA ASP D 339 15.09 24.64 -3.53
C ASP D 339 16.42 25.19 -4.02
N CYS D 340 16.76 26.42 -3.62
CA CYS D 340 18.01 27.04 -4.05
C CYS D 340 19.21 26.27 -3.54
N TYR D 341 19.16 25.84 -2.28
CA TYR D 341 20.19 24.95 -1.74
C TYR D 341 20.41 23.73 -2.62
N GLU D 342 19.33 23.02 -2.92
CA GLU D 342 19.44 21.77 -3.70
C GLU D 342 19.99 22.05 -5.09
N ALA D 343 19.42 23.03 -5.79
CA ALA D 343 19.90 23.37 -7.12
C ALA D 343 21.41 23.64 -7.10
N TYR D 344 21.83 24.59 -6.26
CA TYR D 344 23.24 24.98 -6.22
C TYR D 344 24.13 23.79 -5.90
N ASN D 345 23.70 22.93 -4.97
CA ASN D 345 24.55 21.80 -4.59
C ASN D 345 24.63 20.73 -5.66
N ILE D 346 23.57 20.52 -6.43
CA ILE D 346 23.69 19.50 -7.48
C ILE D 346 24.56 20.03 -8.61
N GLN D 347 24.50 21.34 -8.89
CA GLN D 347 25.44 21.93 -9.85
C GLN D 347 26.88 21.73 -9.41
N VAL D 348 27.19 22.18 -8.19
CA VAL D 348 28.55 22.01 -7.66
C VAL D 348 28.98 20.55 -7.75
N SER D 349 28.12 19.62 -7.33
CA SER D 349 28.53 18.22 -7.25
C SER D 349 28.74 17.59 -8.63
N GLY D 350 27.92 17.97 -9.62
CA GLY D 350 28.16 17.50 -10.97
C GLY D 350 29.45 18.03 -11.58
N LEU D 351 29.73 19.33 -11.38
CA LEU D 351 31.01 19.84 -11.86
C LEU D 351 32.17 19.20 -11.10
N GLU D 352 32.01 18.99 -9.79
CA GLU D 352 33.03 18.30 -9.01
C GLU D 352 33.37 16.95 -9.63
N GLN D 353 32.34 16.19 -9.99
CA GLN D 353 32.59 14.85 -10.51
C GLN D 353 33.26 14.92 -11.87
N ARG D 354 32.74 15.77 -12.78
CA ARG D 354 33.39 15.94 -14.07
C ARG D 354 34.87 16.31 -13.91
N LEU D 355 35.20 17.14 -12.91
CA LEU D 355 36.58 17.56 -12.68
C LEU D 355 37.42 16.41 -12.15
N ARG D 356 36.91 15.66 -11.16
CA ARG D 356 37.64 14.52 -10.64
C ARG D 356 37.96 13.51 -11.73
N ALA D 357 37.00 13.28 -12.64
CA ALA D 357 37.20 12.32 -13.73
C ALA D 357 38.42 12.66 -14.60
N LEU D 358 38.60 13.94 -14.92
CA LEU D 358 39.68 14.44 -15.78
C LEU D 358 40.89 14.92 -14.97
N ASP D 359 41.20 14.24 -13.86
CA ASP D 359 42.42 14.46 -13.07
C ASP D 359 42.59 15.93 -12.67
N TYR D 360 41.48 16.60 -12.41
CA TYR D 360 41.44 18.00 -12.03
C TYR D 360 42.04 18.88 -13.12
N PRO D 361 41.31 19.13 -14.20
CA PRO D 361 41.83 20.02 -15.24
C PRO D 361 41.64 21.47 -14.85
N LYS D 362 41.97 22.39 -15.76
CA LYS D 362 41.64 23.80 -15.57
C LYS D 362 40.23 24.06 -16.11
N VAL D 363 39.68 25.22 -15.77
CA VAL D 363 38.29 25.52 -16.11
C VAL D 363 38.29 26.84 -16.87
N VAL D 364 38.18 26.76 -18.19
CA VAL D 364 38.13 27.93 -19.07
C VAL D 364 36.69 28.39 -19.19
N ILE D 365 36.41 29.64 -18.85
CA ILE D 365 35.04 30.16 -18.87
C ILE D 365 35.04 31.61 -19.31
N GLY D 366 34.21 31.92 -20.30
CA GLY D 366 34.00 33.30 -20.73
C GLY D 366 32.90 34.01 -19.96
N VAL D 367 33.28 35.04 -19.21
CA VAL D 367 32.36 35.73 -18.29
C VAL D 367 32.06 37.12 -18.85
N SER D 368 30.79 37.38 -19.15
CA SER D 368 30.37 38.67 -19.67
C SER D 368 29.89 39.62 -18.58
N GLY D 369 29.72 39.14 -17.35
CA GLY D 369 29.13 39.95 -16.30
C GLY D 369 27.63 39.92 -16.24
N GLY D 370 26.97 39.11 -17.06
CA GLY D 370 25.56 38.87 -16.94
C GLY D 370 25.28 37.80 -15.92
N LEU D 371 24.00 37.44 -15.81
CA LEU D 371 23.55 36.55 -14.74
C LEU D 371 24.11 35.13 -14.90
N ASP D 372 23.89 34.51 -16.06
CA ASP D 372 24.20 33.10 -16.24
C ASP D 372 25.69 32.84 -16.07
N SER D 373 26.53 33.67 -16.70
CA SER D 373 27.98 33.49 -16.59
C SER D 373 28.46 33.78 -15.16
N THR D 374 27.95 34.83 -14.53
CA THR D 374 28.27 35.11 -13.13
C THR D 374 27.98 33.91 -12.25
N HIS D 375 26.77 33.37 -12.37
CA HIS D 375 26.42 32.22 -11.55
C HIS D 375 27.33 31.04 -11.86
N ALA D 376 27.61 30.82 -13.14
CA ALA D 376 28.46 29.71 -13.51
C ALA D 376 29.84 29.84 -12.87
N LEU D 377 30.39 31.05 -12.86
CA LEU D 377 31.70 31.26 -12.26
C LEU D 377 31.66 30.98 -10.77
N ILE D 378 30.63 31.47 -10.09
CA ILE D 378 30.45 31.16 -8.66
C ILE D 378 30.42 29.65 -8.43
N VAL D 379 29.64 28.94 -9.25
CA VAL D 379 29.51 27.49 -9.13
C VAL D 379 30.87 26.83 -9.26
N ALA D 380 31.62 27.22 -10.30
CA ALA D 380 32.93 26.65 -10.53
C ALA D 380 33.86 26.95 -9.35
N THR D 381 33.75 28.16 -8.79
CA THR D 381 34.58 28.51 -7.65
C THR D 381 34.33 27.57 -6.49
N HIS D 382 33.06 27.36 -6.13
CA HIS D 382 32.77 26.47 -5.01
C HIS D 382 33.19 25.04 -5.31
N ALA D 383 32.97 24.59 -6.57
CA ALA D 383 33.36 23.24 -6.99
C ALA D 383 34.86 23.02 -6.83
N MET D 384 35.67 23.97 -7.31
CA MET D 384 37.12 23.90 -7.10
C MET D 384 37.47 23.95 -5.61
N ASP D 385 36.73 24.76 -4.84
CA ASP D 385 36.94 24.86 -3.40
C ASP D 385 36.82 23.50 -2.72
N ARG D 386 35.64 22.88 -2.83
CA ARG D 386 35.37 21.61 -2.17
C ARG D 386 36.35 20.51 -2.58
N GLU D 387 36.98 20.65 -3.75
CA GLU D 387 38.00 19.71 -4.20
C GLU D 387 39.42 20.11 -3.83
N GLY D 388 39.60 21.23 -3.12
CA GLY D 388 40.93 21.67 -2.73
C GLY D 388 41.84 21.97 -3.92
N ARG D 389 41.33 22.75 -4.87
CA ARG D 389 42.04 23.08 -6.10
C ARG D 389 42.18 24.60 -6.23
N PRO D 390 43.35 25.10 -6.67
CA PRO D 390 43.60 26.55 -6.63
C PRO D 390 42.57 27.31 -7.45
N ARG D 391 42.03 28.38 -6.85
CA ARG D 391 41.07 29.21 -7.57
C ARG D 391 41.65 29.81 -8.83
N SER D 392 42.98 29.89 -8.92
CA SER D 392 43.68 30.38 -10.11
C SER D 392 43.64 29.41 -11.28
N ASP D 393 43.17 28.17 -11.07
CA ASP D 393 42.95 27.24 -12.17
C ASP D 393 41.63 27.51 -12.90
N ILE D 394 40.78 28.36 -12.34
CA ILE D 394 39.64 28.90 -13.06
C ILE D 394 40.14 30.08 -13.89
N LEU D 395 39.92 30.02 -15.19
CA LEU D 395 40.39 31.04 -16.14
C LEU D 395 39.17 31.77 -16.70
N ALA D 396 38.86 32.91 -16.10
CA ALA D 396 37.79 33.77 -16.62
C ALA D 396 38.33 34.63 -17.76
N PHE D 397 37.47 34.88 -18.75
CA PHE D 397 37.88 35.61 -19.94
C PHE D 397 36.76 36.56 -20.35
N ALA D 398 37.06 37.86 -20.37
CA ALA D 398 36.20 38.85 -21.00
C ALA D 398 36.64 39.00 -22.45
N LEU D 399 35.71 38.82 -23.39
CA LEU D 399 36.01 38.77 -24.81
C LEU D 399 35.17 39.82 -25.55
N PRO D 400 35.62 41.08 -25.59
CA PRO D 400 34.80 42.14 -26.19
C PRO D 400 34.85 42.11 -27.71
N GLY D 401 33.70 42.40 -28.32
CA GLY D 401 33.60 42.52 -29.77
C GLY D 401 33.46 43.97 -30.19
N PHE D 402 32.35 44.31 -30.84
CA PHE D 402 32.10 45.73 -31.11
C PHE D 402 30.85 46.17 -30.36
N HIS D 407 28.89 48.17 -20.34
CA HIS D 407 28.25 48.65 -19.11
C HIS D 407 28.34 47.58 -18.02
N THR D 408 28.40 46.31 -18.42
CA THR D 408 28.43 45.19 -17.49
C THR D 408 29.77 44.44 -17.41
N LYS D 409 30.62 44.54 -18.44
CA LYS D 409 31.95 43.93 -18.40
C LYS D 409 32.72 44.26 -17.12
N ASN D 410 32.46 45.45 -16.57
CA ASN D 410 33.10 45.87 -15.34
C ASN D 410 32.72 44.94 -14.19
N ASN D 411 31.45 44.54 -14.12
CA ASN D 411 31.02 43.52 -13.17
C ASN D 411 31.88 42.27 -13.26
N ALA D 412 32.18 41.83 -14.49
CA ALA D 412 32.93 40.59 -14.67
C ALA D 412 34.33 40.71 -14.10
N ILE D 413 35.02 41.81 -14.39
CA ILE D 413 36.38 41.93 -13.86
C ILE D 413 36.37 42.12 -12.35
N LYS D 414 35.41 42.92 -11.84
CA LYS D 414 35.27 43.10 -10.40
C LYS D 414 35.09 41.77 -9.68
N LEU D 415 34.18 40.94 -10.19
CA LEU D 415 33.89 39.65 -9.57
C LEU D 415 35.09 38.72 -9.64
N ALA D 416 35.71 38.62 -10.82
CA ALA D 416 36.84 37.72 -10.96
C ALA D 416 37.96 38.09 -9.99
N ARG D 417 38.22 39.39 -9.82
CA ARG D 417 39.30 39.81 -8.92
C ARG D 417 38.92 39.63 -7.45
N ALA D 418 37.64 39.84 -7.11
CA ALA D 418 37.20 39.60 -5.74
C ALA D 418 37.29 38.13 -5.37
N LEU D 419 36.89 37.23 -6.27
CA LEU D 419 36.92 35.80 -5.98
C LEU D 419 38.35 35.29 -5.88
N GLY D 420 39.24 35.78 -6.72
CA GLY D 420 40.60 35.32 -6.75
C GLY D 420 40.95 34.40 -7.88
N VAL D 421 40.16 34.36 -8.95
CA VAL D 421 40.45 33.51 -10.09
C VAL D 421 41.51 34.16 -10.96
N THR D 422 41.78 33.58 -12.11
CA THR D 422 42.73 34.12 -13.08
C THR D 422 41.93 34.81 -14.18
N PHE D 423 41.87 36.14 -14.13
CA PHE D 423 41.13 36.89 -15.12
C PHE D 423 42.04 37.33 -16.25
N SER D 424 41.47 37.46 -17.44
CA SER D 424 42.23 37.88 -18.62
C SER D 424 41.26 38.42 -19.66
N GLU D 425 41.76 39.34 -20.46
CA GLU D 425 40.98 39.96 -21.53
C GLU D 425 41.56 39.55 -22.87
N ILE D 426 40.68 39.29 -23.84
CA ILE D 426 41.08 39.01 -25.22
C ILE D 426 40.08 39.71 -26.12
N ASP D 427 40.53 40.73 -26.86
CA ASP D 427 39.65 41.52 -27.72
C ASP D 427 39.53 40.79 -29.05
N ILE D 428 38.43 40.05 -29.21
CA ILE D 428 38.22 39.27 -30.42
C ILE D 428 38.02 40.14 -31.65
N GLY D 429 37.77 41.43 -31.45
CA GLY D 429 37.46 42.37 -32.51
C GLY D 429 38.23 42.18 -33.80
N ASP D 430 39.55 42.04 -33.69
CA ASP D 430 40.40 41.93 -34.89
C ASP D 430 40.13 40.63 -35.63
N THR D 431 39.99 39.53 -34.90
CA THR D 431 39.65 38.27 -35.54
C THR D 431 38.29 38.38 -36.22
N ALA D 432 37.34 39.07 -35.57
CA ALA D 432 36.02 39.26 -36.15
C ALA D 432 36.10 40.03 -37.47
N ARG D 433 36.86 41.13 -37.48
CA ARG D 433 37.09 41.90 -38.70
C ARG D 433 37.70 41.02 -39.79
N LEU D 434 38.77 40.31 -39.44
CA LEU D 434 39.45 39.45 -40.42
C LEU D 434 38.47 38.45 -41.02
N MET D 435 37.68 37.79 -40.17
CA MET D 435 36.75 36.77 -40.61
C MET D 435 35.64 37.36 -41.47
N LEU D 436 35.04 38.47 -41.01
CA LEU D 436 34.00 39.13 -41.80
C LEU D 436 34.52 39.53 -43.16
N HIS D 437 35.80 39.89 -43.25
CA HIS D 437 36.41 40.17 -44.55
C HIS D 437 36.54 38.90 -45.38
N THR D 438 37.15 37.85 -44.83
CA THR D 438 37.44 36.63 -45.60
C THR D 438 36.20 36.03 -46.25
N ILE D 439 35.01 36.25 -45.70
CA ILE D 439 33.79 35.75 -46.35
C ILE D 439 33.09 36.84 -47.16
N GLY D 440 33.60 38.06 -47.15
CA GLY D 440 33.01 39.13 -47.94
C GLY D 440 31.76 39.74 -47.35
N HIS D 441 31.70 39.86 -46.05
CA HIS D 441 30.56 40.46 -45.40
C HIS D 441 30.62 42.00 -45.50
N PRO D 442 29.47 42.66 -45.67
CA PRO D 442 29.48 44.12 -45.90
C PRO D 442 30.17 44.94 -44.83
N TYR D 443 30.26 44.46 -43.59
CA TYR D 443 30.82 45.27 -42.52
C TYR D 443 32.31 45.49 -42.70
N SER D 444 33.01 44.51 -43.29
CA SER D 444 34.43 44.68 -43.62
C SER D 444 34.65 45.71 -44.72
N VAL D 445 33.59 46.24 -45.32
CA VAL D 445 33.66 47.36 -46.24
C VAL D 445 33.09 48.65 -45.62
N GLY D 446 32.52 48.57 -44.42
CA GLY D 446 32.13 49.77 -43.72
C GLY D 446 30.64 50.06 -43.72
N GLU D 447 29.84 49.19 -44.33
CA GLU D 447 28.39 49.35 -44.37
C GLU D 447 27.81 48.75 -43.10
N LYS D 448 27.08 49.56 -42.34
CA LYS D 448 26.54 49.13 -41.05
C LYS D 448 25.46 48.09 -41.24
N VAL D 449 25.88 46.83 -41.34
CA VAL D 449 24.99 45.68 -41.53
C VAL D 449 25.13 44.79 -40.29
N TYR D 450 24.15 44.88 -39.38
CA TYR D 450 24.16 44.11 -38.15
C TYR D 450 23.17 42.95 -38.28
N ASP D 451 23.48 42.03 -39.21
CA ASP D 451 22.60 40.89 -39.46
C ASP D 451 22.92 39.76 -38.47
N VAL D 452 22.39 38.57 -38.77
CA VAL D 452 22.63 37.40 -37.92
C VAL D 452 24.09 36.98 -37.99
N THR D 453 24.65 36.96 -39.20
CA THR D 453 26.03 36.55 -39.39
C THR D 453 27.00 37.44 -38.61
N PHE D 454 26.71 38.74 -38.55
CA PHE D 454 27.50 39.67 -37.75
C PHE D 454 27.61 39.20 -36.30
N GLU D 455 26.47 39.00 -35.63
CA GLU D 455 26.52 38.64 -34.21
C GLU D 455 27.08 37.23 -34.03
N ASN D 456 26.74 36.32 -34.94
CA ASN D 456 27.18 34.94 -34.82
C ASN D 456 28.68 34.79 -35.00
N VAL D 457 29.29 35.62 -35.85
CA VAL D 457 30.74 35.61 -35.96
C VAL D 457 31.36 35.88 -34.59
N GLN D 458 30.87 36.91 -33.89
CA GLN D 458 31.42 37.24 -32.58
C GLN D 458 31.19 36.11 -31.59
N ALA D 459 29.95 35.61 -31.52
CA ALA D 459 29.63 34.54 -30.57
C ALA D 459 30.49 33.31 -30.83
N GLY D 460 30.53 32.86 -32.08
CA GLY D 460 31.31 31.69 -32.43
C GLY D 460 32.79 31.89 -32.19
N LEU D 461 33.30 33.11 -32.38
CA LEU D 461 34.72 33.35 -32.15
C LEU D 461 35.03 33.37 -30.66
N ARG D 462 34.11 33.90 -29.85
CA ARG D 462 34.26 33.78 -28.40
C ARG D 462 34.39 32.31 -28.00
N THR D 463 33.46 31.49 -28.48
CA THR D 463 33.50 30.07 -28.14
C THR D 463 34.77 29.41 -28.69
N ASP D 464 35.17 29.79 -29.91
CA ASP D 464 36.36 29.23 -30.54
C ASP D 464 37.60 29.52 -29.71
N TYR D 465 37.74 30.78 -29.29
CA TYR D 465 38.87 31.16 -28.43
C TYR D 465 38.87 30.37 -27.13
N LEU D 466 37.70 30.26 -26.48
CA LEU D 466 37.65 29.51 -25.23
C LEU D 466 38.10 28.06 -25.44
N PHE D 467 37.60 27.41 -26.50
CA PHE D 467 37.95 26.01 -26.75
C PHE D 467 39.44 25.84 -27.01
N ARG D 468 40.03 26.73 -27.82
CA ARG D 468 41.47 26.62 -28.15
C ARG D 468 42.35 26.95 -26.94
N ILE D 469 41.91 27.87 -26.08
CA ILE D 469 42.61 28.09 -24.83
C ILE D 469 42.54 26.84 -23.95
N ALA D 470 41.36 26.20 -23.90
CA ALA D 470 41.23 24.96 -23.15
C ALA D 470 42.20 23.90 -23.67
N ASN D 471 42.27 23.73 -24.99
CA ASN D 471 43.23 22.79 -25.57
C ASN D 471 44.66 23.16 -25.21
N GLN D 472 44.94 24.46 -25.11
CA GLN D 472 46.31 24.94 -24.89
C GLN D 472 46.76 24.75 -23.44
N ARG D 473 45.96 25.18 -22.48
CA ARG D 473 46.36 25.18 -21.07
C ARG D 473 45.86 23.95 -20.32
N GLY D 474 45.32 22.95 -21.02
CA GLY D 474 44.87 21.72 -20.39
C GLY D 474 43.65 21.91 -19.51
N GLY D 475 42.55 22.38 -20.10
CA GLY D 475 41.35 22.63 -19.34
C GLY D 475 40.08 22.27 -20.08
N ILE D 476 38.95 22.84 -19.64
CA ILE D 476 37.63 22.55 -20.19
C ILE D 476 36.83 23.84 -20.24
N VAL D 477 35.96 23.94 -21.24
CA VAL D 477 35.10 25.10 -21.43
C VAL D 477 33.81 24.88 -20.67
N LEU D 478 33.62 25.60 -19.56
CA LEU D 478 32.36 25.59 -18.85
C LEU D 478 31.31 26.37 -19.65
N GLY D 479 30.13 25.77 -19.83
CA GLY D 479 29.04 26.46 -20.49
C GLY D 479 28.20 27.26 -19.52
N THR D 480 27.36 28.12 -20.08
CA THR D 480 26.51 28.97 -19.25
C THR D 480 25.07 29.05 -19.73
N GLY D 481 24.71 28.41 -20.84
CA GLY D 481 23.36 28.49 -21.36
C GLY D 481 22.36 27.88 -20.39
N ASP D 482 21.30 28.62 -20.10
CA ASP D 482 20.31 28.22 -19.10
C ASP D 482 19.09 27.58 -19.74
N LEU D 483 18.35 26.82 -18.93
CA LEU D 483 17.27 25.97 -19.42
C LEU D 483 16.31 26.72 -20.36
N SER D 484 15.99 27.98 -20.03
CA SER D 484 15.04 28.74 -20.85
C SER D 484 15.61 29.07 -22.23
N GLU D 485 16.93 29.31 -22.29
CA GLU D 485 17.60 29.48 -23.57
C GLU D 485 17.48 28.21 -24.39
N LEU D 486 17.71 27.05 -23.76
CA LEU D 486 17.55 25.79 -24.46
C LEU D 486 16.12 25.58 -24.90
N ALA D 487 15.15 25.96 -24.05
CA ALA D 487 13.75 25.76 -24.38
C ALA D 487 13.33 26.58 -25.58
N LEU D 488 14.00 27.71 -25.83
CA LEU D 488 13.54 28.60 -26.89
C LEU D 488 14.46 28.65 -28.09
N GLY D 489 15.63 28.02 -28.05
CA GLY D 489 16.59 28.19 -29.12
C GLY D 489 17.29 29.53 -29.08
N TRP D 490 17.41 30.13 -27.89
CA TRP D 490 18.13 31.39 -27.70
C TRP D 490 19.62 31.12 -27.52
N SER D 491 20.21 30.58 -28.57
CA SER D 491 21.65 30.37 -28.61
C SER D 491 22.07 30.17 -30.05
N THR D 492 23.37 30.28 -30.27
CA THR D 492 23.98 29.93 -31.53
C THR D 492 24.42 28.48 -31.47
N TYR D 493 23.89 27.67 -32.39
CA TYR D 493 24.16 26.24 -32.34
C TYR D 493 25.54 25.94 -32.91
N GLY D 494 26.25 25.01 -32.27
CA GLY D 494 27.45 24.42 -32.83
C GLY D 494 28.73 25.16 -32.48
N VAL D 495 29.12 26.10 -33.35
CA VAL D 495 30.16 27.08 -33.03
C VAL D 495 29.42 28.26 -32.44
N GLY D 496 29.31 28.28 -31.12
CA GLY D 496 28.48 29.27 -30.44
C GLY D 496 28.48 29.02 -28.95
N ASP D 497 27.67 29.82 -28.24
CA ASP D 497 27.63 29.72 -26.80
C ASP D 497 26.93 28.46 -26.29
N GLN D 498 26.24 27.73 -27.17
CA GLN D 498 25.57 26.48 -26.79
C GLN D 498 26.56 25.33 -26.59
N MET D 499 27.68 25.33 -27.29
CA MET D 499 28.63 24.25 -27.12
C MET D 499 29.57 24.50 -25.96
N SER D 500 29.98 23.42 -25.29
CA SER D 500 30.93 23.48 -24.18
C SER D 500 31.34 22.05 -23.85
N HIS D 501 32.08 21.88 -22.76
CA HIS D 501 32.42 20.55 -22.28
C HIS D 501 31.52 20.04 -21.16
N TYR D 502 30.96 20.92 -20.34
CA TYR D 502 30.06 20.50 -19.27
C TYR D 502 29.22 21.70 -18.84
N ASN D 503 28.02 21.80 -19.38
CA ASN D 503 27.17 22.95 -19.07
C ASN D 503 26.55 22.77 -17.70
N VAL D 504 26.95 23.62 -16.75
CA VAL D 504 26.48 23.48 -15.38
C VAL D 504 25.21 24.27 -15.12
N ASN D 505 24.82 25.16 -16.03
CA ASN D 505 23.56 25.89 -15.93
C ASN D 505 22.47 25.26 -16.77
N ALA D 506 22.70 24.05 -17.29
CA ALA D 506 21.78 23.46 -18.27
C ALA D 506 20.39 23.25 -17.69
N GLY D 507 20.30 22.79 -16.44
CA GLY D 507 19.00 22.52 -15.86
C GLY D 507 18.33 23.67 -15.12
N VAL D 508 18.98 24.83 -15.05
CA VAL D 508 18.48 25.96 -14.27
C VAL D 508 17.78 26.91 -15.23
N PRO D 509 16.50 27.22 -15.00
CA PRO D 509 15.82 28.19 -15.86
C PRO D 509 16.33 29.59 -15.60
N LYS D 510 16.09 30.47 -16.58
CA LYS D 510 16.48 31.87 -16.44
C LYS D 510 15.83 32.46 -15.20
N THR D 511 14.61 31.99 -14.87
CA THR D 511 13.83 32.50 -13.75
C THR D 511 14.42 32.13 -12.39
N LEU D 512 15.24 31.08 -12.29
CA LEU D 512 15.79 30.65 -11.01
C LEU D 512 17.23 31.10 -10.78
N ILE D 513 17.95 31.54 -11.82
CA ILE D 513 19.30 32.07 -11.58
C ILE D 513 19.23 33.30 -10.69
N GLN D 514 18.24 34.17 -10.92
CA GLN D 514 18.08 35.37 -10.12
C GLN D 514 18.04 35.04 -8.63
N HIS D 515 17.27 34.00 -8.26
CA HIS D 515 17.14 33.62 -6.86
C HIS D 515 18.30 32.76 -6.39
N LEU D 516 19.01 32.09 -7.29
CA LEU D 516 20.25 31.41 -6.89
C LEU D 516 21.33 32.42 -6.50
N ILE D 517 21.43 33.51 -7.26
CA ILE D 517 22.39 34.54 -6.90
C ILE D 517 21.98 35.22 -5.58
N ARG D 518 20.69 35.57 -5.46
CA ARG D 518 20.22 36.10 -4.18
C ARG D 518 20.59 35.16 -3.02
N TRP D 519 20.40 33.86 -3.22
CA TRP D 519 20.71 32.88 -2.18
C TRP D 519 22.20 32.87 -1.86
N VAL D 520 23.06 32.91 -2.88
CA VAL D 520 24.50 32.88 -2.63
C VAL D 520 24.92 34.13 -1.87
N ILE D 521 24.30 35.28 -2.19
CA ILE D 521 24.55 36.50 -1.43
C ILE D 521 24.15 36.31 0.02
N SER D 522 22.99 35.70 0.26
CA SER D 522 22.50 35.49 1.63
C SER D 522 23.44 34.61 2.44
N ALA D 523 23.78 33.43 1.92
CA ALA D 523 24.71 32.54 2.61
C ALA D 523 26.07 33.21 2.86
N GLY D 524 26.45 34.16 1.99
CA GLY D 524 27.67 34.95 2.11
C GLY D 524 28.93 34.22 2.51
N GLU D 525 29.17 33.06 1.87
CA GLU D 525 30.31 32.22 2.21
C GLU D 525 31.59 32.63 1.50
N PHE D 526 31.49 33.34 0.37
CA PHE D 526 32.71 33.80 -0.30
C PHE D 526 33.27 35.05 0.36
N GLY D 527 32.42 35.86 0.98
CA GLY D 527 32.87 37.08 1.61
C GLY D 527 31.93 38.23 1.38
N GLU D 528 32.31 39.42 1.86
CA GLU D 528 31.49 40.62 1.70
C GLU D 528 31.69 41.26 0.32
N LYS D 529 32.94 41.29 -0.18
CA LYS D 529 33.20 41.87 -1.49
C LYS D 529 32.52 41.05 -2.60
N VAL D 530 32.52 39.72 -2.47
CA VAL D 530 31.84 38.90 -3.46
C VAL D 530 30.35 39.18 -3.44
N GLY D 531 29.78 39.34 -2.23
CA GLY D 531 28.36 39.64 -2.15
C GLY D 531 28.03 40.99 -2.73
N GLU D 532 28.89 41.99 -2.48
CA GLU D 532 28.68 43.33 -3.06
C GLU D 532 28.67 43.26 -4.58
N VAL D 533 29.63 42.53 -5.16
CA VAL D 533 29.70 42.45 -6.62
C VAL D 533 28.49 41.72 -7.18
N LEU D 534 28.13 40.57 -6.59
CA LEU D 534 26.98 39.80 -7.05
C LEU D 534 25.71 40.62 -6.98
N GLN D 535 25.52 41.36 -5.89
CA GLN D 535 24.38 42.26 -5.77
C GLN D 535 24.41 43.31 -6.87
N SER D 536 25.59 43.86 -7.16
CA SER D 536 25.71 44.84 -8.23
C SER D 536 25.25 44.24 -9.57
N VAL D 537 25.67 42.99 -9.86
CA VAL D 537 25.22 42.31 -11.10
C VAL D 537 23.70 42.18 -11.10
N LEU D 538 23.13 41.83 -9.95
CA LEU D 538 21.68 41.74 -9.85
C LEU D 538 21.03 43.05 -10.25
N ASP D 539 21.50 44.16 -9.66
CA ASP D 539 20.88 45.47 -9.91
C ASP D 539 21.06 45.92 -11.35
N THR D 540 22.22 45.63 -11.94
CA THR D 540 22.49 46.04 -13.30
C THR D 540 21.59 45.32 -14.29
N GLU D 541 21.47 43.98 -14.16
CA GLU D 541 20.85 43.18 -15.20
C GLU D 541 19.32 43.22 -15.21
N ILE D 542 18.69 43.60 -14.10
CA ILE D 542 17.24 43.58 -13.97
C ILE D 542 16.66 44.95 -14.29
N THR D 543 15.35 44.94 -14.63
CA THR D 543 14.43 46.06 -14.93
C THR D 543 14.13 46.08 -16.42
N GLU D 558 15.52 37.76 -25.22
CA GLU D 558 15.37 38.70 -24.10
C GLU D 558 14.02 39.44 -24.14
N ALA D 559 13.82 40.25 -25.19
CA ALA D 559 12.57 40.95 -25.46
C ALA D 559 11.90 40.56 -26.77
N LYS D 560 12.48 39.65 -27.55
CA LYS D 560 11.87 39.16 -28.79
C LYS D 560 11.24 37.79 -28.64
N VAL D 561 11.64 37.04 -27.61
CA VAL D 561 11.05 35.75 -27.28
C VAL D 561 10.03 35.84 -26.15
N GLY D 562 9.81 37.03 -25.59
CA GLY D 562 8.84 37.19 -24.53
C GLY D 562 9.47 37.09 -23.16
N PRO D 563 8.71 37.43 -22.13
CA PRO D 563 9.25 37.40 -20.75
C PRO D 563 9.47 35.98 -20.26
N PHE D 564 10.64 35.75 -19.67
CA PHE D 564 10.95 34.40 -19.20
C PHE D 564 9.99 33.93 -18.10
N ALA D 565 9.24 34.83 -17.47
CA ALA D 565 8.24 34.36 -16.53
C ALA D 565 7.15 33.59 -17.27
N LEU D 566 6.65 34.15 -18.39
CA LEU D 566 5.59 33.44 -19.08
C LEU D 566 6.13 32.23 -19.83
N GLN D 567 7.33 32.31 -20.36
CA GLN D 567 7.84 31.16 -21.09
C GLN D 567 8.27 30.05 -20.14
N ASP D 568 8.74 30.39 -18.94
CA ASP D 568 9.06 29.32 -17.99
C ASP D 568 7.81 28.70 -17.40
N PHE D 569 6.73 29.47 -17.25
CA PHE D 569 5.44 28.89 -16.91
C PHE D 569 5.02 27.87 -17.97
N SER D 570 4.99 28.30 -19.23
CA SER D 570 4.61 27.40 -20.32
C SER D 570 5.55 26.19 -20.40
N LEU D 571 6.86 26.43 -20.20
CA LEU D 571 7.84 25.36 -20.29
C LEU D 571 7.59 24.31 -19.21
N PHE D 572 7.30 24.74 -17.99
CA PHE D 572 7.01 23.77 -16.95
C PHE D 572 5.78 22.95 -17.31
N GLN D 573 4.69 23.61 -17.74
CA GLN D 573 3.49 22.85 -18.07
C GLN D 573 3.78 21.83 -19.17
N VAL D 574 4.44 22.24 -20.24
CA VAL D 574 4.70 21.32 -21.34
C VAL D 574 5.63 20.19 -20.90
N LEU D 575 6.78 20.54 -20.34
CA LEU D 575 7.81 19.55 -20.05
C LEU D 575 7.36 18.56 -19.00
N ARG D 576 6.61 19.00 -18.00
CA ARG D 576 6.21 18.10 -16.91
C ARG D 576 4.92 17.35 -17.21
N TYR D 577 3.94 18.05 -17.78
CA TYR D 577 2.59 17.53 -17.90
C TYR D 577 2.14 17.37 -19.33
N GLY D 578 2.82 17.96 -20.30
CA GLY D 578 2.39 17.88 -21.69
C GLY D 578 1.05 18.51 -21.97
N PHE D 579 0.60 19.41 -21.11
CA PHE D 579 -0.72 20.02 -21.26
C PHE D 579 -0.83 20.76 -22.58
N ARG D 580 -2.03 20.70 -23.18
CA ARG D 580 -2.29 21.39 -24.43
C ARG D 580 -2.21 22.90 -24.21
N PRO D 581 -2.03 23.67 -25.28
CA PRO D 581 -1.88 25.13 -25.10
C PRO D 581 -3.00 25.83 -24.34
N SER D 582 -4.27 25.56 -24.68
CA SER D 582 -5.37 26.30 -24.03
C SER D 582 -5.34 26.12 -22.52
N LYS D 583 -5.01 24.93 -22.05
CA LYS D 583 -4.88 24.73 -20.60
C LYS D 583 -3.76 25.60 -20.05
N ILE D 584 -2.66 25.71 -20.79
CA ILE D 584 -1.55 26.56 -20.35
C ILE D 584 -2.01 28.02 -20.26
N ALA D 585 -2.77 28.46 -21.26
CA ALA D 585 -3.28 29.83 -21.26
C ALA D 585 -4.19 30.07 -20.07
N PHE D 586 -5.10 29.13 -19.80
CA PHE D 586 -6.00 29.24 -18.65
C PHE D 586 -5.21 29.35 -17.36
N LEU D 587 -4.26 28.43 -17.16
CA LEU D 587 -3.48 28.44 -15.92
C LEU D 587 -2.65 29.73 -15.79
N ALA D 588 -1.96 30.12 -16.86
CA ALA D 588 -1.14 31.32 -16.81
C ALA D 588 -1.99 32.55 -16.56
N TRP D 589 -3.17 32.62 -17.18
CA TRP D 589 -4.04 33.76 -16.98
C TRP D 589 -4.54 33.83 -15.55
N HIS D 590 -4.81 32.69 -14.93
CA HIS D 590 -5.23 32.74 -13.54
C HIS D 590 -4.06 33.06 -12.63
N ALA D 591 -2.84 32.66 -13.01
CA ALA D 591 -1.70 32.96 -12.14
C ALA D 591 -1.31 34.44 -12.23
N TRP D 592 -1.35 35.03 -13.43
CA TRP D 592 -0.67 36.28 -13.71
C TRP D 592 -1.58 37.50 -13.93
N ASN D 593 -2.85 37.29 -14.32
CA ASN D 593 -3.69 38.38 -14.79
C ASN D 593 -3.85 39.52 -13.78
N ASP D 594 -3.65 39.26 -12.49
CA ASP D 594 -3.79 40.28 -11.45
C ASP D 594 -2.55 40.21 -10.56
N ALA D 595 -1.84 41.34 -10.46
CA ALA D 595 -0.62 41.41 -9.64
C ALA D 595 -0.91 41.42 -8.15
N GLU D 596 -2.12 41.83 -7.74
CA GLU D 596 -2.45 41.86 -6.32
C GLU D 596 -2.76 40.47 -5.75
N ARG D 597 -3.25 39.54 -6.58
CA ARG D 597 -3.73 38.23 -6.14
C ARG D 597 -2.62 37.18 -6.19
N GLY D 598 -2.75 36.17 -5.32
CA GLY D 598 -1.68 35.19 -5.21
C GLY D 598 -0.48 35.73 -4.43
N ASN D 599 0.57 34.92 -4.42
CA ASN D 599 1.82 35.25 -3.75
C ASN D 599 2.93 35.57 -4.75
N TRP D 600 3.96 36.22 -4.23
CA TRP D 600 5.20 36.45 -4.95
C TRP D 600 6.39 35.93 -4.15
N PRO D 601 7.41 35.42 -4.81
CA PRO D 601 8.61 34.98 -4.09
C PRO D 601 9.36 36.16 -3.52
N PRO D 602 10.32 35.92 -2.63
CA PRO D 602 11.18 37.02 -2.18
C PRO D 602 11.94 37.65 -3.34
N GLY D 603 12.32 38.92 -3.16
CA GLY D 603 13.13 39.65 -4.12
C GLY D 603 12.39 40.43 -5.17
N PHE D 604 11.05 40.49 -5.09
CA PHE D 604 10.26 41.25 -6.05
C PHE D 604 9.68 42.49 -5.39
N PRO D 605 10.32 43.66 -5.53
CA PRO D 605 9.71 44.90 -5.05
C PRO D 605 8.40 45.15 -5.78
N LYS D 606 7.50 45.88 -5.13
CA LYS D 606 6.16 46.09 -5.68
C LYS D 606 6.17 46.88 -6.99
N SER D 607 7.34 47.37 -7.42
CA SER D 607 7.46 48.05 -8.71
C SER D 607 7.77 47.10 -9.87
N GLU D 608 8.31 45.92 -9.59
CA GLU D 608 8.62 44.93 -10.61
C GLU D 608 7.61 43.78 -10.56
N ARG D 609 6.34 44.11 -10.32
CA ARG D 609 5.27 43.12 -10.23
C ARG D 609 4.25 43.43 -11.32
N PRO D 610 4.50 42.94 -12.54
CA PRO D 610 3.59 43.17 -13.66
C PRO D 610 2.40 42.22 -13.65
N SER D 611 1.43 42.54 -14.50
CA SER D 611 0.29 41.67 -14.75
C SER D 611 0.11 41.54 -16.25
N TYR D 612 0.16 40.31 -16.76
CA TYR D 612 0.00 40.09 -18.19
C TYR D 612 -1.45 39.75 -18.50
N SER D 613 -1.88 40.15 -19.69
CA SER D 613 -3.25 39.96 -20.13
C SER D 613 -3.36 38.70 -20.98
N LEU D 614 -4.61 38.30 -21.22
CA LEU D 614 -4.84 37.11 -22.02
C LEU D 614 -4.22 37.27 -23.40
N ALA D 615 -4.33 38.46 -23.99
CA ALA D 615 -3.71 38.69 -25.29
C ALA D 615 -2.20 38.47 -25.25
N GLU D 616 -1.55 38.97 -24.19
CA GLU D 616 -0.10 38.83 -24.09
C GLU D 616 0.31 37.38 -23.87
N ILE D 617 -0.38 36.69 -22.96
CA ILE D 617 -0.12 35.27 -22.68
C ILE D 617 -0.32 34.44 -23.94
N ARG D 618 -1.40 34.70 -24.67
CA ARG D 618 -1.68 34.01 -25.92
C ARG D 618 -0.56 34.24 -26.93
N HIS D 619 -0.10 35.49 -27.06
CA HIS D 619 0.96 35.81 -28.00
C HIS D 619 2.25 35.06 -27.68
N TRP D 620 2.74 35.21 -26.44
CA TRP D 620 3.99 34.56 -26.09
C TRP D 620 3.87 33.04 -26.06
N LEU D 621 2.68 32.51 -25.79
CA LEU D 621 2.48 31.07 -25.87
C LEU D 621 2.60 30.61 -27.32
N GLN D 622 2.06 31.39 -28.26
CA GLN D 622 2.28 31.07 -29.68
C GLN D 622 3.77 31.03 -30.00
N ILE D 623 4.50 32.08 -29.61
CA ILE D 623 5.95 32.10 -29.84
C ILE D 623 6.60 30.87 -29.22
N PHE D 624 6.16 30.50 -28.01
CA PHE D 624 6.80 29.40 -27.29
C PHE D 624 6.61 28.08 -27.99
N VAL D 625 5.36 27.73 -28.32
CA VAL D 625 5.09 26.43 -28.95
C VAL D 625 5.79 26.37 -30.30
N GLN D 626 5.80 27.49 -31.03
CA GLN D 626 6.52 27.52 -32.30
C GLN D 626 8.00 27.20 -32.10
N ARG D 627 8.63 27.77 -31.07
CA ARG D 627 10.06 27.61 -30.91
C ARG D 627 10.43 26.28 -30.25
N PHE D 628 9.56 25.74 -29.39
CA PHE D 628 9.85 24.52 -28.63
C PHE D 628 9.52 23.26 -29.41
N TYR D 629 8.31 23.17 -29.98
CA TYR D 629 7.95 21.93 -30.66
C TYR D 629 8.65 21.80 -32.00
N SER D 630 9.05 22.92 -32.62
CA SER D 630 9.58 22.91 -33.98
C SER D 630 11.03 23.37 -34.03
N PHE D 631 11.28 24.67 -33.83
CA PHE D 631 12.57 25.30 -34.17
C PHE D 631 13.73 24.76 -33.34
N SER D 632 13.60 24.80 -32.00
CA SER D 632 14.78 24.71 -31.12
C SER D 632 15.33 23.29 -30.94
N GLN D 633 14.56 22.27 -31.28
CA GLN D 633 14.90 20.91 -30.84
C GLN D 633 16.32 20.52 -31.25
N PHE D 634 16.69 20.78 -32.51
CA PHE D 634 17.99 20.32 -33.01
C PHE D 634 19.16 20.90 -32.20
N LYS D 635 19.00 22.11 -31.64
CA LYS D 635 20.06 22.72 -30.84
C LYS D 635 20.24 22.02 -29.51
N ARG D 636 19.16 21.50 -28.92
CA ARG D 636 19.30 20.62 -27.77
C ARG D 636 19.79 19.25 -28.18
N SER D 637 19.70 18.92 -29.48
CA SER D 637 19.91 17.55 -29.94
C SER D 637 21.35 17.10 -29.71
N ALA D 638 22.32 17.97 -29.96
CA ALA D 638 23.71 17.70 -29.63
C ALA D 638 24.05 18.61 -28.45
N LEU D 639 23.79 18.13 -27.23
CA LEU D 639 23.87 18.99 -26.06
C LEU D 639 24.94 18.50 -25.10
N PRO D 640 25.88 19.36 -24.72
CA PRO D 640 26.95 18.92 -23.81
C PRO D 640 26.38 18.43 -22.51
N ASN D 641 27.23 17.73 -21.76
CA ASN D 641 26.82 17.14 -20.50
C ASN D 641 26.50 18.22 -19.48
N GLY D 642 26.03 17.81 -18.31
CA GLY D 642 25.56 18.74 -17.30
C GLY D 642 24.33 18.21 -16.62
N PRO D 643 24.13 18.58 -15.35
CA PRO D 643 23.16 17.89 -14.50
C PRO D 643 21.77 18.50 -14.49
N LYS D 644 20.78 17.62 -14.36
CA LYS D 644 19.38 18.01 -14.27
C LYS D 644 19.08 18.60 -12.89
N VAL D 645 18.30 19.68 -12.86
CA VAL D 645 18.10 20.45 -11.63
C VAL D 645 16.66 20.37 -11.13
N SER D 646 15.71 20.85 -11.92
CA SER D 646 14.34 21.01 -11.46
C SER D 646 13.58 19.71 -11.45
N HIS D 647 12.49 19.69 -10.68
CA HIS D 647 11.57 18.58 -10.73
C HIS D 647 10.68 18.61 -11.96
N GLY D 648 10.51 19.78 -12.58
CA GLY D 648 9.75 19.86 -13.81
C GLY D 648 10.43 19.15 -14.97
N GLY D 649 11.73 18.92 -14.85
CA GLY D 649 12.50 18.20 -15.84
C GLY D 649 13.63 19.04 -16.40
N ALA D 650 14.37 18.41 -17.30
CA ALA D 650 15.46 19.04 -18.03
C ALA D 650 15.16 18.96 -19.53
N LEU D 651 16.15 19.33 -20.35
CA LEU D 651 15.97 19.31 -21.80
C LEU D 651 17.02 18.47 -22.49
N SER D 652 17.68 17.57 -21.76
CA SER D 652 18.67 16.70 -22.37
C SER D 652 17.99 15.68 -23.30
N PRO D 653 18.53 15.44 -24.50
CA PRO D 653 17.95 14.40 -25.37
C PRO D 653 18.32 12.98 -24.96
N ARG D 654 19.27 12.83 -24.03
CA ARG D 654 19.56 11.55 -23.39
C ARG D 654 18.81 11.38 -22.07
N GLY D 655 17.90 12.30 -21.75
CA GLY D 655 17.17 12.27 -20.49
C GLY D 655 15.69 12.54 -20.64
N ASP D 656 15.25 13.75 -20.29
CA ASP D 656 13.83 13.99 -20.12
C ASP D 656 13.10 14.36 -21.41
N TRP D 657 13.81 14.80 -22.46
CA TRP D 657 13.13 15.25 -23.67
C TRP D 657 13.74 14.60 -24.90
N ARG D 658 13.06 13.56 -25.41
CA ARG D 658 13.39 12.95 -26.69
C ARG D 658 12.39 13.48 -27.71
N ALA D 659 12.84 14.30 -28.64
CA ALA D 659 11.91 14.85 -29.61
C ALA D 659 12.57 14.86 -30.98
N PRO D 660 11.78 14.98 -32.05
CA PRO D 660 12.39 15.04 -33.39
C PRO D 660 12.90 16.44 -33.71
N SER D 661 13.95 16.48 -34.53
CA SER D 661 14.49 17.77 -34.93
C SER D 661 13.69 18.41 -36.05
N ASP D 662 13.11 17.59 -36.93
CA ASP D 662 12.46 18.04 -38.18
C ASP D 662 10.93 18.01 -38.09
N MET D 663 10.35 18.57 -37.04
CA MET D 663 8.90 18.49 -36.85
C MET D 663 8.26 19.88 -36.81
N SER D 664 7.01 19.92 -37.29
CA SER D 664 6.20 21.13 -37.31
C SER D 664 5.38 21.26 -36.03
N ALA D 665 5.09 22.50 -35.65
CA ALA D 665 4.26 22.77 -34.48
C ALA D 665 2.85 23.21 -34.88
N ARG D 666 2.34 22.70 -36.01
CA ARG D 666 1.09 23.20 -36.58
C ARG D 666 -0.10 22.96 -35.67
N ILE D 667 -0.22 21.75 -35.10
CA ILE D 667 -1.43 21.43 -34.33
C ILE D 667 -1.51 22.29 -33.09
N TRP D 668 -0.38 22.66 -32.49
CA TRP D 668 -0.41 23.53 -31.31
C TRP D 668 -0.89 24.93 -31.68
N LEU D 669 -0.31 25.51 -32.73
CA LEU D 669 -0.78 26.82 -33.20
C LEU D 669 -2.27 26.77 -33.55
N ASP D 670 -2.71 25.68 -34.17
CA ASP D 670 -4.10 25.53 -34.55
C ASP D 670 -5.01 25.42 -33.34
N GLN D 671 -4.55 24.75 -32.28
CA GLN D 671 -5.31 24.66 -31.04
C GLN D 671 -5.41 26.02 -30.37
N ILE D 672 -4.32 26.78 -30.33
CA ILE D 672 -4.36 28.15 -29.82
C ILE D 672 -5.35 28.99 -30.62
N ASP D 673 -5.34 28.82 -31.95
CA ASP D 673 -6.25 29.60 -32.79
C ASP D 673 -7.71 29.26 -32.48
N ARG D 674 -8.00 27.97 -32.32
CA ARG D 674 -9.39 27.53 -32.24
C ARG D 674 -9.98 27.66 -30.83
N GLU D 675 -9.15 27.62 -29.79
CA GLU D 675 -9.62 27.47 -28.41
C GLU D 675 -9.34 28.68 -27.53
N VAL D 676 -8.18 29.31 -27.67
CA VAL D 676 -7.77 30.47 -26.87
C VAL D 676 -8.36 31.75 -27.43
N PRO D 677 -9.17 32.50 -26.68
CA PRO D 677 -9.73 33.75 -27.21
C PRO D 677 -8.64 34.79 -27.42
N LYS D 678 -8.90 35.72 -28.34
CA LYS D 678 -7.89 36.73 -28.64
C LYS D 678 -7.70 37.71 -27.48
N GLY D 679 -8.70 37.86 -26.61
CA GLY D 679 -8.59 38.76 -25.47
C GLY D 679 -9.58 38.43 -24.37
C1S SFH E . 37.38 18.89 -43.38
C2N SFH E . 40.69 16.68 -36.11
C2S SFH E . 36.72 18.10 -44.21
C2X SFH E . 38.10 21.53 -46.91
C3N SFH E . 41.08 15.91 -37.21
C3S SFH E . 37.03 16.59 -43.66
C4N SFH E . 41.78 14.71 -36.96
C4S SFH E . 36.95 16.69 -42.31
C4X SFH E . 38.71 20.24 -45.05
C5N SFH E . 42.09 14.36 -35.66
C5S SFH E . 37.77 15.59 -41.72
C5X SFH E . 40.07 20.54 -45.24
C6N SFH E . 41.67 15.21 -34.62
C6X SFH E . 40.39 21.38 -46.34
C7N SFH E . 40.63 16.28 -38.67
C8X SFH E . 39.86 19.23 -43.48
N1N SFH E . 40.99 16.33 -34.88
N1X SFH E . 39.40 21.85 -47.14
N3X SFH E . 37.75 20.75 -45.91
N6X SFH E . 41.74 21.73 -46.60
N7N SFH E . 40.77 15.28 -39.72
N7X SFH E . 40.76 19.88 -44.25
N9X SFH E . 38.63 19.43 -43.97
O1' SFH E . 40.15 13.99 -41.98
O2' SFH E . 41.22 16.42 -42.22
O2S SFH E . 35.34 18.46 -43.97
O3S SFH E . 36.00 15.74 -44.13
O4S SFH E . 37.58 18.04 -42.00
O5S SFH E . 38.77 16.22 -41.01
O7N SFH E . 40.02 17.33 -38.83
S1 SFH E . 40.23 15.50 -41.29
C1S SFH F . 38.68 18.08 -22.64
C2N SFH F . 43.14 14.39 -29.31
C2S SFH F . 39.98 18.05 -22.91
C2X SFH F . 34.76 16.90 -20.85
C3N SFH F . 43.09 15.21 -28.19
C3S SFH F . 40.25 18.59 -24.44
C4N SFH F . 44.14 15.03 -27.23
C4S SFH F . 39.05 18.82 -25.04
C4X SFH F . 36.89 16.54 -21.80
C5N SFH F . 45.14 14.09 -27.43
C5S SFH F . 38.85 17.76 -26.06
C5X SFH F . 36.70 15.15 -21.69
C6N SFH F . 45.09 13.33 -28.60
C6X SFH F . 35.47 14.71 -21.14
C7N SFH F . 41.91 16.23 -27.94
C8X SFH F . 38.66 15.52 -22.57
N1N SFH F . 44.09 13.50 -29.48
N1X SFH F . 34.53 15.58 -20.74
N3X SFH F . 35.86 17.39 -21.35
N6X SFH F . 35.27 13.31 -21.04
N7N SFH F . 40.85 16.58 -28.91
N7X SFH F . 37.83 14.54 -22.18
N9X SFH F . 38.13 16.75 -22.35
O1' SFH F . 38.18 16.81 -28.83
O2' SFH F . 39.59 19.00 -29.47
O2S SFH F . 40.59 18.99 -22.00
O3S SFH F . 40.96 19.82 -24.40
O4S SFH F . 38.00 18.69 -23.95
O5S SFH F . 39.85 18.05 -26.94
O7N SFH F . 41.86 16.58 -26.78
S1 SFH F . 39.58 17.65 -28.53
C1S SFH G . 20.45 25.53 -39.48
C1S SFH G . 20.55 25.70 -39.37
C2N SFH G . 19.99 31.68 -33.00
C2N SFH G . 18.09 33.15 -34.23
C2S SFH G . 20.32 26.59 -40.27
C2S SFH G . 20.44 26.85 -40.03
C2X SFH G . 19.37 21.34 -38.29
C2X SFH G . 19.41 21.43 -38.37
C3N SFH G . 19.14 31.77 -34.11
C3N SFH G . 18.27 32.48 -35.43
C3S SFH G . 20.93 27.91 -39.52
C3S SFH G . 20.52 28.07 -38.95
C4N SFH G . 17.97 32.52 -33.99
C4N SFH G . 17.34 32.79 -36.46
C4S SFH G . 21.52 27.58 -38.34
C4S SFH G . 21.36 27.65 -37.99
C4X SFH G . 18.97 23.63 -38.72
C4X SFH G . 19.07 23.75 -38.72
C5N SFH G . 17.68 33.17 -32.82
C5N SFH G . 16.34 33.72 -36.28
C5S SFH G . 20.90 28.33 -37.20
C5S SFH G . 20.73 28.02 -36.70
C5X SFH G . 17.61 23.45 -38.37
C5X SFH G . 17.70 23.56 -38.40
C6N SFH G . 18.58 33.04 -31.76
C6N SFH G . 16.26 34.34 -35.03
C6X SFH G . 17.21 22.15 -37.97
C6X SFH G . 17.27 22.24 -38.07
C7N SFH G . 19.49 31.02 -35.45
C7N SFH G . 19.38 31.36 -35.63
C8X SFH G . 17.95 25.56 -38.94
C8X SFH G . 18.06 25.68 -38.88
N1N SFH G . 19.69 32.30 -31.89
N1N SFH G . 17.13 34.04 -34.07
N1X SFH G . 18.08 21.13 -37.93
N1X SFH G . 18.11 21.20 -38.06
N3X SFH G . 19.81 22.52 -38.66
N3X SFH G . 19.89 22.62 -38.68
N6X SFH G . 15.86 21.96 -37.61
N6X SFH G . 15.90 22.06 -37.75
N7N SFH G . 18.53 30.66 -36.51
N7N SFH G . 20.46 30.95 -34.69
N7X SFH G . 17.02 24.68 -38.52
N7X SFH G . 17.12 24.79 -38.52
N9X SFH G . 19.15 24.95 -39.07
N9X SFH G . 19.27 25.08 -39.01
O1' SFH G . 20.04 30.77 -38.72
O1' SFH G . 21.33 28.54 -33.88
O2' SFH G . 17.58 29.56 -38.78
O2' SFH G . 23.11 30.21 -34.90
O2S SFH G . 21.17 26.38 -41.43
O2S SFH G . 21.62 26.92 -40.87
O3S SFH G . 21.90 28.57 -40.34
O3S SFH G . 21.13 29.17 -39.64
O4S SFH G . 21.26 26.08 -38.21
O4S SFH G . 21.38 26.13 -38.08
O5S SFH G . 19.53 28.34 -37.40
O5S SFH G . 21.24 29.28 -36.59
O7N SFH G . 20.65 30.75 -35.57
O7N SFH G . 19.17 30.71 -36.63
S1 SFH G . 18.94 29.83 -37.91
S1 SFH G . 21.55 29.70 -35.02
CL CL H . 33.16 19.83 -40.54
CL CL I . 37.15 9.70 -18.41
C1S SFH J . -9.65 19.84 45.92
C2N SFH J . -6.81 12.78 48.85
C2S SFH J . -9.29 20.41 44.77
C2X SFH J . -10.71 23.83 47.65
C3N SFH J . -5.81 13.60 48.30
C3S SFH J . -8.08 19.50 44.18
C4N SFH J . -4.55 13.04 48.07
C4S SFH J . -8.41 18.22 44.48
C4X SFH J . -9.56 21.79 47.52
C5N SFH J . -4.29 11.73 48.43
C5S SFH J . -7.14 17.44 44.58
C5X SFH J . -8.83 22.09 48.67
C6N SFH J . -5.35 11.00 48.99
C6X SFH J . -9.10 23.34 49.29
C7N SFH J . -6.14 15.07 47.80
C8X SFH J . -8.20 20.12 47.94
N1N SFH J . -6.55 11.55 49.19
N1X SFH J . -10.03 24.17 48.78
N3X SFH J . -10.50 22.69 47.04
N6X SFH J . -8.40 23.70 50.47
N7N SFH J . -5.16 15.89 47.07
N7X SFH J . -7.99 21.03 48.91
N9X SFH J . -9.14 20.57 47.08
O1' SFH J . -4.45 17.55 45.13
O2' SFH J . -5.28 18.66 47.48
O2S SFH J . -10.46 20.25 43.92
O3S SFH J . -8.07 19.62 42.76
O4S SFH J . -9.11 18.32 45.84
O5S SFH J . -7.02 17.20 45.93
O7N SFH J . -7.30 15.41 47.91
S1 SFH J . -5.46 17.41 46.42
C1S SFH K . -11.16 -0.26 49.99
C2N SFH K . -4.12 5.60 50.14
C2S SFH K . -10.43 -0.09 51.09
C2X SFH K . -12.72 -2.28 46.20
C3N SFH K . -4.94 4.55 50.51
C3S SFH K . -9.63 1.32 50.92
C4N SFH K . -4.31 3.48 51.22
C4S SFH K . -10.50 2.14 50.31
C4X SFH K . -11.10 -1.60 47.83
C5N SFH K . -2.96 3.52 51.52
C5S SFH K . -9.77 2.93 49.30
C5X SFH K . -10.10 -2.24 47.07
C6N SFH K . -2.22 4.64 51.09
C6X SFH K . -10.50 -2.89 45.88
C7N SFH K . -6.47 4.49 50.13
C8X SFH K . -9.17 -1.35 48.85
N1N SFH K . -2.83 5.62 50.42
N1X SFH K . -11.78 -2.90 45.46
N3X SFH K . -12.42 -1.66 47.32
N6X SFH K . -9.48 -3.53 45.13
N7N SFH K . -7.37 5.61 49.74
N7X SFH K . -8.92 -2.06 47.75
N9X SFH K . -10.48 -1.04 48.94
O1' SFH K . -9.17 5.34 47.69
O2' SFH K . -9.94 6.54 49.94
O2S SFH K . -11.38 -0.08 52.20
O3S SFH K . -9.32 1.84 52.23
O4S SFH K . -11.45 1.23 49.53
O5S SFH K . -9.32 3.92 50.13
O7N SFH K . -6.83 3.33 50.05
S1 SFH K . -8.99 5.35 49.33
C1S SFH L . -25.70 16.55 37.19
C2N SFH L . -32.96 12.06 40.72
C2S SFH L . -26.65 17.39 37.56
C2X SFH L . -22.83 14.64 34.36
C3N SFH L . -32.50 13.38 40.68
C3S SFH L . -27.30 16.89 38.99
C4N SFH L . -33.44 14.37 40.25
C4S SFH L . -26.67 15.76 39.39
C4X SFH L . -24.96 15.33 35.13
C5N SFH L . -34.74 14.01 39.94
C5S SFH L . -27.64 14.63 39.30
C5X SFH L . -25.57 14.76 33.99
C6N SFH L . -35.09 12.65 40.04
C6X SFH L . -24.70 14.13 33.06
C7N SFH L . -31.00 13.80 40.95
C8X SFH L . -27.12 15.66 35.25
N1N SFH L . -34.20 11.72 40.42
N1X SFH L . -23.36 14.09 33.25
N3X SFH L . -23.57 15.23 35.26
N6X SFH L . -25.31 13.57 31.93
N7N SFH L . -29.90 12.83 41.22
N7X SFH L . -26.92 14.97 34.10
N9X SFH L . -25.95 15.87 35.90
O1' SFH L . -27.50 11.96 40.73
O2' SFH L . -27.76 13.56 42.96
O2S SFH L . -26.01 18.68 37.75
O3S SFH L . -27.08 17.88 39.99
O4S SFH L . -25.57 15.50 38.37
O5S SFH L . -28.21 14.68 40.54
O7N SFH L . -30.77 14.99 40.74
S1 SFH L . -28.27 13.27 41.41
CL CL M . -13.68 16.75 43.22
P1 POP N . -2.29 20.33 45.52
O1 POP N . -2.11 19.00 44.88
O2 POP N . -0.97 21.04 45.37
O3 POP N . -2.63 20.16 46.97
O POP N . -3.50 21.21 44.80
P2 POP N . -4.24 20.87 43.36
O4 POP N . -5.26 21.93 43.09
O5 POP N . -3.24 20.83 42.21
O6 POP N . -4.90 19.51 43.44
N GLN O . 2.54 16.49 5.17
CA GLN O . 3.22 15.40 5.86
C GLN O . 2.88 15.45 7.35
O GLN O . 2.45 16.50 7.89
CB GLN O . 4.73 15.49 5.66
CG GLN O . 5.48 14.24 6.06
CD GLN O . 6.94 14.25 5.68
OE1 GLN O . 7.39 15.09 4.90
NE2 GLN O . 7.70 13.30 6.24
OXT GLN O . 3.05 14.44 8.05
C1 GOL P . 22.03 -1.88 -27.57
O1 GOL P . 20.87 -1.94 -26.76
C2 GOL P . 23.23 -2.02 -26.63
O2 GOL P . 23.33 -0.96 -25.73
C3 GOL P . 24.47 -2.15 -27.54
O3 GOL P . 25.10 -3.35 -27.15
C1S SFH Q . -29.23 3.03 52.43
C2N SFH Q . -31.76 8.29 46.37
C2S SFH Q . -29.06 1.72 52.32
C2X SFH Q . -28.67 2.39 56.72
C3N SFH Q . -32.73 7.31 46.66
C3S SFH Q . -30.14 1.28 51.22
C4N SFH Q . -33.75 7.13 45.70
C4S SFH Q . -30.02 2.22 50.24
C4X SFH Q . -29.77 3.18 54.85
C5N SFH Q . -33.78 7.90 44.55
C5S SFH Q . -31.33 2.31 49.55
C5X SFH Q . -30.79 3.77 55.62
C6N SFH Q . -32.76 8.84 44.36
C6X SFH Q . -30.66 3.61 57.02
C7N SFH Q . -32.59 6.45 48.00
C8X SFH Q . -31.20 4.16 53.51
N1N SFH Q . -31.79 9.01 45.27
N1X SFH Q . -29.62 2.93 57.53
N3X SFH Q . -28.72 2.49 55.42
N6X SFH Q . -31.64 4.18 57.88
N7N SFH Q . -33.17 5.09 48.07
N7X SFH Q . -31.67 4.38 54.75
N9X SFH Q . -30.07 3.43 53.56
O1' SFH Q . -33.95 2.61 48.99
O2' SFH Q . -33.55 4.67 50.78
O2S SFH Q . -27.72 1.63 51.76
O3S SFH Q . -29.70 0.04 50.69
O4S SFH Q . -29.81 3.52 50.99
O5S SFH Q . -31.48 3.67 49.36
O7N SFH Q . -31.90 6.93 48.89
S1 SFH Q . -33.09 4.01 49.36
N GLN R . -35.92 -39.96 13.54
CA GLN R . -35.19 -40.75 12.55
C GLN R . -33.67 -40.78 12.82
O GLN R . -33.28 -40.16 13.83
CB GLN R . -35.45 -40.23 11.13
CG GLN R . -34.90 -41.15 10.03
CD GLN R . -35.50 -40.90 8.66
OE1 GLN R . -34.81 -40.40 7.77
NE2 GLN R . -36.76 -41.25 8.48
OXT GLN R . -32.83 -41.36 12.07
C1S SFH S . 29.51 34.79 -23.62
C2N SFH S . 23.43 34.29 -29.30
C2S SFH S . 29.50 34.38 -22.37
C2X SFH S . 32.92 37.34 -22.40
C3N SFH S . 23.07 35.16 -28.26
C3S SFH S . 27.95 34.27 -21.96
C4N SFH S . 21.70 35.52 -28.20
C4S SFH S . 27.26 33.87 -23.06
C4X SFH S . 30.83 36.90 -23.34
C5N SFH S . 20.81 35.07 -29.15
C5S SFH S . 25.96 34.60 -23.04
C5X SFH S . 30.65 38.26 -23.68
C6N SFH S . 21.28 34.20 -30.16
C6X SFH S . 31.71 39.16 -23.33
C7N SFH S . 24.15 35.58 -27.17
C8X SFH S . 28.88 37.12 -24.34
N1N SFH S . 22.57 33.85 -30.20
N1X SFH S . 32.81 38.67 -22.69
N3X SFH S . 31.98 36.48 -22.70
N6X SFH S . 31.63 40.54 -23.62
N7N SFH S . 23.76 35.83 -25.76
N7X SFH S . 29.42 38.36 -24.31
N9X SFH S . 29.73 36.24 -23.76
O1' SFH S . 23.65 36.15 -23.09
O2' SFH S . 25.43 37.70 -24.57
O2S SFH S . 30.06 33.05 -22.38
O3S SFH S . 27.88 33.20 -21.04
O4S SFH S . 28.09 34.31 -24.26
O5S SFH S . 25.73 34.97 -24.34
O7N SFH S . 25.32 35.54 -27.51
S1 SFH S . 24.69 36.24 -24.41
CL CL T . 30.19 28.59 -24.79
N GLN U . -5.27 3.90 14.24
CA GLN U . -5.73 5.20 13.74
C GLN U . -4.79 6.38 14.06
O GLN U . -4.58 7.30 13.25
CB GLN U . -7.14 5.50 14.29
CG GLN U . -7.71 6.92 14.04
CD GLN U . -8.51 7.04 12.74
OE1 GLN U . -9.25 6.12 12.37
NE2 GLN U . -8.36 8.18 12.06
OXT GLN U . -4.23 6.44 15.15
C1 GOL V . 7.71 13.25 -21.48
O1 GOL V . 7.13 13.99 -20.44
C2 GOL V . 8.86 12.36 -20.86
O2 GOL V . 8.41 11.11 -20.41
C3 GOL V . 9.46 13.19 -19.70
O3 GOL V . 9.27 14.54 -19.99
#